data_1FAF
#
_entry.id   1FAF
#
_cell.length_a   1.000
_cell.length_b   1.000
_cell.length_c   1.000
_cell.angle_alpha   90.00
_cell.angle_beta   90.00
_cell.angle_gamma   90.00
#
_symmetry.space_group_name_H-M   'P 1'
#
_entity_poly.entity_id   1
_entity_poly.type   'polypeptide(L)'
_entity_poly.pdbx_seq_one_letter_code
;MDRVLSRADKERLLELLKLPRQLWGDFGRMQQAYKQQSLLLHPDKGGSHALMQELNSLWGTFKTEVYNLRMNLGGTGFQ
;
_entity_poly.pdbx_strand_id   A
#
# COMPACT_ATOMS: atom_id res chain seq x y z
N MET A 1 -17.69 -8.75 -0.88
CA MET A 1 -18.22 -7.37 -0.66
C MET A 1 -17.32 -6.33 -1.29
N ASP A 2 -17.79 -5.08 -1.32
CA ASP A 2 -17.02 -3.99 -1.90
C ASP A 2 -15.92 -3.51 -0.94
N ARG A 3 -14.69 -3.90 -1.25
CA ARG A 3 -13.54 -3.52 -0.42
C ARG A 3 -12.74 -2.41 -1.09
N VAL A 4 -13.03 -1.17 -0.73
CA VAL A 4 -12.32 -0.03 -1.30
C VAL A 4 -11.99 1.01 -0.23
N LEU A 5 -10.71 1.33 -0.12
CA LEU A 5 -10.24 2.32 0.85
C LEU A 5 -10.24 3.74 0.29
N SER A 6 -10.54 4.70 1.16
CA SER A 6 -10.58 6.11 0.76
C SER A 6 -9.22 6.76 0.94
N ARG A 7 -9.16 8.07 0.76
CA ARG A 7 -7.91 8.80 0.90
C ARG A 7 -7.34 8.61 2.30
N ALA A 8 -8.21 8.64 3.30
CA ALA A 8 -7.80 8.48 4.69
C ALA A 8 -7.18 7.11 4.94
N ASP A 9 -7.75 6.08 4.33
CA ASP A 9 -7.25 4.71 4.50
C ASP A 9 -5.96 4.49 3.72
N LYS A 10 -6.00 4.79 2.41
CA LYS A 10 -4.82 4.63 1.57
C LYS A 10 -3.67 5.50 2.07
N GLU A 11 -4.01 6.67 2.61
CA GLU A 11 -3.01 7.57 3.15
C GLU A 11 -2.38 6.98 4.39
N ARG A 12 -3.18 6.24 5.16
CA ARG A 12 -2.70 5.59 6.37
C ARG A 12 -1.68 4.53 6.01
N LEU A 13 -1.86 3.90 4.86
CA LEU A 13 -0.96 2.87 4.38
C LEU A 13 0.41 3.48 4.09
N LEU A 14 0.40 4.73 3.63
CA LEU A 14 1.64 5.43 3.31
C LEU A 14 2.43 5.78 4.58
N GLU A 15 1.71 6.21 5.61
CA GLU A 15 2.35 6.57 6.88
C GLU A 15 3.16 5.40 7.44
N LEU A 16 2.60 4.20 7.35
CA LEU A 16 3.26 3.01 7.85
C LEU A 16 4.33 2.52 6.88
N LEU A 17 4.24 2.97 5.63
CA LEU A 17 5.22 2.57 4.60
C LEU A 17 6.42 3.51 4.58
N LYS A 18 6.40 4.57 5.38
CA LYS A 18 7.50 5.52 5.38
C LYS A 18 7.76 6.03 3.96
N LEU A 19 6.76 5.87 3.11
CA LEU A 19 6.83 6.27 1.72
C LEU A 19 5.91 7.48 1.49
N PRO A 20 6.49 8.66 1.24
CA PRO A 20 5.72 9.89 1.02
C PRO A 20 4.55 9.72 0.04
N ARG A 21 3.68 10.70 0.01
CA ARG A 21 2.52 10.69 -0.87
C ARG A 21 2.84 11.34 -2.22
N GLN A 22 4.04 11.87 -2.35
CA GLN A 22 4.47 12.53 -3.58
C GLN A 22 4.87 11.52 -4.63
N LEU A 23 5.40 10.38 -4.18
CA LEU A 23 5.82 9.32 -5.10
C LEU A 23 4.78 8.20 -5.16
N TRP A 24 3.61 8.44 -4.56
CA TRP A 24 2.53 7.46 -4.54
C TRP A 24 2.15 7.02 -5.97
N GLY A 25 2.51 5.79 -6.31
CA GLY A 25 2.21 5.27 -7.63
C GLY A 25 3.24 4.27 -8.13
N ASP A 26 4.48 4.44 -7.68
CA ASP A 26 5.56 3.55 -8.09
C ASP A 26 5.52 2.23 -7.32
N PHE A 27 4.84 1.23 -7.88
CA PHE A 27 4.71 -0.08 -7.25
C PHE A 27 6.03 -0.56 -6.66
N GLY A 28 7.12 -0.38 -7.42
CA GLY A 28 8.42 -0.80 -6.96
C GLY A 28 8.81 -0.15 -5.64
N ARG A 29 8.55 1.15 -5.51
CA ARG A 29 8.89 1.88 -4.29
C ARG A 29 7.99 1.48 -3.13
N MET A 30 6.68 1.55 -3.33
CA MET A 30 5.73 1.20 -2.28
C MET A 30 5.95 -0.21 -1.76
N GLN A 31 6.10 -1.17 -2.67
CA GLN A 31 6.33 -2.56 -2.27
C GLN A 31 7.64 -2.67 -1.51
N GLN A 32 8.63 -1.89 -1.93
CA GLN A 32 9.93 -1.89 -1.27
C GLN A 32 9.79 -1.40 0.16
N ALA A 33 8.90 -0.44 0.35
CA ALA A 33 8.66 0.13 1.67
C ALA A 33 7.73 -0.77 2.48
N TYR A 34 6.86 -1.50 1.79
CA TYR A 34 5.93 -2.40 2.47
C TYR A 34 6.67 -3.59 3.09
N LYS A 35 7.65 -4.10 2.35
CA LYS A 35 8.44 -5.24 2.82
C LYS A 35 9.27 -4.85 4.04
N GLN A 36 10.04 -3.78 3.91
CA GLN A 36 10.89 -3.32 5.00
C GLN A 36 10.05 -2.97 6.23
N GLN A 37 8.81 -2.55 6.00
CA GLN A 37 7.91 -2.21 7.09
C GLN A 37 7.16 -3.44 7.60
N SER A 38 7.05 -4.45 6.75
CA SER A 38 6.37 -5.68 7.11
C SER A 38 7.27 -6.55 7.98
N LEU A 39 8.58 -6.44 7.76
CA LEU A 39 9.55 -7.22 8.52
C LEU A 39 9.77 -6.63 9.91
N LEU A 40 9.52 -5.34 10.06
CA LEU A 40 9.70 -4.69 11.36
C LEU A 40 8.41 -4.75 12.18
N LEU A 41 7.29 -4.98 11.51
CA LEU A 41 6.01 -5.09 12.19
C LEU A 41 5.66 -6.54 12.51
N HIS A 42 6.53 -7.46 12.06
CA HIS A 42 6.32 -8.88 12.30
C HIS A 42 6.44 -9.20 13.79
N PRO A 43 5.51 -10.02 14.32
CA PRO A 43 5.50 -10.40 15.74
C PRO A 43 6.88 -10.78 16.27
N ASP A 44 7.58 -11.64 15.54
CA ASP A 44 8.91 -12.08 15.96
C ASP A 44 9.92 -10.94 15.96
N LYS A 45 9.56 -9.82 15.35
CA LYS A 45 10.45 -8.67 15.30
C LYS A 45 9.90 -7.50 16.13
N GLY A 46 9.18 -7.84 17.20
CA GLY A 46 8.62 -6.81 18.05
C GLY A 46 7.62 -5.93 17.34
N GLY A 47 6.35 -6.34 17.36
CA GLY A 47 5.31 -5.57 16.71
C GLY A 47 3.91 -6.05 17.07
N SER A 48 2.92 -5.23 16.76
CA SER A 48 1.52 -5.58 17.06
C SER A 48 0.91 -6.35 15.89
N HIS A 49 -0.10 -7.17 16.20
CA HIS A 49 -0.77 -7.96 15.19
C HIS A 49 -1.84 -7.12 14.48
N ALA A 50 -2.56 -6.32 15.24
CA ALA A 50 -3.61 -5.47 14.70
C ALA A 50 -3.06 -4.51 13.64
N LEU A 51 -1.74 -4.28 13.68
CA LEU A 51 -1.10 -3.38 12.73
C LEU A 51 -0.77 -4.10 11.43
N MET A 52 -0.08 -5.24 11.55
CA MET A 52 0.31 -6.03 10.39
C MET A 52 -0.91 -6.47 9.58
N GLN A 53 -2.03 -6.70 10.26
CA GLN A 53 -3.25 -7.13 9.58
C GLN A 53 -3.93 -5.97 8.88
N GLU A 54 -3.80 -4.76 9.44
CA GLU A 54 -4.40 -3.58 8.85
C GLU A 54 -3.63 -3.16 7.61
N LEU A 55 -2.30 -3.33 7.66
CA LEU A 55 -1.45 -2.98 6.54
C LEU A 55 -1.64 -3.98 5.39
N ASN A 56 -1.71 -5.25 5.72
CA ASN A 56 -1.90 -6.29 4.73
C ASN A 56 -3.22 -6.10 3.98
N SER A 57 -4.20 -5.54 4.67
CA SER A 57 -5.51 -5.29 4.08
C SER A 57 -5.50 -4.01 3.26
N LEU A 58 -4.92 -2.96 3.83
CA LEU A 58 -4.84 -1.67 3.15
C LEU A 58 -3.97 -1.76 1.89
N TRP A 59 -3.02 -2.69 1.91
CA TRP A 59 -2.12 -2.90 0.79
C TRP A 59 -2.71 -3.93 -0.17
N GLY A 60 -3.53 -4.82 0.36
CA GLY A 60 -4.15 -5.85 -0.46
C GLY A 60 -5.17 -5.27 -1.41
N THR A 61 -6.25 -4.70 -0.86
CA THR A 61 -7.29 -4.09 -1.69
C THR A 61 -6.60 -3.14 -2.64
N PHE A 62 -5.76 -2.31 -2.04
CA PHE A 62 -4.95 -1.35 -2.78
C PHE A 62 -4.35 -2.02 -4.00
N LYS A 63 -3.72 -3.15 -3.73
CA LYS A 63 -3.09 -3.96 -4.76
C LYS A 63 -4.11 -4.40 -5.81
N THR A 64 -5.33 -4.71 -5.36
CA THR A 64 -6.39 -5.12 -6.28
C THR A 64 -6.47 -4.13 -7.44
N GLU A 65 -6.28 -2.85 -7.11
CA GLU A 65 -6.28 -1.80 -8.10
C GLU A 65 -4.91 -1.67 -8.73
N VAL A 66 -3.87 -1.98 -7.94
CA VAL A 66 -2.50 -1.91 -8.41
C VAL A 66 -2.32 -2.72 -9.69
N TYR A 67 -2.84 -3.94 -9.69
CA TYR A 67 -2.76 -4.80 -10.87
C TYR A 67 -3.38 -4.10 -12.07
N ASN A 68 -4.34 -3.23 -11.80
CA ASN A 68 -5.01 -2.49 -12.85
C ASN A 68 -4.32 -1.17 -13.15
N LEU A 69 -3.62 -0.61 -12.15
CA LEU A 69 -2.93 0.67 -12.33
C LEU A 69 -1.85 0.53 -13.39
N ARG A 70 -1.40 -0.69 -13.64
CA ARG A 70 -0.36 -0.96 -14.63
C ARG A 70 -0.90 -0.85 -16.06
N MET A 71 -2.17 -0.52 -16.17
CA MET A 71 -2.81 -0.37 -17.46
C MET A 71 -3.10 1.11 -17.75
N ASN A 72 -3.32 1.88 -16.70
CA ASN A 72 -3.61 3.30 -16.84
C ASN A 72 -2.31 4.10 -16.97
N LEU A 73 -2.13 4.73 -18.13
CA LEU A 73 -0.94 5.54 -18.38
C LEU A 73 -1.31 6.86 -19.05
N GLY A 74 -2.54 7.32 -18.80
CA GLY A 74 -2.98 8.58 -19.38
C GLY A 74 -3.91 9.34 -18.46
N GLY A 75 -5.21 9.29 -18.75
CA GLY A 75 -6.17 9.99 -17.93
C GLY A 75 -7.58 9.90 -18.49
N THR A 76 -7.76 10.38 -19.72
CA THR A 76 -9.07 10.35 -20.36
C THR A 76 -9.54 8.91 -20.56
N GLY A 77 -10.86 8.73 -20.52
CA GLY A 77 -11.43 7.40 -20.69
C GLY A 77 -12.91 7.35 -20.35
N PHE A 78 -13.70 8.16 -21.05
CA PHE A 78 -15.14 8.20 -20.82
C PHE A 78 -15.87 7.16 -21.67
N GLN A 79 -16.40 6.14 -21.00
CA GLN A 79 -17.12 5.08 -21.68
C GLN A 79 -18.20 4.49 -20.77
N MET A 1 -18.04 -0.16 -7.83
CA MET A 1 -16.85 -0.64 -7.08
C MET A 1 -17.21 -1.77 -6.12
N ASP A 2 -16.19 -2.30 -5.44
CA ASP A 2 -16.40 -3.38 -4.49
C ASP A 2 -15.72 -3.06 -3.16
N ARG A 3 -14.40 -2.96 -3.18
CA ARG A 3 -13.63 -2.65 -1.98
C ARG A 3 -12.39 -1.84 -2.33
N VAL A 4 -12.50 -0.52 -2.18
CA VAL A 4 -11.39 0.37 -2.48
C VAL A 4 -11.27 1.47 -1.44
N LEU A 5 -10.13 1.52 -0.77
CA LEU A 5 -9.87 2.53 0.25
C LEU A 5 -9.72 3.91 -0.36
N SER A 6 -10.16 4.92 0.40
CA SER A 6 -10.11 6.30 -0.06
C SER A 6 -8.80 6.99 0.32
N ARG A 7 -8.76 8.31 0.12
CA ARG A 7 -7.58 9.11 0.44
C ARG A 7 -7.28 9.05 1.93
N ALA A 8 -8.32 8.88 2.73
CA ALA A 8 -8.17 8.81 4.18
C ALA A 8 -7.62 7.46 4.62
N ASP A 9 -7.98 6.41 3.89
CA ASP A 9 -7.52 5.06 4.21
C ASP A 9 -6.21 4.76 3.49
N LYS A 10 -6.14 5.07 2.20
CA LYS A 10 -4.93 4.83 1.42
C LYS A 10 -3.75 5.60 1.99
N GLU A 11 -4.04 6.73 2.63
CA GLU A 11 -3.00 7.53 3.25
C GLU A 11 -2.43 6.80 4.46
N ARG A 12 -3.29 6.03 5.11
CA ARG A 12 -2.91 5.24 6.26
C ARG A 12 -1.81 4.26 5.87
N LEU A 13 -1.96 3.69 4.67
CA LEU A 13 -1.00 2.74 4.16
C LEU A 13 0.34 3.43 3.91
N LEU A 14 0.27 4.68 3.50
CA LEU A 14 1.47 5.48 3.24
C LEU A 14 2.24 5.75 4.52
N GLU A 15 1.52 6.05 5.59
CA GLU A 15 2.13 6.32 6.88
C GLU A 15 3.01 5.17 7.33
N LEU A 16 2.45 3.97 7.33
CA LEU A 16 3.19 2.78 7.72
C LEU A 16 4.20 2.39 6.66
N LEU A 17 4.09 2.99 5.48
CA LEU A 17 4.99 2.70 4.36
C LEU A 17 6.21 3.61 4.36
N LYS A 18 6.19 4.65 5.20
CA LYS A 18 7.31 5.60 5.23
C LYS A 18 7.61 6.12 3.82
N LEU A 19 6.62 5.98 2.95
CA LEU A 19 6.74 6.41 1.57
C LEU A 19 5.87 7.64 1.32
N PRO A 20 6.49 8.81 1.06
CA PRO A 20 5.76 10.06 0.84
C PRO A 20 4.59 9.90 -0.12
N ARG A 21 3.75 10.93 -0.16
CA ARG A 21 2.57 10.95 -1.03
C ARG A 21 2.89 11.56 -2.39
N GLN A 22 4.13 12.02 -2.53
CA GLN A 22 4.57 12.66 -3.77
C GLN A 22 5.00 11.63 -4.82
N LEU A 23 5.40 10.46 -4.36
CA LEU A 23 5.81 9.39 -5.26
C LEU A 23 4.78 8.27 -5.29
N TRP A 24 3.61 8.53 -4.70
CA TRP A 24 2.51 7.56 -4.65
C TRP A 24 2.14 7.11 -6.06
N GLY A 25 2.66 5.96 -6.47
CA GLY A 25 2.37 5.43 -7.79
C GLY A 25 3.41 4.42 -8.25
N ASP A 26 4.63 4.57 -7.75
CA ASP A 26 5.72 3.67 -8.11
C ASP A 26 5.59 2.34 -7.36
N PHE A 27 4.95 1.36 -7.99
CA PHE A 27 4.75 0.05 -7.40
C PHE A 27 6.03 -0.50 -6.77
N GLY A 28 7.16 -0.29 -7.45
CA GLY A 28 8.43 -0.78 -6.94
C GLY A 28 8.84 -0.14 -5.62
N ARG A 29 8.49 1.12 -5.43
CA ARG A 29 8.85 1.83 -4.22
C ARG A 29 7.88 1.51 -3.08
N MET A 30 6.58 1.50 -3.39
CA MET A 30 5.57 1.22 -2.38
C MET A 30 5.75 -0.18 -1.79
N GLN A 31 5.93 -1.17 -2.65
CA GLN A 31 6.11 -2.54 -2.20
C GLN A 31 7.43 -2.68 -1.45
N GLN A 32 8.44 -1.94 -1.89
CA GLN A 32 9.75 -1.98 -1.26
C GLN A 32 9.64 -1.57 0.20
N ALA A 33 8.86 -0.52 0.46
CA ALA A 33 8.65 -0.02 1.81
C ALA A 33 7.80 -0.99 2.63
N TYR A 34 6.78 -1.55 1.99
CA TYR A 34 5.89 -2.50 2.64
C TYR A 34 6.69 -3.63 3.29
N LYS A 35 7.60 -4.21 2.52
CA LYS A 35 8.44 -5.30 3.01
C LYS A 35 9.39 -4.81 4.09
N GLN A 36 9.82 -3.55 3.99
CA GLN A 36 10.73 -2.97 4.96
C GLN A 36 10.04 -2.76 6.31
N GLN A 37 8.77 -2.36 6.26
CA GLN A 37 8.01 -2.11 7.48
C GLN A 37 7.27 -3.38 7.94
N SER A 38 7.02 -4.28 7.01
CA SER A 38 6.34 -5.53 7.34
C SER A 38 7.27 -6.46 8.11
N LEU A 39 8.56 -6.36 7.84
CA LEU A 39 9.55 -7.20 8.51
C LEU A 39 9.76 -6.75 9.96
N LEU A 40 9.60 -5.46 10.23
CA LEU A 40 9.78 -4.94 11.58
C LEU A 40 8.50 -5.11 12.41
N LEU A 41 7.38 -5.27 11.72
CA LEU A 41 6.10 -5.46 12.41
C LEU A 41 5.76 -6.94 12.52
N HIS A 42 6.77 -7.79 12.34
CA HIS A 42 6.59 -9.23 12.43
C HIS A 42 6.72 -9.70 13.87
N PRO A 43 5.80 -10.56 14.33
CA PRO A 43 5.82 -11.08 15.71
C PRO A 43 7.21 -11.48 16.18
N ASP A 44 8.00 -12.05 15.26
CA ASP A 44 9.36 -12.49 15.57
C ASP A 44 10.26 -11.30 15.92
N LYS A 45 9.83 -10.10 15.59
CA LYS A 45 10.61 -8.90 15.87
C LYS A 45 9.94 -8.04 16.93
N GLY A 46 9.21 -8.69 17.84
CA GLY A 46 8.52 -7.96 18.89
C GLY A 46 7.54 -6.95 18.35
N GLY A 47 6.48 -7.44 17.72
CA GLY A 47 5.47 -6.54 17.16
C GLY A 47 4.06 -7.04 17.41
N SER A 48 3.08 -6.20 17.10
CA SER A 48 1.68 -6.56 17.29
C SER A 48 1.12 -7.24 16.04
N HIS A 49 0.13 -8.10 16.25
CA HIS A 49 -0.50 -8.81 15.13
C HIS A 49 -1.51 -7.93 14.42
N ALA A 50 -2.34 -7.24 15.21
CA ALA A 50 -3.35 -6.35 14.65
C ALA A 50 -2.73 -5.27 13.78
N LEU A 51 -1.46 -4.97 14.03
CA LEU A 51 -0.76 -3.94 13.26
C LEU A 51 -0.40 -4.45 11.86
N MET A 52 0.37 -5.52 11.80
CA MET A 52 0.79 -6.10 10.53
C MET A 52 -0.41 -6.44 9.65
N GLN A 53 -1.43 -7.03 10.25
CA GLN A 53 -2.63 -7.40 9.50
C GLN A 53 -3.39 -6.16 9.03
N GLU A 54 -3.28 -5.08 9.78
CA GLU A 54 -3.95 -3.83 9.43
C GLU A 54 -3.39 -3.27 8.12
N LEU A 55 -2.09 -3.38 7.95
CA LEU A 55 -1.43 -2.89 6.75
C LEU A 55 -1.80 -3.72 5.53
N ASN A 56 -2.00 -5.02 5.75
CA ASN A 56 -2.37 -5.93 4.68
C ASN A 56 -3.75 -5.61 4.13
N SER A 57 -4.61 -5.07 4.99
CA SER A 57 -5.97 -4.72 4.60
C SER A 57 -5.97 -3.49 3.69
N LEU A 58 -5.00 -2.61 3.88
CA LEU A 58 -4.90 -1.40 3.07
C LEU A 58 -4.05 -1.64 1.83
N TRP A 59 -3.09 -2.56 1.93
CA TRP A 59 -2.23 -2.90 0.82
C TRP A 59 -2.85 -4.00 -0.01
N GLY A 60 -3.78 -4.75 0.60
CA GLY A 60 -4.45 -5.82 -0.10
C GLY A 60 -5.47 -5.30 -1.08
N THR A 61 -6.47 -4.56 -0.58
CA THR A 61 -7.50 -4.00 -1.45
C THR A 61 -6.78 -3.19 -2.52
N PHE A 62 -5.88 -2.36 -2.02
CA PHE A 62 -5.03 -1.52 -2.85
C PHE A 62 -4.44 -2.34 -3.98
N LYS A 63 -3.78 -3.42 -3.59
CA LYS A 63 -3.15 -4.33 -4.53
C LYS A 63 -4.12 -4.72 -5.65
N THR A 64 -5.38 -4.92 -5.30
CA THR A 64 -6.39 -5.27 -6.30
C THR A 64 -6.37 -4.25 -7.41
N GLU A 65 -6.27 -2.98 -7.03
CA GLU A 65 -6.22 -1.90 -8.01
C GLU A 65 -4.78 -1.68 -8.48
N VAL A 66 -3.83 -2.15 -7.68
CA VAL A 66 -2.42 -2.03 -8.03
C VAL A 66 -2.13 -2.66 -9.39
N TYR A 67 -2.74 -3.81 -9.63
CA TYR A 67 -2.56 -4.53 -10.89
C TYR A 67 -3.18 -3.76 -12.06
N ASN A 68 -4.33 -3.14 -11.81
CA ASN A 68 -5.02 -2.38 -12.84
C ASN A 68 -4.52 -0.93 -12.91
N LEU A 69 -3.75 -0.50 -11.91
CA LEU A 69 -3.22 0.85 -11.89
C LEU A 69 -2.24 1.08 -13.03
N ARG A 70 -1.40 0.07 -13.30
CA ARG A 70 -0.40 0.16 -14.36
C ARG A 70 -1.02 -0.07 -15.73
N MET A 71 -2.32 -0.27 -15.75
CA MET A 71 -3.06 -0.49 -16.99
C MET A 71 -4.10 0.62 -17.23
N ASN A 72 -3.97 1.72 -16.49
CA ASN A 72 -4.89 2.84 -16.62
C ASN A 72 -4.28 3.96 -17.45
N LEU A 73 -3.32 4.66 -16.86
CA LEU A 73 -2.65 5.77 -17.55
C LEU A 73 -1.51 5.23 -18.42
N GLY A 74 -1.82 4.87 -19.64
CA GLY A 74 -0.82 4.36 -20.55
C GLY A 74 -0.96 4.94 -21.95
N GLY A 75 -0.24 4.36 -22.90
CA GLY A 75 -0.30 4.84 -24.27
C GLY A 75 1.00 4.63 -25.01
N THR A 76 1.58 3.45 -24.87
CA THR A 76 2.83 3.13 -25.54
C THR A 76 2.60 2.88 -27.04
N GLY A 77 3.42 3.53 -27.86
CA GLY A 77 3.28 3.37 -29.30
C GLY A 77 2.52 4.51 -29.94
N PHE A 78 1.32 4.77 -29.44
CA PHE A 78 0.49 5.85 -29.96
C PHE A 78 0.76 7.15 -29.21
N GLN A 79 1.16 8.18 -29.95
CA GLN A 79 1.45 9.47 -29.35
C GLN A 79 0.20 10.36 -29.35
N MET A 1 -19.32 -6.76 0.72
CA MET A 1 -18.76 -6.76 -0.66
C MET A 1 -17.92 -5.51 -0.92
N ASP A 2 -18.45 -4.35 -0.56
CA ASP A 2 -17.75 -3.08 -0.77
C ASP A 2 -16.45 -3.05 0.04
N ARG A 3 -15.33 -3.00 -0.67
CA ARG A 3 -14.02 -2.96 -0.03
C ARG A 3 -13.07 -2.03 -0.78
N VAL A 4 -13.31 -0.73 -0.66
CA VAL A 4 -12.48 0.26 -1.32
C VAL A 4 -12.09 1.39 -0.38
N LEU A 5 -10.79 1.64 -0.28
CA LEU A 5 -10.28 2.69 0.59
C LEU A 5 -10.21 4.04 -0.12
N SER A 6 -10.47 5.10 0.63
CA SER A 6 -10.45 6.46 0.09
C SER A 6 -9.05 7.06 0.23
N ARG A 7 -8.96 8.37 0.00
CA ARG A 7 -7.69 9.07 0.10
C ARG A 7 -7.14 9.00 1.52
N ALA A 8 -8.02 9.09 2.50
CA ALA A 8 -7.62 9.04 3.90
C ALA A 8 -7.04 7.68 4.26
N ASP A 9 -7.75 6.62 3.87
CA ASP A 9 -7.29 5.27 4.16
C ASP A 9 -5.98 4.97 3.44
N LYS A 10 -5.97 5.15 2.12
CA LYS A 10 -4.78 4.91 1.32
C LYS A 10 -3.63 5.77 1.82
N GLU A 11 -3.97 6.96 2.32
CA GLU A 11 -2.97 7.87 2.86
C GLU A 11 -2.40 7.31 4.16
N ARG A 12 -3.25 6.64 4.93
CA ARG A 12 -2.82 6.04 6.18
C ARG A 12 -1.83 4.92 5.90
N LEU A 13 -2.06 4.21 4.80
CA LEU A 13 -1.19 3.11 4.40
C LEU A 13 0.21 3.66 4.07
N LEU A 14 0.23 4.88 3.58
CA LEU A 14 1.48 5.54 3.21
C LEU A 14 2.32 5.87 4.45
N GLU A 15 1.65 6.38 5.48
CA GLU A 15 2.34 6.74 6.72
C GLU A 15 3.14 5.56 7.26
N LEU A 16 2.50 4.40 7.29
CA LEU A 16 3.16 3.19 7.79
C LEU A 16 4.14 2.64 6.76
N LEU A 17 4.05 3.16 5.53
CA LEU A 17 4.92 2.71 4.45
C LEU A 17 6.19 3.56 4.37
N LYS A 18 6.26 4.63 5.15
CA LYS A 18 7.41 5.51 5.12
C LYS A 18 7.64 6.01 3.69
N LEU A 19 6.59 5.91 2.89
CA LEU A 19 6.62 6.30 1.50
C LEU A 19 5.71 7.51 1.28
N PRO A 20 6.29 8.69 0.99
CA PRO A 20 5.52 9.93 0.79
C PRO A 20 4.36 9.76 -0.19
N ARG A 21 3.48 10.75 -0.21
CA ARG A 21 2.32 10.74 -1.09
C ARG A 21 2.65 11.38 -2.44
N GLN A 22 3.88 11.88 -2.57
CA GLN A 22 4.31 12.53 -3.80
C GLN A 22 4.68 11.50 -4.87
N LEU A 23 5.21 10.38 -4.41
CA LEU A 23 5.62 9.30 -5.30
C LEU A 23 4.60 8.17 -5.31
N TRP A 24 3.43 8.41 -4.70
CA TRP A 24 2.35 7.42 -4.64
C TRP A 24 1.98 6.92 -6.03
N GLY A 25 2.40 5.70 -6.35
CA GLY A 25 2.11 5.13 -7.65
C GLY A 25 3.15 4.12 -8.10
N ASP A 26 4.38 4.30 -7.61
CA ASP A 26 5.48 3.40 -7.95
C ASP A 26 5.42 2.12 -7.13
N PHE A 27 4.79 1.08 -7.68
CA PHE A 27 4.67 -0.20 -6.99
C PHE A 27 6.01 -0.65 -6.40
N GLY A 28 7.07 -0.46 -7.18
CA GLY A 28 8.39 -0.85 -6.73
C GLY A 28 8.81 -0.15 -5.46
N ARG A 29 8.38 1.10 -5.31
CA ARG A 29 8.72 1.88 -4.13
C ARG A 29 7.83 1.54 -2.94
N MET A 30 6.51 1.52 -3.18
CA MET A 30 5.55 1.22 -2.12
C MET A 30 5.75 -0.20 -1.58
N GLN A 31 5.85 -1.18 -2.47
CA GLN A 31 6.05 -2.57 -2.06
C GLN A 31 7.38 -2.71 -1.33
N GLN A 32 8.40 -2.02 -1.84
CA GLN A 32 9.73 -2.06 -1.22
C GLN A 32 9.65 -1.51 0.20
N ALA A 33 8.75 -0.57 0.42
CA ALA A 33 8.56 0.03 1.73
C ALA A 33 7.67 -0.87 2.59
N TYR A 34 6.60 -1.39 1.98
CA TYR A 34 5.68 -2.28 2.68
C TYR A 34 6.43 -3.44 3.34
N LYS A 35 7.29 -4.09 2.56
CA LYS A 35 8.07 -5.21 3.06
C LYS A 35 9.13 -4.74 4.05
N GLN A 36 9.64 -3.54 3.84
CA GLN A 36 10.66 -2.96 4.71
C GLN A 36 10.10 -2.80 6.12
N GLN A 37 8.87 -2.33 6.22
CA GLN A 37 8.22 -2.13 7.53
C GLN A 37 7.56 -3.42 8.01
N SER A 38 7.33 -4.34 7.09
CA SER A 38 6.70 -5.61 7.44
C SER A 38 7.68 -6.49 8.21
N LEU A 39 8.95 -6.45 7.82
CA LEU A 39 9.97 -7.24 8.47
C LEU A 39 10.14 -6.84 9.93
N LEU A 40 9.94 -5.56 10.22
CA LEU A 40 10.06 -5.07 11.60
C LEU A 40 8.73 -5.21 12.34
N LEU A 41 7.65 -5.41 11.59
CA LEU A 41 6.32 -5.58 12.20
C LEU A 41 5.98 -7.06 12.37
N HIS A 42 6.96 -7.92 12.12
CA HIS A 42 6.77 -9.37 12.24
C HIS A 42 7.03 -9.84 13.68
N PRO A 43 6.13 -10.67 14.24
CA PRO A 43 6.26 -11.19 15.60
C PRO A 43 7.66 -11.71 15.90
N ASP A 44 8.34 -12.20 14.87
CA ASP A 44 9.70 -12.73 15.03
C ASP A 44 10.70 -11.61 15.32
N LYS A 45 10.26 -10.37 15.14
CA LYS A 45 11.12 -9.21 15.37
C LYS A 45 10.49 -8.25 16.38
N GLY A 46 9.70 -8.81 17.30
CA GLY A 46 9.05 -7.99 18.30
C GLY A 46 8.06 -7.02 17.70
N GLY A 47 6.96 -7.54 17.15
CA GLY A 47 5.95 -6.70 16.54
C GLY A 47 4.54 -7.15 16.89
N SER A 48 3.57 -6.30 16.56
CA SER A 48 2.17 -6.63 16.84
C SER A 48 1.54 -7.36 15.67
N HIS A 49 0.63 -8.29 15.98
CA HIS A 49 -0.05 -9.05 14.95
C HIS A 49 -1.14 -8.22 14.28
N ALA A 50 -1.93 -7.53 15.09
CA ALA A 50 -3.02 -6.70 14.58
C ALA A 50 -2.48 -5.66 13.60
N LEU A 51 -1.26 -5.19 13.84
CA LEU A 51 -0.65 -4.18 12.98
C LEU A 51 -0.37 -4.75 11.59
N MET A 52 0.26 -5.91 11.55
CA MET A 52 0.60 -6.56 10.30
C MET A 52 -0.66 -6.97 9.53
N GLN A 53 -1.73 -7.23 10.26
CA GLN A 53 -3.00 -7.63 9.66
C GLN A 53 -3.73 -6.42 9.08
N GLU A 54 -3.69 -5.31 9.82
CA GLU A 54 -4.36 -4.09 9.38
C GLU A 54 -3.71 -3.55 8.11
N LEU A 55 -2.37 -3.55 8.09
CA LEU A 55 -1.63 -3.07 6.94
C LEU A 55 -1.98 -3.86 5.68
N ASN A 56 -1.98 -5.20 5.82
CA ASN A 56 -2.30 -6.07 4.70
C ASN A 56 -3.68 -5.76 4.11
N SER A 57 -4.56 -5.22 4.96
CA SER A 57 -5.91 -4.87 4.54
C SER A 57 -5.90 -3.65 3.62
N LEU A 58 -5.12 -2.64 4.00
CA LEU A 58 -5.01 -1.42 3.22
C LEU A 58 -4.15 -1.64 1.98
N TRP A 59 -3.20 -2.57 2.08
CA TRP A 59 -2.31 -2.88 0.97
C TRP A 59 -2.91 -3.98 0.09
N GLY A 60 -3.89 -4.70 0.64
CA GLY A 60 -4.53 -5.75 -0.12
C GLY A 60 -5.51 -5.20 -1.14
N THR A 61 -6.55 -4.51 -0.68
CA THR A 61 -7.53 -3.92 -1.58
C THR A 61 -6.78 -3.03 -2.55
N PHE A 62 -5.96 -2.18 -1.96
CA PHE A 62 -5.12 -1.26 -2.70
C PHE A 62 -4.49 -1.99 -3.87
N LYS A 63 -3.91 -3.13 -3.56
CA LYS A 63 -3.25 -3.97 -4.53
C LYS A 63 -4.21 -4.37 -5.66
N THR A 64 -5.46 -4.67 -5.31
CA THR A 64 -6.45 -5.05 -6.31
C THR A 64 -6.43 -4.05 -7.45
N GLU A 65 -6.24 -2.79 -7.09
CA GLU A 65 -6.16 -1.71 -8.07
C GLU A 65 -4.74 -1.61 -8.60
N VAL A 66 -3.78 -1.98 -7.75
CA VAL A 66 -2.37 -1.93 -8.12
C VAL A 66 -2.12 -2.71 -9.41
N TYR A 67 -2.67 -3.91 -9.49
CA TYR A 67 -2.52 -4.74 -10.68
C TYR A 67 -3.00 -3.98 -11.92
N ASN A 68 -3.92 -3.05 -11.70
CA ASN A 68 -4.47 -2.24 -12.78
C ASN A 68 -3.68 -0.94 -12.97
N LEU A 69 -2.99 -0.50 -11.93
CA LEU A 69 -2.19 0.73 -12.01
C LEU A 69 -0.98 0.54 -12.91
N ARG A 70 -0.56 -0.71 -13.08
CA ARG A 70 0.59 -1.01 -13.93
C ARG A 70 0.21 -0.99 -15.40
N MET A 71 -1.04 -0.69 -15.66
CA MET A 71 -1.55 -0.62 -17.03
C MET A 71 -1.89 0.81 -17.42
N ASN A 72 -2.76 1.45 -16.64
CA ASN A 72 -3.15 2.82 -16.90
C ASN A 72 -1.95 3.76 -16.86
N LEU A 73 -1.43 4.11 -18.04
CA LEU A 73 -0.28 5.00 -18.13
C LEU A 73 -0.73 6.46 -18.15
N GLY A 74 -0.89 7.04 -16.97
CA GLY A 74 -1.31 8.41 -16.86
C GLY A 74 -2.78 8.55 -16.49
N GLY A 75 -3.33 9.75 -16.66
CA GLY A 75 -4.72 9.98 -16.33
C GLY A 75 -5.30 11.18 -17.06
N THR A 76 -6.44 11.65 -16.60
CA THR A 76 -7.09 12.80 -17.23
C THR A 76 -6.41 14.10 -16.83
N GLY A 77 -6.12 14.94 -17.82
CA GLY A 77 -5.47 16.21 -17.56
C GLY A 77 -4.13 16.34 -18.24
N PHE A 78 -3.92 15.55 -19.30
CA PHE A 78 -2.67 15.58 -20.05
C PHE A 78 -2.55 16.86 -20.87
N GLN A 79 -1.32 17.23 -21.21
CA GLN A 79 -1.07 18.44 -21.99
C GLN A 79 -1.69 18.33 -23.38
N MET A 1 -19.64 0.94 0.75
CA MET A 1 -20.13 -0.42 1.08
C MET A 1 -19.11 -1.49 0.67
N ASP A 2 -18.63 -1.39 -0.56
CA ASP A 2 -17.65 -2.35 -1.08
C ASP A 2 -16.32 -2.21 -0.33
N ARG A 3 -15.31 -2.94 -0.79
CA ARG A 3 -14.00 -2.90 -0.17
C ARG A 3 -13.07 -1.94 -0.91
N VAL A 4 -13.25 -0.65 -0.63
CA VAL A 4 -12.43 0.38 -1.26
C VAL A 4 -12.04 1.45 -0.25
N LEU A 5 -10.74 1.59 -0.03
CA LEU A 5 -10.21 2.58 0.91
C LEU A 5 -10.19 3.97 0.30
N SER A 6 -10.54 4.96 1.13
CA SER A 6 -10.59 6.35 0.69
C SER A 6 -9.22 7.01 0.80
N ARG A 7 -9.15 8.27 0.42
CA ARG A 7 -7.89 9.03 0.47
C ARG A 7 -7.24 8.92 1.84
N ALA A 8 -8.06 8.94 2.89
CA ALA A 8 -7.55 8.85 4.25
C ALA A 8 -6.93 7.48 4.53
N ASP A 9 -7.66 6.43 4.18
CA ASP A 9 -7.18 5.07 4.40
C ASP A 9 -5.91 4.80 3.59
N LYS A 10 -5.98 4.98 2.27
CA LYS A 10 -4.82 4.75 1.42
C LYS A 10 -3.65 5.61 1.89
N GLU A 11 -3.98 6.79 2.41
CA GLU A 11 -2.96 7.69 2.94
C GLU A 11 -2.38 7.11 4.22
N ARG A 12 -3.23 6.42 4.96
CA ARG A 12 -2.82 5.78 6.21
C ARG A 12 -1.84 4.66 5.91
N LEU A 13 -2.07 3.96 4.80
CA LEU A 13 -1.21 2.88 4.38
C LEU A 13 0.21 3.40 4.14
N LEU A 14 0.29 4.61 3.61
CA LEU A 14 1.58 5.24 3.34
C LEU A 14 2.30 5.57 4.64
N GLU A 15 1.54 5.98 5.65
CA GLU A 15 2.11 6.32 6.94
C GLU A 15 2.93 5.15 7.49
N LEU A 16 2.43 3.94 7.27
CA LEU A 16 3.11 2.74 7.73
C LEU A 16 4.16 2.30 6.71
N LEU A 17 4.04 2.78 5.49
CA LEU A 17 4.97 2.45 4.41
C LEU A 17 6.15 3.41 4.36
N LYS A 18 6.11 4.47 5.17
CA LYS A 18 7.18 5.45 5.16
C LYS A 18 7.37 6.00 3.75
N LEU A 19 6.33 5.83 2.94
CA LEU A 19 6.32 6.27 1.56
C LEU A 19 5.32 7.42 1.38
N PRO A 20 5.81 8.66 1.20
CA PRO A 20 4.96 9.83 1.05
C PRO A 20 3.89 9.69 -0.03
N ARG A 21 2.94 10.63 -0.04
CA ARG A 21 1.86 10.65 -1.00
C ARG A 21 2.28 11.33 -2.30
N GLN A 22 3.48 11.90 -2.30
CA GLN A 22 4.00 12.62 -3.47
C GLN A 22 4.47 11.64 -4.54
N LEU A 23 4.97 10.50 -4.11
CA LEU A 23 5.45 9.49 -5.04
C LEU A 23 4.50 8.29 -5.11
N TRP A 24 3.30 8.47 -4.55
CA TRP A 24 2.28 7.43 -4.54
C TRP A 24 1.97 6.94 -5.96
N GLY A 25 2.44 5.73 -6.27
CA GLY A 25 2.21 5.17 -7.59
C GLY A 25 3.33 4.24 -8.03
N ASP A 26 4.52 4.43 -7.47
CA ASP A 26 5.66 3.61 -7.81
C ASP A 26 5.61 2.27 -7.10
N PHE A 27 4.89 1.31 -7.69
CA PHE A 27 4.74 -0.03 -7.11
C PHE A 27 6.07 -0.57 -6.58
N GLY A 28 7.14 -0.33 -7.34
CA GLY A 28 8.45 -0.82 -6.93
C GLY A 28 8.90 -0.27 -5.59
N ARG A 29 8.65 1.00 -5.35
CA ARG A 29 9.04 1.64 -4.10
C ARG A 29 8.12 1.25 -2.94
N MET A 30 6.81 1.40 -3.16
CA MET A 30 5.84 1.06 -2.12
C MET A 30 5.98 -0.39 -1.68
N GLN A 31 6.10 -1.29 -2.65
CA GLN A 31 6.26 -2.72 -2.33
C GLN A 31 7.55 -2.93 -1.54
N GLN A 32 8.59 -2.20 -1.93
CA GLN A 32 9.88 -2.29 -1.25
C GLN A 32 9.73 -1.84 0.20
N ALA A 33 8.85 -0.88 0.41
CA ALA A 33 8.59 -0.34 1.74
C ALA A 33 7.65 -1.27 2.51
N TYR A 34 6.64 -1.79 1.82
CA TYR A 34 5.68 -2.68 2.45
C TYR A 34 6.39 -3.86 3.10
N LYS A 35 7.39 -4.40 2.40
CA LYS A 35 8.16 -5.53 2.91
C LYS A 35 9.16 -5.05 3.96
N GLN A 36 9.73 -3.87 3.74
CA GLN A 36 10.70 -3.31 4.67
C GLN A 36 10.06 -3.10 6.03
N GLN A 37 8.79 -2.68 6.03
CA GLN A 37 8.06 -2.44 7.26
C GLN A 37 7.39 -3.74 7.76
N SER A 38 7.20 -4.69 6.85
CA SER A 38 6.59 -5.96 7.23
C SER A 38 7.49 -6.74 8.17
N LEU A 39 8.80 -6.50 8.06
CA LEU A 39 9.77 -7.19 8.89
C LEU A 39 9.75 -6.65 10.32
N LEU A 40 9.43 -5.37 10.47
CA LEU A 40 9.37 -4.76 11.80
C LEU A 40 7.98 -4.90 12.41
N LEU A 41 7.00 -5.23 11.58
CA LEU A 41 5.62 -5.39 12.06
C LEU A 41 5.34 -6.84 12.45
N HIS A 42 6.37 -7.68 12.40
CA HIS A 42 6.23 -9.08 12.76
C HIS A 42 6.44 -9.27 14.27
N PRO A 43 5.58 -10.07 14.92
CA PRO A 43 5.67 -10.32 16.37
C PRO A 43 7.02 -10.89 16.81
N ASP A 44 7.90 -11.16 15.85
CA ASP A 44 9.21 -11.72 16.17
C ASP A 44 10.24 -10.60 16.41
N LYS A 45 9.99 -9.43 15.82
CA LYS A 45 10.88 -8.29 15.97
C LYS A 45 10.27 -7.25 16.91
N GLY A 46 9.48 -7.72 17.87
CA GLY A 46 8.85 -6.82 18.82
C GLY A 46 7.88 -5.87 18.16
N GLY A 47 7.21 -6.34 17.10
CA GLY A 47 6.26 -5.52 16.39
C GLY A 47 4.83 -5.75 16.86
N SER A 48 3.91 -4.96 16.34
CA SER A 48 2.49 -5.08 16.71
C SER A 48 1.78 -6.06 15.78
N HIS A 49 0.77 -6.75 16.32
CA HIS A 49 0.01 -7.71 15.54
C HIS A 49 -1.09 -7.00 14.73
N ALA A 50 -1.72 -6.01 15.34
CA ALA A 50 -2.78 -5.26 14.69
C ALA A 50 -2.25 -4.46 13.49
N LEU A 51 -0.97 -4.09 13.56
CA LEU A 51 -0.36 -3.32 12.48
C LEU A 51 -0.11 -4.18 11.26
N MET A 52 0.55 -5.33 11.47
CA MET A 52 0.85 -6.25 10.37
C MET A 52 -0.39 -6.61 9.57
N GLN A 53 -1.47 -6.97 10.27
CA GLN A 53 -2.72 -7.33 9.61
C GLN A 53 -3.37 -6.12 8.96
N GLU A 54 -3.17 -4.94 9.54
CA GLU A 54 -3.73 -3.71 9.00
C GLU A 54 -3.17 -3.41 7.63
N LEU A 55 -1.84 -3.43 7.52
CA LEU A 55 -1.16 -3.16 6.27
C LEU A 55 -1.63 -4.10 5.16
N ASN A 56 -1.88 -5.35 5.54
CA ASN A 56 -2.33 -6.36 4.58
C ASN A 56 -3.73 -6.02 4.06
N SER A 57 -4.52 -5.36 4.89
CA SER A 57 -5.88 -4.97 4.51
C SER A 57 -5.87 -3.75 3.61
N LEU A 58 -4.95 -2.82 3.87
CA LEU A 58 -4.85 -1.60 3.08
C LEU A 58 -4.04 -1.84 1.81
N TRP A 59 -3.08 -2.75 1.89
CA TRP A 59 -2.23 -3.06 0.75
C TRP A 59 -2.90 -4.10 -0.15
N GLY A 60 -3.93 -4.77 0.38
CA GLY A 60 -4.65 -5.77 -0.39
C GLY A 60 -5.59 -5.15 -1.41
N THR A 61 -6.62 -4.46 -0.93
CA THR A 61 -7.58 -3.81 -1.83
C THR A 61 -6.80 -2.90 -2.76
N PHE A 62 -5.94 -2.11 -2.13
CA PHE A 62 -5.06 -1.19 -2.84
C PHE A 62 -4.44 -1.90 -4.03
N LYS A 63 -3.85 -3.04 -3.73
CA LYS A 63 -3.21 -3.89 -4.74
C LYS A 63 -4.17 -4.21 -5.87
N THR A 64 -5.42 -4.52 -5.53
CA THR A 64 -6.41 -4.82 -6.55
C THR A 64 -6.37 -3.76 -7.63
N GLU A 65 -6.13 -2.53 -7.21
CA GLU A 65 -6.02 -1.40 -8.13
C GLU A 65 -4.60 -1.31 -8.64
N VAL A 66 -3.64 -1.71 -7.81
CA VAL A 66 -2.22 -1.67 -8.17
C VAL A 66 -1.96 -2.48 -9.45
N TYR A 67 -2.31 -3.76 -9.42
CA TYR A 67 -2.09 -4.63 -10.58
C TYR A 67 -2.64 -3.97 -11.84
N ASN A 68 -3.73 -3.23 -11.70
CA ASN A 68 -4.35 -2.56 -12.83
C ASN A 68 -3.79 -1.15 -13.04
N LEU A 69 -3.20 -0.58 -12.00
CA LEU A 69 -2.64 0.77 -12.09
C LEU A 69 -1.59 0.84 -13.19
N ARG A 70 -0.87 -0.26 -13.40
CA ARG A 70 0.17 -0.31 -14.42
C ARG A 70 -0.42 -0.50 -15.81
N MET A 71 -1.74 -0.56 -15.88
CA MET A 71 -2.45 -0.72 -17.14
C MET A 71 -3.39 0.45 -17.39
N ASN A 72 -4.19 0.78 -16.37
CA ASN A 72 -5.13 1.89 -16.48
C ASN A 72 -4.39 3.20 -16.64
N LEU A 73 -5.02 4.14 -17.36
CA LEU A 73 -4.43 5.45 -17.59
C LEU A 73 -5.20 6.54 -16.86
N GLY A 74 -6.44 6.78 -17.30
CA GLY A 74 -7.27 7.80 -16.67
C GLY A 74 -7.08 9.16 -17.31
N GLY A 75 -7.94 10.10 -16.94
CA GLY A 75 -7.84 11.45 -17.50
C GLY A 75 -9.18 12.17 -17.48
N THR A 76 -10.27 11.42 -17.45
CA THR A 76 -11.61 12.01 -17.45
C THR A 76 -11.82 12.86 -16.20
N GLY A 77 -12.56 13.95 -16.35
CA GLY A 77 -12.82 14.84 -15.23
C GLY A 77 -13.55 16.09 -15.65
N PHE A 78 -13.03 16.76 -16.68
CA PHE A 78 -13.64 17.99 -17.18
C PHE A 78 -14.83 17.68 -18.08
N GLN A 79 -15.90 18.43 -17.92
CA GLN A 79 -17.11 18.23 -18.71
C GLN A 79 -17.03 18.98 -20.04
N MET A 1 -17.45 -7.43 -3.85
CA MET A 1 -17.26 -6.22 -3.02
C MET A 1 -16.29 -6.47 -1.88
N ASP A 2 -15.00 -6.54 -2.22
CA ASP A 2 -13.96 -6.77 -1.22
C ASP A 2 -13.84 -5.59 -0.27
N ARG A 3 -12.78 -5.58 0.54
CA ARG A 3 -12.56 -4.50 1.49
C ARG A 3 -11.69 -3.41 0.88
N VAL A 4 -12.34 -2.45 0.23
CA VAL A 4 -11.62 -1.36 -0.41
C VAL A 4 -11.26 -0.29 0.61
N LEU A 5 -10.05 0.22 0.50
CA LEU A 5 -9.56 1.24 1.41
C LEU A 5 -9.86 2.64 0.90
N SER A 6 -10.53 3.44 1.73
CA SER A 6 -10.92 4.80 1.35
C SER A 6 -9.70 5.68 1.12
N ARG A 7 -9.96 6.93 0.77
CA ARG A 7 -8.88 7.89 0.52
C ARG A 7 -8.01 8.07 1.76
N ALA A 8 -8.64 7.98 2.93
CA ALA A 8 -7.92 8.13 4.18
C ALA A 8 -7.04 6.91 4.44
N ASP A 9 -7.46 5.75 3.94
CA ASP A 9 -6.70 4.52 4.12
C ASP A 9 -5.42 4.57 3.30
N LYS A 10 -5.55 4.75 1.99
CA LYS A 10 -4.38 4.82 1.12
C LYS A 10 -3.35 5.81 1.68
N GLU A 11 -3.83 6.94 2.16
CA GLU A 11 -2.96 7.95 2.73
C GLU A 11 -2.35 7.45 4.04
N ARG A 12 -3.13 6.66 4.77
CA ARG A 12 -2.67 6.10 6.03
C ARG A 12 -1.66 4.99 5.76
N LEU A 13 -1.94 4.20 4.72
CA LEU A 13 -1.07 3.11 4.32
C LEU A 13 0.31 3.67 3.94
N LEU A 14 0.33 4.91 3.49
CA LEU A 14 1.55 5.57 3.09
C LEU A 14 2.37 5.99 4.32
N GLU A 15 1.73 6.68 5.25
CA GLU A 15 2.38 7.14 6.47
C GLU A 15 3.09 5.99 7.18
N LEU A 16 2.61 4.77 6.95
CA LEU A 16 3.20 3.59 7.56
C LEU A 16 4.34 3.03 6.72
N LEU A 17 4.24 3.19 5.40
CA LEU A 17 5.27 2.70 4.48
C LEU A 17 6.45 3.64 4.37
N LYS A 18 6.43 4.75 5.12
CA LYS A 18 7.52 5.72 5.03
C LYS A 18 7.73 6.14 3.58
N LEU A 19 6.71 5.92 2.77
CA LEU A 19 6.73 6.24 1.36
C LEU A 19 5.81 7.44 1.07
N PRO A 20 6.38 8.59 0.72
CA PRO A 20 5.62 9.81 0.45
C PRO A 20 4.45 9.61 -0.51
N ARG A 21 3.60 10.63 -0.59
CA ARG A 21 2.44 10.61 -1.46
C ARG A 21 2.78 11.18 -2.84
N GLN A 22 4.01 11.65 -3.01
CA GLN A 22 4.45 12.21 -4.27
C GLN A 22 4.80 11.13 -5.27
N LEU A 23 5.24 9.99 -4.77
CA LEU A 23 5.61 8.86 -5.60
C LEU A 23 4.56 7.74 -5.51
N TRP A 24 3.39 8.08 -4.96
CA TRP A 24 2.30 7.13 -4.80
C TRP A 24 1.88 6.55 -6.15
N GLY A 25 2.52 5.44 -6.54
CA GLY A 25 2.21 4.80 -7.79
C GLY A 25 3.26 3.79 -8.21
N ASP A 26 4.50 4.00 -7.80
CA ASP A 26 5.59 3.09 -8.14
C ASP A 26 5.55 1.84 -7.28
N PHE A 27 4.81 0.84 -7.76
CA PHE A 27 4.67 -0.43 -7.04
C PHE A 27 6.01 -0.96 -6.54
N GLY A 28 7.06 -0.78 -7.34
CA GLY A 28 8.38 -1.25 -6.96
C GLY A 28 8.91 -0.57 -5.71
N ARG A 29 8.59 0.70 -5.55
CA ARG A 29 9.06 1.46 -4.39
C ARG A 29 8.22 1.17 -3.16
N MET A 30 6.91 1.10 -3.33
CA MET A 30 6.01 0.84 -2.20
C MET A 30 6.16 -0.60 -1.72
N GLN A 31 6.32 -1.53 -2.65
CA GLN A 31 6.48 -2.94 -2.29
C GLN A 31 7.77 -3.13 -1.51
N GLN A 32 8.81 -2.39 -1.91
CA GLN A 32 10.09 -2.45 -1.22
C GLN A 32 9.96 -1.97 0.21
N ALA A 33 9.18 -0.91 0.39
CA ALA A 33 8.94 -0.35 1.71
C ALA A 33 8.00 -1.23 2.51
N TYR A 34 7.07 -1.88 1.81
CA TYR A 34 6.11 -2.76 2.46
C TYR A 34 6.82 -3.97 3.05
N LYS A 35 7.79 -4.50 2.32
CA LYS A 35 8.55 -5.67 2.77
C LYS A 35 9.36 -5.32 4.02
N GLN A 36 9.90 -4.11 4.05
CA GLN A 36 10.70 -3.66 5.19
C GLN A 36 9.81 -3.32 6.37
N GLN A 37 8.76 -2.55 6.12
CA GLN A 37 7.83 -2.16 7.17
C GLN A 37 7.17 -3.38 7.81
N SER A 38 7.07 -4.46 7.04
CA SER A 38 6.48 -5.69 7.52
C SER A 38 7.39 -6.36 8.55
N LEU A 39 8.69 -6.16 8.38
CA LEU A 39 9.68 -6.74 9.27
C LEU A 39 9.63 -6.08 10.65
N LEU A 40 9.29 -4.80 10.67
CA LEU A 40 9.20 -4.06 11.92
C LEU A 40 7.81 -4.17 12.52
N LEU A 41 6.83 -4.57 11.71
CA LEU A 41 5.46 -4.74 12.18
C LEU A 41 5.16 -6.18 12.58
N HIS A 42 6.16 -7.06 12.41
CA HIS A 42 6.01 -8.47 12.74
C HIS A 42 6.06 -8.69 14.25
N PRO A 43 4.98 -9.27 14.84
CA PRO A 43 4.92 -9.53 16.28
C PRO A 43 6.22 -10.10 16.85
N ASP A 44 7.01 -10.77 16.00
CA ASP A 44 8.26 -11.35 16.43
C ASP A 44 9.29 -10.28 16.82
N LYS A 45 8.99 -9.02 16.49
CA LYS A 45 9.89 -7.92 16.81
C LYS A 45 9.22 -6.94 17.77
N GLY A 46 8.34 -7.45 18.63
CA GLY A 46 7.65 -6.61 19.58
C GLY A 46 6.60 -5.73 18.93
N GLY A 47 6.14 -6.13 17.75
CA GLY A 47 5.13 -5.36 17.05
C GLY A 47 3.72 -5.81 17.37
N SER A 48 2.73 -5.04 16.93
CA SER A 48 1.33 -5.37 17.19
C SER A 48 0.76 -6.23 16.08
N HIS A 49 -0.27 -7.00 16.41
CA HIS A 49 -0.92 -7.88 15.42
C HIS A 49 -1.93 -7.11 14.59
N ALA A 50 -2.81 -6.39 15.26
CA ALA A 50 -3.84 -5.60 14.59
C ALA A 50 -3.23 -4.63 13.59
N LEU A 51 -1.98 -4.26 13.82
CA LEU A 51 -1.27 -3.32 12.96
C LEU A 51 -0.81 -4.01 11.68
N MET A 52 -0.13 -5.15 11.84
CA MET A 52 0.38 -5.90 10.69
C MET A 52 -0.75 -6.36 9.77
N GLN A 53 -1.76 -7.01 10.35
CA GLN A 53 -2.89 -7.50 9.57
C GLN A 53 -3.62 -6.33 8.90
N GLU A 54 -3.62 -5.18 9.56
CA GLU A 54 -4.28 -4.00 9.02
C GLU A 54 -3.62 -3.57 7.70
N LEU A 55 -2.30 -3.48 7.72
CA LEU A 55 -1.53 -3.09 6.55
C LEU A 55 -1.64 -4.15 5.46
N ASN A 56 -1.65 -5.41 5.85
CA ASN A 56 -1.74 -6.51 4.91
C ASN A 56 -3.06 -6.45 4.13
N SER A 57 -4.14 -6.16 4.84
CA SER A 57 -5.46 -6.07 4.21
C SER A 57 -5.58 -4.78 3.41
N LEU A 58 -4.89 -3.74 3.87
CA LEU A 58 -4.91 -2.44 3.20
C LEU A 58 -3.99 -2.43 1.99
N TRP A 59 -3.00 -3.34 1.99
CA TRP A 59 -2.05 -3.44 0.89
C TRP A 59 -2.58 -4.40 -0.17
N GLY A 60 -3.56 -5.23 0.22
CA GLY A 60 -4.16 -6.16 -0.72
C GLY A 60 -5.20 -5.50 -1.60
N THR A 61 -6.22 -4.91 -0.97
CA THR A 61 -7.27 -4.23 -1.72
C THR A 61 -6.61 -3.15 -2.55
N PHE A 62 -5.76 -2.40 -1.88
CA PHE A 62 -4.98 -1.34 -2.50
C PHE A 62 -4.37 -1.85 -3.79
N LYS A 63 -3.60 -2.92 -3.65
CA LYS A 63 -2.92 -3.56 -4.75
C LYS A 63 -3.88 -3.81 -5.91
N THR A 64 -5.07 -4.32 -5.62
CA THR A 64 -6.05 -4.56 -6.66
C THR A 64 -6.22 -3.31 -7.50
N GLU A 65 -6.12 -2.16 -6.84
CA GLU A 65 -6.21 -0.88 -7.51
C GLU A 65 -4.84 -0.50 -8.06
N VAL A 66 -3.80 -0.95 -7.36
CA VAL A 66 -2.42 -0.68 -7.77
C VAL A 66 -2.17 -1.12 -9.20
N TYR A 67 -2.66 -2.30 -9.56
CA TYR A 67 -2.46 -2.83 -10.90
C TYR A 67 -3.15 -1.94 -11.94
N ASN A 68 -4.31 -1.41 -11.59
CA ASN A 68 -5.06 -0.56 -12.51
C ASN A 68 -4.66 0.91 -12.35
N LEU A 69 -3.92 1.23 -11.29
CA LEU A 69 -3.49 2.61 -11.07
C LEU A 69 -2.53 3.06 -12.19
N ARG A 70 -1.68 2.13 -12.61
CA ARG A 70 -0.71 2.42 -13.67
C ARG A 70 -1.37 2.46 -15.05
N MET A 71 -2.67 2.26 -15.06
CA MET A 71 -3.44 2.28 -16.30
C MET A 71 -4.44 3.43 -16.30
N ASN A 72 -5.31 3.45 -15.29
CA ASN A 72 -6.32 4.49 -15.17
C ASN A 72 -5.66 5.86 -14.97
N LEU A 73 -6.19 6.87 -15.64
CA LEU A 73 -5.65 8.22 -15.54
C LEU A 73 -6.75 9.22 -15.21
N GLY A 74 -7.72 9.36 -16.11
CA GLY A 74 -8.81 10.29 -15.89
C GLY A 74 -10.11 9.82 -16.53
N GLY A 75 -10.86 10.76 -17.10
CA GLY A 75 -12.11 10.41 -17.74
C GLY A 75 -12.54 11.43 -18.78
N THR A 76 -13.24 12.47 -18.33
CA THR A 76 -13.70 13.53 -19.23
C THR A 76 -12.54 14.42 -19.66
N GLY A 77 -12.55 14.82 -20.92
CA GLY A 77 -11.50 15.68 -21.44
C GLY A 77 -10.97 15.20 -22.77
N PHE A 78 -11.05 13.90 -23.01
CA PHE A 78 -10.57 13.31 -24.26
C PHE A 78 -11.46 13.71 -25.43
N GLN A 79 -10.98 13.44 -26.63
CA GLN A 79 -11.74 13.76 -27.85
C GLN A 79 -11.50 12.73 -28.94
N MET A 1 -11.23 -11.34 1.29
CA MET A 1 -11.45 -10.14 2.17
C MET A 1 -11.41 -8.85 1.37
N ASP A 2 -12.48 -8.60 0.62
CA ASP A 2 -12.58 -7.40 -0.20
C ASP A 2 -12.97 -6.19 0.64
N ARG A 3 -12.09 -5.20 0.70
CA ARG A 3 -12.34 -3.98 1.47
C ARG A 3 -11.70 -2.79 0.80
N VAL A 4 -12.52 -1.93 0.20
CA VAL A 4 -12.00 -0.74 -0.48
C VAL A 4 -11.75 0.40 0.50
N LEU A 5 -10.52 0.88 0.49
CA LEU A 5 -10.10 1.97 1.37
C LEU A 5 -10.31 3.33 0.72
N SER A 6 -10.71 4.31 1.52
CA SER A 6 -10.93 5.67 1.03
C SER A 6 -9.62 6.44 0.98
N ARG A 7 -9.70 7.74 0.72
CA ARG A 7 -8.49 8.56 0.63
C ARG A 7 -7.72 8.55 1.95
N ALA A 8 -8.44 8.52 3.06
CA ALA A 8 -7.80 8.51 4.37
C ALA A 8 -7.09 7.19 4.65
N ASP A 9 -7.77 6.08 4.39
CA ASP A 9 -7.19 4.76 4.62
C ASP A 9 -5.97 4.53 3.73
N LYS A 10 -6.11 4.82 2.43
CA LYS A 10 -4.99 4.65 1.51
C LYS A 10 -3.81 5.52 1.95
N GLU A 11 -4.13 6.67 2.53
CA GLU A 11 -3.11 7.58 3.04
C GLU A 11 -2.43 6.96 4.25
N ARG A 12 -3.21 6.23 5.05
CA ARG A 12 -2.70 5.57 6.23
C ARG A 12 -1.71 4.48 5.84
N LEU A 13 -1.93 3.89 4.67
CA LEU A 13 -1.04 2.85 4.17
C LEU A 13 0.34 3.43 3.92
N LEU A 14 0.37 4.63 3.37
CA LEU A 14 1.62 5.32 3.08
C LEU A 14 2.41 5.60 4.36
N GLU A 15 1.70 6.01 5.40
CA GLU A 15 2.34 6.32 6.69
C GLU A 15 3.21 5.15 7.15
N LEU A 16 2.62 3.97 7.20
CA LEU A 16 3.36 2.77 7.62
C LEU A 16 4.30 2.29 6.52
N LEU A 17 4.16 2.85 5.32
CA LEU A 17 4.99 2.48 4.19
C LEU A 17 6.24 3.35 4.09
N LYS A 18 6.30 4.41 4.90
CA LYS A 18 7.45 5.31 4.86
C LYS A 18 7.66 5.81 3.43
N LEU A 19 6.61 5.71 2.63
CA LEU A 19 6.63 6.13 1.25
C LEU A 19 5.78 7.39 1.06
N PRO A 20 6.42 8.54 0.79
CA PRO A 20 5.73 9.82 0.62
C PRO A 20 4.55 9.77 -0.34
N ARG A 21 3.79 10.87 -0.37
CA ARG A 21 2.62 11.00 -1.23
C ARG A 21 2.99 11.60 -2.59
N GLN A 22 4.25 11.96 -2.74
CA GLN A 22 4.72 12.58 -3.98
C GLN A 22 5.03 11.52 -5.04
N LEU A 23 5.37 10.33 -4.57
CA LEU A 23 5.70 9.24 -5.48
C LEU A 23 4.63 8.15 -5.46
N TRP A 24 3.48 8.46 -4.85
CA TRP A 24 2.36 7.52 -4.77
C TRP A 24 2.00 6.97 -6.16
N GLY A 25 2.45 5.76 -6.43
CA GLY A 25 2.17 5.14 -7.72
C GLY A 25 3.23 4.12 -8.13
N ASP A 26 4.44 4.30 -7.64
CA ASP A 26 5.54 3.40 -7.97
C ASP A 26 5.43 2.09 -7.19
N PHE A 27 4.77 1.11 -7.78
CA PHE A 27 4.59 -0.20 -7.14
C PHE A 27 5.90 -0.76 -6.59
N GLY A 28 6.99 -0.48 -7.30
CA GLY A 28 8.29 -0.97 -6.89
C GLY A 28 8.79 -0.36 -5.59
N ARG A 29 8.50 0.92 -5.38
CA ARG A 29 8.95 1.61 -4.18
C ARG A 29 8.02 1.34 -2.99
N MET A 30 6.72 1.20 -3.26
CA MET A 30 5.76 0.95 -2.19
C MET A 30 5.90 -0.47 -1.65
N GLN A 31 6.01 -1.44 -2.56
CA GLN A 31 6.16 -2.83 -2.15
C GLN A 31 7.48 -3.01 -1.41
N GLN A 32 8.51 -2.32 -1.89
CA GLN A 32 9.83 -2.39 -1.27
C GLN A 32 9.75 -1.87 0.17
N ALA A 33 8.80 -0.98 0.42
CA ALA A 33 8.60 -0.41 1.74
C ALA A 33 7.69 -1.31 2.58
N TYR A 34 6.62 -1.78 1.96
CA TYR A 34 5.67 -2.65 2.64
C TYR A 34 6.39 -3.82 3.30
N LYS A 35 7.34 -4.40 2.59
CA LYS A 35 8.12 -5.52 3.11
C LYS A 35 9.17 -5.03 4.10
N GLN A 36 9.79 -3.90 3.80
CA GLN A 36 10.81 -3.33 4.66
C GLN A 36 10.22 -3.00 6.03
N GLN A 37 9.02 -2.43 6.03
CA GLN A 37 8.35 -2.06 7.27
C GLN A 37 7.66 -3.28 7.88
N SER A 38 7.40 -4.28 7.05
CA SER A 38 6.76 -5.50 7.53
C SER A 38 7.64 -6.20 8.55
N LEU A 39 8.95 -5.97 8.45
CA LEU A 39 9.91 -6.58 9.35
C LEU A 39 9.81 -5.99 10.76
N LEU A 40 9.76 -4.66 10.85
CA LEU A 40 9.66 -4.01 12.15
C LEU A 40 8.30 -4.28 12.79
N LEU A 41 7.32 -4.65 11.98
CA LEU A 41 5.98 -4.94 12.48
C LEU A 41 5.80 -6.44 12.74
N HIS A 42 6.89 -7.21 12.61
CA HIS A 42 6.84 -8.65 12.84
C HIS A 42 7.13 -8.97 14.31
N PRO A 43 6.35 -9.90 14.90
CA PRO A 43 6.50 -10.29 16.31
C PRO A 43 7.95 -10.60 16.72
N ASP A 44 8.85 -10.73 15.74
CA ASP A 44 10.24 -11.02 16.01
C ASP A 44 11.05 -9.73 16.20
N LYS A 45 10.53 -8.63 15.65
CA LYS A 45 11.21 -7.34 15.77
C LYS A 45 10.36 -6.37 16.56
N GLY A 46 9.55 -6.89 17.47
CA GLY A 46 8.69 -6.05 18.29
C GLY A 46 7.58 -5.39 17.47
N GLY A 47 6.71 -6.22 16.91
CA GLY A 47 5.62 -5.69 16.10
C GLY A 47 4.26 -6.15 16.58
N SER A 48 3.24 -5.35 16.30
CA SER A 48 1.87 -5.68 16.70
C SER A 48 1.16 -6.49 15.62
N HIS A 49 0.14 -7.23 16.02
CA HIS A 49 -0.63 -8.05 15.08
C HIS A 49 -1.63 -7.19 14.32
N ALA A 50 -2.41 -6.41 15.06
CA ALA A 50 -3.42 -5.54 14.46
C ALA A 50 -2.81 -4.65 13.37
N LEU A 51 -1.51 -4.40 13.47
CA LEU A 51 -0.81 -3.57 12.49
C LEU A 51 -0.52 -4.36 11.22
N MET A 52 0.10 -5.53 11.38
CA MET A 52 0.44 -6.38 10.25
C MET A 52 -0.81 -6.80 9.48
N GLN A 53 -1.92 -6.90 10.18
CA GLN A 53 -3.18 -7.28 9.56
C GLN A 53 -3.78 -6.10 8.80
N GLU A 54 -3.80 -4.94 9.44
CA GLU A 54 -4.33 -3.74 8.81
C GLU A 54 -3.58 -3.41 7.53
N LEU A 55 -2.25 -3.54 7.58
CA LEU A 55 -1.41 -3.27 6.43
C LEU A 55 -1.79 -4.19 5.27
N ASN A 56 -1.84 -5.50 5.55
CA ASN A 56 -2.20 -6.48 4.53
C ASN A 56 -3.58 -6.16 3.95
N SER A 57 -4.42 -5.57 4.79
CA SER A 57 -5.78 -5.21 4.37
C SER A 57 -5.77 -3.97 3.48
N LEU A 58 -5.06 -2.92 3.91
CA LEU A 58 -4.98 -1.69 3.15
C LEU A 58 -4.07 -1.84 1.93
N TRP A 59 -3.12 -2.76 2.02
CA TRP A 59 -2.20 -3.02 0.92
C TRP A 59 -2.77 -4.07 -0.03
N GLY A 60 -3.76 -4.81 0.45
CA GLY A 60 -4.39 -5.83 -0.36
C GLY A 60 -5.37 -5.24 -1.36
N THR A 61 -6.42 -4.59 -0.85
CA THR A 61 -7.41 -3.97 -1.72
C THR A 61 -6.68 -3.02 -2.65
N PHE A 62 -5.85 -2.20 -2.02
CA PHE A 62 -5.01 -1.24 -2.72
C PHE A 62 -4.37 -1.91 -3.92
N LYS A 63 -3.71 -3.02 -3.65
CA LYS A 63 -3.04 -3.81 -4.67
C LYS A 63 -3.99 -4.13 -5.83
N THR A 64 -5.24 -4.48 -5.51
CA THR A 64 -6.22 -4.77 -6.55
C THR A 64 -6.23 -3.62 -7.55
N GLU A 65 -6.04 -2.42 -7.02
CA GLU A 65 -5.99 -1.22 -7.83
C GLU A 65 -4.57 -1.02 -8.36
N VAL A 66 -3.59 -1.51 -7.60
CA VAL A 66 -2.19 -1.37 -7.99
C VAL A 66 -1.93 -2.04 -9.33
N TYR A 67 -2.48 -3.24 -9.52
CA TYR A 67 -2.30 -3.95 -10.77
C TYR A 67 -2.86 -3.15 -11.94
N ASN A 68 -3.98 -2.48 -11.72
CA ASN A 68 -4.61 -1.69 -12.78
C ASN A 68 -4.10 -0.25 -12.77
N LEU A 69 -3.41 0.17 -11.72
CA LEU A 69 -2.90 1.54 -11.66
C LEU A 69 -1.86 1.76 -12.74
N ARG A 70 -1.18 0.69 -13.14
CA ARG A 70 -0.15 0.78 -14.18
C ARG A 70 -0.76 0.97 -15.56
N MET A 71 -2.08 1.05 -15.60
CA MET A 71 -2.81 1.24 -16.85
C MET A 71 -3.42 2.63 -16.90
N ASN A 72 -3.66 3.22 -15.73
CA ASN A 72 -4.25 4.55 -15.64
C ASN A 72 -3.15 5.61 -15.55
N LEU A 73 -2.06 5.41 -16.28
CA LEU A 73 -0.95 6.35 -16.29
C LEU A 73 -1.11 7.40 -17.39
N GLY A 74 -2.32 7.49 -17.93
CA GLY A 74 -2.58 8.46 -18.98
C GLY A 74 -3.90 9.18 -18.81
N GLY A 75 -4.66 9.29 -19.89
CA GLY A 75 -5.95 9.96 -19.83
C GLY A 75 -7.06 9.15 -20.47
N THR A 76 -6.95 7.83 -20.41
CA THR A 76 -7.96 6.96 -20.99
C THR A 76 -9.29 7.12 -20.27
N GLY A 77 -10.39 6.96 -21.00
CA GLY A 77 -11.70 7.10 -20.40
C GLY A 77 -12.35 5.76 -20.11
N PHE A 78 -12.68 5.00 -21.15
CA PHE A 78 -13.31 3.70 -20.99
C PHE A 78 -12.29 2.58 -21.14
N GLN A 79 -12.06 1.86 -20.04
CA GLN A 79 -11.11 0.75 -20.04
C GLN A 79 -11.80 -0.57 -20.35
N MET A 1 -19.86 -3.54 0.16
CA MET A 1 -19.75 -4.60 -0.87
C MET A 1 -18.44 -4.49 -1.64
N ASP A 2 -18.30 -3.42 -2.41
CA ASP A 2 -17.08 -3.20 -3.19
C ASP A 2 -15.87 -3.08 -2.29
N ARG A 3 -14.73 -3.56 -2.77
CA ARG A 3 -13.49 -3.51 -2.00
C ARG A 3 -12.62 -2.35 -2.46
N VAL A 4 -12.96 -1.15 -2.02
CA VAL A 4 -12.21 0.04 -2.38
C VAL A 4 -11.90 0.90 -1.14
N LEU A 5 -10.63 1.24 -0.98
CA LEU A 5 -10.19 2.05 0.15
C LEU A 5 -10.28 3.53 -0.16
N SER A 6 -10.60 4.33 0.86
CA SER A 6 -10.73 5.76 0.69
C SER A 6 -9.39 6.48 0.89
N ARG A 7 -9.43 7.80 0.94
CA ARG A 7 -8.23 8.61 1.12
C ARG A 7 -7.58 8.29 2.46
N ALA A 8 -8.39 7.97 3.46
CA ALA A 8 -7.90 7.66 4.78
C ALA A 8 -7.14 6.34 4.79
N ASP A 9 -7.58 5.40 3.97
CA ASP A 9 -6.94 4.09 3.90
C ASP A 9 -5.56 4.20 3.26
N LYS A 10 -5.50 4.74 2.03
CA LYS A 10 -4.23 4.88 1.32
C LYS A 10 -3.25 5.76 2.09
N GLU A 11 -3.73 6.88 2.60
CA GLU A 11 -2.87 7.80 3.35
C GLU A 11 -2.36 7.14 4.63
N ARG A 12 -3.14 6.21 5.17
CA ARG A 12 -2.74 5.51 6.38
C ARG A 12 -1.75 4.41 6.04
N LEU A 13 -1.93 3.81 4.87
CA LEU A 13 -1.05 2.75 4.41
C LEU A 13 0.34 3.31 4.15
N LEU A 14 0.38 4.57 3.72
CA LEU A 14 1.65 5.25 3.43
C LEU A 14 2.41 5.51 4.72
N GLU A 15 1.67 5.81 5.79
CA GLU A 15 2.28 6.08 7.09
C GLU A 15 3.11 4.88 7.54
N LEU A 16 2.53 3.68 7.42
CA LEU A 16 3.22 2.46 7.80
C LEU A 16 4.26 2.07 6.75
N LEU A 17 4.14 2.66 5.57
CA LEU A 17 5.06 2.38 4.48
C LEU A 17 6.26 3.31 4.49
N LYS A 18 6.21 4.35 5.33
CA LYS A 18 7.31 5.31 5.39
C LYS A 18 7.65 5.81 3.99
N LEU A 19 6.67 5.69 3.11
CA LEU A 19 6.80 6.08 1.72
C LEU A 19 5.89 7.28 1.44
N PRO A 20 6.48 8.45 1.18
CA PRO A 20 5.73 9.68 0.91
C PRO A 20 4.57 9.48 -0.06
N ARG A 21 3.69 10.48 -0.11
CA ARG A 21 2.52 10.44 -1.00
C ARG A 21 2.86 11.03 -2.37
N GLN A 22 4.09 11.52 -2.52
CA GLN A 22 4.53 12.12 -3.77
C GLN A 22 4.88 11.06 -4.80
N LEU A 23 5.36 9.93 -4.30
CA LEU A 23 5.75 8.81 -5.16
C LEU A 23 4.73 7.68 -5.06
N TRP A 24 3.54 8.01 -4.58
CA TRP A 24 2.45 7.05 -4.42
C TRP A 24 2.14 6.33 -5.74
N GLY A 25 2.60 6.89 -6.85
CA GLY A 25 2.35 6.29 -8.15
C GLY A 25 3.29 5.14 -8.47
N ASP A 26 4.43 5.10 -7.78
CA ASP A 26 5.41 4.04 -8.00
C ASP A 26 5.06 2.78 -7.22
N PHE A 27 4.98 1.65 -7.92
CA PHE A 27 4.66 0.38 -7.29
C PHE A 27 5.89 -0.26 -6.65
N GLY A 28 7.02 -0.16 -7.35
CA GLY A 28 8.25 -0.74 -6.85
C GLY A 28 8.72 -0.08 -5.57
N ARG A 29 8.39 1.19 -5.39
CA ARG A 29 8.79 1.91 -4.19
C ARG A 29 7.95 1.49 -2.99
N MET A 30 6.63 1.49 -3.17
CA MET A 30 5.72 1.11 -2.09
C MET A 30 6.00 -0.31 -1.62
N GLN A 31 6.12 -1.24 -2.56
CA GLN A 31 6.38 -2.64 -2.24
C GLN A 31 7.70 -2.77 -1.48
N GLN A 32 8.68 -1.95 -1.85
CA GLN A 32 9.98 -1.98 -1.20
C GLN A 32 9.85 -1.67 0.28
N ALA A 33 9.02 -0.68 0.59
CA ALA A 33 8.79 -0.29 1.98
C ALA A 33 7.86 -1.27 2.68
N TYR A 34 6.83 -1.72 1.96
CA TYR A 34 5.87 -2.68 2.52
C TYR A 34 6.61 -3.84 3.17
N LYS A 35 7.58 -4.39 2.46
CA LYS A 35 8.36 -5.52 2.95
C LYS A 35 9.36 -5.06 4.01
N GLN A 36 9.82 -3.82 3.88
CA GLN A 36 10.78 -3.26 4.83
C GLN A 36 10.10 -2.95 6.16
N GLN A 37 8.82 -2.59 6.09
CA GLN A 37 8.04 -2.27 7.29
C GLN A 37 7.38 -3.51 7.87
N SER A 38 7.25 -4.55 7.06
CA SER A 38 6.63 -5.79 7.50
C SER A 38 7.53 -6.51 8.49
N LEU A 39 8.84 -6.28 8.38
CA LEU A 39 9.81 -6.91 9.27
C LEU A 39 9.80 -6.25 10.65
N LEU A 40 9.48 -4.97 10.70
CA LEU A 40 9.44 -4.26 11.97
C LEU A 40 8.06 -4.34 12.60
N LEU A 41 7.05 -4.68 11.80
CA LEU A 41 5.69 -4.80 12.29
C LEU A 41 5.38 -6.25 12.65
N HIS A 42 6.41 -7.08 12.71
CA HIS A 42 6.27 -8.49 13.04
C HIS A 42 6.23 -8.68 14.56
N PRO A 43 5.31 -9.51 15.07
CA PRO A 43 5.17 -9.76 16.50
C PRO A 43 6.44 -10.31 17.14
N ASP A 44 7.37 -10.79 16.31
CA ASP A 44 8.63 -11.32 16.81
C ASP A 44 9.67 -10.22 17.01
N LYS A 45 9.47 -9.10 16.32
CA LYS A 45 10.38 -7.97 16.41
C LYS A 45 9.79 -6.86 17.28
N GLY A 46 8.98 -7.24 18.25
CA GLY A 46 8.35 -6.28 19.13
C GLY A 46 7.43 -5.34 18.40
N GLY A 47 6.56 -5.89 17.55
CA GLY A 47 5.63 -5.07 16.80
C GLY A 47 4.18 -5.35 17.17
N SER A 48 3.28 -4.49 16.72
CA SER A 48 1.86 -4.65 17.00
C SER A 48 1.19 -5.49 15.92
N HIS A 49 0.26 -6.35 16.33
CA HIS A 49 -0.46 -7.20 15.38
C HIS A 49 -1.47 -6.39 14.59
N ALA A 50 -2.14 -5.46 15.28
CA ALA A 50 -3.15 -4.62 14.64
C ALA A 50 -2.58 -3.87 13.45
N LEU A 51 -1.27 -3.64 13.45
CA LEU A 51 -0.61 -2.91 12.37
C LEU A 51 -0.37 -3.81 11.17
N MET A 52 0.21 -4.98 11.41
CA MET A 52 0.50 -5.93 10.35
C MET A 52 -0.78 -6.37 9.64
N GLN A 53 -1.81 -6.68 10.42
CA GLN A 53 -3.09 -7.12 9.87
C GLN A 53 -3.73 -6.00 9.04
N GLU A 54 -3.38 -4.75 9.34
CA GLU A 54 -3.93 -3.61 8.62
C GLU A 54 -3.22 -3.40 7.29
N LEU A 55 -1.89 -3.52 7.31
CA LEU A 55 -1.08 -3.35 6.11
C LEU A 55 -1.54 -4.30 4.99
N ASN A 56 -1.67 -5.58 5.33
CA ASN A 56 -2.10 -6.57 4.35
C ASN A 56 -3.51 -6.27 3.85
N SER A 57 -4.32 -5.66 4.69
CA SER A 57 -5.69 -5.32 4.32
C SER A 57 -5.72 -4.02 3.52
N LEU A 58 -4.83 -3.10 3.85
CA LEU A 58 -4.76 -1.82 3.15
C LEU A 58 -3.93 -1.94 1.88
N TRP A 59 -3.04 -2.92 1.84
CA TRP A 59 -2.18 -3.14 0.68
C TRP A 59 -2.86 -4.09 -0.30
N GLY A 60 -3.77 -4.92 0.23
CA GLY A 60 -4.48 -5.87 -0.60
C GLY A 60 -5.52 -5.18 -1.48
N THR A 61 -6.51 -4.54 -0.85
CA THR A 61 -7.54 -3.83 -1.60
C THR A 61 -6.85 -2.89 -2.55
N PHE A 62 -5.89 -2.18 -1.97
CA PHE A 62 -5.05 -1.25 -2.70
C PHE A 62 -4.51 -1.91 -3.96
N LYS A 63 -3.92 -3.07 -3.75
CA LYS A 63 -3.36 -3.87 -4.82
C LYS A 63 -4.40 -4.16 -5.89
N THR A 64 -5.63 -4.41 -5.47
CA THR A 64 -6.71 -4.69 -6.42
C THR A 64 -6.68 -3.67 -7.55
N GLU A 65 -6.41 -2.42 -7.18
CA GLU A 65 -6.31 -1.34 -8.15
C GLU A 65 -4.90 -1.29 -8.72
N VAL A 66 -3.93 -1.71 -7.91
CA VAL A 66 -2.53 -1.70 -8.34
C VAL A 66 -2.35 -2.49 -9.64
N TYR A 67 -3.03 -3.61 -9.74
CA TYR A 67 -2.94 -4.44 -10.94
C TYR A 67 -3.50 -3.70 -12.15
N ASN A 68 -4.48 -2.82 -11.90
CA ASN A 68 -5.09 -2.04 -12.96
C ASN A 68 -4.37 -0.71 -13.17
N LEU A 69 -3.64 -0.24 -12.15
CA LEU A 69 -2.92 1.03 -12.24
C LEU A 69 -1.92 1.00 -13.39
N ARG A 70 -1.35 -0.18 -13.65
CA ARG A 70 -0.37 -0.33 -14.71
C ARG A 70 -1.01 -0.26 -16.10
N MET A 71 -2.31 -0.06 -16.11
CA MET A 71 -3.07 0.04 -17.35
C MET A 71 -3.85 1.36 -17.40
N ASN A 72 -4.77 1.53 -16.46
CA ASN A 72 -5.59 2.73 -16.39
C ASN A 72 -4.75 3.93 -15.93
N LEU A 73 -4.96 5.07 -16.57
CA LEU A 73 -4.23 6.28 -16.22
C LEU A 73 -5.16 7.32 -15.61
N GLY A 74 -6.39 7.38 -16.10
CA GLY A 74 -7.36 8.33 -15.59
C GLY A 74 -7.50 9.55 -16.47
N GLY A 75 -7.43 9.34 -17.78
CA GLY A 75 -7.57 10.45 -18.71
C GLY A 75 -8.88 10.42 -19.47
N THR A 76 -8.83 10.01 -20.73
CA THR A 76 -10.03 9.94 -21.57
C THR A 76 -10.70 8.57 -21.44
N GLY A 77 -10.31 7.80 -20.43
CA GLY A 77 -10.90 6.49 -20.24
C GLY A 77 -10.28 5.44 -21.15
N PHE A 78 -10.43 5.64 -22.45
CA PHE A 78 -9.88 4.71 -23.44
C PHE A 78 -8.39 4.97 -23.67
N GLN A 79 -7.67 3.93 -24.05
CA GLN A 79 -6.24 4.04 -24.31
C GLN A 79 -5.87 3.32 -25.61
N MET A 1 -13.82 -5.70 -6.79
CA MET A 1 -15.05 -4.97 -7.23
C MET A 1 -15.52 -4.00 -6.14
N ASP A 2 -15.81 -4.55 -4.96
CA ASP A 2 -16.29 -3.73 -3.84
C ASP A 2 -15.19 -3.56 -2.78
N ARG A 3 -13.96 -3.86 -3.16
CA ARG A 3 -12.83 -3.73 -2.23
C ARG A 3 -11.92 -2.58 -2.63
N VAL A 4 -12.29 -1.37 -2.26
CA VAL A 4 -11.48 -0.19 -2.58
C VAL A 4 -11.35 0.74 -1.37
N LEU A 5 -10.11 1.08 -1.04
CA LEU A 5 -9.81 1.96 0.09
C LEU A 5 -9.93 3.42 -0.31
N SER A 6 -10.33 4.26 0.64
CA SER A 6 -10.51 5.69 0.40
C SER A 6 -9.22 6.46 0.66
N ARG A 7 -9.29 7.78 0.48
CA ARG A 7 -8.13 8.64 0.69
C ARG A 7 -7.54 8.42 2.08
N ALA A 8 -8.42 8.16 3.05
CA ALA A 8 -7.99 7.92 4.41
C ALA A 8 -7.13 6.67 4.51
N ASP A 9 -7.56 5.60 3.84
CA ASP A 9 -6.82 4.35 3.86
C ASP A 9 -5.49 4.46 3.12
N LYS A 10 -5.54 4.87 1.85
CA LYS A 10 -4.32 5.00 1.06
C LYS A 10 -3.30 5.86 1.77
N GLU A 11 -3.76 6.97 2.35
CA GLU A 11 -2.89 7.86 3.08
C GLU A 11 -2.40 7.17 4.35
N ARG A 12 -3.20 6.25 4.86
CA ARG A 12 -2.87 5.49 6.06
C ARG A 12 -1.78 4.47 5.76
N LEU A 13 -1.96 3.72 4.67
CA LEU A 13 -1.01 2.72 4.26
C LEU A 13 0.36 3.35 4.02
N LEU A 14 0.34 4.59 3.56
CA LEU A 14 1.55 5.33 3.28
C LEU A 14 2.35 5.61 4.55
N GLU A 15 1.64 5.98 5.61
CA GLU A 15 2.26 6.26 6.90
C GLU A 15 3.04 5.04 7.39
N LEU A 16 2.46 3.87 7.16
CA LEU A 16 3.09 2.62 7.58
C LEU A 16 4.14 2.17 6.58
N LEU A 17 4.09 2.72 5.37
CA LEU A 17 5.03 2.37 4.31
C LEU A 17 6.26 3.27 4.33
N LYS A 18 6.27 4.29 5.18
CA LYS A 18 7.40 5.21 5.24
C LYS A 18 7.65 5.80 3.85
N LEU A 19 6.62 5.71 3.01
CA LEU A 19 6.67 6.19 1.65
C LEU A 19 5.76 7.42 1.50
N PRO A 20 6.36 8.61 1.31
CA PRO A 20 5.59 9.86 1.19
C PRO A 20 4.39 9.76 0.26
N ARG A 21 3.54 10.77 0.32
CA ARG A 21 2.34 10.83 -0.50
C ARG A 21 2.60 11.53 -1.84
N GLN A 22 3.83 12.02 -2.02
CA GLN A 22 4.20 12.72 -3.25
C GLN A 22 4.56 11.76 -4.36
N LEU A 23 5.08 10.60 -3.98
CA LEU A 23 5.48 9.58 -4.95
C LEU A 23 4.46 8.44 -4.99
N TRP A 24 3.28 8.66 -4.42
CA TRP A 24 2.21 7.67 -4.40
C TRP A 24 1.91 7.16 -5.81
N GLY A 25 2.47 6.01 -6.16
CA GLY A 25 2.24 5.44 -7.47
C GLY A 25 3.33 4.48 -7.91
N ASP A 26 4.53 4.65 -7.36
CA ASP A 26 5.67 3.79 -7.70
C ASP A 26 5.54 2.42 -7.04
N PHE A 27 4.92 1.47 -7.77
CA PHE A 27 4.74 0.12 -7.25
C PHE A 27 6.04 -0.47 -6.73
N GLY A 28 7.15 -0.10 -7.37
CA GLY A 28 8.43 -0.61 -6.97
C GLY A 28 8.87 -0.12 -5.60
N ARG A 29 8.52 1.12 -5.28
CA ARG A 29 8.89 1.71 -3.99
C ARG A 29 7.97 1.24 -2.88
N MET A 30 6.66 1.27 -3.13
CA MET A 30 5.68 0.85 -2.13
C MET A 30 5.89 -0.60 -1.71
N GLN A 31 6.05 -1.49 -2.68
CA GLN A 31 6.27 -2.89 -2.39
C GLN A 31 7.58 -3.10 -1.65
N GLN A 32 8.58 -2.28 -2.00
CA GLN A 32 9.89 -2.37 -1.35
C GLN A 32 9.75 -1.97 0.12
N ALA A 33 8.98 -0.92 0.37
CA ALA A 33 8.76 -0.44 1.72
C ALA A 33 7.86 -1.39 2.49
N TYR A 34 6.81 -1.88 1.83
CA TYR A 34 5.86 -2.80 2.44
C TYR A 34 6.60 -3.94 3.14
N LYS A 35 7.61 -4.49 2.46
CA LYS A 35 8.40 -5.59 3.01
C LYS A 35 9.34 -5.09 4.10
N GLN A 36 9.88 -3.89 3.91
CA GLN A 36 10.80 -3.30 4.87
C GLN A 36 10.08 -3.00 6.19
N GLN A 37 8.81 -2.61 6.09
CA GLN A 37 8.01 -2.29 7.26
C GLN A 37 7.31 -3.54 7.79
N SER A 38 7.16 -4.54 6.94
CA SER A 38 6.50 -5.78 7.32
C SER A 38 7.37 -6.56 8.30
N LEU A 39 8.68 -6.42 8.15
CA LEU A 39 9.63 -7.11 9.02
C LEU A 39 9.62 -6.52 10.43
N LEU A 40 9.51 -5.19 10.51
CA LEU A 40 9.49 -4.51 11.79
C LEU A 40 8.08 -4.48 12.37
N LEU A 41 7.09 -4.83 11.56
CA LEU A 41 5.69 -4.84 12.01
C LEU A 41 5.29 -6.22 12.51
N HIS A 42 6.19 -7.20 12.39
CA HIS A 42 5.92 -8.55 12.84
C HIS A 42 6.17 -8.69 14.34
N PRO A 43 5.21 -9.27 15.08
CA PRO A 43 5.31 -9.45 16.53
C PRO A 43 6.67 -10.00 16.97
N ASP A 44 7.33 -10.76 16.10
CA ASP A 44 8.62 -11.35 16.42
C ASP A 44 9.75 -10.31 16.40
N LYS A 45 9.45 -9.12 15.90
CA LYS A 45 10.45 -8.07 15.82
C LYS A 45 10.00 -6.84 16.62
N GLY A 46 9.25 -7.08 17.69
CA GLY A 46 8.78 -5.99 18.52
C GLY A 46 7.80 -5.09 17.79
N GLY A 47 6.71 -5.69 17.30
CA GLY A 47 5.71 -4.91 16.59
C GLY A 47 4.30 -5.25 17.04
N SER A 48 3.33 -4.48 16.55
CA SER A 48 1.93 -4.69 16.90
C SER A 48 1.26 -5.68 15.95
N HIS A 49 0.26 -6.39 16.45
CA HIS A 49 -0.47 -7.36 15.64
C HIS A 49 -1.56 -6.69 14.82
N ALA A 50 -2.05 -5.55 15.32
CA ALA A 50 -3.11 -4.81 14.63
C ALA A 50 -2.55 -4.02 13.45
N LEU A 51 -1.27 -3.66 13.52
CA LEU A 51 -0.64 -2.90 12.46
C LEU A 51 -0.30 -3.81 11.27
N MET A 52 0.33 -4.93 11.56
CA MET A 52 0.71 -5.89 10.52
C MET A 52 -0.50 -6.36 9.73
N GLN A 53 -1.56 -6.72 10.45
CA GLN A 53 -2.79 -7.19 9.83
C GLN A 53 -3.44 -6.08 9.01
N GLU A 54 -3.29 -4.85 9.48
CA GLU A 54 -3.87 -3.69 8.79
C GLU A 54 -3.14 -3.44 7.47
N LEU A 55 -1.83 -3.68 7.49
CA LEU A 55 -1.00 -3.49 6.30
C LEU A 55 -1.49 -4.33 5.14
N ASN A 56 -1.68 -5.63 5.39
CA ASN A 56 -2.13 -6.55 4.35
C ASN A 56 -3.51 -6.16 3.84
N SER A 57 -4.35 -5.65 4.74
CA SER A 57 -5.70 -5.24 4.37
C SER A 57 -5.68 -3.94 3.57
N LEU A 58 -4.78 -3.04 3.95
CA LEU A 58 -4.66 -1.75 3.27
C LEU A 58 -3.85 -1.87 1.99
N TRP A 59 -2.97 -2.86 1.94
CA TRP A 59 -2.14 -3.10 0.77
C TRP A 59 -2.85 -4.03 -0.20
N GLY A 60 -3.72 -4.88 0.36
CA GLY A 60 -4.47 -5.81 -0.46
C GLY A 60 -5.47 -5.12 -1.35
N THR A 61 -6.50 -4.52 -0.76
CA THR A 61 -7.51 -3.80 -1.52
C THR A 61 -6.80 -2.85 -2.46
N PHE A 62 -5.88 -2.11 -1.87
CA PHE A 62 -5.04 -1.17 -2.59
C PHE A 62 -4.51 -1.84 -3.85
N LYS A 63 -3.94 -3.02 -3.64
CA LYS A 63 -3.39 -3.84 -4.69
C LYS A 63 -4.44 -4.13 -5.76
N THR A 64 -5.69 -4.29 -5.34
CA THR A 64 -6.77 -4.55 -6.29
C THR A 64 -6.71 -3.55 -7.43
N GLU A 65 -6.38 -2.31 -7.08
CA GLU A 65 -6.24 -1.25 -8.06
C GLU A 65 -4.84 -1.27 -8.65
N VAL A 66 -3.88 -1.70 -7.83
CA VAL A 66 -2.49 -1.77 -8.26
C VAL A 66 -2.35 -2.60 -9.54
N TYR A 67 -3.09 -3.70 -9.62
CA TYR A 67 -3.04 -4.56 -10.80
C TYR A 67 -3.58 -3.82 -12.01
N ASN A 68 -4.50 -2.89 -11.78
CA ASN A 68 -5.09 -2.13 -12.86
C ASN A 68 -4.31 -0.83 -13.12
N LEU A 69 -3.57 -0.36 -12.11
CA LEU A 69 -2.80 0.87 -12.26
C LEU A 69 -1.80 0.74 -13.41
N ARG A 70 -1.20 -0.44 -13.54
CA ARG A 70 -0.24 -0.69 -14.60
C ARG A 70 -0.92 -1.05 -15.91
N MET A 71 -2.24 -1.04 -15.89
CA MET A 71 -3.03 -1.36 -17.07
C MET A 71 -3.74 -0.12 -17.60
N ASN A 72 -4.06 0.81 -16.71
CA ASN A 72 -4.73 2.05 -17.10
C ASN A 72 -3.72 3.16 -17.37
N LEU A 73 -3.11 3.67 -16.31
CA LEU A 73 -2.13 4.75 -16.43
C LEU A 73 -0.71 4.19 -16.49
N GLY A 74 -0.23 3.67 -15.37
CA GLY A 74 1.11 3.11 -15.33
C GLY A 74 1.99 3.77 -14.29
N GLY A 75 3.20 4.16 -14.68
CA GLY A 75 4.11 4.80 -13.75
C GLY A 75 4.36 6.27 -14.09
N THR A 76 3.28 7.04 -14.13
CA THR A 76 3.39 8.47 -14.44
C THR A 76 2.92 9.32 -13.26
N GLY A 77 1.88 8.85 -12.58
CA GLY A 77 1.34 9.58 -11.44
C GLY A 77 0.82 10.95 -11.82
N PHE A 78 0.43 11.10 -13.08
CA PHE A 78 -0.10 12.37 -13.56
C PHE A 78 -1.60 12.47 -13.31
N GLN A 79 -2.02 13.57 -12.69
CA GLN A 79 -3.43 13.79 -12.40
C GLN A 79 -4.08 14.66 -13.46
N MET A 1 -19.28 -6.77 0.79
CA MET A 1 -19.33 -6.40 -0.65
C MET A 1 -18.41 -5.23 -0.97
N ASP A 2 -18.61 -4.11 -0.26
CA ASP A 2 -17.80 -2.93 -0.47
C ASP A 2 -16.46 -3.06 0.24
N ARG A 3 -15.39 -3.15 -0.54
CA ARG A 3 -14.05 -3.28 0.02
C ARG A 3 -13.05 -2.41 -0.76
N VAL A 4 -13.21 -1.10 -0.64
CA VAL A 4 -12.33 -0.16 -1.33
C VAL A 4 -11.95 1.00 -0.42
N LEU A 5 -10.65 1.23 -0.28
CA LEU A 5 -10.16 2.32 0.55
C LEU A 5 -10.11 3.64 -0.20
N SER A 6 -10.47 4.71 0.50
CA SER A 6 -10.49 6.05 -0.08
C SER A 6 -9.15 6.74 0.06
N ARG A 7 -9.12 8.04 -0.19
CA ARG A 7 -7.89 8.82 -0.10
C ARG A 7 -7.32 8.79 1.32
N ALA A 8 -8.20 8.81 2.30
CA ALA A 8 -7.78 8.78 3.70
C ALA A 8 -7.17 7.44 4.08
N ASP A 9 -7.90 6.36 3.79
CA ASP A 9 -7.43 5.02 4.10
C ASP A 9 -6.11 4.74 3.38
N LYS A 10 -6.08 4.99 2.08
CA LYS A 10 -4.86 4.77 1.30
C LYS A 10 -3.73 5.64 1.84
N GLU A 11 -4.08 6.83 2.31
CA GLU A 11 -3.09 7.74 2.88
C GLU A 11 -2.52 7.13 4.15
N ARG A 12 -3.41 6.47 4.91
CA ARG A 12 -3.02 5.82 6.15
C ARG A 12 -2.05 4.68 5.87
N LEU A 13 -2.23 4.03 4.72
CA LEU A 13 -1.36 2.93 4.32
C LEU A 13 0.07 3.42 4.16
N LEU A 14 0.22 4.58 3.53
CA LEU A 14 1.54 5.16 3.31
C LEU A 14 2.20 5.52 4.63
N GLU A 15 1.41 6.05 5.57
CA GLU A 15 1.92 6.44 6.87
C GLU A 15 2.60 5.26 7.57
N LEU A 16 2.09 4.05 7.31
CA LEU A 16 2.66 2.84 7.90
C LEU A 16 3.84 2.33 7.08
N LEU A 17 3.90 2.75 5.81
CA LEU A 17 4.98 2.33 4.92
C LEU A 17 6.20 3.23 5.06
N LYS A 18 6.09 4.28 5.86
CA LYS A 18 7.21 5.20 6.04
C LYS A 18 7.72 5.69 4.68
N LEU A 19 6.86 5.55 3.67
CA LEU A 19 7.18 5.94 2.32
C LEU A 19 6.36 7.17 1.92
N PRO A 20 7.03 8.26 1.48
CA PRO A 20 6.36 9.51 1.10
C PRO A 20 5.13 9.30 0.22
N ARG A 21 4.31 10.34 0.12
CA ARG A 21 3.10 10.31 -0.70
C ARG A 21 3.39 10.79 -2.11
N GLN A 22 4.54 11.43 -2.29
CA GLN A 22 4.95 11.96 -3.59
C GLN A 22 5.19 10.85 -4.61
N LEU A 23 5.73 9.74 -4.14
CA LEU A 23 6.02 8.61 -5.03
C LEU A 23 4.84 7.63 -5.10
N TRP A 24 3.73 7.99 -4.47
CA TRP A 24 2.52 7.15 -4.46
C TRP A 24 2.13 6.76 -5.89
N GLY A 25 2.46 5.54 -6.28
CA GLY A 25 2.12 5.06 -7.61
C GLY A 25 3.05 3.99 -8.13
N ASP A 26 4.33 4.10 -7.81
CA ASP A 26 5.34 3.13 -8.27
C ASP A 26 5.38 1.91 -7.36
N PHE A 27 4.67 0.85 -7.75
CA PHE A 27 4.63 -0.39 -6.97
C PHE A 27 6.02 -0.78 -6.46
N GLY A 28 7.01 -0.68 -7.33
CA GLY A 28 8.37 -1.02 -6.95
C GLY A 28 8.86 -0.24 -5.75
N ARG A 29 8.56 1.05 -5.72
CA ARG A 29 8.99 1.91 -4.62
C ARG A 29 8.11 1.71 -3.38
N MET A 30 6.80 1.80 -3.57
CA MET A 30 5.86 1.63 -2.47
C MET A 30 6.02 0.25 -1.82
N GLN A 31 6.20 -0.77 -2.65
CA GLN A 31 6.38 -2.13 -2.15
C GLN A 31 7.69 -2.25 -1.40
N GLN A 32 8.69 -1.49 -1.85
CA GLN A 32 10.00 -1.50 -1.21
C GLN A 32 9.88 -1.09 0.24
N ALA A 33 8.94 -0.19 0.51
CA ALA A 33 8.70 0.28 1.86
C ALA A 33 7.88 -0.73 2.65
N TYR A 34 6.81 -1.24 2.02
CA TYR A 34 5.96 -2.23 2.66
C TYR A 34 6.79 -3.42 3.14
N LYS A 35 7.65 -3.92 2.25
CA LYS A 35 8.50 -5.05 2.57
C LYS A 35 9.44 -4.71 3.72
N GLN A 36 9.97 -3.49 3.71
CA GLN A 36 10.88 -3.03 4.75
C GLN A 36 10.12 -2.67 6.02
N GLN A 37 8.84 -2.36 5.86
CA GLN A 37 8.00 -1.99 7.00
C GLN A 37 7.33 -3.22 7.60
N SER A 38 7.20 -4.28 6.79
CA SER A 38 6.60 -5.52 7.26
C SER A 38 7.53 -6.23 8.24
N LEU A 39 8.84 -6.02 8.07
CA LEU A 39 9.83 -6.64 8.92
C LEU A 39 9.74 -6.10 10.35
N LEU A 40 9.35 -4.84 10.49
CA LEU A 40 9.21 -4.24 11.82
C LEU A 40 7.81 -4.46 12.37
N LEU A 41 6.86 -4.80 11.50
CA LEU A 41 5.49 -5.05 11.92
C LEU A 41 5.25 -6.54 12.18
N HIS A 42 6.31 -7.34 12.02
CA HIS A 42 6.23 -8.77 12.25
C HIS A 42 6.52 -9.09 13.72
N PRO A 43 5.81 -10.08 14.30
CA PRO A 43 5.99 -10.47 15.70
C PRO A 43 7.37 -11.06 16.01
N ASP A 44 8.18 -11.25 14.98
CA ASP A 44 9.53 -11.81 15.18
C ASP A 44 10.54 -10.70 15.42
N LYS A 45 10.20 -9.47 15.01
CA LYS A 45 11.07 -8.34 15.19
C LYS A 45 10.50 -7.38 16.23
N GLY A 46 9.75 -7.93 17.18
CA GLY A 46 9.16 -7.11 18.23
C GLY A 46 8.03 -6.24 17.70
N GLY A 47 7.20 -6.79 16.83
CA GLY A 47 6.09 -6.04 16.27
C GLY A 47 4.74 -6.60 16.67
N SER A 48 3.70 -5.81 16.51
CA SER A 48 2.34 -6.23 16.86
C SER A 48 1.66 -6.91 15.66
N HIS A 49 0.82 -7.90 15.96
CA HIS A 49 0.11 -8.63 14.91
C HIS A 49 -1.09 -7.85 14.37
N ALA A 50 -1.61 -6.91 15.16
CA ALA A 50 -2.75 -6.11 14.74
C ALA A 50 -2.35 -5.09 13.68
N LEU A 51 -1.09 -4.68 13.70
CA LEU A 51 -0.58 -3.70 12.75
C LEU A 51 -0.29 -4.35 11.40
N MET A 52 0.46 -5.45 11.44
CA MET A 52 0.82 -6.17 10.22
C MET A 52 -0.42 -6.57 9.43
N GLN A 53 -1.47 -7.01 10.14
CA GLN A 53 -2.70 -7.43 9.49
C GLN A 53 -3.50 -6.23 8.99
N GLU A 54 -3.45 -5.13 9.73
CA GLU A 54 -4.17 -3.92 9.36
C GLU A 54 -3.64 -3.36 8.04
N LEU A 55 -2.33 -3.21 7.96
CA LEU A 55 -1.69 -2.68 6.76
C LEU A 55 -1.93 -3.61 5.57
N ASN A 56 -1.90 -4.92 5.82
CA ASN A 56 -2.12 -5.91 4.77
C ASN A 56 -3.48 -5.72 4.12
N SER A 57 -4.48 -5.38 4.94
CA SER A 57 -5.83 -5.16 4.44
C SER A 57 -5.91 -3.92 3.58
N LEU A 58 -5.06 -2.94 3.87
CA LEU A 58 -5.03 -1.69 3.12
C LEU A 58 -4.13 -1.81 1.89
N TRP A 59 -3.15 -2.71 1.96
CA TRP A 59 -2.23 -2.93 0.85
C TRP A 59 -2.77 -4.01 -0.08
N GLY A 60 -3.70 -4.81 0.43
CA GLY A 60 -4.30 -5.87 -0.38
C GLY A 60 -5.31 -5.32 -1.36
N THR A 61 -6.39 -4.72 -0.85
CA THR A 61 -7.41 -4.14 -1.71
C THR A 61 -6.72 -3.18 -2.66
N PHE A 62 -5.91 -2.32 -2.04
CA PHE A 62 -5.11 -1.35 -2.76
C PHE A 62 -4.47 -2.02 -3.95
N LYS A 63 -3.76 -3.10 -3.67
CA LYS A 63 -3.08 -3.90 -4.67
C LYS A 63 -4.05 -4.33 -5.76
N THR A 64 -5.24 -4.79 -5.36
CA THR A 64 -6.25 -5.20 -6.34
C THR A 64 -6.41 -4.10 -7.37
N GLU A 65 -6.29 -2.86 -6.90
CA GLU A 65 -6.38 -1.69 -7.77
C GLU A 65 -5.02 -1.42 -8.38
N VAL A 66 -3.96 -1.76 -7.66
CA VAL A 66 -2.60 -1.55 -8.12
C VAL A 66 -2.37 -2.21 -9.48
N TYR A 67 -2.89 -3.41 -9.66
CA TYR A 67 -2.73 -4.13 -10.91
C TYR A 67 -3.44 -3.43 -12.06
N ASN A 68 -4.63 -2.90 -11.79
CA ASN A 68 -5.40 -2.20 -12.81
C ASN A 68 -5.02 -0.72 -12.88
N LEU A 69 -4.27 -0.24 -11.90
CA LEU A 69 -3.85 1.16 -11.88
C LEU A 69 -3.02 1.50 -13.11
N ARG A 70 -2.18 0.54 -13.52
CA ARG A 70 -1.32 0.72 -14.68
C ARG A 70 -2.07 0.45 -15.99
N MET A 71 -3.34 0.12 -15.85
CA MET A 71 -4.18 -0.16 -17.01
C MET A 71 -5.28 0.89 -17.16
N ASN A 72 -5.85 1.31 -16.03
CA ASN A 72 -6.90 2.32 -16.04
C ASN A 72 -6.39 3.63 -16.63
N LEU A 73 -7.22 4.25 -17.48
CA LEU A 73 -6.85 5.51 -18.11
C LEU A 73 -7.75 6.64 -17.63
N GLY A 74 -9.04 6.56 -17.97
CA GLY A 74 -9.97 7.58 -17.57
C GLY A 74 -11.23 7.00 -16.95
N GLY A 75 -11.85 6.05 -17.65
CA GLY A 75 -13.05 5.42 -17.15
C GLY A 75 -14.30 5.90 -17.87
N THR A 76 -14.30 5.78 -19.19
CA THR A 76 -15.44 6.21 -19.99
C THR A 76 -16.49 5.12 -20.07
N GLY A 77 -17.60 5.30 -19.35
CA GLY A 77 -18.66 4.31 -19.36
C GLY A 77 -19.20 4.04 -17.98
N PHE A 78 -18.41 3.36 -17.15
CA PHE A 78 -18.82 3.04 -15.79
C PHE A 78 -18.74 4.27 -14.88
N GLN A 79 -19.67 4.37 -13.95
CA GLN A 79 -19.70 5.50 -13.02
C GLN A 79 -18.63 5.34 -11.94
N MET A 1 -19.28 -6.77 0.79
CA MET A 1 -19.33 -6.40 -0.65
C MET A 1 -18.41 -5.23 -0.97
N ASP A 2 -18.61 -4.11 -0.26
CA ASP A 2 -17.80 -2.93 -0.47
C ASP A 2 -16.46 -3.06 0.24
N ARG A 3 -15.39 -3.15 -0.54
CA ARG A 3 -14.05 -3.28 0.02
C ARG A 3 -13.05 -2.41 -0.76
N VAL A 4 -13.21 -1.10 -0.64
CA VAL A 4 -12.33 -0.16 -1.33
C VAL A 4 -11.95 1.00 -0.42
N LEU A 5 -10.65 1.23 -0.28
CA LEU A 5 -10.16 2.32 0.55
C LEU A 5 -10.11 3.64 -0.20
N SER A 6 -10.47 4.71 0.50
CA SER A 6 -10.49 6.05 -0.08
C SER A 6 -9.15 6.74 0.06
N ARG A 7 -9.12 8.04 -0.19
CA ARG A 7 -7.89 8.82 -0.10
C ARG A 7 -7.32 8.79 1.32
N ALA A 8 -8.20 8.81 2.30
CA ALA A 8 -7.78 8.78 3.70
C ALA A 8 -7.17 7.44 4.08
N ASP A 9 -7.90 6.36 3.79
CA ASP A 9 -7.43 5.02 4.10
C ASP A 9 -6.11 4.74 3.38
N LYS A 10 -6.08 4.99 2.08
CA LYS A 10 -4.86 4.77 1.30
C LYS A 10 -3.73 5.64 1.84
N GLU A 11 -4.08 6.83 2.31
CA GLU A 11 -3.09 7.74 2.88
C GLU A 11 -2.52 7.13 4.15
N ARG A 12 -3.41 6.47 4.91
CA ARG A 12 -3.02 5.82 6.15
C ARG A 12 -2.05 4.68 5.87
N LEU A 13 -2.23 4.03 4.72
CA LEU A 13 -1.36 2.93 4.32
C LEU A 13 0.07 3.42 4.16
N LEU A 14 0.22 4.58 3.53
CA LEU A 14 1.54 5.16 3.31
C LEU A 14 2.20 5.52 4.63
N GLU A 15 1.41 6.05 5.57
CA GLU A 15 1.92 6.44 6.87
C GLU A 15 2.60 5.26 7.57
N LEU A 16 2.09 4.05 7.31
CA LEU A 16 2.66 2.84 7.90
C LEU A 16 3.84 2.33 7.08
N LEU A 17 3.90 2.75 5.81
CA LEU A 17 4.98 2.33 4.92
C LEU A 17 6.20 3.23 5.06
N LYS A 18 6.09 4.28 5.86
CA LYS A 18 7.21 5.20 6.04
C LYS A 18 7.72 5.69 4.68
N LEU A 19 6.86 5.55 3.67
CA LEU A 19 7.18 5.94 2.32
C LEU A 19 6.36 7.17 1.92
N PRO A 20 7.03 8.26 1.48
CA PRO A 20 6.36 9.51 1.10
C PRO A 20 5.13 9.30 0.22
N ARG A 21 4.31 10.34 0.12
CA ARG A 21 3.10 10.31 -0.70
C ARG A 21 3.39 10.79 -2.11
N GLN A 22 4.54 11.43 -2.29
CA GLN A 22 4.95 11.96 -3.59
C GLN A 22 5.19 10.85 -4.61
N LEU A 23 5.73 9.74 -4.14
CA LEU A 23 6.02 8.61 -5.03
C LEU A 23 4.84 7.63 -5.10
N TRP A 24 3.73 7.99 -4.47
CA TRP A 24 2.52 7.15 -4.46
C TRP A 24 2.13 6.76 -5.89
N GLY A 25 2.46 5.54 -6.28
CA GLY A 25 2.12 5.06 -7.61
C GLY A 25 3.05 3.99 -8.13
N ASP A 26 4.33 4.10 -7.81
CA ASP A 26 5.34 3.13 -8.27
C ASP A 26 5.38 1.91 -7.36
N PHE A 27 4.67 0.85 -7.75
CA PHE A 27 4.63 -0.39 -6.97
C PHE A 27 6.02 -0.78 -6.46
N GLY A 28 7.01 -0.68 -7.33
CA GLY A 28 8.37 -1.02 -6.95
C GLY A 28 8.86 -0.24 -5.75
N ARG A 29 8.56 1.05 -5.72
CA ARG A 29 8.99 1.91 -4.62
C ARG A 29 8.11 1.71 -3.38
N MET A 30 6.80 1.80 -3.57
CA MET A 30 5.86 1.63 -2.47
C MET A 30 6.02 0.25 -1.82
N GLN A 31 6.20 -0.77 -2.65
CA GLN A 31 6.38 -2.13 -2.15
C GLN A 31 7.69 -2.25 -1.40
N GLN A 32 8.69 -1.49 -1.85
CA GLN A 32 10.00 -1.50 -1.21
C GLN A 32 9.88 -1.09 0.24
N ALA A 33 8.94 -0.19 0.51
CA ALA A 33 8.70 0.28 1.86
C ALA A 33 7.88 -0.73 2.65
N TYR A 34 6.81 -1.24 2.02
CA TYR A 34 5.96 -2.23 2.66
C TYR A 34 6.79 -3.42 3.14
N LYS A 35 7.65 -3.92 2.25
CA LYS A 35 8.50 -5.05 2.57
C LYS A 35 9.44 -4.71 3.72
N GLN A 36 9.97 -3.49 3.71
CA GLN A 36 10.88 -3.03 4.75
C GLN A 36 10.12 -2.67 6.02
N GLN A 37 8.84 -2.36 5.86
CA GLN A 37 8.00 -1.99 7.00
C GLN A 37 7.33 -3.22 7.60
N SER A 38 7.20 -4.28 6.79
CA SER A 38 6.60 -5.52 7.26
C SER A 38 7.53 -6.23 8.24
N LEU A 39 8.84 -6.02 8.07
CA LEU A 39 9.83 -6.64 8.92
C LEU A 39 9.74 -6.10 10.35
N LEU A 40 9.35 -4.84 10.49
CA LEU A 40 9.21 -4.24 11.82
C LEU A 40 7.81 -4.46 12.37
N LEU A 41 6.86 -4.80 11.50
CA LEU A 41 5.49 -5.05 11.92
C LEU A 41 5.25 -6.54 12.18
N HIS A 42 6.31 -7.34 12.02
CA HIS A 42 6.23 -8.77 12.25
C HIS A 42 6.52 -9.09 13.72
N PRO A 43 5.81 -10.08 14.30
CA PRO A 43 5.99 -10.47 15.70
C PRO A 43 7.37 -11.06 16.01
N ASP A 44 8.18 -11.25 14.98
CA ASP A 44 9.53 -11.81 15.18
C ASP A 44 10.54 -10.70 15.42
N LYS A 45 10.20 -9.47 15.01
CA LYS A 45 11.07 -8.34 15.19
C LYS A 45 10.50 -7.38 16.23
N GLY A 46 9.75 -7.93 17.18
CA GLY A 46 9.16 -7.11 18.23
C GLY A 46 8.03 -6.24 17.70
N GLY A 47 7.20 -6.79 16.83
CA GLY A 47 6.09 -6.04 16.27
C GLY A 47 4.74 -6.60 16.67
N SER A 48 3.70 -5.81 16.51
CA SER A 48 2.34 -6.23 16.86
C SER A 48 1.66 -6.91 15.66
N HIS A 49 0.82 -7.90 15.96
CA HIS A 49 0.11 -8.63 14.91
C HIS A 49 -1.09 -7.85 14.37
N ALA A 50 -1.61 -6.91 15.16
CA ALA A 50 -2.75 -6.11 14.74
C ALA A 50 -2.35 -5.09 13.68
N LEU A 51 -1.09 -4.68 13.70
CA LEU A 51 -0.58 -3.70 12.75
C LEU A 51 -0.29 -4.35 11.40
N MET A 52 0.46 -5.45 11.44
CA MET A 52 0.82 -6.17 10.22
C MET A 52 -0.42 -6.57 9.43
N GLN A 53 -1.47 -7.01 10.14
CA GLN A 53 -2.70 -7.43 9.49
C GLN A 53 -3.50 -6.23 8.99
N GLU A 54 -3.45 -5.13 9.73
CA GLU A 54 -4.17 -3.92 9.36
C GLU A 54 -3.64 -3.36 8.04
N LEU A 55 -2.33 -3.21 7.96
CA LEU A 55 -1.69 -2.68 6.76
C LEU A 55 -1.93 -3.61 5.57
N ASN A 56 -1.90 -4.92 5.82
CA ASN A 56 -2.12 -5.91 4.77
C ASN A 56 -3.48 -5.72 4.12
N SER A 57 -4.48 -5.38 4.94
CA SER A 57 -5.83 -5.16 4.44
C SER A 57 -5.91 -3.92 3.58
N LEU A 58 -5.06 -2.94 3.87
CA LEU A 58 -5.03 -1.69 3.12
C LEU A 58 -4.13 -1.81 1.89
N TRP A 59 -3.15 -2.71 1.96
CA TRP A 59 -2.23 -2.93 0.85
C TRP A 59 -2.77 -4.01 -0.08
N GLY A 60 -3.70 -4.81 0.43
CA GLY A 60 -4.30 -5.87 -0.38
C GLY A 60 -5.31 -5.32 -1.36
N THR A 61 -6.39 -4.72 -0.85
CA THR A 61 -7.41 -4.14 -1.71
C THR A 61 -6.72 -3.18 -2.66
N PHE A 62 -5.91 -2.32 -2.04
CA PHE A 62 -5.11 -1.35 -2.76
C PHE A 62 -4.47 -2.02 -3.95
N LYS A 63 -3.76 -3.10 -3.67
CA LYS A 63 -3.08 -3.90 -4.67
C LYS A 63 -4.05 -4.33 -5.76
N THR A 64 -5.24 -4.79 -5.36
CA THR A 64 -6.25 -5.20 -6.34
C THR A 64 -6.41 -4.10 -7.37
N GLU A 65 -6.29 -2.86 -6.90
CA GLU A 65 -6.38 -1.69 -7.77
C GLU A 65 -5.02 -1.42 -8.38
N VAL A 66 -3.96 -1.76 -7.66
CA VAL A 66 -2.60 -1.55 -8.12
C VAL A 66 -2.37 -2.21 -9.48
N TYR A 67 -2.89 -3.41 -9.66
CA TYR A 67 -2.73 -4.13 -10.91
C TYR A 67 -3.44 -3.43 -12.06
N ASN A 68 -4.63 -2.90 -11.79
CA ASN A 68 -5.40 -2.20 -12.81
C ASN A 68 -5.02 -0.72 -12.88
N LEU A 69 -4.27 -0.24 -11.90
CA LEU A 69 -3.85 1.16 -11.88
C LEU A 69 -3.02 1.50 -13.11
N ARG A 70 -2.18 0.54 -13.52
CA ARG A 70 -1.32 0.72 -14.68
C ARG A 70 -2.07 0.45 -15.99
N MET A 71 -3.34 0.12 -15.85
CA MET A 71 -4.18 -0.16 -17.01
C MET A 71 -5.28 0.89 -17.16
N ASN A 72 -5.85 1.31 -16.03
CA ASN A 72 -6.90 2.32 -16.04
C ASN A 72 -6.39 3.63 -16.63
N LEU A 73 -7.22 4.25 -17.48
CA LEU A 73 -6.85 5.51 -18.11
C LEU A 73 -7.75 6.64 -17.63
N GLY A 74 -9.04 6.56 -17.97
CA GLY A 74 -9.97 7.58 -17.57
C GLY A 74 -11.23 7.00 -16.95
N GLY A 75 -11.85 6.05 -17.65
CA GLY A 75 -13.05 5.42 -17.15
C GLY A 75 -14.30 5.90 -17.87
N THR A 76 -14.30 5.78 -19.19
CA THR A 76 -15.44 6.21 -19.99
C THR A 76 -16.49 5.12 -20.07
N GLY A 77 -17.60 5.30 -19.35
CA GLY A 77 -18.66 4.31 -19.36
C GLY A 77 -19.20 4.04 -17.98
N PHE A 78 -18.41 3.36 -17.15
CA PHE A 78 -18.82 3.04 -15.79
C PHE A 78 -18.74 4.27 -14.88
N GLN A 79 -19.67 4.37 -13.95
CA GLN A 79 -19.70 5.50 -13.02
C GLN A 79 -18.63 5.34 -11.94
N MET A 1 -17.91 -8.21 -4.29
CA MET A 1 -18.17 -7.06 -3.40
C MET A 1 -17.17 -5.93 -3.66
N ASP A 2 -17.67 -4.70 -3.70
CA ASP A 2 -16.81 -3.54 -3.93
C ASP A 2 -15.78 -3.41 -2.80
N ARG A 3 -14.50 -3.40 -3.18
CA ARG A 3 -13.43 -3.28 -2.20
C ARG A 3 -12.45 -2.18 -2.59
N VAL A 4 -12.86 -0.93 -2.40
CA VAL A 4 -12.01 0.21 -2.73
C VAL A 4 -11.73 1.05 -1.49
N LEU A 5 -10.47 1.41 -1.31
CA LEU A 5 -10.05 2.20 -0.16
C LEU A 5 -10.12 3.69 -0.47
N SER A 6 -10.44 4.49 0.55
CA SER A 6 -10.55 5.94 0.39
C SER A 6 -9.22 6.64 0.64
N ARG A 7 -9.27 7.96 0.67
CA ARG A 7 -8.07 8.78 0.90
C ARG A 7 -7.45 8.45 2.24
N ALA A 8 -8.28 8.07 3.21
CA ALA A 8 -7.80 7.73 4.54
C ALA A 8 -7.04 6.41 4.55
N ASP A 9 -7.53 5.46 3.76
CA ASP A 9 -6.90 4.15 3.68
C ASP A 9 -5.50 4.24 3.05
N LYS A 10 -5.45 4.73 1.81
CA LYS A 10 -4.18 4.87 1.10
C LYS A 10 -3.24 5.78 1.88
N GLU A 11 -3.80 6.83 2.47
CA GLU A 11 -3.02 7.76 3.27
C GLU A 11 -2.44 7.05 4.48
N ARG A 12 -3.26 6.20 5.10
CA ARG A 12 -2.83 5.44 6.27
C ARG A 12 -1.77 4.41 5.89
N LEU A 13 -1.96 3.78 4.72
CA LEU A 13 -1.03 2.79 4.23
C LEU A 13 0.33 3.41 3.97
N LEU A 14 0.32 4.69 3.56
CA LEU A 14 1.54 5.41 3.27
C LEU A 14 2.32 5.69 4.56
N GLU A 15 1.61 6.02 5.63
CA GLU A 15 2.23 6.29 6.91
C GLU A 15 3.11 5.12 7.35
N LEU A 16 2.56 3.92 7.24
CA LEU A 16 3.29 2.71 7.61
C LEU A 16 4.32 2.34 6.56
N LEU A 17 4.19 2.93 5.37
CA LEU A 17 5.11 2.67 4.27
C LEU A 17 6.29 3.62 4.27
N LYS A 18 6.23 4.67 5.09
CA LYS A 18 7.32 5.64 5.13
C LYS A 18 7.57 6.17 3.71
N LEU A 19 6.59 6.02 2.85
CA LEU A 19 6.65 6.44 1.47
C LEU A 19 5.72 7.62 1.24
N PRO A 20 6.29 8.82 0.99
CA PRO A 20 5.50 10.04 0.78
C PRO A 20 4.34 9.84 -0.20
N ARG A 21 3.44 10.82 -0.22
CA ARG A 21 2.29 10.79 -1.10
C ARG A 21 2.61 11.44 -2.45
N GLN A 22 3.81 11.97 -2.58
CA GLN A 22 4.25 12.64 -3.81
C GLN A 22 4.63 11.62 -4.87
N LEU A 23 5.17 10.50 -4.42
CA LEU A 23 5.58 9.44 -5.33
C LEU A 23 4.58 8.29 -5.34
N TRP A 24 3.41 8.52 -4.75
CA TRP A 24 2.35 7.52 -4.68
C TRP A 24 1.98 7.03 -6.08
N GLY A 25 2.62 5.94 -6.51
CA GLY A 25 2.33 5.40 -7.83
C GLY A 25 3.36 4.37 -8.26
N ASP A 26 4.60 4.56 -7.82
CA ASP A 26 5.69 3.65 -8.15
C ASP A 26 5.56 2.34 -7.38
N PHE A 27 4.95 1.34 -8.01
CA PHE A 27 4.76 0.04 -7.38
C PHE A 27 6.07 -0.53 -6.85
N GLY A 28 7.16 -0.19 -7.51
CA GLY A 28 8.47 -0.69 -7.10
C GLY A 28 8.95 -0.09 -5.79
N ARG A 29 8.67 1.19 -5.58
CA ARG A 29 9.10 1.87 -4.36
C ARG A 29 8.16 1.58 -3.19
N MET A 30 6.87 1.48 -3.47
CA MET A 30 5.89 1.21 -2.43
C MET A 30 6.09 -0.18 -1.83
N GLN A 31 6.25 -1.18 -2.70
CA GLN A 31 6.46 -2.54 -2.24
C GLN A 31 7.76 -2.66 -1.46
N GLN A 32 8.78 -1.94 -1.92
CA GLN A 32 10.08 -1.95 -1.26
C GLN A 32 9.95 -1.49 0.19
N ALA A 33 9.00 -0.59 0.42
CA ALA A 33 8.75 -0.06 1.75
C ALA A 33 7.87 -1.01 2.55
N TYR A 34 6.86 -1.57 1.89
CA TYR A 34 5.94 -2.51 2.55
C TYR A 34 6.71 -3.68 3.16
N LYS A 35 7.59 -4.27 2.36
CA LYS A 35 8.39 -5.40 2.81
C LYS A 35 9.34 -4.97 3.93
N GLN A 36 9.93 -3.80 3.78
CA GLN A 36 10.85 -3.26 4.79
C GLN A 36 10.15 -3.11 6.13
N GLN A 37 8.98 -2.49 6.11
CA GLN A 37 8.21 -2.26 7.33
C GLN A 37 7.45 -3.52 7.74
N SER A 38 7.29 -4.45 6.80
CA SER A 38 6.59 -5.69 7.08
C SER A 38 7.44 -6.55 8.02
N LEU A 39 8.75 -6.40 7.93
CA LEU A 39 9.68 -7.15 8.76
C LEU A 39 9.56 -6.72 10.22
N LEU A 40 9.45 -5.41 10.44
CA LEU A 40 9.33 -4.86 11.78
C LEU A 40 7.90 -5.01 12.31
N LEU A 41 6.97 -5.38 11.43
CA LEU A 41 5.58 -5.56 11.82
C LEU A 41 5.27 -7.03 12.14
N HIS A 42 6.28 -7.89 11.99
CA HIS A 42 6.12 -9.32 12.27
C HIS A 42 6.21 -9.58 13.77
N PRO A 43 5.40 -10.52 14.29
CA PRO A 43 5.38 -10.84 15.72
C PRO A 43 6.70 -11.39 16.26
N ASP A 44 7.62 -11.74 15.36
CA ASP A 44 8.92 -12.26 15.79
C ASP A 44 9.92 -11.14 16.02
N LYS A 45 9.68 -10.00 15.37
CA LYS A 45 10.56 -8.85 15.50
C LYS A 45 9.94 -7.79 16.41
N GLY A 46 9.10 -8.24 17.33
CA GLY A 46 8.46 -7.32 18.26
C GLY A 46 7.33 -6.54 17.61
N GLY A 47 6.73 -7.11 16.58
CA GLY A 47 5.64 -6.45 15.90
C GLY A 47 4.29 -6.77 16.50
N SER A 48 3.30 -5.93 16.23
CA SER A 48 1.95 -6.14 16.75
C SER A 48 1.11 -6.98 15.80
N HIS A 49 0.10 -7.64 16.33
CA HIS A 49 -0.78 -8.48 15.52
C HIS A 49 -1.86 -7.65 14.83
N ALA A 50 -2.40 -6.68 15.56
CA ALA A 50 -3.45 -5.81 15.02
C ALA A 50 -2.89 -4.91 13.92
N LEU A 51 -1.60 -4.59 14.02
CA LEU A 51 -0.96 -3.72 13.04
C LEU A 51 -0.69 -4.47 11.73
N MET A 52 -0.06 -5.64 11.84
CA MET A 52 0.25 -6.45 10.67
C MET A 52 -0.98 -6.65 9.78
N GLN A 53 -2.16 -6.62 10.39
CA GLN A 53 -3.41 -6.80 9.66
C GLN A 53 -3.85 -5.49 9.01
N GLU A 54 -3.63 -4.39 9.72
CA GLU A 54 -4.01 -3.07 9.22
C GLU A 54 -3.32 -2.77 7.89
N LEU A 55 -2.00 -2.87 7.88
CA LEU A 55 -1.22 -2.60 6.67
C LEU A 55 -1.51 -3.63 5.59
N ASN A 56 -1.68 -4.88 5.98
CA ASN A 56 -1.96 -5.95 5.03
C ASN A 56 -3.31 -5.73 4.35
N SER A 57 -4.31 -5.36 5.14
CA SER A 57 -5.64 -5.11 4.61
C SER A 57 -5.65 -3.86 3.73
N LEU A 58 -4.74 -2.95 4.03
CA LEU A 58 -4.63 -1.70 3.27
C LEU A 58 -3.87 -1.91 1.97
N TRP A 59 -2.96 -2.88 1.97
CA TRP A 59 -2.16 -3.18 0.78
C TRP A 59 -2.91 -4.16 -0.12
N GLY A 60 -3.81 -4.94 0.48
CA GLY A 60 -4.59 -5.90 -0.27
C GLY A 60 -5.60 -5.22 -1.18
N THR A 61 -6.58 -4.54 -0.59
CA THR A 61 -7.59 -3.84 -1.38
C THR A 61 -6.87 -2.96 -2.38
N PHE A 62 -5.89 -2.27 -1.85
CA PHE A 62 -5.02 -1.39 -2.63
C PHE A 62 -4.51 -2.15 -3.84
N LYS A 63 -3.95 -3.31 -3.56
CA LYS A 63 -3.40 -4.18 -4.59
C LYS A 63 -4.42 -4.44 -5.68
N THR A 64 -5.69 -4.64 -5.31
CA THR A 64 -6.74 -4.86 -6.29
C THR A 64 -6.67 -3.77 -7.35
N GLU A 65 -6.37 -2.56 -6.89
CA GLU A 65 -6.23 -1.42 -7.78
C GLU A 65 -4.83 -1.40 -8.37
N VAL A 66 -3.86 -1.89 -7.58
CA VAL A 66 -2.48 -1.94 -8.02
C VAL A 66 -2.36 -2.63 -9.37
N TYR A 67 -2.99 -3.79 -9.50
CA TYR A 67 -2.97 -4.53 -10.76
C TYR A 67 -3.44 -3.63 -11.90
N ASN A 68 -4.27 -2.66 -11.57
CA ASN A 68 -4.80 -1.72 -12.55
C ASN A 68 -3.90 -0.49 -12.68
N LEU A 69 -3.17 -0.16 -11.61
CA LEU A 69 -2.28 0.99 -11.61
C LEU A 69 -1.04 0.74 -12.46
N ARG A 70 -0.83 -0.51 -12.87
CA ARG A 70 0.32 -0.87 -13.69
C ARG A 70 0.25 -0.26 -15.09
N MET A 71 -0.81 0.48 -15.34
CA MET A 71 -1.02 1.12 -16.63
C MET A 71 -0.91 2.64 -16.51
N ASN A 72 -1.59 3.20 -15.52
CA ASN A 72 -1.55 4.65 -15.29
C ASN A 72 -0.25 5.07 -14.61
N LEU A 73 0.30 6.19 -15.06
CA LEU A 73 1.55 6.70 -14.50
C LEU A 73 1.26 7.76 -13.43
N GLY A 74 0.07 7.73 -12.85
CA GLY A 74 -0.29 8.69 -11.83
C GLY A 74 -1.75 9.08 -11.90
N GLY A 75 -2.22 9.78 -10.87
CA GLY A 75 -3.61 10.21 -10.83
C GLY A 75 -3.84 11.39 -9.93
N THR A 76 -4.97 11.38 -9.22
CA THR A 76 -5.31 12.46 -8.30
C THR A 76 -4.36 12.50 -7.10
N GLY A 77 -4.16 13.68 -6.55
CA GLY A 77 -3.29 13.83 -5.40
C GLY A 77 -3.89 14.70 -4.32
N PHE A 78 -4.23 15.94 -4.67
CA PHE A 78 -4.83 16.87 -3.73
C PHE A 78 -6.28 16.50 -3.44
N GLN A 79 -6.72 16.78 -2.23
CA GLN A 79 -8.09 16.48 -1.83
C GLN A 79 -9.01 17.67 -2.07
N MET A 1 -19.00 -6.56 -1.56
CA MET A 1 -18.32 -7.22 -2.70
C MET A 1 -17.07 -6.44 -3.10
N ASP A 2 -17.28 -5.27 -3.69
CA ASP A 2 -16.17 -4.44 -4.14
C ASP A 2 -15.24 -4.11 -2.96
N ARG A 3 -14.03 -3.66 -3.26
CA ARG A 3 -13.07 -3.34 -2.21
C ARG A 3 -12.20 -2.14 -2.62
N VAL A 4 -12.65 -0.94 -2.28
CA VAL A 4 -11.90 0.27 -2.60
C VAL A 4 -11.64 1.11 -1.36
N LEU A 5 -10.39 1.47 -1.14
CA LEU A 5 -9.99 2.27 0.02
C LEU A 5 -10.05 3.76 -0.30
N SER A 6 -10.44 4.55 0.70
CA SER A 6 -10.54 6.00 0.53
C SER A 6 -9.22 6.69 0.86
N ARG A 7 -9.23 8.02 0.86
CA ARG A 7 -8.04 8.79 1.16
C ARG A 7 -7.47 8.43 2.54
N ALA A 8 -8.36 8.17 3.47
CA ALA A 8 -7.95 7.82 4.83
C ALA A 8 -7.18 6.50 4.84
N ASP A 9 -7.62 5.57 4.00
CA ASP A 9 -6.97 4.26 3.91
C ASP A 9 -5.58 4.38 3.28
N LYS A 10 -5.53 4.91 2.06
CA LYS A 10 -4.25 5.06 1.36
C LYS A 10 -3.29 5.91 2.18
N GLU A 11 -3.82 6.95 2.82
CA GLU A 11 -2.99 7.83 3.65
C GLU A 11 -2.39 7.05 4.81
N ARG A 12 -3.19 6.18 5.41
CA ARG A 12 -2.72 5.37 6.53
C ARG A 12 -1.73 4.32 6.03
N LEU A 13 -1.91 3.90 4.79
CA LEU A 13 -1.04 2.92 4.17
C LEU A 13 0.34 3.51 3.93
N LEU A 14 0.36 4.81 3.62
CA LEU A 14 1.61 5.52 3.37
C LEU A 14 2.35 5.78 4.67
N GLU A 15 1.61 6.16 5.70
CA GLU A 15 2.20 6.45 7.01
C GLU A 15 2.99 5.25 7.52
N LEU A 16 2.46 4.06 7.26
CA LEU A 16 3.12 2.82 7.67
C LEU A 16 4.15 2.39 6.64
N LEU A 17 4.03 2.91 5.42
CA LEU A 17 4.93 2.57 4.34
C LEU A 17 6.15 3.49 4.33
N LYS A 18 6.13 4.53 5.16
CA LYS A 18 7.24 5.48 5.19
C LYS A 18 7.51 6.02 3.79
N LEU A 19 6.52 5.89 2.93
CA LEU A 19 6.59 6.33 1.55
C LEU A 19 5.70 7.56 1.35
N PRO A 20 6.32 8.75 1.16
CA PRO A 20 5.59 10.00 0.98
C PRO A 20 4.48 9.90 -0.06
N ARG A 21 3.65 10.95 -0.11
CA ARG A 21 2.55 11.01 -1.07
C ARG A 21 3.00 11.68 -2.37
N GLN A 22 4.25 12.13 -2.39
CA GLN A 22 4.80 12.79 -3.57
C GLN A 22 5.15 11.77 -4.65
N LEU A 23 5.54 10.58 -4.22
CA LEU A 23 5.89 9.51 -5.13
C LEU A 23 4.82 8.42 -5.15
N TRP A 24 3.65 8.74 -4.61
CA TRP A 24 2.53 7.81 -4.57
C TRP A 24 2.14 7.34 -5.97
N GLY A 25 2.64 6.17 -6.36
CA GLY A 25 2.33 5.64 -7.69
C GLY A 25 3.32 4.60 -8.16
N ASP A 26 4.55 4.68 -7.65
CA ASP A 26 5.60 3.73 -8.02
C ASP A 26 5.44 2.41 -7.28
N PHE A 27 4.88 1.41 -7.96
CA PHE A 27 4.67 0.09 -7.36
C PHE A 27 5.96 -0.46 -6.76
N GLY A 28 7.05 -0.31 -7.49
CA GLY A 28 8.33 -0.82 -7.02
C GLY A 28 8.76 -0.23 -5.69
N ARG A 29 8.40 1.02 -5.44
CA ARG A 29 8.76 1.69 -4.20
C ARG A 29 7.81 1.33 -3.06
N MET A 30 6.52 1.40 -3.31
CA MET A 30 5.52 1.09 -2.29
C MET A 30 5.70 -0.34 -1.78
N GLN A 31 6.00 -1.27 -2.69
CA GLN A 31 6.19 -2.66 -2.32
C GLN A 31 7.52 -2.82 -1.56
N GLN A 32 8.52 -2.05 -1.97
CA GLN A 32 9.83 -2.10 -1.33
C GLN A 32 9.72 -1.65 0.11
N ALA A 33 8.83 -0.69 0.36
CA ALA A 33 8.61 -0.17 1.70
C ALA A 33 7.71 -1.10 2.51
N TYR A 34 6.68 -1.63 1.84
CA TYR A 34 5.74 -2.54 2.50
C TYR A 34 6.48 -3.69 3.16
N LYS A 35 7.45 -4.25 2.45
CA LYS A 35 8.25 -5.36 2.97
C LYS A 35 9.20 -4.86 4.05
N GLN A 36 9.76 -3.67 3.83
CA GLN A 36 10.69 -3.08 4.79
C GLN A 36 10.02 -2.87 6.13
N GLN A 37 8.75 -2.49 6.10
CA GLN A 37 7.99 -2.24 7.32
C GLN A 37 7.31 -3.53 7.79
N SER A 38 7.16 -4.49 6.89
CA SER A 38 6.53 -5.76 7.22
C SER A 38 7.42 -6.56 8.17
N LEU A 39 8.73 -6.35 8.06
CA LEU A 39 9.69 -7.06 8.90
C LEU A 39 9.64 -6.54 10.34
N LEU A 40 9.37 -5.24 10.48
CA LEU A 40 9.30 -4.63 11.81
C LEU A 40 7.91 -4.79 12.41
N LEU A 41 6.94 -5.11 11.57
CA LEU A 41 5.56 -5.30 12.02
C LEU A 41 5.27 -6.78 12.29
N HIS A 42 6.24 -7.64 11.99
CA HIS A 42 6.08 -9.07 12.20
C HIS A 42 6.30 -9.42 13.67
N PRO A 43 5.31 -10.07 14.32
CA PRO A 43 5.39 -10.45 15.73
C PRO A 43 6.74 -11.05 16.13
N ASP A 44 7.42 -11.66 15.16
CA ASP A 44 8.72 -12.27 15.43
C ASP A 44 9.79 -11.23 15.74
N LYS A 45 9.47 -9.96 15.49
CA LYS A 45 10.41 -8.88 15.75
C LYS A 45 9.85 -7.91 16.77
N GLY A 46 9.01 -8.41 17.66
CA GLY A 46 8.41 -7.57 18.69
C GLY A 46 7.34 -6.64 18.15
N GLY A 47 6.84 -6.94 16.95
CA GLY A 47 5.81 -6.12 16.36
C GLY A 47 4.42 -6.54 16.77
N SER A 48 3.44 -5.66 16.57
CA SER A 48 2.06 -5.96 16.93
C SER A 48 1.34 -6.67 15.79
N HIS A 49 0.34 -7.47 16.14
CA HIS A 49 -0.44 -8.22 15.16
C HIS A 49 -1.46 -7.33 14.47
N ALA A 50 -2.12 -6.48 15.26
CA ALA A 50 -3.13 -5.56 14.74
C ALA A 50 -2.55 -4.64 13.66
N LEU A 51 -1.28 -4.26 13.83
CA LEU A 51 -0.63 -3.39 12.87
C LEU A 51 -0.34 -4.12 11.55
N MET A 52 0.33 -5.27 11.67
CA MET A 52 0.68 -6.07 10.50
C MET A 52 -0.56 -6.43 9.69
N GLN A 53 -1.61 -6.88 10.36
CA GLN A 53 -2.84 -7.25 9.69
C GLN A 53 -3.53 -6.05 9.06
N GLU A 54 -3.29 -4.87 9.63
CA GLU A 54 -3.88 -3.64 9.12
C GLU A 54 -3.32 -3.31 7.74
N LEU A 55 -2.00 -3.22 7.65
CA LEU A 55 -1.33 -2.92 6.39
C LEU A 55 -1.72 -3.90 5.31
N ASN A 56 -1.82 -5.18 5.68
CA ASN A 56 -2.20 -6.23 4.73
C ASN A 56 -3.56 -5.92 4.11
N SER A 57 -4.43 -5.30 4.88
CA SER A 57 -5.76 -4.95 4.41
C SER A 57 -5.72 -3.69 3.55
N LEU A 58 -4.78 -2.80 3.87
CA LEU A 58 -4.64 -1.55 3.13
C LEU A 58 -3.85 -1.78 1.84
N TRP A 59 -2.96 -2.76 1.86
CA TRP A 59 -2.15 -3.08 0.69
C TRP A 59 -2.89 -4.10 -0.18
N GLY A 60 -3.84 -4.83 0.42
CA GLY A 60 -4.61 -5.81 -0.30
C GLY A 60 -5.61 -5.16 -1.24
N THR A 61 -6.58 -4.44 -0.66
CA THR A 61 -7.59 -3.76 -1.47
C THR A 61 -6.87 -2.90 -2.48
N PHE A 62 -5.94 -2.12 -1.95
CA PHE A 62 -5.09 -1.24 -2.74
C PHE A 62 -4.57 -1.99 -3.95
N LYS A 63 -4.03 -3.17 -3.67
CA LYS A 63 -3.48 -4.04 -4.70
C LYS A 63 -4.50 -4.32 -5.79
N THR A 64 -5.77 -4.44 -5.41
CA THR A 64 -6.82 -4.69 -6.39
C THR A 64 -6.67 -3.73 -7.56
N GLU A 65 -6.32 -2.49 -7.23
CA GLU A 65 -6.10 -1.47 -8.23
C GLU A 65 -4.67 -1.55 -8.76
N VAL A 66 -3.75 -1.99 -7.90
CA VAL A 66 -2.35 -2.12 -8.27
C VAL A 66 -2.17 -3.01 -9.50
N TYR A 67 -2.93 -4.10 -9.55
CA TYR A 67 -2.86 -5.00 -10.69
C TYR A 67 -3.31 -4.30 -11.97
N ASN A 68 -4.23 -3.34 -11.81
CA ASN A 68 -4.74 -2.59 -12.95
C ASN A 68 -3.91 -1.33 -13.21
N LEU A 69 -3.19 -0.87 -12.19
CA LEU A 69 -2.37 0.34 -12.34
C LEU A 69 -1.33 0.16 -13.44
N ARG A 70 -0.89 -1.08 -13.63
CA ARG A 70 0.11 -1.39 -14.66
C ARG A 70 -0.51 -1.39 -16.05
N MET A 71 -1.79 -1.12 -16.12
CA MET A 71 -2.52 -1.08 -17.38
C MET A 71 -3.05 0.32 -17.67
N ASN A 72 -3.10 1.16 -16.65
CA ASN A 72 -3.60 2.52 -16.80
C ASN A 72 -2.55 3.42 -17.47
N LEU A 73 -2.10 3.01 -18.66
CA LEU A 73 -1.11 3.76 -19.40
C LEU A 73 -1.77 4.73 -20.38
N GLY A 74 -2.08 5.93 -19.90
CA GLY A 74 -2.71 6.92 -20.73
C GLY A 74 -1.79 7.42 -21.83
N GLY A 75 -1.99 6.92 -23.05
CA GLY A 75 -1.16 7.35 -24.17
C GLY A 75 -1.54 6.65 -25.46
N THR A 76 -2.68 7.04 -26.02
CA THR A 76 -3.15 6.45 -27.27
C THR A 76 -2.24 6.85 -28.44
N GLY A 77 -1.81 5.86 -29.21
CA GLY A 77 -0.95 6.13 -30.34
C GLY A 77 0.49 5.72 -30.08
N PHE A 78 1.26 6.63 -29.50
CA PHE A 78 2.66 6.36 -29.20
C PHE A 78 2.82 5.82 -27.78
N GLN A 79 3.29 4.58 -27.68
CA GLN A 79 3.50 3.94 -26.38
C GLN A 79 4.94 4.08 -25.93
N MET A 1 -18.03 -8.70 -2.89
CA MET A 1 -16.54 -8.80 -2.92
C MET A 1 -15.90 -7.44 -3.15
N ASP A 2 -16.50 -6.40 -2.57
CA ASP A 2 -15.99 -5.05 -2.71
C ASP A 2 -14.80 -4.82 -1.78
N ARG A 3 -13.69 -4.38 -2.34
CA ARG A 3 -12.49 -4.11 -1.56
C ARG A 3 -11.81 -2.82 -2.01
N VAL A 4 -12.31 -1.69 -1.51
CA VAL A 4 -11.75 -0.40 -1.86
C VAL A 4 -11.53 0.47 -0.62
N LEU A 5 -10.30 0.96 -0.49
CA LEU A 5 -9.92 1.81 0.63
C LEU A 5 -10.20 3.28 0.33
N SER A 6 -10.49 4.04 1.38
CA SER A 6 -10.79 5.45 1.22
C SER A 6 -9.54 6.30 1.31
N ARG A 7 -9.72 7.62 1.29
CA ARG A 7 -8.60 8.55 1.38
C ARG A 7 -7.78 8.31 2.64
N ALA A 8 -8.47 7.92 3.70
CA ALA A 8 -7.82 7.66 4.99
C ALA A 8 -6.90 6.45 4.91
N ASP A 9 -7.40 5.36 4.32
CA ASP A 9 -6.62 4.13 4.21
C ASP A 9 -5.33 4.39 3.43
N LYS A 10 -5.45 4.85 2.19
CA LYS A 10 -4.28 5.14 1.37
C LYS A 10 -3.31 6.04 2.12
N GLU A 11 -3.87 7.01 2.83
CA GLU A 11 -3.07 7.92 3.62
C GLU A 11 -2.38 7.17 4.74
N ARG A 12 -3.11 6.21 5.31
CA ARG A 12 -2.59 5.39 6.39
C ARG A 12 -1.53 4.42 5.87
N LEU A 13 -1.70 4.01 4.62
CA LEU A 13 -0.76 3.08 3.99
C LEU A 13 0.55 3.79 3.66
N LEU A 14 0.46 5.09 3.37
CA LEU A 14 1.62 5.89 3.04
C LEU A 14 2.45 6.20 4.28
N GLU A 15 1.77 6.52 5.37
CA GLU A 15 2.44 6.84 6.63
C GLU A 15 3.27 5.67 7.14
N LEU A 16 2.72 4.46 6.98
CA LEU A 16 3.40 3.25 7.42
C LEU A 16 4.42 2.78 6.40
N LEU A 17 4.29 3.26 5.17
CA LEU A 17 5.21 2.88 4.08
C LEU A 17 6.41 3.80 4.02
N LYS A 18 6.43 4.85 4.82
CA LYS A 18 7.53 5.80 4.80
C LYS A 18 7.73 6.34 3.38
N LEU A 19 6.70 6.18 2.56
CA LEU A 19 6.72 6.62 1.18
C LEU A 19 5.86 7.88 1.02
N PRO A 20 6.50 9.05 0.76
CA PRO A 20 5.79 10.32 0.57
C PRO A 20 4.58 10.20 -0.35
N ARG A 21 3.94 11.33 -0.61
CA ARG A 21 2.77 11.37 -1.49
C ARG A 21 3.18 11.61 -2.94
N GLN A 22 4.21 12.41 -3.12
CA GLN A 22 4.73 12.74 -4.45
C GLN A 22 4.99 11.49 -5.28
N LEU A 23 5.42 10.43 -4.60
CA LEU A 23 5.72 9.16 -5.25
C LEU A 23 4.58 8.14 -5.05
N TRP A 24 3.44 8.63 -4.57
CA TRP A 24 2.27 7.78 -4.34
C TRP A 24 1.92 6.99 -5.60
N GLY A 25 2.45 5.78 -5.70
CA GLY A 25 2.18 4.95 -6.86
C GLY A 25 3.39 4.11 -7.26
N ASP A 26 4.57 4.57 -6.88
CA ASP A 26 5.81 3.86 -7.21
C ASP A 26 5.78 2.43 -6.66
N PHE A 27 5.43 1.49 -7.52
CA PHE A 27 5.34 0.08 -7.13
C PHE A 27 6.66 -0.42 -6.54
N GLY A 28 7.77 -0.11 -7.20
CA GLY A 28 9.07 -0.55 -6.74
C GLY A 28 9.45 0.02 -5.39
N ARG A 29 9.11 1.29 -5.15
CA ARG A 29 9.45 1.93 -3.89
C ARG A 29 8.45 1.59 -2.78
N MET A 30 7.17 1.50 -3.13
CA MET A 30 6.14 1.17 -2.14
C MET A 30 6.34 -0.24 -1.60
N GLN A 31 6.55 -1.20 -2.49
CA GLN A 31 6.76 -2.58 -2.06
C GLN A 31 8.01 -2.69 -1.20
N GLN A 32 9.07 -2.00 -1.62
CA GLN A 32 10.32 -2.02 -0.87
C GLN A 32 10.09 -1.54 0.56
N ALA A 33 9.22 -0.53 0.70
CA ALA A 33 8.90 0.01 2.00
C ALA A 33 7.98 -0.94 2.76
N TYR A 34 6.98 -1.46 2.06
CA TYR A 34 6.03 -2.41 2.65
C TYR A 34 6.78 -3.59 3.24
N LYS A 35 7.74 -4.12 2.49
CA LYS A 35 8.53 -5.26 2.94
C LYS A 35 9.39 -4.88 4.14
N GLN A 36 9.75 -3.61 4.22
CA GLN A 36 10.58 -3.11 5.31
C GLN A 36 9.78 -3.01 6.60
N GLN A 37 8.59 -2.44 6.52
CA GLN A 37 7.74 -2.28 7.70
C GLN A 37 6.96 -3.56 8.00
N SER A 38 6.80 -4.42 7.00
CA SER A 38 6.09 -5.67 7.18
C SER A 38 6.94 -6.66 7.99
N LEU A 39 8.25 -6.54 7.87
CA LEU A 39 9.17 -7.43 8.57
C LEU A 39 9.24 -7.07 10.05
N LEU A 40 9.16 -5.79 10.36
CA LEU A 40 9.21 -5.33 11.75
C LEU A 40 7.82 -5.38 12.39
N LEU A 41 6.79 -5.52 11.57
CA LEU A 41 5.42 -5.60 12.06
C LEU A 41 4.99 -7.06 12.24
N HIS A 42 5.96 -7.96 12.20
CA HIS A 42 5.67 -9.38 12.36
C HIS A 42 5.73 -9.80 13.83
N PRO A 43 4.78 -10.63 14.27
CA PRO A 43 4.72 -11.10 15.66
C PRO A 43 6.07 -11.62 16.17
N ASP A 44 6.93 -12.04 15.25
CA ASP A 44 8.24 -12.57 15.61
C ASP A 44 9.29 -11.46 15.70
N LYS A 45 9.05 -10.36 14.98
CA LYS A 45 9.98 -9.23 14.98
C LYS A 45 9.45 -8.09 15.84
N GLY A 46 8.71 -8.43 16.88
CA GLY A 46 8.16 -7.42 17.77
C GLY A 46 7.11 -6.57 17.09
N GLY A 47 6.18 -7.21 16.39
CA GLY A 47 5.13 -6.49 15.70
C GLY A 47 3.75 -6.81 16.25
N SER A 48 2.80 -5.92 16.01
CA SER A 48 1.44 -6.10 16.48
C SER A 48 0.60 -6.85 15.45
N HIS A 49 -0.52 -7.42 15.89
CA HIS A 49 -1.41 -8.17 15.00
C HIS A 49 -2.35 -7.21 14.26
N ALA A 50 -2.98 -6.31 15.01
CA ALA A 50 -3.90 -5.35 14.44
C ALA A 50 -3.21 -4.49 13.38
N LEU A 51 -1.90 -4.32 13.52
CA LEU A 51 -1.13 -3.52 12.58
C LEU A 51 -0.80 -4.32 11.33
N MET A 52 -0.21 -5.51 11.52
CA MET A 52 0.17 -6.36 10.40
C MET A 52 -1.01 -6.57 9.46
N GLN A 53 -2.19 -6.81 10.04
CA GLN A 53 -3.40 -7.02 9.25
C GLN A 53 -3.83 -5.72 8.58
N GLU A 54 -3.59 -4.60 9.26
CA GLU A 54 -3.95 -3.30 8.72
C GLU A 54 -3.15 -3.00 7.45
N LEU A 55 -1.84 -3.15 7.55
CA LEU A 55 -0.96 -2.91 6.42
C LEU A 55 -1.21 -3.93 5.31
N ASN A 56 -1.46 -5.17 5.71
CA ASN A 56 -1.73 -6.24 4.75
C ASN A 56 -3.01 -5.96 3.98
N SER A 57 -4.08 -5.66 4.72
CA SER A 57 -5.37 -5.36 4.10
C SER A 57 -5.30 -4.06 3.32
N LEU A 58 -4.40 -3.16 3.74
CA LEU A 58 -4.24 -1.88 3.08
C LEU A 58 -3.43 -2.02 1.79
N TRP A 59 -2.57 -3.03 1.75
CA TRP A 59 -1.76 -3.28 0.57
C TRP A 59 -2.49 -4.21 -0.39
N GLY A 60 -3.36 -5.05 0.17
CA GLY A 60 -4.13 -5.98 -0.64
C GLY A 60 -5.20 -5.27 -1.45
N THR A 61 -6.13 -4.61 -0.76
CA THR A 61 -7.19 -3.88 -1.44
C THR A 61 -6.53 -2.95 -2.44
N PHE A 62 -5.55 -2.23 -1.92
CA PHE A 62 -4.75 -1.31 -2.70
C PHE A 62 -4.32 -2.00 -3.98
N LYS A 63 -3.74 -3.17 -3.80
CA LYS A 63 -3.27 -4.00 -4.89
C LYS A 63 -4.41 -4.32 -5.86
N THR A 64 -5.59 -4.57 -5.31
CA THR A 64 -6.76 -4.87 -6.15
C THR A 64 -6.88 -3.81 -7.25
N GLU A 65 -6.55 -2.59 -6.88
CA GLU A 65 -6.57 -1.47 -7.82
C GLU A 65 -5.25 -1.42 -8.57
N VAL A 66 -4.19 -1.88 -7.92
CA VAL A 66 -2.86 -1.90 -8.52
C VAL A 66 -2.87 -2.72 -9.81
N TYR A 67 -3.31 -3.96 -9.71
CA TYR A 67 -3.37 -4.85 -10.87
C TYR A 67 -4.18 -4.21 -12.00
N ASN A 68 -5.16 -3.39 -11.62
CA ASN A 68 -6.01 -2.72 -12.60
C ASN A 68 -5.45 -1.36 -12.99
N LEU A 69 -4.58 -0.79 -12.15
CA LEU A 69 -3.99 0.51 -12.43
C LEU A 69 -3.19 0.47 -13.73
N ARG A 70 -2.62 -0.68 -14.04
CA ARG A 70 -1.83 -0.85 -15.25
C ARG A 70 -2.70 -1.13 -16.47
N MET A 71 -4.01 -1.15 -16.24
CA MET A 71 -4.97 -1.39 -17.31
C MET A 71 -5.94 -0.23 -17.44
N ASN A 72 -6.57 0.16 -16.34
CA ASN A 72 -7.51 1.26 -16.34
C ASN A 72 -6.84 2.56 -16.76
N LEU A 73 -7.48 3.27 -17.68
CA LEU A 73 -6.94 4.53 -18.17
C LEU A 73 -8.04 5.56 -18.41
N GLY A 74 -9.06 5.15 -19.16
CA GLY A 74 -10.17 6.03 -19.45
C GLY A 74 -10.39 6.22 -20.95
N GLY A 75 -10.16 5.15 -21.70
CA GLY A 75 -10.35 5.21 -23.15
C GLY A 75 -9.41 4.29 -23.89
N THR A 76 -8.26 4.82 -24.30
CA THR A 76 -7.26 4.04 -25.03
C THR A 76 -6.29 3.35 -24.07
N GLY A 77 -6.13 2.05 -24.23
CA GLY A 77 -5.22 1.30 -23.38
C GLY A 77 -3.92 0.96 -24.07
N PHE A 78 -4.01 0.54 -25.32
CA PHE A 78 -2.82 0.18 -26.10
C PHE A 78 -2.15 1.42 -26.67
N GLN A 79 -0.82 1.42 -26.66
CA GLN A 79 -0.05 2.56 -27.18
C GLN A 79 0.46 2.27 -28.58
N MET A 1 -18.50 -8.23 -0.44
CA MET A 1 -18.66 -7.07 0.47
C MET A 1 -17.83 -5.88 0.01
N ASP A 2 -18.19 -4.69 0.47
CA ASP A 2 -17.46 -3.48 0.11
C ASP A 2 -16.03 -3.52 0.65
N ARG A 3 -15.06 -3.50 -0.25
CA ARG A 3 -13.66 -3.55 0.15
C ARG A 3 -12.87 -2.47 -0.58
N VAL A 4 -13.14 -1.21 -0.27
CA VAL A 4 -12.46 -0.10 -0.90
C VAL A 4 -12.10 0.97 0.12
N LEU A 5 -10.81 1.23 0.25
CA LEU A 5 -10.31 2.23 1.20
C LEU A 5 -10.40 3.64 0.61
N SER A 6 -10.68 4.60 1.48
CA SER A 6 -10.81 5.99 1.06
C SER A 6 -9.46 6.71 1.15
N ARG A 7 -9.47 8.01 0.90
CA ARG A 7 -8.24 8.81 0.95
C ARG A 7 -7.62 8.76 2.34
N ALA A 8 -8.46 8.58 3.36
CA ALA A 8 -7.98 8.53 4.74
C ALA A 8 -7.32 7.20 5.06
N ASP A 9 -7.73 6.14 4.35
CA ASP A 9 -7.16 4.82 4.57
C ASP A 9 -5.93 4.59 3.71
N LYS A 10 -6.03 4.90 2.41
CA LYS A 10 -4.91 4.72 1.51
C LYS A 10 -3.71 5.55 1.97
N GLU A 11 -3.99 6.72 2.54
CA GLU A 11 -2.95 7.59 3.06
C GLU A 11 -2.32 6.94 4.29
N ARG A 12 -3.16 6.23 5.04
CA ARG A 12 -2.71 5.53 6.24
C ARG A 12 -1.68 4.47 5.87
N LEU A 13 -1.85 3.90 4.67
CA LEU A 13 -0.94 2.89 4.17
C LEU A 13 0.41 3.52 3.85
N LEU A 14 0.36 4.78 3.40
CA LEU A 14 1.57 5.52 3.07
C LEU A 14 2.40 5.80 4.31
N GLU A 15 1.74 6.21 5.39
CA GLU A 15 2.42 6.51 6.64
C GLU A 15 3.26 5.31 7.11
N LEU A 16 2.62 4.16 7.20
CA LEU A 16 3.30 2.94 7.62
C LEU A 16 4.30 2.49 6.56
N LEU A 17 4.14 3.01 5.35
CA LEU A 17 5.03 2.64 4.24
C LEU A 17 6.24 3.56 4.15
N LYS A 18 6.32 4.57 5.02
CA LYS A 18 7.44 5.51 4.98
C LYS A 18 7.66 6.01 3.55
N LEU A 19 6.61 5.89 2.75
CA LEU A 19 6.63 6.29 1.36
C LEU A 19 5.72 7.50 1.16
N PRO A 20 6.31 8.68 0.89
CA PRO A 20 5.55 9.92 0.70
C PRO A 20 4.38 9.77 -0.25
N ARG A 21 3.50 10.77 -0.25
CA ARG A 21 2.33 10.76 -1.11
C ARG A 21 2.65 11.40 -2.47
N GLN A 22 3.86 11.96 -2.59
CA GLN A 22 4.28 12.61 -3.82
C GLN A 22 4.60 11.59 -4.90
N LEU A 23 5.12 10.45 -4.47
CA LEU A 23 5.49 9.37 -5.39
C LEU A 23 4.44 8.25 -5.39
N TRP A 24 3.28 8.53 -4.79
CA TRP A 24 2.20 7.55 -4.72
C TRP A 24 1.86 6.98 -6.09
N GLY A 25 2.20 5.70 -6.30
CA GLY A 25 1.92 5.06 -7.57
C GLY A 25 3.01 4.09 -8.01
N ASP A 26 4.21 4.26 -7.46
CA ASP A 26 5.33 3.39 -7.81
C ASP A 26 5.25 2.06 -7.07
N PHE A 27 4.63 1.07 -7.72
CA PHE A 27 4.48 -0.26 -7.12
C PHE A 27 5.79 -0.79 -6.56
N GLY A 28 6.88 -0.61 -7.31
CA GLY A 28 8.18 -1.08 -6.87
C GLY A 28 8.66 -0.39 -5.62
N ARG A 29 8.32 0.89 -5.48
CA ARG A 29 8.72 1.68 -4.32
C ARG A 29 7.93 1.28 -3.07
N MET A 30 6.60 1.23 -3.21
CA MET A 30 5.73 0.87 -2.10
C MET A 30 6.03 -0.54 -1.59
N GLN A 31 6.15 -1.49 -2.49
CA GLN A 31 6.43 -2.87 -2.11
C GLN A 31 7.75 -2.95 -1.34
N GLN A 32 8.76 -2.21 -1.82
CA GLN A 32 10.05 -2.19 -1.16
C GLN A 32 9.93 -1.74 0.28
N ALA A 33 9.10 -0.74 0.51
CA ALA A 33 8.87 -0.22 1.85
C ALA A 33 7.96 -1.14 2.64
N TYR A 34 6.90 -1.62 1.99
CA TYR A 34 5.95 -2.52 2.63
C TYR A 34 6.69 -3.71 3.23
N LYS A 35 7.61 -4.28 2.46
CA LYS A 35 8.40 -5.42 2.91
C LYS A 35 9.32 -5.03 4.06
N GLN A 36 9.79 -3.79 4.02
CA GLN A 36 10.69 -3.27 5.06
C GLN A 36 9.98 -3.12 6.39
N GLN A 37 8.83 -2.45 6.38
CA GLN A 37 8.06 -2.23 7.58
C GLN A 37 7.31 -3.49 8.01
N SER A 38 7.11 -4.41 7.07
CA SER A 38 6.42 -5.66 7.36
C SER A 38 7.30 -6.57 8.20
N LEU A 39 8.62 -6.40 8.07
CA LEU A 39 9.58 -7.21 8.80
C LEU A 39 9.72 -6.72 10.25
N LEU A 40 9.53 -5.43 10.46
CA LEU A 40 9.65 -4.85 11.79
C LEU A 40 8.33 -4.96 12.56
N LEU A 41 7.24 -5.21 11.84
CA LEU A 41 5.93 -5.33 12.48
C LEU A 41 5.57 -6.79 12.76
N HIS A 42 6.48 -7.70 12.45
CA HIS A 42 6.24 -9.12 12.69
C HIS A 42 6.51 -9.47 14.15
N PRO A 43 5.60 -10.23 14.79
CA PRO A 43 5.75 -10.63 16.19
C PRO A 43 7.14 -11.14 16.55
N ASP A 44 7.90 -11.55 15.53
CA ASP A 44 9.25 -12.07 15.75
C ASP A 44 10.26 -10.93 15.91
N LYS A 45 9.91 -9.76 15.40
CA LYS A 45 10.80 -8.60 15.48
C LYS A 45 10.15 -7.49 16.32
N GLY A 46 9.34 -7.89 17.29
CA GLY A 46 8.68 -6.92 18.15
C GLY A 46 7.72 -6.03 17.39
N GLY A 47 6.47 -6.48 17.27
CA GLY A 47 5.47 -5.71 16.55
C GLY A 47 4.06 -6.08 16.95
N SER A 48 3.10 -5.22 16.60
CA SER A 48 1.70 -5.47 16.92
C SER A 48 1.02 -6.25 15.80
N HIS A 49 0.04 -7.07 16.17
CA HIS A 49 -0.68 -7.87 15.19
C HIS A 49 -1.69 -7.01 14.43
N ALA A 50 -2.39 -6.15 15.17
CA ALA A 50 -3.39 -5.27 14.57
C ALA A 50 -2.80 -4.45 13.43
N LEU A 51 -1.50 -4.17 13.51
CA LEU A 51 -0.83 -3.38 12.48
C LEU A 51 -0.55 -4.23 11.23
N MET A 52 0.05 -5.40 11.44
CA MET A 52 0.36 -6.29 10.34
C MET A 52 -0.89 -6.67 9.55
N GLN A 53 -2.04 -6.63 10.24
CA GLN A 53 -3.31 -6.95 9.61
C GLN A 53 -3.84 -5.77 8.80
N GLU A 54 -3.57 -4.56 9.29
CA GLU A 54 -4.02 -3.35 8.63
C GLU A 54 -3.27 -3.14 7.32
N LEU A 55 -1.93 -3.21 7.40
CA LEU A 55 -1.09 -3.03 6.22
C LEU A 55 -1.44 -4.05 5.13
N ASN A 56 -1.53 -5.31 5.52
CA ASN A 56 -1.85 -6.38 4.57
C ASN A 56 -3.24 -6.15 3.96
N SER A 57 -4.16 -5.62 4.77
CA SER A 57 -5.52 -5.36 4.30
C SER A 57 -5.56 -4.11 3.42
N LEU A 58 -4.81 -3.08 3.84
CA LEU A 58 -4.76 -1.83 3.09
C LEU A 58 -3.88 -1.97 1.85
N TRP A 59 -2.95 -2.93 1.89
CA TRP A 59 -2.06 -3.18 0.78
C TRP A 59 -2.67 -4.21 -0.17
N GLY A 60 -3.66 -4.95 0.32
CA GLY A 60 -4.33 -5.94 -0.49
C GLY A 60 -5.33 -5.32 -1.44
N THR A 61 -6.35 -4.64 -0.90
CA THR A 61 -7.36 -3.99 -1.73
C THR A 61 -6.62 -3.05 -2.65
N PHE A 62 -5.77 -2.23 -2.04
CA PHE A 62 -4.94 -1.27 -2.75
C PHE A 62 -4.35 -1.94 -3.98
N LYS A 63 -3.69 -3.06 -3.72
CA LYS A 63 -3.07 -3.87 -4.76
C LYS A 63 -4.04 -4.18 -5.89
N THR A 64 -5.27 -4.56 -5.54
CA THR A 64 -6.28 -4.88 -6.53
C THR A 64 -6.31 -3.79 -7.60
N GLU A 65 -6.13 -2.55 -7.16
CA GLU A 65 -6.09 -1.41 -8.05
C GLU A 65 -4.67 -1.24 -8.60
N VAL A 66 -3.68 -1.62 -7.77
CA VAL A 66 -2.28 -1.53 -8.16
C VAL A 66 -2.02 -2.25 -9.47
N TYR A 67 -2.51 -3.50 -9.57
CA TYR A 67 -2.33 -4.29 -10.77
C TYR A 67 -2.85 -3.55 -11.98
N ASN A 68 -3.88 -2.73 -11.76
CA ASN A 68 -4.50 -1.95 -12.82
C ASN A 68 -3.84 -0.57 -12.94
N LEU A 69 -3.21 -0.09 -11.87
CA LEU A 69 -2.59 1.22 -11.90
C LEU A 69 -1.47 1.27 -12.95
N ARG A 70 -0.81 0.13 -13.15
CA ARG A 70 0.27 0.07 -14.13
C ARG A 70 -0.24 0.11 -15.56
N MET A 71 -1.55 0.24 -15.69
CA MET A 71 -2.19 0.29 -17.00
C MET A 71 -2.96 1.60 -17.17
N ASN A 72 -3.58 2.06 -16.08
CA ASN A 72 -4.36 3.30 -16.09
C ASN A 72 -3.50 4.48 -15.64
N LEU A 73 -2.25 4.51 -16.06
CA LEU A 73 -1.33 5.58 -15.68
C LEU A 73 -0.52 6.04 -16.90
N GLY A 74 0.43 5.21 -17.29
CA GLY A 74 1.27 5.53 -18.42
C GLY A 74 1.64 4.31 -19.24
N GLY A 75 1.48 4.41 -20.55
CA GLY A 75 1.81 3.30 -21.43
C GLY A 75 2.41 3.76 -22.74
N THR A 76 1.93 4.89 -23.25
CA THR A 76 2.43 5.44 -24.50
C THR A 76 3.82 6.05 -24.32
N GLY A 77 4.68 5.87 -25.31
CA GLY A 77 6.02 6.42 -25.24
C GLY A 77 6.34 7.33 -26.42
N PHE A 78 6.06 6.83 -27.62
CA PHE A 78 6.31 7.59 -28.84
C PHE A 78 5.03 8.27 -29.33
N GLN A 79 5.06 9.60 -29.38
CA GLN A 79 3.91 10.37 -29.82
C GLN A 79 3.62 10.13 -31.30
N MET A 1 -18.66 -5.34 -5.55
CA MET A 1 -17.70 -6.25 -4.88
C MET A 1 -16.26 -5.76 -5.04
N ASP A 2 -16.09 -4.56 -5.58
CA ASP A 2 -14.75 -3.99 -5.78
C ASP A 2 -14.15 -3.56 -4.45
N ARG A 3 -12.92 -4.01 -4.20
CA ARG A 3 -12.23 -3.68 -2.96
C ARG A 3 -11.31 -2.48 -3.18
N VAL A 4 -11.83 -1.29 -2.90
CA VAL A 4 -11.06 -0.07 -3.08
C VAL A 4 -11.06 0.79 -1.81
N LEU A 5 -9.87 1.12 -1.34
CA LEU A 5 -9.70 1.94 -0.13
C LEU A 5 -9.70 3.43 -0.47
N SER A 6 -10.17 4.24 0.47
CA SER A 6 -10.27 5.68 0.27
C SER A 6 -8.96 6.37 0.64
N ARG A 7 -8.97 7.71 0.59
CA ARG A 7 -7.80 8.50 0.93
C ARG A 7 -7.32 8.20 2.34
N ALA A 8 -8.26 7.93 3.23
CA ALA A 8 -7.94 7.63 4.61
C ALA A 8 -7.17 6.32 4.72
N ASP A 9 -7.60 5.32 3.96
CA ASP A 9 -6.95 4.02 3.97
C ASP A 9 -5.59 4.08 3.30
N LYS A 10 -5.55 4.58 2.07
CA LYS A 10 -4.31 4.66 1.31
C LYS A 10 -3.31 5.59 2.02
N GLU A 11 -3.83 6.63 2.64
CA GLU A 11 -2.98 7.57 3.36
C GLU A 11 -2.32 6.89 4.56
N ARG A 12 -3.08 6.05 5.24
CA ARG A 12 -2.58 5.32 6.40
C ARG A 12 -1.55 4.29 5.95
N LEU A 13 -1.74 3.77 4.74
CA LEU A 13 -0.83 2.78 4.17
C LEU A 13 0.53 3.41 3.92
N LEU A 14 0.53 4.71 3.67
CA LEU A 14 1.77 5.45 3.41
C LEU A 14 2.54 5.71 4.70
N GLU A 15 1.80 5.99 5.78
CA GLU A 15 2.41 6.26 7.08
C GLU A 15 3.30 5.11 7.50
N LEU A 16 2.77 3.90 7.47
CA LEU A 16 3.53 2.71 7.84
C LEU A 16 4.52 2.32 6.75
N LEU A 17 4.39 2.94 5.58
CA LEU A 17 5.27 2.66 4.46
C LEU A 17 6.48 3.57 4.44
N LYS A 18 6.48 4.61 5.28
CA LYS A 18 7.58 5.56 5.31
C LYS A 18 7.84 6.12 3.92
N LEU A 19 6.82 6.00 3.07
CA LEU A 19 6.89 6.47 1.70
C LEU A 19 5.97 7.68 1.52
N PRO A 20 6.54 8.88 1.33
CA PRO A 20 5.77 10.12 1.18
C PRO A 20 4.62 9.99 0.17
N ARG A 21 3.74 10.99 0.17
CA ARG A 21 2.60 11.02 -0.74
C ARG A 21 2.96 11.72 -2.05
N GLN A 22 4.18 12.23 -2.13
CA GLN A 22 4.63 12.95 -3.32
C GLN A 22 5.02 11.97 -4.42
N LEU A 23 5.52 10.81 -4.02
CA LEU A 23 5.92 9.78 -4.96
C LEU A 23 4.89 8.65 -5.02
N TRP A 24 3.71 8.90 -4.41
CA TRP A 24 2.63 7.93 -4.40
C TRP A 24 2.25 7.49 -5.81
N GLY A 25 2.67 6.29 -6.20
CA GLY A 25 2.37 5.79 -7.51
C GLY A 25 3.39 4.76 -7.99
N ASP A 26 4.61 4.89 -7.51
CA ASP A 26 5.69 3.99 -7.89
C ASP A 26 5.56 2.66 -7.13
N PHE A 27 4.79 1.73 -7.68
CA PHE A 27 4.59 0.43 -7.05
C PHE A 27 5.91 -0.17 -6.55
N GLY A 28 6.93 -0.13 -7.40
CA GLY A 28 8.22 -0.68 -7.03
C GLY A 28 8.78 -0.06 -5.77
N ARG A 29 8.48 1.22 -5.56
CA ARG A 29 8.96 1.94 -4.38
C ARG A 29 8.14 1.59 -3.15
N MET A 30 6.82 1.78 -3.24
CA MET A 30 5.93 1.48 -2.11
C MET A 30 6.06 0.02 -1.68
N GLN A 31 5.98 -0.89 -2.65
CA GLN A 31 6.08 -2.32 -2.35
C GLN A 31 7.40 -2.63 -1.63
N GLN A 32 8.48 -2.02 -2.09
CA GLN A 32 9.79 -2.22 -1.48
C GLN A 32 9.75 -1.86 0.00
N ALA A 33 9.04 -0.77 0.32
CA ALA A 33 8.89 -0.33 1.69
C ALA A 33 7.95 -1.23 2.46
N TYR A 34 6.89 -1.67 1.79
CA TYR A 34 5.90 -2.56 2.40
C TYR A 34 6.58 -3.75 3.06
N LYS A 35 7.52 -4.36 2.34
CA LYS A 35 8.25 -5.52 2.86
C LYS A 35 9.24 -5.09 3.94
N GLN A 36 9.84 -3.92 3.76
CA GLN A 36 10.81 -3.40 4.72
C GLN A 36 10.13 -3.05 6.04
N GLN A 37 8.89 -2.56 5.96
CA GLN A 37 8.15 -2.19 7.16
C GLN A 37 7.34 -3.38 7.69
N SER A 38 7.07 -4.35 6.83
CA SER A 38 6.31 -5.53 7.23
C SER A 38 7.12 -6.39 8.18
N LEU A 39 8.44 -6.39 7.99
CA LEU A 39 9.33 -7.18 8.83
C LEU A 39 9.42 -6.60 10.24
N LEU A 40 9.40 -5.27 10.34
CA LEU A 40 9.48 -4.61 11.64
C LEU A 40 8.12 -4.62 12.35
N LEU A 41 7.07 -4.98 11.61
CA LEU A 41 5.74 -5.04 12.19
C LEU A 41 5.42 -6.46 12.68
N HIS A 42 6.38 -7.37 12.56
CA HIS A 42 6.20 -8.75 12.99
C HIS A 42 6.63 -8.91 14.45
N PRO A 43 5.89 -9.73 15.23
CA PRO A 43 6.19 -9.97 16.64
C PRO A 43 7.67 -10.24 16.91
N ASP A 44 8.37 -10.79 15.94
CA ASP A 44 9.80 -11.10 16.11
C ASP A 44 10.66 -9.84 15.99
N LYS A 45 10.12 -8.80 15.37
CA LYS A 45 10.85 -7.56 15.19
C LYS A 45 10.13 -6.40 15.88
N GLY A 46 9.44 -6.71 16.97
CA GLY A 46 8.70 -5.69 17.70
C GLY A 46 7.57 -5.09 16.89
N GLY A 47 6.47 -5.84 16.79
CA GLY A 47 5.33 -5.37 16.04
C GLY A 47 4.01 -5.74 16.69
N SER A 48 2.96 -4.99 16.36
CA SER A 48 1.64 -5.23 16.92
C SER A 48 0.86 -6.22 16.06
N HIS A 49 -0.23 -6.74 16.62
CA HIS A 49 -1.07 -7.69 15.89
C HIS A 49 -2.02 -6.98 14.95
N ALA A 50 -2.74 -5.99 15.48
CA ALA A 50 -3.69 -5.21 14.68
C ALA A 50 -2.98 -4.41 13.60
N LEU A 51 -1.72 -4.06 13.85
CA LEU A 51 -0.93 -3.29 12.90
C LEU A 51 -0.68 -4.07 11.62
N MET A 52 -0.18 -5.30 11.77
CA MET A 52 0.10 -6.15 10.61
C MET A 52 -1.17 -6.45 9.82
N GLN A 53 -2.32 -6.41 10.48
CA GLN A 53 -3.59 -6.68 9.83
C GLN A 53 -4.07 -5.47 9.03
N GLU A 54 -3.72 -4.28 9.50
CA GLU A 54 -4.11 -3.05 8.84
C GLU A 54 -3.35 -2.85 7.53
N LEU A 55 -2.03 -2.99 7.60
CA LEU A 55 -1.18 -2.82 6.43
C LEU A 55 -1.46 -3.91 5.39
N ASN A 56 -1.66 -5.14 5.86
CA ASN A 56 -1.93 -6.26 4.96
C ASN A 56 -3.22 -6.03 4.19
N SER A 57 -4.22 -5.48 4.87
CA SER A 57 -5.52 -5.20 4.25
C SER A 57 -5.42 -4.01 3.32
N LEU A 58 -4.63 -3.02 3.71
CA LEU A 58 -4.45 -1.81 2.91
C LEU A 58 -3.61 -2.09 1.67
N TRP A 59 -2.77 -3.13 1.73
CA TRP A 59 -1.93 -3.49 0.61
C TRP A 59 -2.64 -4.49 -0.30
N GLY A 60 -3.66 -5.16 0.25
CA GLY A 60 -4.43 -6.11 -0.53
C GLY A 60 -5.42 -5.41 -1.45
N THR A 61 -6.33 -4.62 -0.86
CA THR A 61 -7.31 -3.88 -1.66
C THR A 61 -6.54 -3.06 -2.66
N PHE A 62 -5.56 -2.34 -2.11
CA PHE A 62 -4.67 -1.50 -2.90
C PHE A 62 -4.20 -2.29 -4.11
N LYS A 63 -3.65 -3.46 -3.84
CA LYS A 63 -3.16 -4.34 -4.87
C LYS A 63 -4.27 -4.70 -5.86
N THR A 64 -5.49 -4.92 -5.34
CA THR A 64 -6.62 -5.25 -6.19
C THR A 64 -6.73 -4.24 -7.32
N GLU A 65 -6.50 -2.97 -6.97
CA GLU A 65 -6.53 -1.89 -7.95
C GLU A 65 -5.17 -1.77 -8.65
N VAL A 66 -4.12 -2.23 -7.96
CA VAL A 66 -2.77 -2.18 -8.52
C VAL A 66 -2.73 -2.89 -9.87
N TYR A 67 -3.34 -4.06 -9.96
CA TYR A 67 -3.38 -4.82 -11.20
C TYR A 67 -4.13 -4.03 -12.27
N ASN A 68 -5.01 -3.15 -11.83
CA ASN A 68 -5.79 -2.33 -12.75
C ASN A 68 -5.10 -1.01 -13.05
N LEU A 69 -4.22 -0.58 -12.13
CA LEU A 69 -3.50 0.68 -12.32
C LEU A 69 -2.59 0.61 -13.54
N ARG A 70 -2.28 -0.61 -13.98
CA ARG A 70 -1.41 -0.81 -15.14
C ARG A 70 -2.18 -0.64 -16.45
N MET A 71 -3.46 -0.32 -16.34
CA MET A 71 -4.31 -0.12 -17.50
C MET A 71 -4.55 1.36 -17.76
N ASN A 72 -4.46 2.16 -16.70
CA ASN A 72 -4.66 3.60 -16.82
C ASN A 72 -3.37 4.33 -17.19
N LEU A 73 -2.27 3.58 -17.26
CA LEU A 73 -0.98 4.16 -17.59
C LEU A 73 -0.80 4.24 -19.10
N GLY A 74 -1.27 5.34 -19.69
CA GLY A 74 -1.16 5.53 -21.12
C GLY A 74 -1.37 6.97 -21.54
N GLY A 75 -0.41 7.51 -22.28
CA GLY A 75 -0.52 8.89 -22.74
C GLY A 75 0.14 9.11 -24.09
N THR A 76 -0.50 9.90 -24.93
CA THR A 76 0.02 10.19 -26.26
C THR A 76 1.16 11.21 -26.18
N GLY A 77 2.35 10.79 -26.59
CA GLY A 77 3.50 11.68 -26.56
C GLY A 77 3.95 12.07 -27.95
N PHE A 78 3.02 12.61 -28.73
CA PHE A 78 3.33 13.05 -30.09
C PHE A 78 3.62 14.55 -30.15
N GLN A 79 4.11 15.09 -29.03
CA GLN A 79 4.43 16.51 -28.95
C GLN A 79 5.88 16.71 -28.54
N MET A 1 -19.44 -4.95 0.78
CA MET A 1 -19.17 -5.81 -0.40
C MET A 1 -18.00 -5.28 -1.21
N ASP A 2 -18.11 -4.03 -1.65
CA ASP A 2 -17.07 -3.40 -2.44
C ASP A 2 -15.83 -3.12 -1.59
N ARG A 3 -14.70 -3.69 -1.99
CA ARG A 3 -13.45 -3.49 -1.27
C ARG A 3 -12.64 -2.35 -1.87
N VAL A 4 -12.92 -1.14 -1.41
CA VAL A 4 -12.21 0.05 -1.90
C VAL A 4 -11.83 0.97 -0.75
N LEU A 5 -10.55 1.31 -0.68
CA LEU A 5 -10.04 2.19 0.37
C LEU A 5 -10.11 3.65 -0.06
N SER A 6 -10.45 4.52 0.88
CA SER A 6 -10.57 5.95 0.60
C SER A 6 -9.23 6.66 0.73
N ARG A 7 -9.25 7.98 0.61
CA ARG A 7 -8.04 8.79 0.71
C ARG A 7 -7.35 8.55 2.05
N ALA A 8 -8.15 8.37 3.09
CA ALA A 8 -7.61 8.13 4.43
C ALA A 8 -6.84 6.83 4.47
N ASP A 9 -7.38 5.80 3.82
CA ASP A 9 -6.74 4.50 3.80
C ASP A 9 -5.40 4.56 3.09
N LYS A 10 -5.40 4.97 1.81
CA LYS A 10 -4.16 5.07 1.05
C LYS A 10 -3.17 5.94 1.79
N GLU A 11 -3.69 6.95 2.47
CA GLU A 11 -2.85 7.85 3.25
C GLU A 11 -2.32 7.12 4.48
N ARG A 12 -3.20 6.32 5.09
CA ARG A 12 -2.83 5.54 6.26
C ARG A 12 -1.77 4.51 5.89
N LEU A 13 -1.99 3.84 4.76
CA LEU A 13 -1.06 2.85 4.25
C LEU A 13 0.30 3.48 3.99
N LEU A 14 0.28 4.76 3.64
CA LEU A 14 1.50 5.50 3.35
C LEU A 14 2.27 5.82 4.63
N GLU A 15 1.54 6.18 5.69
CA GLU A 15 2.16 6.50 6.97
C GLU A 15 3.05 5.35 7.44
N LEU A 16 2.46 4.17 7.53
CA LEU A 16 3.19 2.98 7.97
C LEU A 16 4.17 2.53 6.90
N LEU A 17 4.01 3.04 5.68
CA LEU A 17 4.88 2.69 4.57
C LEU A 17 6.08 3.62 4.47
N LYS A 18 6.08 4.69 5.25
CA LYS A 18 7.18 5.65 5.20
C LYS A 18 7.38 6.12 3.76
N LEU A 19 6.34 5.95 2.96
CA LEU A 19 6.35 6.32 1.56
C LEU A 19 5.43 7.51 1.32
N PRO A 20 6.00 8.71 1.07
CA PRO A 20 5.22 9.92 0.84
C PRO A 20 4.15 9.72 -0.24
N ARG A 21 3.23 10.67 -0.31
CA ARG A 21 2.16 10.64 -1.30
C ARG A 21 2.62 11.23 -2.63
N GLN A 22 3.81 11.84 -2.61
CA GLN A 22 4.37 12.47 -3.80
C GLN A 22 4.76 11.43 -4.83
N LEU A 23 5.26 10.29 -4.36
CA LEU A 23 5.67 9.21 -5.24
C LEU A 23 4.62 8.10 -5.28
N TRP A 24 3.44 8.38 -4.72
CA TRP A 24 2.34 7.41 -4.70
C TRP A 24 2.04 6.89 -6.10
N GLY A 25 2.35 5.61 -6.34
CA GLY A 25 2.10 5.02 -7.64
C GLY A 25 3.17 4.04 -8.07
N ASP A 26 4.37 4.21 -7.51
CA ASP A 26 5.50 3.34 -7.84
C ASP A 26 5.42 2.03 -7.07
N PHE A 27 4.97 0.97 -7.74
CA PHE A 27 4.85 -0.33 -7.11
C PHE A 27 6.17 -0.76 -6.46
N GLY A 28 7.24 -0.71 -7.24
CA GLY A 28 8.55 -1.10 -6.74
C GLY A 28 8.93 -0.34 -5.47
N ARG A 29 8.41 0.88 -5.34
CA ARG A 29 8.71 1.71 -4.17
C ARG A 29 7.83 1.31 -2.98
N MET A 30 6.51 1.32 -3.19
CA MET A 30 5.57 0.95 -2.14
C MET A 30 5.87 -0.43 -1.57
N GLN A 31 6.10 -1.38 -2.47
CA GLN A 31 6.41 -2.75 -2.06
C GLN A 31 7.71 -2.80 -1.27
N GLN A 32 8.69 -1.99 -1.70
CA GLN A 32 9.99 -1.94 -1.02
C GLN A 32 9.82 -1.56 0.44
N ALA A 33 8.99 -0.55 0.69
CA ALA A 33 8.74 -0.08 2.05
C ALA A 33 7.79 -1.03 2.78
N TYR A 34 6.75 -1.50 2.08
CA TYR A 34 5.79 -2.41 2.67
C TYR A 34 6.51 -3.60 3.30
N LYS A 35 7.46 -4.17 2.57
CA LYS A 35 8.22 -5.31 3.06
C LYS A 35 9.17 -4.89 4.18
N GLN A 36 9.70 -3.68 4.06
CA GLN A 36 10.63 -3.15 5.05
C GLN A 36 9.92 -2.93 6.39
N GLN A 37 8.69 -2.42 6.31
CA GLN A 37 7.91 -2.16 7.51
C GLN A 37 7.20 -3.42 7.99
N SER A 38 6.99 -4.37 7.08
CA SER A 38 6.34 -5.62 7.43
C SER A 38 7.29 -6.50 8.24
N LEU A 39 8.57 -6.39 7.94
CA LEU A 39 9.59 -7.17 8.64
C LEU A 39 9.77 -6.69 10.07
N LEU A 40 9.52 -5.40 10.29
CA LEU A 40 9.64 -4.83 11.63
C LEU A 40 8.32 -4.93 12.39
N LEU A 41 7.23 -5.19 11.67
CA LEU A 41 5.91 -5.33 12.30
C LEU A 41 5.58 -6.79 12.59
N HIS A 42 6.47 -7.70 12.17
CA HIS A 42 6.26 -9.12 12.39
C HIS A 42 6.35 -9.46 13.88
N PRO A 43 5.33 -10.14 14.44
CA PRO A 43 5.28 -10.52 15.85
C PRO A 43 6.61 -11.08 16.37
N ASP A 44 7.34 -11.78 15.51
CA ASP A 44 8.62 -12.37 15.88
C ASP A 44 9.69 -11.30 16.08
N LYS A 45 9.39 -10.07 15.69
CA LYS A 45 10.34 -8.97 15.82
C LYS A 45 9.84 -7.94 16.84
N GLY A 46 9.10 -8.41 17.83
CA GLY A 46 8.58 -7.52 18.85
C GLY A 46 7.56 -6.53 18.30
N GLY A 47 7.00 -6.84 17.14
CA GLY A 47 6.02 -5.95 16.55
C GLY A 47 4.60 -6.31 16.92
N SER A 48 3.66 -5.44 16.59
CA SER A 48 2.26 -5.68 16.90
C SER A 48 1.56 -6.43 15.77
N HIS A 49 0.74 -7.40 16.14
CA HIS A 49 0.01 -8.21 15.17
C HIS A 49 -1.15 -7.42 14.56
N ALA A 50 -1.75 -6.55 15.38
CA ALA A 50 -2.87 -5.73 14.93
C ALA A 50 -2.45 -4.76 13.84
N LEU A 51 -1.14 -4.48 13.77
CA LEU A 51 -0.61 -3.56 12.76
C LEU A 51 -0.32 -4.29 11.46
N MET A 52 0.41 -5.39 11.55
CA MET A 52 0.77 -6.18 10.38
C MET A 52 -0.46 -6.64 9.61
N GLN A 53 -1.56 -6.81 10.33
CA GLN A 53 -2.81 -7.25 9.72
C GLN A 53 -3.52 -6.09 9.05
N GLU A 54 -3.37 -4.90 9.62
CA GLU A 54 -4.00 -3.70 9.07
C GLU A 54 -3.34 -3.31 7.74
N LEU A 55 -2.01 -3.34 7.73
CA LEU A 55 -1.25 -2.99 6.54
C LEU A 55 -1.59 -3.94 5.39
N ASN A 56 -1.68 -5.23 5.70
CA ASN A 56 -2.01 -6.23 4.69
C ASN A 56 -3.38 -5.97 4.09
N SER A 57 -4.28 -5.39 4.89
CA SER A 57 -5.62 -5.08 4.44
C SER A 57 -5.63 -3.86 3.54
N LEU A 58 -4.78 -2.89 3.85
CA LEU A 58 -4.69 -1.66 3.08
C LEU A 58 -3.87 -1.87 1.81
N TRP A 59 -3.02 -2.90 1.81
CA TRP A 59 -2.18 -3.21 0.65
C TRP A 59 -2.91 -4.18 -0.26
N GLY A 60 -3.89 -4.91 0.30
CA GLY A 60 -4.66 -5.85 -0.49
C GLY A 60 -5.62 -5.15 -1.43
N THR A 61 -6.60 -4.43 -0.86
CA THR A 61 -7.57 -3.70 -1.66
C THR A 61 -6.81 -2.82 -2.62
N PHE A 62 -5.90 -2.05 -2.04
CA PHE A 62 -5.02 -1.17 -2.79
C PHE A 62 -4.51 -1.89 -4.03
N LYS A 63 -4.03 -3.09 -3.78
CA LYS A 63 -3.50 -3.96 -4.82
C LYS A 63 -4.51 -4.15 -5.94
N THR A 64 -5.78 -4.32 -5.58
CA THR A 64 -6.83 -4.50 -6.59
C THR A 64 -6.69 -3.44 -7.67
N GLU A 65 -6.30 -2.23 -7.23
CA GLU A 65 -6.09 -1.12 -8.14
C GLU A 65 -4.67 -1.19 -8.69
N VAL A 66 -3.75 -1.69 -7.86
CA VAL A 66 -2.35 -1.82 -8.27
C VAL A 66 -2.23 -2.57 -9.58
N TYR A 67 -3.05 -3.60 -9.75
CA TYR A 67 -3.02 -4.40 -10.97
C TYR A 67 -3.46 -3.59 -12.17
N ASN A 68 -4.43 -2.70 -11.96
CA ASN A 68 -4.93 -1.85 -13.03
C ASN A 68 -4.14 -0.55 -13.14
N LEU A 69 -3.30 -0.26 -12.14
CA LEU A 69 -2.50 0.96 -12.17
C LEU A 69 -1.53 0.93 -13.34
N ARG A 70 -1.06 -0.26 -13.68
CA ARG A 70 -0.12 -0.44 -14.78
C ARG A 70 -0.80 -0.32 -16.14
N MET A 71 -2.09 -0.06 -16.11
CA MET A 71 -2.88 0.08 -17.34
C MET A 71 -3.44 1.49 -17.46
N ASN A 72 -4.22 1.89 -16.46
CA ASN A 72 -4.82 3.23 -16.44
C ASN A 72 -3.75 4.30 -16.29
N LEU A 73 -3.62 5.14 -17.31
CA LEU A 73 -2.63 6.21 -17.29
C LEU A 73 -3.26 7.55 -17.63
N GLY A 74 -3.71 7.68 -18.88
CA GLY A 74 -4.33 8.92 -19.32
C GLY A 74 -5.35 8.69 -20.42
N GLY A 75 -5.17 9.40 -21.52
CA GLY A 75 -6.09 9.26 -22.65
C GLY A 75 -6.13 10.51 -23.52
N THR A 76 -5.57 10.39 -24.73
CA THR A 76 -5.55 11.51 -25.67
C THR A 76 -6.81 11.52 -26.54
N GLY A 77 -7.61 12.57 -26.39
CA GLY A 77 -8.83 12.69 -27.18
C GLY A 77 -9.80 13.68 -26.58
N PHE A 78 -9.48 14.97 -26.71
CA PHE A 78 -10.34 16.03 -26.19
C PHE A 78 -11.58 16.21 -27.05
N GLN A 79 -12.56 16.91 -26.51
CA GLN A 79 -13.82 17.15 -27.23
C GLN A 79 -14.42 18.49 -26.84
N MET A 1 -20.72 -2.38 3.50
CA MET A 1 -19.54 -1.61 3.04
C MET A 1 -18.57 -2.49 2.27
N ASP A 2 -18.33 -2.13 1.00
CA ASP A 2 -17.42 -2.89 0.16
C ASP A 2 -15.98 -2.82 0.69
N ARG A 3 -15.05 -3.39 -0.06
CA ARG A 3 -13.65 -3.40 0.34
C ARG A 3 -12.84 -2.38 -0.45
N VAL A 4 -13.06 -1.10 -0.17
CA VAL A 4 -12.35 -0.04 -0.86
C VAL A 4 -11.92 1.06 0.12
N LEU A 5 -10.63 1.35 0.13
CA LEU A 5 -10.08 2.37 1.01
C LEU A 5 -10.17 3.76 0.39
N SER A 6 -10.51 4.75 1.23
CA SER A 6 -10.64 6.12 0.77
C SER A 6 -9.31 6.87 0.90
N ARG A 7 -9.34 8.16 0.63
CA ARG A 7 -8.13 8.98 0.71
C ARG A 7 -7.47 8.87 2.07
N ALA A 8 -8.29 8.87 3.12
CA ALA A 8 -7.78 8.76 4.49
C ALA A 8 -7.20 7.39 4.77
N ASP A 9 -7.77 6.36 4.17
CA ASP A 9 -7.30 4.99 4.37
C ASP A 9 -6.04 4.73 3.55
N LYS A 10 -6.12 4.98 2.25
CA LYS A 10 -4.97 4.77 1.38
C LYS A 10 -3.78 5.60 1.86
N GLU A 11 -4.08 6.76 2.42
CA GLU A 11 -3.04 7.64 2.95
C GLU A 11 -2.45 7.01 4.20
N ARG A 12 -3.30 6.32 4.94
CA ARG A 12 -2.87 5.63 6.16
C ARG A 12 -1.84 4.57 5.82
N LEU A 13 -2.02 3.94 4.66
CA LEU A 13 -1.11 2.91 4.19
C LEU A 13 0.27 3.52 3.93
N LEU A 14 0.27 4.75 3.44
CA LEU A 14 1.51 5.45 3.15
C LEU A 14 2.32 5.69 4.43
N GLU A 15 1.63 6.03 5.51
CA GLU A 15 2.28 6.27 6.79
C GLU A 15 3.07 5.03 7.23
N LEU A 16 2.39 3.90 7.32
CA LEU A 16 3.04 2.65 7.72
C LEU A 16 4.07 2.22 6.69
N LEU A 17 4.01 2.81 5.49
CA LEU A 17 4.93 2.48 4.42
C LEU A 17 6.18 3.35 4.44
N LYS A 18 6.18 4.40 5.26
CA LYS A 18 7.32 5.30 5.33
C LYS A 18 7.65 5.84 3.93
N LEU A 19 6.66 5.74 3.05
CA LEU A 19 6.79 6.19 1.67
C LEU A 19 5.93 7.43 1.44
N PRO A 20 6.57 8.59 1.23
CA PRO A 20 5.86 9.86 1.03
C PRO A 20 4.68 9.76 0.05
N ARG A 21 3.87 10.80 0.04
CA ARG A 21 2.71 10.87 -0.85
C ARG A 21 3.06 11.51 -2.19
N GLN A 22 4.31 11.96 -2.32
CA GLN A 22 4.77 12.61 -3.55
C GLN A 22 5.11 11.59 -4.62
N LEU A 23 5.55 10.42 -4.19
CA LEU A 23 5.92 9.36 -5.11
C LEU A 23 4.84 8.27 -5.17
N TRP A 24 3.67 8.56 -4.59
CA TRP A 24 2.56 7.62 -4.58
C TRP A 24 2.18 7.20 -6.00
N GLY A 25 2.68 6.05 -6.43
CA GLY A 25 2.38 5.56 -7.77
C GLY A 25 3.38 4.50 -8.23
N ASP A 26 4.60 4.58 -7.74
CA ASP A 26 5.65 3.63 -8.12
C ASP A 26 5.51 2.33 -7.31
N PHE A 27 4.83 1.34 -7.90
CA PHE A 27 4.64 0.06 -7.24
C PHE A 27 5.95 -0.48 -6.68
N GLY A 28 7.05 -0.23 -7.39
CA GLY A 28 8.34 -0.70 -6.97
C GLY A 28 8.80 -0.07 -5.66
N ARG A 29 8.49 1.21 -5.47
CA ARG A 29 8.89 1.91 -4.25
C ARG A 29 7.96 1.61 -3.09
N MET A 30 6.66 1.60 -3.35
CA MET A 30 5.68 1.33 -2.30
C MET A 30 5.81 -0.09 -1.76
N GLN A 31 5.88 -1.08 -2.65
CA GLN A 31 6.01 -2.47 -2.23
C GLN A 31 7.34 -2.67 -1.51
N GLN A 32 8.37 -1.95 -1.96
CA GLN A 32 9.68 -2.04 -1.35
C GLN A 32 9.60 -1.67 0.12
N ALA A 33 8.98 -0.52 0.38
CA ALA A 33 8.81 -0.03 1.74
C ALA A 33 7.93 -0.98 2.54
N TYR A 34 6.85 -1.45 1.92
CA TYR A 34 5.92 -2.36 2.59
C TYR A 34 6.68 -3.54 3.21
N LYS A 35 7.65 -4.07 2.48
CA LYS A 35 8.45 -5.18 2.96
C LYS A 35 9.32 -4.77 4.14
N GLN A 36 9.91 -3.57 4.02
CA GLN A 36 10.77 -3.06 5.08
C GLN A 36 9.99 -2.90 6.37
N GLN A 37 8.73 -2.53 6.25
CA GLN A 37 7.87 -2.34 7.41
C GLN A 37 7.17 -3.64 7.82
N SER A 38 7.10 -4.58 6.87
CA SER A 38 6.47 -5.86 7.13
C SER A 38 7.35 -6.72 8.05
N LEU A 39 8.65 -6.48 8.00
CA LEU A 39 9.60 -7.25 8.81
C LEU A 39 9.71 -6.66 10.21
N LEU A 40 9.47 -5.36 10.34
CA LEU A 40 9.54 -4.70 11.65
C LEU A 40 8.19 -4.75 12.36
N LEU A 41 7.12 -4.97 11.60
CA LEU A 41 5.79 -5.05 12.17
C LEU A 41 5.43 -6.49 12.56
N HIS A 42 6.43 -7.37 12.51
CA HIS A 42 6.25 -8.76 12.87
C HIS A 42 6.46 -8.96 14.37
N PRO A 43 5.68 -9.84 15.01
CA PRO A 43 5.79 -10.10 16.45
C PRO A 43 7.14 -10.69 16.85
N ASP A 44 7.95 -11.06 15.87
CA ASP A 44 9.27 -11.63 16.13
C ASP A 44 10.33 -10.54 16.15
N LYS A 45 10.06 -9.44 15.45
CA LYS A 45 10.98 -8.32 15.39
C LYS A 45 10.50 -7.16 16.26
N GLY A 46 9.79 -7.49 17.34
CA GLY A 46 9.29 -6.47 18.23
C GLY A 46 8.29 -5.56 17.56
N GLY A 47 7.09 -6.07 17.30
CA GLY A 47 6.07 -5.28 16.65
C GLY A 47 4.66 -5.74 17.02
N SER A 48 3.66 -4.98 16.58
CA SER A 48 2.27 -5.32 16.87
C SER A 48 1.70 -6.21 15.78
N HIS A 49 0.81 -7.13 16.19
CA HIS A 49 0.19 -8.04 15.25
C HIS A 49 -1.01 -7.38 14.57
N ALA A 50 -1.78 -6.63 15.34
CA ALA A 50 -2.96 -5.94 14.82
C ALA A 50 -2.59 -4.99 13.69
N LEU A 51 -1.31 -4.63 13.60
CA LEU A 51 -0.84 -3.73 12.55
C LEU A 51 -0.58 -4.48 11.25
N MET A 52 0.14 -5.60 11.36
CA MET A 52 0.46 -6.41 10.19
C MET A 52 -0.80 -6.78 9.42
N GLN A 53 -1.91 -6.95 10.14
CA GLN A 53 -3.17 -7.31 9.51
C GLN A 53 -3.88 -6.06 9.00
N GLU A 54 -3.69 -4.94 9.70
CA GLU A 54 -4.31 -3.68 9.32
C GLU A 54 -3.68 -3.14 8.04
N LEU A 55 -2.36 -3.22 7.95
CA LEU A 55 -1.63 -2.74 6.79
C LEU A 55 -1.89 -3.64 5.58
N ASN A 56 -1.95 -4.95 5.83
CA ASN A 56 -2.19 -5.90 4.76
C ASN A 56 -3.54 -5.64 4.10
N SER A 57 -4.51 -5.21 4.91
CA SER A 57 -5.84 -4.92 4.40
C SER A 57 -5.84 -3.67 3.51
N LEU A 58 -4.89 -2.77 3.79
CA LEU A 58 -4.79 -1.53 3.01
C LEU A 58 -3.92 -1.74 1.77
N TRP A 59 -2.98 -2.68 1.84
CA TRP A 59 -2.09 -2.97 0.73
C TRP A 59 -2.71 -4.05 -0.16
N GLY A 60 -3.68 -4.79 0.40
CA GLY A 60 -4.34 -5.83 -0.38
C GLY A 60 -5.32 -5.27 -1.38
N THR A 61 -6.38 -4.61 -0.89
CA THR A 61 -7.37 -4.01 -1.77
C THR A 61 -6.63 -3.12 -2.75
N PHE A 62 -5.78 -2.29 -2.16
CA PHE A 62 -4.93 -1.38 -2.91
C PHE A 62 -4.31 -2.11 -4.09
N LYS A 63 -3.70 -3.24 -3.76
CA LYS A 63 -3.07 -4.10 -4.75
C LYS A 63 -4.06 -4.54 -5.82
N THR A 64 -5.28 -4.89 -5.40
CA THR A 64 -6.31 -5.30 -6.35
C THR A 64 -6.39 -4.28 -7.47
N GLU A 65 -6.20 -3.02 -7.11
CA GLU A 65 -6.21 -1.92 -8.07
C GLU A 65 -4.82 -1.78 -8.67
N VAL A 66 -3.80 -2.12 -7.89
CA VAL A 66 -2.42 -2.02 -8.34
C VAL A 66 -2.21 -2.80 -9.64
N TYR A 67 -2.74 -4.01 -9.70
CA TYR A 67 -2.61 -4.83 -10.90
C TYR A 67 -3.21 -4.12 -12.10
N ASN A 68 -4.23 -3.32 -11.85
CA ASN A 68 -4.90 -2.57 -12.91
C ASN A 68 -4.28 -1.18 -13.09
N LEU A 69 -3.61 -0.68 -12.05
CA LEU A 69 -3.00 0.66 -12.13
C LEU A 69 -1.96 0.72 -13.25
N ARG A 70 -1.41 -0.44 -13.62
CA ARG A 70 -0.39 -0.48 -14.66
C ARG A 70 -1.00 -0.34 -16.05
N MET A 71 -2.31 -0.18 -16.09
CA MET A 71 -3.03 -0.02 -17.35
C MET A 71 -3.77 1.31 -17.38
N ASN A 72 -4.36 1.69 -16.25
CA ASN A 72 -5.09 2.94 -16.15
C ASN A 72 -4.14 4.13 -16.22
N LEU A 73 -4.61 5.22 -16.84
CA LEU A 73 -3.80 6.42 -16.97
C LEU A 73 -4.07 7.39 -15.83
N GLY A 74 -4.24 6.85 -14.62
CA GLY A 74 -4.51 7.68 -13.46
C GLY A 74 -5.24 6.92 -12.37
N GLY A 75 -6.23 6.13 -12.76
CA GLY A 75 -6.99 5.36 -11.79
C GLY A 75 -8.41 5.11 -12.24
N THR A 76 -9.18 4.41 -11.41
CA THR A 76 -10.57 4.11 -11.73
C THR A 76 -11.47 5.30 -11.43
N GLY A 77 -12.07 5.85 -12.48
CA GLY A 77 -12.95 6.99 -12.33
C GLY A 77 -12.60 8.13 -13.27
N PHE A 78 -12.52 7.81 -14.56
CA PHE A 78 -12.18 8.82 -15.56
C PHE A 78 -13.40 9.66 -15.93
N GLN A 79 -13.21 10.97 -15.97
CA GLN A 79 -14.29 11.90 -16.30
C GLN A 79 -14.67 11.78 -17.78
N MET A 1 -20.15 -1.68 -4.04
CA MET A 1 -19.12 -1.48 -2.97
C MET A 1 -18.75 -2.80 -2.31
N ASP A 2 -17.49 -3.21 -2.48
CA ASP A 2 -17.00 -4.45 -1.90
C ASP A 2 -15.77 -4.20 -1.04
N ARG A 3 -14.66 -3.89 -1.70
CA ARG A 3 -13.40 -3.62 -1.00
C ARG A 3 -12.68 -2.43 -1.63
N VAL A 4 -13.07 -1.23 -1.21
CA VAL A 4 -12.45 -0.01 -1.74
C VAL A 4 -12.11 0.96 -0.61
N LEU A 5 -10.84 1.28 -0.49
CA LEU A 5 -10.35 2.20 0.54
C LEU A 5 -10.37 3.64 0.02
N SER A 6 -10.71 4.57 0.90
CA SER A 6 -10.78 5.98 0.55
C SER A 6 -9.40 6.65 0.64
N ARG A 7 -9.37 7.95 0.38
CA ARG A 7 -8.14 8.72 0.43
C ARG A 7 -7.45 8.58 1.78
N ALA A 8 -8.26 8.47 2.84
CA ALA A 8 -7.73 8.32 4.19
C ALA A 8 -7.03 6.98 4.35
N ASP A 9 -7.58 5.95 3.72
CA ASP A 9 -7.01 4.61 3.80
C ASP A 9 -5.66 4.54 3.07
N LYS A 10 -5.67 4.89 1.79
CA LYS A 10 -4.44 4.85 1.00
C LYS A 10 -3.39 5.77 1.63
N GLU A 11 -3.84 6.91 2.11
CA GLU A 11 -2.94 7.86 2.77
C GLU A 11 -2.43 7.26 4.06
N ARG A 12 -3.30 6.52 4.74
CA ARG A 12 -2.94 5.86 5.99
C ARG A 12 -1.93 4.75 5.72
N LEU A 13 -2.06 4.13 4.55
CA LEU A 13 -1.16 3.07 4.14
C LEU A 13 0.24 3.64 3.95
N LEU A 14 0.30 4.88 3.48
CA LEU A 14 1.56 5.55 3.24
C LEU A 14 2.30 5.79 4.55
N GLU A 15 1.57 6.17 5.59
CA GLU A 15 2.16 6.42 6.89
C GLU A 15 2.88 5.18 7.40
N LEU A 16 2.23 4.03 7.24
CA LEU A 16 2.81 2.76 7.66
C LEU A 16 3.83 2.25 6.64
N LEU A 17 3.80 2.85 5.45
CA LEU A 17 4.71 2.46 4.37
C LEU A 17 6.01 3.25 4.41
N LYS A 18 6.07 4.28 5.25
CA LYS A 18 7.27 5.12 5.33
C LYS A 18 7.60 5.68 3.94
N LEU A 19 6.61 5.65 3.07
CA LEU A 19 6.75 6.12 1.70
C LEU A 19 5.91 7.39 1.51
N PRO A 20 6.56 8.54 1.32
CA PRO A 20 5.87 9.83 1.14
C PRO A 20 4.73 9.75 0.14
N ARG A 21 3.89 10.78 0.12
CA ARG A 21 2.76 10.86 -0.79
C ARG A 21 3.14 11.54 -2.09
N GLN A 22 4.39 12.00 -2.19
CA GLN A 22 4.87 12.69 -3.38
C GLN A 22 5.27 11.68 -4.46
N LEU A 23 5.69 10.50 -4.04
CA LEU A 23 6.10 9.46 -4.98
C LEU A 23 5.03 8.37 -5.09
N TRP A 24 3.85 8.64 -4.54
CA TRP A 24 2.74 7.69 -4.58
C TRP A 24 2.41 7.30 -6.02
N GLY A 25 2.95 6.16 -6.45
CA GLY A 25 2.71 5.69 -7.80
C GLY A 25 3.71 4.64 -8.25
N ASP A 26 4.92 4.72 -7.70
CA ASP A 26 5.99 3.78 -8.04
C ASP A 26 5.79 2.45 -7.30
N PHE A 27 5.15 1.50 -7.97
CA PHE A 27 4.89 0.18 -7.39
C PHE A 27 6.15 -0.42 -6.78
N GLY A 28 7.28 -0.25 -7.46
CA GLY A 28 8.53 -0.79 -6.97
C GLY A 28 8.96 -0.22 -5.63
N ARG A 29 8.62 1.05 -5.38
CA ARG A 29 9.00 1.70 -4.14
C ARG A 29 8.02 1.36 -3.01
N MET A 30 6.72 1.44 -3.29
CA MET A 30 5.71 1.14 -2.29
C MET A 30 5.88 -0.29 -1.76
N GLN A 31 6.06 -1.24 -2.66
CA GLN A 31 6.25 -2.63 -2.26
C GLN A 31 7.50 -2.78 -1.42
N GLN A 32 8.58 -2.12 -1.85
CA GLN A 32 9.84 -2.15 -1.13
C GLN A 32 9.64 -1.61 0.29
N ALA A 33 8.74 -0.65 0.41
CA ALA A 33 8.44 -0.05 1.70
C ALA A 33 7.52 -0.96 2.51
N TYR A 34 6.51 -1.51 1.84
CA TYR A 34 5.57 -2.41 2.49
C TYR A 34 6.31 -3.53 3.21
N LYS A 35 7.27 -4.15 2.52
CA LYS A 35 8.05 -5.23 3.09
C LYS A 35 9.04 -4.69 4.12
N GLN A 36 9.60 -3.52 3.83
CA GLN A 36 10.56 -2.89 4.73
C GLN A 36 9.93 -2.65 6.10
N GLN A 37 8.64 -2.35 6.10
CA GLN A 37 7.91 -2.10 7.34
C GLN A 37 7.29 -3.39 7.87
N SER A 38 7.12 -4.38 6.99
CA SER A 38 6.56 -5.66 7.37
C SER A 38 7.53 -6.41 8.28
N LEU A 39 8.82 -6.16 8.09
CA LEU A 39 9.85 -6.81 8.88
C LEU A 39 9.90 -6.26 10.30
N LEU A 40 9.58 -4.98 10.45
CA LEU A 40 9.58 -4.34 11.75
C LEU A 40 8.25 -4.51 12.47
N LEU A 41 7.21 -4.89 11.72
CA LEU A 41 5.89 -5.09 12.29
C LEU A 41 5.64 -6.55 12.65
N HIS A 42 6.67 -7.39 12.46
CA HIS A 42 6.55 -8.81 12.77
C HIS A 42 6.64 -9.05 14.27
N PRO A 43 5.69 -9.82 14.83
CA PRO A 43 5.64 -10.13 16.26
C PRO A 43 7.00 -10.50 16.87
N ASP A 44 7.81 -11.24 16.12
CA ASP A 44 9.13 -11.65 16.61
C ASP A 44 10.02 -10.46 16.91
N LYS A 45 9.64 -9.28 16.44
CA LYS A 45 10.41 -8.06 16.67
C LYS A 45 9.77 -7.20 17.76
N GLY A 46 9.10 -7.85 18.70
CA GLY A 46 8.45 -7.12 19.78
C GLY A 46 7.38 -6.18 19.29
N GLY A 47 6.92 -6.38 18.05
CA GLY A 47 5.88 -5.53 17.50
C GLY A 47 4.49 -6.09 17.71
N SER A 48 3.49 -5.36 17.24
CA SER A 48 2.10 -5.80 17.37
C SER A 48 1.67 -6.64 16.18
N HIS A 49 0.82 -7.63 16.44
CA HIS A 49 0.33 -8.51 15.38
C HIS A 49 -0.84 -7.87 14.64
N ALA A 50 -1.67 -7.13 15.38
CA ALA A 50 -2.83 -6.48 14.80
C ALA A 50 -2.41 -5.43 13.77
N LEU A 51 -1.26 -4.81 14.00
CA LEU A 51 -0.74 -3.80 13.09
C LEU A 51 -0.52 -4.38 11.70
N MET A 52 0.28 -5.44 11.63
CA MET A 52 0.58 -6.09 10.35
C MET A 52 -0.70 -6.53 9.66
N GLN A 53 -1.70 -6.88 10.46
CA GLN A 53 -2.98 -7.32 9.91
C GLN A 53 -3.66 -6.20 9.13
N GLU A 54 -3.40 -4.96 9.54
CA GLU A 54 -3.98 -3.80 8.88
C GLU A 54 -3.27 -3.51 7.57
N LEU A 55 -1.95 -3.60 7.58
CA LEU A 55 -1.15 -3.33 6.38
C LEU A 55 -1.59 -4.23 5.23
N ASN A 56 -1.77 -5.52 5.52
CA ASN A 56 -2.19 -6.47 4.51
C ASN A 56 -3.54 -6.08 3.92
N SER A 57 -4.36 -5.44 4.73
CA SER A 57 -5.69 -4.99 4.29
C SER A 57 -5.58 -3.74 3.44
N LEU A 58 -4.91 -2.72 3.97
CA LEU A 58 -4.75 -1.46 3.25
C LEU A 58 -3.95 -1.67 1.96
N TRP A 59 -3.08 -2.68 1.95
CA TRP A 59 -2.28 -2.98 0.79
C TRP A 59 -3.01 -3.96 -0.11
N GLY A 60 -3.92 -4.74 0.50
CA GLY A 60 -4.70 -5.71 -0.27
C GLY A 60 -5.69 -5.04 -1.19
N THR A 61 -6.68 -4.35 -0.61
CA THR A 61 -7.68 -3.64 -1.42
C THR A 61 -6.93 -2.80 -2.43
N PHE A 62 -5.99 -2.05 -1.88
CA PHE A 62 -5.11 -1.19 -2.67
C PHE A 62 -4.62 -1.96 -3.88
N LYS A 63 -4.08 -3.13 -3.59
CA LYS A 63 -3.56 -4.02 -4.61
C LYS A 63 -4.59 -4.34 -5.68
N THR A 64 -5.86 -4.51 -5.26
CA THR A 64 -6.93 -4.80 -6.21
C THR A 64 -6.85 -3.83 -7.37
N GLU A 65 -6.52 -2.59 -7.05
CA GLU A 65 -6.38 -1.55 -8.06
C GLU A 65 -4.96 -1.57 -8.62
N VAL A 66 -4.00 -1.97 -7.79
CA VAL A 66 -2.60 -2.03 -8.21
C VAL A 66 -2.45 -2.86 -9.48
N TYR A 67 -3.12 -4.00 -9.52
CA TYR A 67 -3.05 -4.87 -10.69
C TYR A 67 -3.56 -4.14 -11.93
N ASN A 68 -4.49 -3.21 -11.71
CA ASN A 68 -5.07 -2.44 -12.80
C ASN A 68 -4.29 -1.15 -13.07
N LEU A 69 -3.57 -0.67 -12.05
CA LEU A 69 -2.80 0.56 -12.19
C LEU A 69 -1.76 0.43 -13.29
N ARG A 70 -1.23 -0.78 -13.47
CA ARG A 70 -0.22 -1.03 -14.48
C ARG A 70 -0.83 -1.12 -15.88
N MET A 71 -2.13 -0.93 -15.94
CA MET A 71 -2.86 -0.98 -17.21
C MET A 71 -3.56 0.35 -17.47
N ASN A 72 -4.16 0.92 -16.44
CA ASN A 72 -4.86 2.19 -16.56
C ASN A 72 -3.88 3.33 -16.80
N LEU A 73 -4.12 4.12 -17.84
CA LEU A 73 -3.25 5.24 -18.18
C LEU A 73 -4.08 6.48 -18.52
N GLY A 74 -4.44 7.24 -17.49
CA GLY A 74 -5.23 8.44 -17.70
C GLY A 74 -6.66 8.15 -18.08
N GLY A 75 -7.54 9.12 -17.88
CA GLY A 75 -8.94 8.94 -18.21
C GLY A 75 -9.83 9.98 -17.55
N THR A 76 -10.56 9.56 -16.52
CA THR A 76 -11.45 10.45 -15.79
C THR A 76 -10.66 11.49 -15.00
N GLY A 77 -11.15 12.73 -15.02
CA GLY A 77 -10.48 13.80 -14.30
C GLY A 77 -10.78 15.17 -14.88
N PHE A 78 -10.89 15.24 -16.20
CA PHE A 78 -11.18 16.49 -16.88
C PHE A 78 -11.78 16.24 -18.26
N GLN A 79 -13.09 16.48 -18.39
CA GLN A 79 -13.77 16.28 -19.65
C GLN A 79 -13.75 17.55 -20.50
N MET A 1 -19.77 -4.49 -1.90
CA MET A 1 -18.86 -5.59 -2.35
C MET A 1 -17.51 -5.04 -2.79
N ASP A 2 -17.53 -4.02 -3.65
CA ASP A 2 -16.29 -3.42 -4.15
C ASP A 2 -15.36 -3.06 -3.00
N ARG A 3 -14.14 -3.61 -3.04
CA ARG A 3 -13.15 -3.34 -2.01
C ARG A 3 -12.23 -2.19 -2.43
N VAL A 4 -12.62 -0.98 -2.08
CA VAL A 4 -11.83 0.20 -2.42
C VAL A 4 -11.59 1.09 -1.21
N LEU A 5 -10.32 1.41 -0.96
CA LEU A 5 -9.94 2.25 0.16
C LEU A 5 -9.99 3.73 -0.22
N SER A 6 -10.41 4.56 0.74
CA SER A 6 -10.53 6.00 0.50
C SER A 6 -9.20 6.70 0.72
N ARG A 7 -9.23 8.03 0.66
CA ARG A 7 -8.03 8.84 0.85
C ARG A 7 -7.41 8.56 2.22
N ALA A 8 -8.27 8.37 3.22
CA ALA A 8 -7.81 8.10 4.58
C ALA A 8 -7.05 6.78 4.63
N ASP A 9 -7.54 5.78 3.93
CA ASP A 9 -6.90 4.46 3.90
C ASP A 9 -5.53 4.55 3.25
N LYS A 10 -5.49 5.00 2.01
CA LYS A 10 -4.21 5.12 1.28
C LYS A 10 -3.26 6.03 2.04
N GLU A 11 -3.81 7.08 2.64
CA GLU A 11 -3.01 8.04 3.41
C GLU A 11 -2.41 7.34 4.63
N ARG A 12 -3.20 6.46 5.25
CA ARG A 12 -2.76 5.72 6.42
C ARG A 12 -1.79 4.62 6.01
N LEU A 13 -2.02 4.05 4.83
CA LEU A 13 -1.16 3.00 4.30
C LEU A 13 0.26 3.54 4.08
N LEU A 14 0.33 4.81 3.69
CA LEU A 14 1.61 5.45 3.43
C LEU A 14 2.35 5.72 4.74
N GLU A 15 1.62 6.16 5.76
CA GLU A 15 2.20 6.46 7.05
C GLU A 15 2.91 5.24 7.61
N LEU A 16 2.43 4.05 7.24
CA LEU A 16 3.02 2.80 7.70
C LEU A 16 4.13 2.34 6.77
N LEU A 17 4.07 2.77 5.51
CA LEU A 17 5.07 2.39 4.52
C LEU A 17 6.27 3.34 4.53
N LYS A 18 6.22 4.37 5.37
CA LYS A 18 7.32 5.34 5.40
C LYS A 18 7.57 5.90 4.00
N LEU A 19 6.57 5.76 3.14
CA LEU A 19 6.64 6.21 1.77
C LEU A 19 5.72 7.41 1.57
N PRO A 20 6.29 8.61 1.38
CA PRO A 20 5.53 9.85 1.19
C PRO A 20 4.38 9.70 0.20
N ARG A 21 3.52 10.71 0.16
CA ARG A 21 2.38 10.73 -0.74
C ARG A 21 2.75 11.38 -2.07
N GLN A 22 3.93 12.00 -2.11
CA GLN A 22 4.41 12.68 -3.31
C GLN A 22 4.79 11.69 -4.40
N LEU A 23 5.27 10.53 -3.99
CA LEU A 23 5.67 9.49 -4.94
C LEU A 23 4.60 8.40 -5.05
N TRP A 24 3.43 8.64 -4.45
CA TRP A 24 2.32 7.69 -4.48
C TRP A 24 2.03 7.22 -5.91
N GLY A 25 2.37 5.97 -6.20
CA GLY A 25 2.13 5.43 -7.52
C GLY A 25 3.23 4.49 -7.98
N ASP A 26 4.42 4.65 -7.42
CA ASP A 26 5.56 3.81 -7.78
C ASP A 26 5.48 2.44 -7.11
N PHE A 27 4.89 1.48 -7.81
CA PHE A 27 4.74 0.12 -7.29
C PHE A 27 6.06 -0.45 -6.77
N GLY A 28 7.14 -0.19 -7.50
CA GLY A 28 8.44 -0.71 -7.10
C GLY A 28 8.95 -0.10 -5.80
N ARG A 29 8.69 1.19 -5.61
CA ARG A 29 9.16 1.88 -4.40
C ARG A 29 8.26 1.57 -3.21
N MET A 30 6.96 1.46 -3.45
CA MET A 30 6.02 1.18 -2.37
C MET A 30 6.21 -0.25 -1.84
N GLN A 31 6.33 -1.21 -2.76
CA GLN A 31 6.54 -2.59 -2.36
C GLN A 31 7.83 -2.75 -1.58
N GLN A 32 8.84 -1.98 -1.98
CA GLN A 32 10.14 -2.02 -1.31
C GLN A 32 9.99 -1.57 0.15
N ALA A 33 9.27 -0.46 0.34
CA ALA A 33 9.04 0.08 1.67
C ALA A 33 8.06 -0.79 2.44
N TYR A 34 7.12 -1.39 1.72
CA TYR A 34 6.12 -2.25 2.35
C TYR A 34 6.79 -3.47 2.99
N LYS A 35 7.71 -4.09 2.26
CA LYS A 35 8.42 -5.26 2.76
C LYS A 35 9.26 -4.91 3.99
N GLN A 36 9.94 -3.77 3.93
CA GLN A 36 10.78 -3.32 5.03
C GLN A 36 9.94 -3.01 6.26
N GLN A 37 8.70 -2.58 6.04
CA GLN A 37 7.79 -2.25 7.13
C GLN A 37 7.02 -3.48 7.59
N SER A 38 6.91 -4.47 6.72
CA SER A 38 6.20 -5.70 7.03
C SER A 38 7.05 -6.58 7.95
N LEU A 39 8.37 -6.49 7.80
CA LEU A 39 9.29 -7.27 8.61
C LEU A 39 9.33 -6.76 10.04
N LEU A 40 9.21 -5.44 10.21
CA LEU A 40 9.22 -4.85 11.54
C LEU A 40 7.84 -4.88 12.17
N LEU A 41 6.82 -5.17 11.38
CA LEU A 41 5.46 -5.25 11.88
C LEU A 41 5.09 -6.69 12.26
N HIS A 42 6.06 -7.60 12.12
CA HIS A 42 5.85 -9.01 12.45
C HIS A 42 5.94 -9.21 13.96
N PRO A 43 5.05 -10.06 14.52
CA PRO A 43 5.02 -10.33 15.97
C PRO A 43 6.30 -10.95 16.52
N ASP A 44 7.16 -11.46 15.64
CA ASP A 44 8.41 -12.07 16.08
C ASP A 44 9.50 -11.02 16.25
N LYS A 45 9.32 -9.87 15.60
CA LYS A 45 10.28 -8.78 15.69
C LYS A 45 9.78 -7.69 16.62
N GLY A 46 8.96 -8.08 17.60
CA GLY A 46 8.42 -7.13 18.54
C GLY A 46 7.32 -6.27 17.94
N GLY A 47 6.60 -6.83 16.97
CA GLY A 47 5.53 -6.09 16.32
C GLY A 47 4.15 -6.55 16.76
N SER A 48 3.14 -5.72 16.49
CA SER A 48 1.77 -6.02 16.87
C SER A 48 1.05 -6.77 15.74
N HIS A 49 -0.02 -7.48 16.11
CA HIS A 49 -0.81 -8.22 15.13
C HIS A 49 -1.74 -7.29 14.36
N ALA A 50 -2.47 -6.45 15.10
CA ALA A 50 -3.40 -5.51 14.50
C ALA A 50 -2.71 -4.61 13.48
N LEU A 51 -1.46 -4.24 13.77
CA LEU A 51 -0.69 -3.39 12.87
C LEU A 51 -0.31 -4.13 11.60
N MET A 52 0.23 -5.34 11.78
CA MET A 52 0.64 -6.17 10.65
C MET A 52 -0.53 -6.43 9.71
N GLN A 53 -1.65 -6.86 10.27
CA GLN A 53 -2.83 -7.15 9.46
C GLN A 53 -3.42 -5.87 8.86
N GLU A 54 -3.32 -4.77 9.59
CA GLU A 54 -3.84 -3.48 9.11
C GLU A 54 -3.14 -3.07 7.83
N LEU A 55 -1.82 -3.27 7.79
CA LEU A 55 -1.01 -2.92 6.64
C LEU A 55 -1.41 -3.75 5.42
N ASN A 56 -1.46 -5.07 5.60
CA ASN A 56 -1.82 -5.98 4.52
C ASN A 56 -3.23 -5.68 4.02
N SER A 57 -4.13 -5.34 4.95
CA SER A 57 -5.51 -5.02 4.60
C SER A 57 -5.57 -3.80 3.69
N LEU A 58 -4.71 -2.83 3.96
CA LEU A 58 -4.67 -1.60 3.17
C LEU A 58 -3.85 -1.80 1.89
N TRP A 59 -2.95 -2.78 1.92
CA TRP A 59 -2.11 -3.09 0.77
C TRP A 59 -2.81 -4.11 -0.12
N GLY A 60 -3.79 -4.81 0.45
CA GLY A 60 -4.54 -5.80 -0.31
C GLY A 60 -5.54 -5.15 -1.25
N THR A 61 -6.49 -4.41 -0.67
CA THR A 61 -7.50 -3.73 -1.48
C THR A 61 -6.77 -2.85 -2.48
N PHE A 62 -5.85 -2.08 -1.91
CA PHE A 62 -5.00 -1.18 -2.69
C PHE A 62 -4.49 -1.90 -3.92
N LYS A 63 -3.98 -3.10 -3.66
CA LYS A 63 -3.43 -3.95 -4.70
C LYS A 63 -4.49 -4.29 -5.75
N THR A 64 -5.74 -4.44 -5.30
CA THR A 64 -6.83 -4.74 -6.21
C THR A 64 -6.76 -3.82 -7.41
N GLU A 65 -6.38 -2.57 -7.15
CA GLU A 65 -6.23 -1.58 -8.19
C GLU A 65 -4.83 -1.67 -8.79
N VAL A 66 -3.86 -2.03 -7.94
CA VAL A 66 -2.48 -2.17 -8.38
C VAL A 66 -2.37 -3.12 -9.56
N TYR A 67 -3.14 -4.21 -9.51
CA TYR A 67 -3.13 -5.20 -10.57
C TYR A 67 -3.65 -4.58 -11.86
N ASN A 68 -4.55 -3.61 -11.72
CA ASN A 68 -5.13 -2.93 -12.87
C ASN A 68 -4.31 -1.71 -13.27
N LEU A 69 -3.50 -1.19 -12.35
CA LEU A 69 -2.68 -0.01 -12.62
C LEU A 69 -1.76 -0.28 -13.82
N ARG A 70 -1.21 -1.49 -13.88
CA ARG A 70 -0.31 -1.87 -14.96
C ARG A 70 -1.03 -2.05 -16.29
N MET A 71 -2.33 -1.84 -16.27
CA MET A 71 -3.16 -1.98 -17.46
C MET A 71 -3.62 -0.60 -17.94
N ASN A 72 -3.80 0.32 -17.00
CA ASN A 72 -4.25 1.67 -17.32
C ASN A 72 -3.21 2.40 -18.16
N LEU A 73 -3.55 3.59 -18.63
CA LEU A 73 -2.64 4.39 -19.44
C LEU A 73 -1.88 5.40 -18.57
N GLY A 74 -1.79 5.11 -17.28
CA GLY A 74 -1.08 6.01 -16.37
C GLY A 74 0.35 5.57 -16.13
N GLY A 75 0.93 4.88 -17.10
CA GLY A 75 2.30 4.42 -16.95
C GLY A 75 3.29 5.56 -16.91
N THR A 76 3.69 6.03 -18.09
CA THR A 76 4.65 7.13 -18.19
C THR A 76 4.01 8.46 -17.78
N GLY A 77 4.78 9.28 -17.06
CA GLY A 77 4.27 10.56 -16.62
C GLY A 77 5.39 11.54 -16.29
N PHE A 78 6.30 11.72 -17.24
CA PHE A 78 7.43 12.62 -17.04
C PHE A 78 6.99 14.09 -17.08
N GLN A 79 7.30 14.82 -16.03
CA GLN A 79 6.95 16.23 -15.94
C GLN A 79 8.13 17.12 -16.29
N MET A 1 -17.64 -7.76 -2.54
CA MET A 1 -16.88 -7.49 -3.78
C MET A 1 -16.28 -6.09 -3.78
N ASP A 2 -17.11 -5.09 -3.51
CA ASP A 2 -16.66 -3.70 -3.48
C ASP A 2 -15.76 -3.44 -2.28
N ARG A 3 -14.51 -3.12 -2.55
CA ARG A 3 -13.53 -2.84 -1.49
C ARG A 3 -12.53 -1.80 -1.96
N VAL A 4 -12.79 -0.55 -1.59
CA VAL A 4 -11.91 0.55 -1.97
C VAL A 4 -11.70 1.51 -0.81
N LEU A 5 -10.44 1.64 -0.40
CA LEU A 5 -10.07 2.54 0.69
C LEU A 5 -10.03 3.99 0.26
N SER A 6 -10.38 4.88 1.19
CA SER A 6 -10.39 6.32 0.91
C SER A 6 -9.05 6.96 1.23
N ARG A 7 -8.98 8.27 1.07
CA ARG A 7 -7.76 9.02 1.34
C ARG A 7 -7.26 8.76 2.76
N ALA A 8 -8.20 8.60 3.68
CA ALA A 8 -7.86 8.34 5.08
C ALA A 8 -7.24 6.97 5.26
N ASP A 9 -7.73 5.99 4.51
CA ASP A 9 -7.23 4.62 4.61
C ASP A 9 -5.97 4.43 3.75
N LYS A 10 -6.01 4.91 2.50
CA LYS A 10 -4.86 4.78 1.61
C LYS A 10 -3.67 5.53 2.18
N GLU A 11 -3.93 6.66 2.83
CA GLU A 11 -2.87 7.45 3.45
C GLU A 11 -2.29 6.70 4.63
N ARG A 12 -3.16 5.96 5.31
CA ARG A 12 -2.77 5.16 6.47
C ARG A 12 -1.74 4.11 6.03
N LEU A 13 -1.89 3.65 4.80
CA LEU A 13 -0.98 2.67 4.22
C LEU A 13 0.40 3.29 4.02
N LEU A 14 0.40 4.55 3.63
CA LEU A 14 1.64 5.29 3.39
C LEU A 14 2.40 5.51 4.69
N GLU A 15 1.66 5.79 5.76
CA GLU A 15 2.27 6.03 7.06
C GLU A 15 3.15 4.85 7.48
N LEU A 16 2.58 3.65 7.40
CA LEU A 16 3.30 2.43 7.76
C LEU A 16 4.30 2.06 6.68
N LEU A 17 4.15 2.64 5.49
CA LEU A 17 5.04 2.37 4.37
C LEU A 17 6.22 3.31 4.34
N LYS A 18 6.22 4.33 5.20
CA LYS A 18 7.30 5.31 5.22
C LYS A 18 7.54 5.87 3.83
N LEU A 19 6.52 5.74 2.98
CA LEU A 19 6.57 6.19 1.61
C LEU A 19 5.69 7.44 1.45
N PRO A 20 6.31 8.62 1.29
CA PRO A 20 5.58 9.89 1.15
C PRO A 20 4.44 9.80 0.15
N ARG A 21 3.61 10.84 0.15
CA ARG A 21 2.46 10.92 -0.75
C ARG A 21 2.87 11.60 -2.06
N GLN A 22 4.10 12.08 -2.12
CA GLN A 22 4.62 12.77 -3.31
C GLN A 22 4.93 11.78 -4.41
N LEU A 23 5.40 10.60 -4.02
CA LEU A 23 5.75 9.57 -4.97
C LEU A 23 4.69 8.46 -5.03
N TRP A 24 3.53 8.74 -4.44
CA TRP A 24 2.41 7.80 -4.42
C TRP A 24 2.02 7.38 -5.84
N GLY A 25 2.39 6.15 -6.21
CA GLY A 25 2.07 5.65 -7.53
C GLY A 25 3.10 4.64 -8.03
N ASP A 26 4.29 4.66 -7.47
CA ASP A 26 5.36 3.74 -7.87
C ASP A 26 5.23 2.41 -7.15
N PHE A 27 4.84 1.37 -7.88
CA PHE A 27 4.67 0.04 -7.29
C PHE A 27 5.99 -0.50 -6.74
N GLY A 28 7.08 -0.26 -7.45
CA GLY A 28 8.38 -0.74 -7.02
C GLY A 28 8.81 -0.16 -5.68
N ARG A 29 8.42 1.07 -5.41
CA ARG A 29 8.80 1.73 -4.17
C ARG A 29 7.86 1.35 -3.02
N MET A 30 6.56 1.30 -3.30
CA MET A 30 5.57 0.94 -2.28
C MET A 30 5.74 -0.50 -1.83
N GLN A 31 5.84 -1.42 -2.77
CA GLN A 31 6.03 -2.83 -2.44
C GLN A 31 7.36 -3.03 -1.72
N GLN A 32 8.39 -2.32 -2.18
CA GLN A 32 9.71 -2.41 -1.57
C GLN A 32 9.63 -1.95 -0.12
N ALA A 33 8.83 -0.92 0.12
CA ALA A 33 8.66 -0.38 1.46
C ALA A 33 7.76 -1.30 2.29
N TYR A 34 6.69 -1.79 1.68
CA TYR A 34 5.76 -2.68 2.35
C TYR A 34 6.51 -3.85 2.99
N LYS A 35 7.51 -4.36 2.28
CA LYS A 35 8.30 -5.48 2.77
C LYS A 35 9.25 -5.04 3.88
N GLN A 36 9.89 -3.89 3.67
CA GLN A 36 10.82 -3.35 4.66
C GLN A 36 10.09 -2.98 5.95
N GLN A 37 8.84 -2.55 5.80
CA GLN A 37 8.03 -2.16 6.95
C GLN A 37 7.31 -3.37 7.55
N SER A 38 7.13 -4.40 6.74
CA SER A 38 6.48 -5.62 7.20
C SER A 38 7.39 -6.38 8.18
N LEU A 39 8.68 -6.11 8.10
CA LEU A 39 9.66 -6.75 8.98
C LEU A 39 9.75 -6.04 10.33
N LEU A 40 9.55 -4.73 10.33
CA LEU A 40 9.61 -3.95 11.56
C LEU A 40 8.26 -3.98 12.30
N LEU A 41 7.23 -4.48 11.65
CA LEU A 41 5.91 -4.57 12.25
C LEU A 41 5.67 -5.95 12.87
N HIS A 42 6.58 -6.88 12.59
CA HIS A 42 6.50 -8.23 13.13
C HIS A 42 6.50 -8.20 14.66
N PRO A 43 5.77 -9.12 15.30
CA PRO A 43 5.71 -9.18 16.77
C PRO A 43 7.04 -9.58 17.40
N ASP A 44 8.00 -9.98 16.58
CA ASP A 44 9.31 -10.38 17.07
C ASP A 44 10.25 -9.17 17.16
N LYS A 45 9.95 -8.13 16.41
CA LYS A 45 10.76 -6.91 16.41
C LYS A 45 10.05 -5.79 17.15
N GLY A 46 9.22 -6.16 18.12
CA GLY A 46 8.48 -5.16 18.88
C GLY A 46 7.45 -4.44 18.04
N GLY A 47 6.44 -5.17 17.60
CA GLY A 47 5.39 -4.58 16.78
C GLY A 47 4.00 -5.03 17.19
N SER A 48 2.98 -4.29 16.77
CA SER A 48 1.60 -4.63 17.10
C SER A 48 1.00 -5.52 16.03
N HIS A 49 0.32 -6.58 16.47
CA HIS A 49 -0.30 -7.52 15.55
C HIS A 49 -1.48 -6.88 14.83
N ALA A 50 -2.13 -5.92 15.50
CA ALA A 50 -3.27 -5.23 14.93
C ALA A 50 -2.87 -4.35 13.76
N LEU A 51 -1.63 -3.88 13.77
CA LEU A 51 -1.14 -3.03 12.70
C LEU A 51 -0.77 -3.85 11.46
N MET A 52 0.00 -4.91 11.67
CA MET A 52 0.44 -5.77 10.58
C MET A 52 -0.74 -6.29 9.77
N GLN A 53 -1.74 -6.87 10.45
CA GLN A 53 -2.91 -7.40 9.77
C GLN A 53 -3.70 -6.30 9.07
N GLU A 54 -3.59 -5.07 9.58
CA GLU A 54 -4.28 -3.94 8.99
C GLU A 54 -3.62 -3.52 7.68
N LEU A 55 -2.29 -3.57 7.68
CA LEU A 55 -1.50 -3.20 6.50
C LEU A 55 -1.89 -4.05 5.30
N ASN A 56 -2.06 -5.36 5.53
CA ASN A 56 -2.43 -6.28 4.47
C ASN A 56 -3.78 -5.91 3.86
N SER A 57 -4.65 -5.30 4.67
CA SER A 57 -5.97 -4.91 4.21
C SER A 57 -5.90 -3.63 3.36
N LEU A 58 -4.89 -2.80 3.61
CA LEU A 58 -4.72 -1.56 2.87
C LEU A 58 -3.86 -1.78 1.63
N TRP A 59 -2.91 -2.71 1.73
CA TRP A 59 -2.01 -3.02 0.64
C TRP A 59 -2.65 -4.08 -0.26
N GLY A 60 -3.66 -4.78 0.26
CA GLY A 60 -4.34 -5.80 -0.49
C GLY A 60 -5.33 -5.22 -1.47
N THR A 61 -6.33 -4.48 -0.97
CA THR A 61 -7.33 -3.86 -1.84
C THR A 61 -6.58 -2.99 -2.82
N PHE A 62 -5.72 -2.17 -2.25
CA PHE A 62 -4.86 -1.28 -3.01
C PHE A 62 -4.28 -2.02 -4.20
N LYS A 63 -3.71 -3.18 -3.89
CA LYS A 63 -3.11 -4.05 -4.88
C LYS A 63 -4.10 -4.41 -5.97
N THR A 64 -5.36 -4.65 -5.59
CA THR A 64 -6.39 -4.99 -6.56
C THR A 64 -6.33 -4.00 -7.72
N GLU A 65 -6.05 -2.75 -7.37
CA GLU A 65 -5.93 -1.70 -8.37
C GLU A 65 -4.51 -1.68 -8.93
N VAL A 66 -3.55 -2.09 -8.09
CA VAL A 66 -2.16 -2.12 -8.49
C VAL A 66 -1.96 -3.00 -9.73
N TYR A 67 -2.77 -4.05 -9.84
CA TYR A 67 -2.68 -4.94 -10.99
C TYR A 67 -3.17 -4.25 -12.26
N ASN A 68 -4.17 -3.40 -12.11
CA ASN A 68 -4.73 -2.68 -13.26
C ASN A 68 -4.00 -1.36 -13.49
N LEU A 69 -3.24 -0.91 -12.49
CA LEU A 69 -2.49 0.35 -12.61
C LEU A 69 -1.53 0.30 -13.78
N ARG A 70 -1.02 -0.90 -14.07
CA ARG A 70 -0.07 -1.08 -15.17
C ARG A 70 -0.75 -1.01 -16.52
N MET A 71 -2.04 -0.76 -16.51
CA MET A 71 -2.83 -0.65 -17.74
C MET A 71 -3.20 0.80 -18.01
N ASN A 72 -3.38 1.57 -16.93
CA ASN A 72 -3.75 2.98 -17.06
C ASN A 72 -2.59 3.78 -17.65
N LEU A 73 -2.73 5.10 -17.65
CA LEU A 73 -1.69 5.97 -18.20
C LEU A 73 -0.49 6.02 -17.26
N GLY A 74 0.30 4.94 -17.28
CA GLY A 74 1.47 4.86 -16.42
C GLY A 74 2.54 3.95 -16.99
N GLY A 75 2.91 4.18 -18.25
CA GLY A 75 3.93 3.36 -18.88
C GLY A 75 5.32 3.69 -18.40
N THR A 76 5.85 2.86 -17.50
CA THR A 76 7.19 3.08 -16.96
C THR A 76 8.25 2.48 -17.86
N GLY A 77 8.93 3.35 -18.62
CA GLY A 77 9.98 2.89 -19.52
C GLY A 77 9.46 2.02 -20.64
N PHE A 78 9.20 0.75 -20.33
CA PHE A 78 8.70 -0.20 -21.32
C PHE A 78 7.21 0.01 -21.60
N GLN A 79 6.91 0.57 -22.76
CA GLN A 79 5.53 0.81 -23.16
C GLN A 79 5.12 -0.12 -24.30
N MET A 1 -20.30 -3.21 0.80
CA MET A 1 -20.16 -4.33 -0.17
C MET A 1 -18.79 -4.29 -0.84
N ASP A 2 -18.54 -3.24 -1.61
CA ASP A 2 -17.28 -3.08 -2.32
C ASP A 2 -16.15 -2.71 -1.35
N ARG A 3 -14.98 -3.29 -1.57
CA ARG A 3 -13.82 -3.02 -0.73
C ARG A 3 -12.95 -1.94 -1.37
N VAL A 4 -13.22 -0.69 -1.02
CA VAL A 4 -12.46 0.42 -1.58
C VAL A 4 -12.14 1.46 -0.50
N LEU A 5 -10.84 1.71 -0.32
CA LEU A 5 -10.38 2.69 0.66
C LEU A 5 -10.31 4.09 0.08
N SER A 6 -10.56 5.08 0.94
CA SER A 6 -10.55 6.48 0.53
C SER A 6 -9.15 7.07 0.72
N ARG A 7 -9.04 8.37 0.50
CA ARG A 7 -7.76 9.06 0.63
C ARG A 7 -7.21 8.88 2.05
N ALA A 8 -8.09 8.93 3.03
CA ALA A 8 -7.70 8.78 4.42
C ALA A 8 -7.09 7.40 4.68
N ASP A 9 -7.78 6.36 4.23
CA ASP A 9 -7.30 5.00 4.41
C ASP A 9 -5.99 4.76 3.65
N LYS A 10 -6.02 5.00 2.33
CA LYS A 10 -4.83 4.81 1.51
C LYS A 10 -3.68 5.63 2.09
N GLU A 11 -4.01 6.76 2.70
CA GLU A 11 -3.02 7.62 3.32
C GLU A 11 -2.40 6.90 4.50
N ARG A 12 -3.23 6.18 5.24
CA ARG A 12 -2.77 5.41 6.39
C ARG A 12 -1.77 4.34 5.96
N LEU A 13 -1.94 3.86 4.74
CA LEU A 13 -1.05 2.86 4.17
C LEU A 13 0.31 3.47 3.87
N LEU A 14 0.29 4.76 3.52
CA LEU A 14 1.52 5.47 3.22
C LEU A 14 2.33 5.76 4.48
N GLU A 15 1.63 6.14 5.55
CA GLU A 15 2.28 6.43 6.83
C GLU A 15 3.14 5.24 7.27
N LEU A 16 2.56 4.05 7.20
CA LEU A 16 3.26 2.84 7.59
C LEU A 16 4.25 2.40 6.49
N LEU A 17 4.08 2.95 5.29
CA LEU A 17 4.95 2.61 4.17
C LEU A 17 6.16 3.53 4.08
N LYS A 18 6.20 4.57 4.92
CA LYS A 18 7.32 5.51 4.87
C LYS A 18 7.52 6.04 3.45
N LEU A 19 6.47 5.91 2.65
CA LEU A 19 6.49 6.33 1.26
C LEU A 19 5.61 7.57 1.08
N PRO A 20 6.23 8.74 0.84
CA PRO A 20 5.49 10.01 0.66
C PRO A 20 4.30 9.90 -0.29
N ARG A 21 3.47 10.94 -0.27
CA ARG A 21 2.29 11.03 -1.12
C ARG A 21 2.60 11.65 -2.47
N GLN A 22 3.85 12.09 -2.65
CA GLN A 22 4.27 12.72 -3.90
C GLN A 22 4.61 11.68 -4.96
N LEU A 23 5.08 10.52 -4.51
CA LEU A 23 5.45 9.44 -5.42
C LEU A 23 4.43 8.31 -5.38
N TRP A 24 3.27 8.57 -4.77
CA TRP A 24 2.21 7.59 -4.67
C TRP A 24 1.83 7.02 -6.05
N GLY A 25 2.41 5.87 -6.38
CA GLY A 25 2.13 5.24 -7.66
C GLY A 25 3.19 4.26 -8.08
N ASP A 26 4.41 4.44 -7.57
CA ASP A 26 5.52 3.55 -7.90
C ASP A 26 5.41 2.22 -7.14
N PHE A 27 4.86 1.21 -7.79
CA PHE A 27 4.71 -0.11 -7.17
C PHE A 27 6.02 -0.60 -6.60
N GLY A 28 7.11 -0.32 -7.29
CA GLY A 28 8.42 -0.76 -6.85
C GLY A 28 8.85 -0.15 -5.53
N ARG A 29 8.46 1.10 -5.29
CA ARG A 29 8.84 1.78 -4.06
C ARG A 29 7.92 1.40 -2.90
N MET A 30 6.62 1.36 -3.15
CA MET A 30 5.66 1.00 -2.12
C MET A 30 5.88 -0.42 -1.63
N GLN A 31 6.06 -1.36 -2.56
CA GLN A 31 6.29 -2.75 -2.20
C GLN A 31 7.60 -2.90 -1.46
N GLN A 32 8.59 -2.10 -1.85
CA GLN A 32 9.90 -2.15 -1.20
C GLN A 32 9.76 -1.77 0.27
N ALA A 33 9.01 -0.71 0.53
CA ALA A 33 8.79 -0.25 1.89
C ALA A 33 7.87 -1.22 2.64
N TYR A 34 6.81 -1.67 1.97
CA TYR A 34 5.87 -2.60 2.58
C TYR A 34 6.61 -3.80 3.18
N LYS A 35 7.49 -4.40 2.38
CA LYS A 35 8.27 -5.55 2.82
C LYS A 35 9.24 -5.16 3.94
N GLN A 36 9.68 -3.91 3.91
CA GLN A 36 10.62 -3.41 4.91
C GLN A 36 9.91 -3.22 6.25
N GLN A 37 8.79 -2.51 6.22
CA GLN A 37 8.02 -2.25 7.43
C GLN A 37 7.33 -3.51 7.93
N SER A 38 7.21 -4.51 7.06
CA SER A 38 6.59 -5.77 7.43
C SER A 38 7.46 -6.53 8.42
N LEU A 39 8.78 -6.35 8.28
CA LEU A 39 9.74 -7.02 9.16
C LEU A 39 9.67 -6.47 10.58
N LEU A 40 9.40 -5.17 10.69
CA LEU A 40 9.31 -4.52 12.00
C LEU A 40 7.90 -4.65 12.59
N LEU A 41 6.93 -4.99 11.74
CA LEU A 41 5.56 -5.14 12.18
C LEU A 41 5.25 -6.61 12.51
N HIS A 42 6.28 -7.45 12.46
CA HIS A 42 6.13 -8.88 12.75
C HIS A 42 6.33 -9.15 14.23
N PRO A 43 5.57 -10.09 14.80
CA PRO A 43 5.65 -10.44 16.22
C PRO A 43 7.00 -11.05 16.63
N ASP A 44 7.81 -11.40 15.64
CA ASP A 44 9.13 -11.98 15.92
C ASP A 44 10.18 -10.89 16.16
N LYS A 45 9.87 -9.67 15.72
CA LYS A 45 10.79 -8.55 15.89
C LYS A 45 10.16 -7.49 16.79
N GLY A 46 9.33 -7.91 17.72
CA GLY A 46 8.68 -6.98 18.63
C GLY A 46 7.57 -6.19 17.96
N GLY A 47 6.89 -6.82 17.01
CA GLY A 47 5.80 -6.15 16.31
C GLY A 47 4.45 -6.65 16.73
N SER A 48 3.41 -5.87 16.46
CA SER A 48 2.04 -6.23 16.82
C SER A 48 1.37 -7.02 15.69
N HIS A 49 0.50 -7.94 16.05
CA HIS A 49 -0.21 -8.75 15.08
C HIS A 49 -1.27 -7.92 14.37
N ALA A 50 -2.01 -7.12 15.13
CA ALA A 50 -3.05 -6.27 14.57
C ALA A 50 -2.46 -5.22 13.64
N LEU A 51 -1.23 -4.81 13.93
CA LEU A 51 -0.54 -3.81 13.12
C LEU A 51 -0.25 -4.36 11.72
N MET A 52 0.33 -5.55 11.68
CA MET A 52 0.67 -6.19 10.41
C MET A 52 -0.60 -6.51 9.61
N GLN A 53 -1.71 -6.67 10.32
CA GLN A 53 -2.99 -6.98 9.69
C GLN A 53 -3.55 -5.75 8.97
N GLU A 54 -3.30 -4.57 9.54
CA GLU A 54 -3.77 -3.33 8.96
C GLU A 54 -3.15 -3.08 7.59
N LEU A 55 -1.82 -3.11 7.55
CA LEU A 55 -1.09 -2.89 6.30
C LEU A 55 -1.50 -3.90 5.24
N ASN A 56 -1.58 -5.17 5.62
CA ASN A 56 -1.95 -6.24 4.70
C ASN A 56 -3.34 -5.98 4.11
N SER A 57 -4.25 -5.49 4.94
CA SER A 57 -5.61 -5.20 4.49
C SER A 57 -5.63 -3.99 3.55
N LEU A 58 -4.94 -2.93 3.95
CA LEU A 58 -4.86 -1.72 3.13
C LEU A 58 -4.04 -1.95 1.87
N TRP A 59 -3.12 -2.92 1.94
CA TRP A 59 -2.28 -3.26 0.81
C TRP A 59 -2.95 -4.31 -0.05
N GLY A 60 -4.02 -4.92 0.47
CA GLY A 60 -4.74 -5.93 -0.26
C GLY A 60 -5.67 -5.33 -1.30
N THR A 61 -6.67 -4.56 -0.83
CA THR A 61 -7.61 -3.90 -1.74
C THR A 61 -6.79 -3.05 -2.68
N PHE A 62 -5.94 -2.23 -2.06
CA PHE A 62 -5.04 -1.34 -2.78
C PHE A 62 -4.43 -2.09 -3.96
N LYS A 63 -3.91 -3.27 -3.65
CA LYS A 63 -3.29 -4.14 -4.63
C LYS A 63 -4.24 -4.43 -5.79
N THR A 64 -5.51 -4.71 -5.47
CA THR A 64 -6.50 -4.99 -6.50
C THR A 64 -6.41 -3.93 -7.59
N GLU A 65 -6.14 -2.71 -7.17
CA GLU A 65 -5.98 -1.59 -8.09
C GLU A 65 -4.54 -1.56 -8.59
N VAL A 66 -3.62 -1.99 -7.75
CA VAL A 66 -2.20 -2.03 -8.09
C VAL A 66 -1.98 -2.75 -9.41
N TYR A 67 -2.79 -3.79 -9.66
CA TYR A 67 -2.69 -4.55 -10.89
C TYR A 67 -3.16 -3.72 -12.08
N ASN A 68 -4.06 -2.78 -11.80
CA ASN A 68 -4.59 -1.92 -12.85
C ASN A 68 -3.77 -0.63 -12.98
N LEU A 69 -3.04 -0.27 -11.92
CA LEU A 69 -2.22 0.94 -11.94
C LEU A 69 -1.20 0.90 -13.06
N ARG A 70 -0.67 -0.30 -13.34
CA ARG A 70 0.33 -0.48 -14.38
C ARG A 70 -0.28 -0.33 -15.77
N MET A 71 -1.56 -0.05 -15.82
CA MET A 71 -2.27 0.14 -17.08
C MET A 71 -2.58 1.61 -17.31
N ASN A 72 -2.76 2.35 -16.22
CA ASN A 72 -3.05 3.78 -16.30
C ASN A 72 -1.89 4.55 -16.93
N LEU A 73 -2.12 5.06 -18.13
CA LEU A 73 -1.09 5.82 -18.84
C LEU A 73 -1.48 7.29 -18.98
N GLY A 74 -2.36 7.76 -18.09
CA GLY A 74 -2.80 9.14 -18.13
C GLY A 74 -4.26 9.27 -18.46
N GLY A 75 -5.07 9.55 -17.44
CA GLY A 75 -6.50 9.70 -17.66
C GLY A 75 -7.17 10.45 -16.52
N THR A 76 -6.89 11.75 -16.44
CA THR A 76 -7.47 12.59 -15.39
C THR A 76 -8.89 13.02 -15.77
N GLY A 77 -9.84 12.67 -14.93
CA GLY A 77 -11.23 13.03 -15.18
C GLY A 77 -12.08 11.83 -15.57
N PHE A 78 -11.52 10.63 -15.44
CA PHE A 78 -12.23 9.41 -15.77
C PHE A 78 -12.95 8.84 -14.56
N GLN A 79 -14.28 8.97 -14.54
CA GLN A 79 -15.08 8.47 -13.43
C GLN A 79 -15.58 7.06 -13.71
N MET A 1 -19.73 -6.77 -1.73
CA MET A 1 -19.33 -5.36 -1.49
C MET A 1 -18.02 -5.02 -2.19
N ASP A 2 -18.03 -3.96 -2.99
CA ASP A 2 -16.84 -3.54 -3.70
C ASP A 2 -15.69 -3.26 -2.74
N ARG A 3 -14.51 -3.75 -3.06
CA ARG A 3 -13.33 -3.55 -2.23
C ARG A 3 -12.51 -2.36 -2.72
N VAL A 4 -12.85 -1.18 -2.22
CA VAL A 4 -12.14 0.04 -2.60
C VAL A 4 -11.90 0.93 -1.38
N LEU A 5 -10.63 1.29 -1.18
CA LEU A 5 -10.24 2.13 -0.05
C LEU A 5 -10.32 3.61 -0.41
N SER A 6 -10.62 4.44 0.60
CA SER A 6 -10.74 5.88 0.40
C SER A 6 -9.42 6.58 0.60
N ARG A 7 -9.45 7.92 0.60
CA ARG A 7 -8.25 8.72 0.81
C ARG A 7 -7.63 8.41 2.16
N ALA A 8 -8.47 8.15 3.15
CA ALA A 8 -8.02 7.84 4.50
C ALA A 8 -7.22 6.55 4.51
N ASP A 9 -7.69 5.54 3.79
CA ASP A 9 -7.02 4.26 3.73
C ASP A 9 -5.64 4.39 3.10
N LYS A 10 -5.58 4.88 1.86
CA LYS A 10 -4.31 5.05 1.18
C LYS A 10 -3.40 6.00 1.95
N GLU A 11 -4.00 7.04 2.51
CA GLU A 11 -3.25 8.01 3.30
C GLU A 11 -2.68 7.36 4.55
N ARG A 12 -3.35 6.31 5.03
CA ARG A 12 -2.89 5.58 6.21
C ARG A 12 -1.87 4.53 5.82
N LEU A 13 -1.99 4.01 4.60
CA LEU A 13 -1.07 3.01 4.09
C LEU A 13 0.30 3.62 3.84
N LEU A 14 0.30 4.88 3.41
CA LEU A 14 1.53 5.60 3.12
C LEU A 14 2.28 5.92 4.41
N GLU A 15 1.52 6.28 5.45
CA GLU A 15 2.11 6.60 6.74
C GLU A 15 2.94 5.42 7.27
N LEU A 16 2.39 4.22 7.10
CA LEU A 16 3.07 3.02 7.55
C LEU A 16 4.15 2.59 6.57
N LEU A 17 4.06 3.08 5.34
CA LEU A 17 5.04 2.74 4.32
C LEU A 17 6.21 3.72 4.29
N LYS A 18 6.13 4.78 5.08
CA LYS A 18 7.20 5.77 5.11
C LYS A 18 7.51 6.24 3.68
N LEU A 19 6.52 6.04 2.81
CA LEU A 19 6.62 6.39 1.40
C LEU A 19 5.71 7.58 1.10
N PRO A 20 6.30 8.76 0.81
CA PRO A 20 5.53 9.97 0.53
C PRO A 20 4.41 9.76 -0.48
N ARG A 21 3.54 10.76 -0.60
CA ARG A 21 2.42 10.71 -1.54
C ARG A 21 2.84 11.25 -2.91
N GLN A 22 4.00 11.91 -2.95
CA GLN A 22 4.51 12.50 -4.18
C GLN A 22 4.86 11.41 -5.19
N LEU A 23 5.37 10.29 -4.69
CA LEU A 23 5.73 9.18 -5.55
C LEU A 23 4.66 8.09 -5.53
N TRP A 24 3.52 8.38 -4.90
CA TRP A 24 2.40 7.44 -4.82
C TRP A 24 2.04 6.88 -6.19
N GLY A 25 2.51 5.68 -6.49
CA GLY A 25 2.21 5.06 -7.77
C GLY A 25 3.25 4.03 -8.17
N ASP A 26 4.46 4.16 -7.64
CA ASP A 26 5.54 3.23 -7.96
C ASP A 26 5.40 1.92 -7.18
N PHE A 27 4.61 0.99 -7.72
CA PHE A 27 4.38 -0.30 -7.08
C PHE A 27 5.68 -0.92 -6.56
N GLY A 28 6.75 -0.79 -7.34
CA GLY A 28 8.03 -1.34 -6.94
C GLY A 28 8.59 -0.71 -5.68
N ARG A 29 8.40 0.59 -5.53
CA ARG A 29 8.91 1.31 -4.36
C ARG A 29 8.06 1.01 -3.11
N MET A 30 6.75 1.15 -3.24
CA MET A 30 5.85 0.91 -2.12
C MET A 30 6.01 -0.51 -1.58
N GLN A 31 6.00 -1.51 -2.47
CA GLN A 31 6.16 -2.89 -2.04
C GLN A 31 7.46 -3.06 -1.28
N GLN A 32 8.51 -2.36 -1.74
CA GLN A 32 9.80 -2.41 -1.09
C GLN A 32 9.69 -1.90 0.35
N ALA A 33 8.94 -0.82 0.52
CA ALA A 33 8.74 -0.24 1.83
C ALA A 33 7.82 -1.11 2.67
N TYR A 34 6.79 -1.68 2.03
CA TYR A 34 5.85 -2.54 2.73
C TYR A 34 6.58 -3.66 3.46
N LYS A 35 7.62 -4.19 2.81
CA LYS A 35 8.41 -5.27 3.39
C LYS A 35 9.31 -4.74 4.50
N GLN A 36 9.80 -3.52 4.31
CA GLN A 36 10.67 -2.89 5.30
C GLN A 36 9.96 -2.74 6.64
N GLN A 37 8.72 -2.27 6.59
CA GLN A 37 7.92 -2.08 7.80
C GLN A 37 7.25 -3.37 8.23
N SER A 38 7.12 -4.30 7.29
CA SER A 38 6.50 -5.59 7.58
C SER A 38 7.44 -6.45 8.43
N LEU A 39 8.73 -6.20 8.29
CA LEU A 39 9.75 -6.94 9.03
C LEU A 39 9.76 -6.55 10.51
N LEU A 40 9.42 -5.30 10.80
CA LEU A 40 9.40 -4.82 12.17
C LEU A 40 8.04 -5.06 12.81
N LEU A 41 7.03 -5.33 11.98
CA LEU A 41 5.68 -5.60 12.47
C LEU A 41 5.45 -7.11 12.61
N HIS A 42 6.49 -7.89 12.29
CA HIS A 42 6.42 -9.34 12.38
C HIS A 42 6.65 -9.80 13.82
N PRO A 43 5.81 -10.75 14.30
CA PRO A 43 5.92 -11.26 15.69
C PRO A 43 7.29 -11.84 16.01
N ASP A 44 8.08 -12.15 14.98
CA ASP A 44 9.41 -12.72 15.18
C ASP A 44 10.45 -11.62 15.43
N LYS A 45 10.13 -10.40 15.03
CA LYS A 45 11.03 -9.27 15.22
C LYS A 45 10.48 -8.30 16.26
N GLY A 46 9.72 -8.84 17.22
CA GLY A 46 9.15 -8.01 18.26
C GLY A 46 8.25 -6.92 17.71
N GLY A 47 7.34 -7.29 16.82
CA GLY A 47 6.43 -6.34 16.23
C GLY A 47 5.00 -6.54 16.67
N SER A 48 4.08 -5.73 16.14
CA SER A 48 2.68 -5.82 16.49
C SER A 48 1.95 -6.77 15.54
N HIS A 49 1.05 -7.57 16.08
CA HIS A 49 0.28 -8.52 15.27
C HIS A 49 -0.91 -7.83 14.61
N ALA A 50 -1.60 -6.99 15.37
CA ALA A 50 -2.76 -6.27 14.86
C ALA A 50 -2.37 -5.30 13.74
N LEU A 51 -1.16 -4.77 13.82
CA LEU A 51 -0.68 -3.83 12.81
C LEU A 51 -0.40 -4.55 11.49
N MET A 52 0.34 -5.64 11.57
CA MET A 52 0.67 -6.43 10.38
C MET A 52 -0.57 -6.75 9.55
N GLN A 53 -1.69 -6.97 10.24
CA GLN A 53 -2.95 -7.27 9.57
C GLN A 53 -3.54 -6.02 8.93
N GLU A 54 -3.27 -4.86 9.54
CA GLU A 54 -3.77 -3.60 9.03
C GLU A 54 -3.16 -3.28 7.67
N LEU A 55 -1.84 -3.23 7.62
CA LEU A 55 -1.13 -2.94 6.38
C LEU A 55 -1.47 -3.95 5.31
N ASN A 56 -1.73 -5.19 5.72
CA ASN A 56 -2.08 -6.25 4.78
C ASN A 56 -3.37 -5.92 4.07
N SER A 57 -4.38 -5.53 4.83
CA SER A 57 -5.69 -5.18 4.28
C SER A 57 -5.60 -3.93 3.42
N LEU A 58 -4.91 -2.92 3.93
CA LEU A 58 -4.74 -1.66 3.21
C LEU A 58 -3.88 -1.84 1.97
N TRP A 59 -2.98 -2.82 2.01
CA TRP A 59 -2.09 -3.09 0.89
C TRP A 59 -2.73 -4.11 -0.05
N GLY A 60 -3.77 -4.79 0.43
CA GLY A 60 -4.46 -5.77 -0.39
C GLY A 60 -5.46 -5.11 -1.33
N THR A 61 -6.48 -4.46 -0.77
CA THR A 61 -7.47 -3.78 -1.60
C THR A 61 -6.72 -2.86 -2.54
N PHE A 62 -5.83 -2.09 -1.93
CA PHE A 62 -4.97 -1.16 -2.63
C PHE A 62 -4.40 -1.84 -3.88
N LYS A 63 -3.83 -3.00 -3.64
CA LYS A 63 -3.23 -3.81 -4.69
C LYS A 63 -4.24 -4.10 -5.80
N THR A 64 -5.48 -4.38 -5.42
CA THR A 64 -6.53 -4.64 -6.41
C THR A 64 -6.51 -3.53 -7.45
N GLU A 65 -6.24 -2.32 -6.98
CA GLU A 65 -6.16 -1.17 -7.86
C GLU A 65 -4.76 -1.07 -8.45
N VAL A 66 -3.77 -1.51 -7.67
CA VAL A 66 -2.38 -1.48 -8.12
C VAL A 66 -2.23 -2.14 -9.48
N TYR A 67 -2.95 -3.23 -9.71
CA TYR A 67 -2.89 -3.91 -10.98
C TYR A 67 -3.42 -3.00 -12.09
N ASN A 68 -4.32 -2.10 -11.71
CA ASN A 68 -4.92 -1.16 -12.65
C ASN A 68 -4.10 0.13 -12.72
N LEU A 69 -3.40 0.46 -11.62
CA LEU A 69 -2.60 1.67 -11.58
C LEU A 69 -1.35 1.55 -12.45
N ARG A 70 -1.06 0.35 -12.94
CA ARG A 70 0.11 0.13 -13.78
C ARG A 70 -0.12 0.63 -15.21
N MET A 71 -1.30 1.17 -15.45
CA MET A 71 -1.65 1.70 -16.76
C MET A 71 -2.09 3.15 -16.65
N ASN A 72 -3.15 3.39 -15.87
CA ASN A 72 -3.67 4.73 -15.67
C ASN A 72 -2.73 5.54 -14.79
N LEU A 73 -2.48 6.78 -15.19
CA LEU A 73 -1.60 7.66 -14.43
C LEU A 73 -2.38 8.38 -13.34
N GLY A 74 -2.49 7.74 -12.18
CA GLY A 74 -3.23 8.32 -11.07
C GLY A 74 -4.39 7.47 -10.63
N GLY A 75 -5.04 7.86 -9.54
CA GLY A 75 -6.18 7.11 -9.04
C GLY A 75 -7.42 7.97 -8.85
N THR A 76 -8.00 7.89 -7.66
CA THR A 76 -9.20 8.68 -7.34
C THR A 76 -8.85 10.13 -7.08
N GLY A 77 -9.31 11.01 -7.96
CA GLY A 77 -9.05 12.43 -7.81
C GLY A 77 -9.26 13.20 -9.11
N PHE A 78 -10.35 12.88 -9.80
CA PHE A 78 -10.67 13.54 -11.06
C PHE A 78 -11.01 15.01 -10.84
N GLN A 79 -10.54 15.86 -11.74
CA GLN A 79 -10.80 17.29 -11.66
C GLN A 79 -10.90 17.92 -13.05
N MET A 1 -17.20 -8.11 0.18
CA MET A 1 -15.98 -8.96 0.31
C MET A 1 -14.70 -8.13 0.25
N ASP A 2 -14.59 -7.31 -0.79
CA ASP A 2 -13.42 -6.46 -0.97
C ASP A 2 -13.49 -5.25 -0.06
N ARG A 3 -12.39 -4.97 0.64
CA ARG A 3 -12.32 -3.83 1.55
C ARG A 3 -11.70 -2.65 0.84
N VAL A 4 -12.54 -1.79 0.27
CA VAL A 4 -12.07 -0.61 -0.44
C VAL A 4 -11.75 0.52 0.53
N LEU A 5 -10.50 0.96 0.48
CA LEU A 5 -10.03 2.05 1.34
C LEU A 5 -10.20 3.40 0.67
N SER A 6 -10.61 4.40 1.46
CA SER A 6 -10.80 5.74 0.94
C SER A 6 -9.47 6.48 0.84
N ARG A 7 -9.52 7.73 0.42
CA ARG A 7 -8.30 8.53 0.29
C ARG A 7 -7.53 8.58 1.61
N ALA A 8 -8.27 8.69 2.71
CA ALA A 8 -7.65 8.75 4.03
C ALA A 8 -6.98 7.43 4.40
N ASP A 9 -7.64 6.31 4.09
CA ASP A 9 -7.08 5.00 4.39
C ASP A 9 -5.84 4.71 3.55
N LYS A 10 -5.95 4.86 2.24
CA LYS A 10 -4.82 4.62 1.35
C LYS A 10 -3.64 5.51 1.76
N GLU A 11 -3.95 6.73 2.19
CA GLU A 11 -2.92 7.67 2.63
C GLU A 11 -2.33 7.18 3.95
N ARG A 12 -3.15 6.50 4.74
CA ARG A 12 -2.71 5.96 6.01
C ARG A 12 -1.71 4.85 5.77
N LEU A 13 -2.01 4.01 4.78
CA LEU A 13 -1.14 2.90 4.40
C LEU A 13 0.27 3.43 4.13
N LEU A 14 0.33 4.62 3.55
CA LEU A 14 1.60 5.25 3.22
C LEU A 14 2.40 5.58 4.48
N GLU A 15 1.74 6.24 5.43
CA GLU A 15 2.39 6.63 6.68
C GLU A 15 3.12 5.44 7.31
N LEU A 16 2.59 4.24 7.10
CA LEU A 16 3.21 3.03 7.65
C LEU A 16 4.35 2.55 6.77
N LEU A 17 4.18 2.70 5.45
CA LEU A 17 5.20 2.26 4.49
C LEU A 17 6.35 3.25 4.40
N LYS A 18 6.33 4.30 5.21
CA LYS A 18 7.39 5.30 5.17
C LYS A 18 7.51 5.86 3.75
N LEU A 19 6.45 5.66 2.97
CA LEU A 19 6.39 6.10 1.60
C LEU A 19 5.31 7.17 1.45
N PRO A 20 5.72 8.44 1.31
CA PRO A 20 4.79 9.57 1.18
C PRO A 20 3.84 9.43 -0.01
N ARG A 21 2.89 10.37 -0.10
CA ARG A 21 1.93 10.39 -1.18
C ARG A 21 2.50 11.13 -2.40
N GLN A 22 3.62 11.80 -2.20
CA GLN A 22 4.28 12.55 -3.26
C GLN A 22 4.76 11.63 -4.36
N LEU A 23 5.06 10.39 -3.99
CA LEU A 23 5.52 9.40 -4.96
C LEU A 23 4.53 8.24 -5.08
N TRP A 24 3.33 8.43 -4.54
CA TRP A 24 2.28 7.42 -4.59
C TRP A 24 2.04 6.95 -6.03
N GLY A 25 2.51 5.75 -6.34
CA GLY A 25 2.32 5.22 -7.67
C GLY A 25 3.44 4.26 -8.08
N ASP A 26 4.64 4.51 -7.58
CA ASP A 26 5.80 3.67 -7.90
C ASP A 26 5.71 2.34 -7.16
N PHE A 27 5.05 1.36 -7.77
CA PHE A 27 4.90 0.04 -7.18
C PHE A 27 6.21 -0.50 -6.62
N GLY A 28 7.29 -0.33 -7.38
CA GLY A 28 8.59 -0.80 -6.96
C GLY A 28 9.03 -0.23 -5.63
N ARG A 29 8.66 1.01 -5.35
CA ARG A 29 9.05 1.67 -4.11
C ARG A 29 8.11 1.29 -2.96
N MET A 30 6.81 1.32 -3.20
CA MET A 30 5.83 0.98 -2.17
C MET A 30 6.00 -0.47 -1.72
N GLN A 31 6.17 -1.38 -2.67
CA GLN A 31 6.34 -2.79 -2.36
C GLN A 31 7.63 -3.00 -1.57
N GLN A 32 8.70 -2.33 -1.99
CA GLN A 32 9.99 -2.43 -1.31
C GLN A 32 9.86 -1.95 0.12
N ALA A 33 9.14 -0.85 0.31
CA ALA A 33 8.94 -0.28 1.64
C ALA A 33 7.96 -1.13 2.44
N TYR A 34 7.02 -1.75 1.73
CA TYR A 34 6.03 -2.60 2.39
C TYR A 34 6.70 -3.78 3.08
N LYS A 35 7.61 -4.44 2.36
CA LYS A 35 8.33 -5.57 2.89
C LYS A 35 9.22 -5.16 4.06
N GLN A 36 9.86 -4.00 3.93
CA GLN A 36 10.73 -3.49 4.97
C GLN A 36 9.96 -3.27 6.26
N GLN A 37 8.67 -2.96 6.13
CA GLN A 37 7.82 -2.72 7.29
C GLN A 37 7.28 -4.03 7.85
N SER A 38 7.10 -5.01 6.97
CA SER A 38 6.59 -6.31 7.39
C SER A 38 7.49 -6.95 8.45
N LEU A 39 8.77 -6.57 8.44
CA LEU A 39 9.73 -7.10 9.39
C LEU A 39 9.62 -6.41 10.75
N LEU A 40 9.49 -5.09 10.74
CA LEU A 40 9.38 -4.33 11.99
C LEU A 40 7.96 -4.35 12.54
N LEU A 41 7.01 -4.88 11.78
CA LEU A 41 5.62 -4.96 12.21
C LEU A 41 5.34 -6.28 12.93
N HIS A 42 6.39 -7.07 13.14
CA HIS A 42 6.28 -8.35 13.81
C HIS A 42 6.46 -8.18 15.32
N PRO A 43 5.57 -8.76 16.14
CA PRO A 43 5.65 -8.66 17.60
C PRO A 43 6.99 -9.14 18.16
N ASP A 44 7.76 -9.84 17.33
CA ASP A 44 9.07 -10.34 17.75
C ASP A 44 10.12 -9.25 17.67
N LYS A 45 9.87 -8.24 16.85
CA LYS A 45 10.79 -7.12 16.68
C LYS A 45 10.26 -5.85 17.32
N GLY A 46 9.46 -6.02 18.38
CA GLY A 46 8.89 -4.88 19.06
C GLY A 46 7.85 -4.16 18.23
N GLY A 47 6.96 -4.92 17.60
CA GLY A 47 5.92 -4.33 16.78
C GLY A 47 4.53 -4.72 17.23
N SER A 48 3.53 -4.03 16.69
CA SER A 48 2.13 -4.30 17.06
C SER A 48 1.53 -5.36 16.13
N HIS A 49 0.48 -6.02 16.59
CA HIS A 49 -0.18 -7.05 15.80
C HIS A 49 -1.18 -6.44 14.83
N ALA A 50 -2.05 -5.57 15.34
CA ALA A 50 -3.05 -4.91 14.51
C ALA A 50 -2.42 -4.18 13.34
N LEU A 51 -1.14 -3.83 13.48
CA LEU A 51 -0.41 -3.12 12.44
C LEU A 51 -0.23 -4.00 11.20
N MET A 52 0.34 -5.18 11.40
CA MET A 52 0.59 -6.11 10.31
C MET A 52 -0.70 -6.55 9.64
N GLN A 53 -1.65 -7.04 10.43
CA GLN A 53 -2.93 -7.51 9.91
C GLN A 53 -3.67 -6.39 9.17
N GLU A 54 -3.43 -5.15 9.57
CA GLU A 54 -4.09 -4.00 8.93
C GLU A 54 -3.36 -3.60 7.65
N LEU A 55 -2.04 -3.63 7.70
CA LEU A 55 -1.21 -3.26 6.55
C LEU A 55 -1.55 -4.12 5.34
N ASN A 56 -1.57 -5.44 5.53
CA ASN A 56 -1.88 -6.36 4.44
C ASN A 56 -3.24 -6.06 3.83
N SER A 57 -4.20 -5.70 4.66
CA SER A 57 -5.55 -5.39 4.19
C SER A 57 -5.56 -4.14 3.32
N LEU A 58 -4.87 -3.09 3.79
CA LEU A 58 -4.81 -1.84 3.05
C LEU A 58 -3.95 -1.97 1.80
N TRP A 59 -3.03 -2.92 1.83
CA TRP A 59 -2.14 -3.15 0.69
C TRP A 59 -2.76 -4.14 -0.27
N GLY A 60 -3.73 -4.92 0.22
CA GLY A 60 -4.41 -5.89 -0.62
C GLY A 60 -5.41 -5.24 -1.56
N THR A 61 -6.45 -4.60 -1.01
CA THR A 61 -7.45 -3.94 -1.84
C THR A 61 -6.70 -2.99 -2.75
N PHE A 62 -5.85 -2.19 -2.13
CA PHE A 62 -5.00 -1.25 -2.83
C PHE A 62 -4.41 -1.91 -4.05
N LYS A 63 -3.83 -3.07 -3.81
CA LYS A 63 -3.21 -3.89 -4.85
C LYS A 63 -4.21 -4.22 -5.94
N THR A 64 -5.43 -4.60 -5.56
CA THR A 64 -6.47 -4.92 -6.54
C THR A 64 -6.52 -3.83 -7.59
N GLU A 65 -6.31 -2.60 -7.13
CA GLU A 65 -6.29 -1.44 -8.01
C GLU A 65 -4.90 -1.26 -8.60
N VAL A 66 -3.89 -1.65 -7.83
CA VAL A 66 -2.50 -1.54 -8.27
C VAL A 66 -2.31 -2.20 -9.63
N TYR A 67 -2.92 -3.38 -9.81
CA TYR A 67 -2.82 -4.08 -11.08
C TYR A 67 -3.40 -3.23 -12.21
N ASN A 68 -4.36 -2.38 -11.85
CA ASN A 68 -5.01 -1.51 -12.82
C ASN A 68 -4.29 -0.16 -12.92
N LEU A 69 -3.62 0.26 -11.84
CA LEU A 69 -2.91 1.53 -11.83
C LEU A 69 -1.71 1.48 -12.78
N ARG A 70 -1.15 0.29 -12.99
CA ARG A 70 -0.01 0.13 -13.88
C ARG A 70 -0.44 0.02 -15.34
N MET A 71 -1.75 0.11 -15.55
CA MET A 71 -2.32 0.03 -16.89
C MET A 71 -2.96 1.35 -17.30
N ASN A 72 -3.44 2.11 -16.31
CA ASN A 72 -4.07 3.39 -16.57
C ASN A 72 -3.05 4.54 -16.58
N LEU A 73 -1.83 4.25 -16.15
CA LEU A 73 -0.77 5.26 -16.12
C LEU A 73 0.20 5.07 -17.29
N GLY A 74 0.23 3.86 -17.84
CA GLY A 74 1.12 3.58 -18.95
C GLY A 74 2.53 3.24 -18.50
N GLY A 75 3.49 3.37 -19.41
CA GLY A 75 4.86 3.08 -19.08
C GLY A 75 5.80 4.24 -19.38
N THR A 76 6.01 5.10 -18.39
CA THR A 76 6.89 6.25 -18.54
C THR A 76 8.32 5.82 -18.82
N GLY A 77 9.09 6.70 -19.44
CA GLY A 77 10.48 6.38 -19.74
C GLY A 77 11.03 7.25 -20.85
N PHE A 78 10.79 8.55 -20.75
CA PHE A 78 11.27 9.50 -21.74
C PHE A 78 12.77 9.73 -21.60
N GLN A 79 13.53 9.37 -22.63
CA GLN A 79 14.98 9.54 -22.62
C GLN A 79 15.42 10.52 -23.70
N MET A 1 -17.77 -2.79 -5.51
CA MET A 1 -18.07 -1.69 -4.56
C MET A 1 -18.38 -2.23 -3.16
N ASP A 2 -17.34 -2.42 -2.36
CA ASP A 2 -17.49 -2.93 -1.01
C ASP A 2 -16.17 -2.84 -0.25
N ARG A 3 -15.07 -3.17 -0.94
CA ARG A 3 -13.75 -3.13 -0.35
C ARG A 3 -12.87 -2.09 -1.05
N VAL A 4 -13.11 -0.82 -0.73
CA VAL A 4 -12.34 0.27 -1.33
C VAL A 4 -11.99 1.33 -0.29
N LEU A 5 -10.71 1.63 -0.17
CA LEU A 5 -10.24 2.63 0.78
C LEU A 5 -10.20 4.04 0.19
N SER A 6 -10.51 5.02 1.04
CA SER A 6 -10.53 6.42 0.62
C SER A 6 -9.17 7.08 0.83
N ARG A 7 -9.09 8.36 0.51
CA ARG A 7 -7.85 9.11 0.66
C ARG A 7 -7.26 8.96 2.06
N ALA A 8 -8.14 8.92 3.06
CA ALA A 8 -7.70 8.77 4.44
C ALA A 8 -7.06 7.41 4.68
N ASP A 9 -7.72 6.36 4.23
CA ASP A 9 -7.22 5.01 4.40
C ASP A 9 -5.97 4.77 3.56
N LYS A 10 -6.05 5.06 2.26
CA LYS A 10 -4.89 4.87 1.39
C LYS A 10 -3.70 5.66 1.91
N GLU A 11 -3.99 6.82 2.50
CA GLU A 11 -2.95 7.67 3.07
C GLU A 11 -2.36 6.98 4.31
N ARG A 12 -3.22 6.25 5.02
CA ARG A 12 -2.80 5.52 6.21
C ARG A 12 -1.78 4.45 5.84
N LEU A 13 -1.95 3.88 4.65
CA LEU A 13 -1.05 2.85 4.15
C LEU A 13 0.33 3.45 3.92
N LEU A 14 0.34 4.71 3.48
CA LEU A 14 1.57 5.41 3.22
C LEU A 14 2.34 5.67 4.52
N GLU A 15 1.60 5.92 5.59
CA GLU A 15 2.21 6.17 6.90
C GLU A 15 3.09 5.01 7.32
N LEU A 16 2.52 3.80 7.29
CA LEU A 16 3.25 2.60 7.66
C LEU A 16 4.27 2.21 6.60
N LEU A 17 4.17 2.84 5.43
CA LEU A 17 5.07 2.56 4.32
C LEU A 17 6.30 3.45 4.35
N LYS A 18 6.30 4.47 5.21
CA LYS A 18 7.43 5.39 5.26
C LYS A 18 7.71 5.96 3.88
N LEU A 19 6.69 5.89 3.02
CA LEU A 19 6.76 6.37 1.66
C LEU A 19 5.86 7.59 1.49
N PRO A 20 6.44 8.78 1.32
CA PRO A 20 5.69 10.03 1.17
C PRO A 20 4.53 9.93 0.18
N ARG A 21 3.67 10.94 0.20
CA ARG A 21 2.52 11.00 -0.69
C ARG A 21 2.87 11.71 -2.00
N GLN A 22 4.08 12.24 -2.08
CA GLN A 22 4.53 12.96 -3.26
C GLN A 22 4.93 12.00 -4.37
N LEU A 23 5.29 10.79 -3.99
CA LEU A 23 5.70 9.77 -4.96
C LEU A 23 4.66 8.64 -5.02
N TRP A 24 3.51 8.86 -4.41
CA TRP A 24 2.42 7.87 -4.39
C TRP A 24 2.11 7.37 -5.80
N GLY A 25 2.32 6.08 -6.03
CA GLY A 25 2.04 5.50 -7.34
C GLY A 25 3.12 4.54 -7.80
N ASP A 26 4.35 4.75 -7.35
CA ASP A 26 5.47 3.90 -7.74
C ASP A 26 5.39 2.54 -7.05
N PHE A 27 4.66 1.62 -7.68
CA PHE A 27 4.49 0.26 -7.14
C PHE A 27 5.81 -0.32 -6.64
N GLY A 28 6.87 -0.12 -7.42
CA GLY A 28 8.18 -0.65 -7.05
C GLY A 28 8.72 -0.07 -5.77
N ARG A 29 8.48 1.21 -5.53
CA ARG A 29 8.98 1.87 -4.32
C ARG A 29 8.07 1.61 -3.12
N MET A 30 6.76 1.59 -3.36
CA MET A 30 5.81 1.35 -2.27
C MET A 30 5.89 -0.10 -1.78
N GLN A 31 5.91 -1.03 -2.72
CA GLN A 31 6.00 -2.45 -2.36
C GLN A 31 7.31 -2.73 -1.63
N GLN A 32 8.38 -2.08 -2.08
CA GLN A 32 9.69 -2.25 -1.47
C GLN A 32 9.63 -1.81 -0.01
N ALA A 33 8.90 -0.73 0.25
CA ALA A 33 8.74 -0.22 1.60
C ALA A 33 7.83 -1.12 2.41
N TYR A 34 6.75 -1.59 1.77
CA TYR A 34 5.80 -2.48 2.43
C TYR A 34 6.51 -3.67 3.06
N LYS A 35 7.29 -4.38 2.26
CA LYS A 35 8.03 -5.54 2.75
C LYS A 35 9.10 -5.13 3.75
N GLN A 36 9.59 -3.90 3.62
CA GLN A 36 10.62 -3.38 4.52
C GLN A 36 10.04 -3.07 5.89
N GLN A 37 8.80 -2.59 5.89
CA GLN A 37 8.11 -2.25 7.14
C GLN A 37 7.37 -3.45 7.70
N SER A 38 7.04 -4.40 6.83
CA SER A 38 6.33 -5.60 7.24
C SER A 38 7.20 -6.46 8.14
N LEU A 39 8.51 -6.38 7.93
CA LEU A 39 9.46 -7.16 8.73
C LEU A 39 9.55 -6.63 10.16
N LEU A 40 9.68 -5.31 10.30
CA LEU A 40 9.78 -4.72 11.63
C LEU A 40 8.44 -4.78 12.36
N LEU A 41 7.37 -5.03 11.61
CA LEU A 41 6.03 -5.14 12.21
C LEU A 41 5.69 -6.61 12.48
N HIS A 42 6.53 -7.51 11.99
CA HIS A 42 6.34 -8.95 12.18
C HIS A 42 6.36 -9.30 13.67
N PRO A 43 5.51 -10.25 14.10
CA PRO A 43 5.43 -10.65 15.51
C PRO A 43 6.69 -11.34 16.02
N ASP A 44 7.60 -11.69 15.10
CA ASP A 44 8.85 -12.34 15.47
C ASP A 44 9.89 -11.33 15.90
N LYS A 45 9.71 -10.08 15.47
CA LYS A 45 10.64 -9.01 15.82
C LYS A 45 10.02 -8.07 16.85
N GLY A 46 9.11 -8.59 17.66
CA GLY A 46 8.45 -7.78 18.67
C GLY A 46 7.39 -6.88 18.08
N GLY A 47 6.88 -7.24 16.91
CA GLY A 47 5.85 -6.43 16.27
C GLY A 47 4.45 -6.86 16.65
N SER A 48 3.50 -5.94 16.55
CA SER A 48 2.11 -6.23 16.89
C SER A 48 1.41 -6.91 15.73
N HIS A 49 0.41 -7.72 16.05
CA HIS A 49 -0.36 -8.44 15.03
C HIS A 49 -1.38 -7.51 14.37
N ALA A 50 -2.17 -6.85 15.19
CA ALA A 50 -3.20 -5.93 14.70
C ALA A 50 -2.64 -4.95 13.68
N LEU A 51 -1.36 -4.61 13.82
CA LEU A 51 -0.71 -3.68 12.91
C LEU A 51 -0.43 -4.31 11.55
N MET A 52 0.22 -5.48 11.57
CA MET A 52 0.56 -6.19 10.34
C MET A 52 -0.69 -6.53 9.54
N GLN A 53 -1.78 -6.86 10.24
CA GLN A 53 -3.03 -7.22 9.57
C GLN A 53 -3.74 -5.97 9.04
N GLU A 54 -3.52 -4.84 9.69
CA GLU A 54 -4.15 -3.59 9.29
C GLU A 54 -3.57 -3.11 7.96
N LEU A 55 -2.26 -3.15 7.83
CA LEU A 55 -1.58 -2.73 6.61
C LEU A 55 -1.82 -3.73 5.49
N ASN A 56 -1.92 -5.01 5.84
CA ASN A 56 -2.15 -6.05 4.86
C ASN A 56 -3.47 -5.82 4.12
N SER A 57 -4.43 -5.23 4.83
CA SER A 57 -5.74 -4.94 4.24
C SER A 57 -5.68 -3.71 3.34
N LEU A 58 -4.98 -2.68 3.81
CA LEU A 58 -4.84 -1.44 3.04
C LEU A 58 -3.99 -1.66 1.80
N TRP A 59 -3.07 -2.61 1.88
CA TRP A 59 -2.20 -2.93 0.76
C TRP A 59 -2.84 -4.01 -0.11
N GLY A 60 -3.79 -4.75 0.47
CA GLY A 60 -4.47 -5.79 -0.26
C GLY A 60 -5.47 -5.23 -1.25
N THR A 61 -6.49 -4.52 -0.75
CA THR A 61 -7.49 -3.92 -1.61
C THR A 61 -6.77 -3.05 -2.62
N PHE A 62 -5.90 -2.22 -2.06
CA PHE A 62 -5.05 -1.32 -2.85
C PHE A 62 -4.47 -2.08 -4.03
N LYS A 63 -3.87 -3.21 -3.71
CA LYS A 63 -3.26 -4.08 -4.68
C LYS A 63 -4.25 -4.47 -5.77
N THR A 64 -5.52 -4.65 -5.38
CA THR A 64 -6.56 -5.01 -6.35
C THR A 64 -6.47 -4.09 -7.56
N GLU A 65 -6.20 -2.83 -7.29
CA GLU A 65 -6.04 -1.84 -8.34
C GLU A 65 -4.61 -1.86 -8.87
N VAL A 66 -3.68 -2.21 -7.98
CA VAL A 66 -2.27 -2.26 -8.35
C VAL A 66 -2.05 -3.20 -9.53
N TYR A 67 -2.56 -4.42 -9.43
CA TYR A 67 -2.43 -5.39 -10.51
C TYR A 67 -2.95 -4.80 -11.82
N ASN A 68 -3.91 -3.90 -11.69
CA ASN A 68 -4.51 -3.25 -12.85
C ASN A 68 -3.77 -1.96 -13.22
N LEU A 69 -3.07 -1.37 -12.26
CA LEU A 69 -2.34 -0.12 -12.51
C LEU A 69 -1.22 -0.36 -13.50
N ARG A 70 -0.69 -1.57 -13.52
CA ARG A 70 0.39 -1.92 -14.43
C ARG A 70 -0.10 -2.14 -15.85
N MET A 71 -1.40 -1.96 -16.04
CA MET A 71 -2.03 -2.13 -17.35
C MET A 71 -2.23 -0.78 -18.03
N ASN A 72 -2.25 0.28 -17.23
CA ASN A 72 -2.43 1.63 -17.75
C ASN A 72 -1.11 2.37 -17.84
N LEU A 73 -0.48 2.61 -16.69
CA LEU A 73 0.80 3.31 -16.65
C LEU A 73 1.98 2.33 -16.60
N GLY A 74 1.68 1.05 -16.39
CA GLY A 74 2.73 0.05 -16.33
C GLY A 74 3.18 -0.40 -17.71
N GLY A 75 3.13 -1.70 -17.94
CA GLY A 75 3.54 -2.25 -19.22
C GLY A 75 2.98 -3.64 -19.48
N THR A 76 3.86 -4.58 -19.79
CA THR A 76 3.46 -5.95 -20.06
C THR A 76 3.19 -6.70 -18.75
N GLY A 77 2.13 -7.50 -18.75
CA GLY A 77 1.78 -8.26 -17.56
C GLY A 77 0.68 -9.28 -17.82
N PHE A 78 -0.22 -8.94 -18.73
CA PHE A 78 -1.34 -9.82 -19.09
C PHE A 78 -0.84 -11.24 -19.39
N GLN A 79 -1.78 -12.18 -19.44
CA GLN A 79 -1.45 -13.58 -19.73
C GLN A 79 -2.27 -14.09 -20.91
N MET A 1 -18.09 -8.61 -3.90
CA MET A 1 -17.16 -8.42 -2.75
C MET A 1 -16.50 -7.05 -2.80
N ASP A 2 -17.21 -6.03 -2.33
CA ASP A 2 -16.70 -4.67 -2.31
C ASP A 2 -15.41 -4.59 -1.51
N ARG A 3 -14.33 -4.17 -2.15
CA ARG A 3 -13.04 -4.04 -1.49
C ARG A 3 -12.31 -2.78 -1.95
N VAL A 4 -12.70 -1.64 -1.41
CA VAL A 4 -12.07 -0.37 -1.77
C VAL A 4 -11.86 0.52 -0.55
N LEU A 5 -10.61 0.90 -0.33
CA LEU A 5 -10.25 1.78 0.78
C LEU A 5 -10.45 3.25 0.41
N SER A 6 -10.77 4.07 1.39
CA SER A 6 -11.01 5.49 1.15
C SER A 6 -9.73 6.32 1.28
N ARG A 7 -9.87 7.63 1.11
CA ARG A 7 -8.74 8.55 1.22
C ARG A 7 -8.01 8.36 2.54
N ALA A 8 -8.77 8.02 3.57
CA ALA A 8 -8.21 7.81 4.90
C ALA A 8 -7.29 6.58 4.91
N ASP A 9 -7.74 5.49 4.31
CA ASP A 9 -6.95 4.27 4.27
C ASP A 9 -5.72 4.44 3.39
N LYS A 10 -5.92 4.84 2.14
CA LYS A 10 -4.81 5.04 1.21
C LYS A 10 -3.78 6.00 1.79
N GLU A 11 -4.28 7.04 2.47
CA GLU A 11 -3.42 8.02 3.09
C GLU A 11 -2.74 7.43 4.32
N ARG A 12 -3.42 6.49 4.97
CA ARG A 12 -2.90 5.83 6.16
C ARG A 12 -1.87 4.78 5.75
N LEU A 13 -2.06 4.20 4.58
CA LEU A 13 -1.14 3.20 4.05
C LEU A 13 0.22 3.83 3.78
N LEU A 14 0.20 5.08 3.35
CA LEU A 14 1.42 5.81 3.06
C LEU A 14 2.23 6.07 4.31
N GLU A 15 1.57 6.58 5.34
CA GLU A 15 2.22 6.87 6.61
C GLU A 15 2.83 5.60 7.22
N LEU A 16 2.32 4.44 6.82
CA LEU A 16 2.81 3.18 7.33
C LEU A 16 3.96 2.64 6.48
N LEU A 17 3.90 2.89 5.18
CA LEU A 17 4.93 2.43 4.26
C LEU A 17 6.11 3.40 4.20
N LYS A 18 6.06 4.48 4.97
CA LYS A 18 7.13 5.46 4.98
C LYS A 18 7.42 5.95 3.56
N LEU A 19 6.45 5.72 2.68
CA LEU A 19 6.57 6.11 1.29
C LEU A 19 5.80 7.42 1.04
N PRO A 20 6.53 8.52 0.78
CA PRO A 20 5.92 9.83 0.54
C PRO A 20 4.80 9.80 -0.50
N ARG A 21 4.20 10.96 -0.76
CA ARG A 21 3.13 11.07 -1.73
C ARG A 21 3.65 11.29 -3.14
N GLN A 22 4.86 11.86 -3.23
CA GLN A 22 5.48 12.13 -4.51
C GLN A 22 5.75 10.84 -5.30
N LEU A 23 5.58 9.69 -4.66
CA LEU A 23 5.80 8.41 -5.31
C LEU A 23 4.57 7.51 -5.17
N TRP A 24 3.44 8.11 -4.78
CA TRP A 24 2.19 7.38 -4.60
C TRP A 24 1.87 6.55 -5.85
N GLY A 25 2.30 5.30 -5.84
CA GLY A 25 2.07 4.43 -6.99
C GLY A 25 3.32 3.68 -7.39
N ASP A 26 4.47 4.18 -6.96
CA ASP A 26 5.75 3.55 -7.28
C ASP A 26 5.81 2.14 -6.70
N PHE A 27 5.24 1.19 -7.43
CA PHE A 27 5.22 -0.21 -7.00
C PHE A 27 6.58 -0.66 -6.48
N GLY A 28 7.64 -0.10 -7.06
CA GLY A 28 8.98 -0.45 -6.65
C GLY A 28 9.35 0.08 -5.28
N ARG A 29 8.85 1.27 -4.95
CA ARG A 29 9.13 1.88 -3.66
C ARG A 29 8.16 1.40 -2.59
N MET A 30 6.86 1.43 -2.89
CA MET A 30 5.84 0.99 -1.95
C MET A 30 6.05 -0.46 -1.55
N GLN A 31 6.27 -1.32 -2.54
CA GLN A 31 6.48 -2.74 -2.28
C GLN A 31 7.78 -2.95 -1.50
N GLN A 32 8.83 -2.25 -1.92
CA GLN A 32 10.12 -2.36 -1.24
C GLN A 32 10.00 -1.88 0.20
N ALA A 33 9.19 -0.85 0.41
CA ALA A 33 8.98 -0.30 1.74
C ALA A 33 8.01 -1.18 2.53
N TYR A 34 7.03 -1.75 1.82
CA TYR A 34 6.04 -2.61 2.45
C TYR A 34 6.73 -3.79 3.14
N LYS A 35 7.68 -4.39 2.45
CA LYS A 35 8.42 -5.53 3.00
C LYS A 35 9.33 -5.06 4.14
N GLN A 36 9.88 -3.86 4.00
CA GLN A 36 10.76 -3.29 5.01
C GLN A 36 9.98 -2.93 6.26
N GLN A 37 8.74 -2.48 6.07
CA GLN A 37 7.88 -2.11 7.17
C GLN A 37 7.18 -3.33 7.76
N SER A 38 7.12 -4.41 6.98
CA SER A 38 6.49 -5.64 7.42
C SER A 38 7.37 -6.36 8.44
N LEU A 39 8.68 -6.26 8.25
CA LEU A 39 9.63 -6.90 9.15
C LEU A 39 9.56 -6.29 10.55
N LEU A 40 9.42 -4.96 10.61
CA LEU A 40 9.32 -4.27 11.88
C LEU A 40 7.92 -4.35 12.45
N LEU A 41 6.96 -4.78 11.62
CA LEU A 41 5.58 -4.91 12.06
C LEU A 41 5.27 -6.34 12.51
N HIS A 42 6.25 -7.23 12.38
CA HIS A 42 6.09 -8.62 12.78
C HIS A 42 6.13 -8.76 14.30
N PRO A 43 5.28 -9.65 14.87
CA PRO A 43 5.22 -9.87 16.31
C PRO A 43 6.51 -10.42 16.91
N ASP A 44 7.45 -10.81 16.06
CA ASP A 44 8.73 -11.34 16.53
C ASP A 44 9.73 -10.22 16.81
N LYS A 45 9.53 -9.08 16.17
CA LYS A 45 10.42 -7.94 16.36
C LYS A 45 9.80 -6.91 17.30
N GLY A 46 8.90 -7.37 18.16
CA GLY A 46 8.25 -6.48 19.10
C GLY A 46 7.05 -5.76 18.51
N GLY A 47 6.88 -5.85 17.20
CA GLY A 47 5.77 -5.20 16.55
C GLY A 47 4.43 -5.74 16.99
N SER A 48 3.36 -5.00 16.69
CA SER A 48 2.02 -5.42 17.08
C SER A 48 1.37 -6.27 15.98
N HIS A 49 0.42 -7.11 16.38
CA HIS A 49 -0.27 -7.98 15.43
C HIS A 49 -1.41 -7.23 14.75
N ALA A 50 -2.10 -6.39 15.51
CA ALA A 50 -3.22 -5.62 14.98
C ALA A 50 -2.77 -4.66 13.87
N LEU A 51 -1.49 -4.32 13.87
CA LEU A 51 -0.95 -3.41 12.88
C LEU A 51 -0.61 -4.15 11.58
N MET A 52 0.14 -5.24 11.71
CA MET A 52 0.53 -6.04 10.54
C MET A 52 -0.69 -6.48 9.75
N GLN A 53 -1.70 -6.96 10.45
CA GLN A 53 -2.92 -7.43 9.80
C GLN A 53 -3.59 -6.29 9.02
N GLU A 54 -3.38 -5.06 9.48
CA GLU A 54 -3.96 -3.89 8.82
C GLU A 54 -3.23 -3.57 7.52
N LEU A 55 -1.90 -3.59 7.58
CA LEU A 55 -1.08 -3.30 6.41
C LEU A 55 -1.47 -4.19 5.24
N ASN A 56 -1.41 -5.50 5.46
CA ASN A 56 -1.74 -6.47 4.40
C ASN A 56 -3.14 -6.20 3.87
N SER A 57 -4.07 -5.86 4.76
CA SER A 57 -5.44 -5.58 4.35
C SER A 57 -5.52 -4.30 3.53
N LEU A 58 -4.65 -3.34 3.85
CA LEU A 58 -4.60 -2.07 3.14
C LEU A 58 -3.78 -2.19 1.86
N TRP A 59 -2.89 -3.19 1.82
CA TRP A 59 -2.05 -3.41 0.65
C TRP A 59 -2.75 -4.34 -0.33
N GLY A 60 -3.76 -5.07 0.17
CA GLY A 60 -4.52 -5.97 -0.67
C GLY A 60 -5.52 -5.23 -1.54
N THR A 61 -6.46 -4.53 -0.90
CA THR A 61 -7.46 -3.76 -1.64
C THR A 61 -6.72 -2.82 -2.56
N PHE A 62 -5.78 -2.11 -1.96
CA PHE A 62 -4.92 -1.17 -2.67
C PHE A 62 -4.44 -1.80 -3.96
N LYS A 63 -3.91 -3.01 -3.82
CA LYS A 63 -3.40 -3.77 -4.93
C LYS A 63 -4.47 -3.96 -6.01
N THR A 64 -5.71 -4.19 -5.59
CA THR A 64 -6.81 -4.37 -6.53
C THR A 64 -6.77 -3.27 -7.58
N GLU A 65 -6.42 -2.07 -7.12
CA GLU A 65 -6.31 -0.92 -8.00
C GLU A 65 -4.92 -0.88 -8.62
N VAL A 66 -3.93 -1.38 -7.87
CA VAL A 66 -2.55 -1.41 -8.33
C VAL A 66 -2.44 -2.10 -9.69
N TYR A 67 -3.10 -3.26 -9.80
CA TYR A 67 -3.08 -4.01 -11.05
C TYR A 67 -3.67 -3.20 -12.19
N ASN A 68 -4.60 -2.32 -11.84
CA ASN A 68 -5.26 -1.47 -12.84
C ASN A 68 -4.52 -0.14 -13.01
N LEU A 69 -3.75 0.26 -12.02
CA LEU A 69 -3.00 1.52 -12.08
C LEU A 69 -2.09 1.54 -13.31
N ARG A 70 -1.59 0.37 -13.68
CA ARG A 70 -0.70 0.24 -14.83
C ARG A 70 -1.46 0.17 -16.15
N MET A 71 -2.78 0.25 -16.04
CA MET A 71 -3.64 0.20 -17.22
C MET A 71 -4.19 1.58 -17.56
N ASN A 72 -4.27 2.46 -16.56
CA ASN A 72 -4.77 3.81 -16.75
C ASN A 72 -3.73 4.68 -17.44
N LEU A 73 -4.17 5.48 -18.40
CA LEU A 73 -3.28 6.37 -19.14
C LEU A 73 -3.50 7.82 -18.75
N GLY A 74 -3.97 8.05 -17.53
CA GLY A 74 -4.22 9.39 -17.07
C GLY A 74 -3.00 10.02 -16.41
N GLY A 75 -2.84 11.33 -16.56
CA GLY A 75 -1.70 12.01 -15.98
C GLY A 75 -1.93 13.50 -15.82
N THR A 76 -0.96 14.30 -16.22
CA THR A 76 -1.06 15.75 -16.12
C THR A 76 -0.84 16.40 -17.49
N GLY A 77 0.28 16.08 -18.13
CA GLY A 77 0.58 16.63 -19.44
C GLY A 77 0.70 18.15 -19.40
N PHE A 78 -0.37 18.83 -19.80
CA PHE A 78 -0.36 20.29 -19.83
C PHE A 78 -0.79 20.87 -18.48
N GLN A 79 0.13 21.56 -17.82
CA GLN A 79 -0.15 22.17 -16.52
C GLN A 79 0.82 23.31 -16.24
N MET A 1 -19.32 -7.30 -2.66
CA MET A 1 -18.75 -6.12 -1.93
C MET A 1 -17.48 -5.61 -2.60
N ASP A 2 -17.52 -4.37 -3.06
CA ASP A 2 -16.37 -3.76 -3.71
C ASP A 2 -15.29 -3.40 -2.70
N ARG A 3 -14.07 -3.85 -2.97
CA ARG A 3 -12.95 -3.58 -2.07
C ARG A 3 -12.18 -2.34 -2.54
N VAL A 4 -12.60 -1.18 -2.07
CA VAL A 4 -11.95 0.08 -2.44
C VAL A 4 -11.71 0.95 -1.21
N LEU A 5 -10.45 1.35 -1.04
CA LEU A 5 -10.05 2.18 0.08
C LEU A 5 -10.15 3.66 -0.27
N SER A 6 -10.45 4.49 0.72
CA SER A 6 -10.60 5.92 0.51
C SER A 6 -9.27 6.64 0.68
N ARG A 7 -9.32 7.97 0.69
CA ARG A 7 -8.11 8.78 0.84
C ARG A 7 -7.43 8.47 2.17
N ALA A 8 -8.25 8.25 3.20
CA ALA A 8 -7.74 7.94 4.53
C ALA A 8 -6.93 6.64 4.52
N ASP A 9 -7.49 5.61 3.88
CA ASP A 9 -6.81 4.33 3.81
C ASP A 9 -5.45 4.45 3.12
N LYS A 10 -5.46 4.93 1.88
CA LYS A 10 -4.21 5.09 1.13
C LYS A 10 -3.26 6.01 1.87
N GLU A 11 -3.81 7.07 2.46
CA GLU A 11 -3.02 8.02 3.21
C GLU A 11 -2.44 7.37 4.47
N ARG A 12 -3.22 6.50 5.08
CA ARG A 12 -2.79 5.80 6.28
C ARG A 12 -1.81 4.69 5.92
N LEU A 13 -2.04 4.07 4.76
CA LEU A 13 -1.17 3.01 4.27
C LEU A 13 0.25 3.55 4.07
N LEU A 14 0.32 4.78 3.58
CA LEU A 14 1.60 5.44 3.34
C LEU A 14 2.34 5.65 4.65
N GLU A 15 1.61 6.14 5.66
CA GLU A 15 2.20 6.40 6.97
C GLU A 15 2.84 5.14 7.54
N LEU A 16 2.35 3.99 7.11
CA LEU A 16 2.87 2.70 7.58
C LEU A 16 4.02 2.23 6.68
N LEU A 17 3.94 2.59 5.40
CA LEU A 17 4.97 2.21 4.44
C LEU A 17 6.15 3.19 4.44
N LYS A 18 6.09 4.20 5.30
CA LYS A 18 7.16 5.19 5.36
C LYS A 18 7.40 5.76 3.95
N LEU A 19 6.39 5.60 3.11
CA LEU A 19 6.44 6.06 1.74
C LEU A 19 5.55 7.28 1.55
N PRO A 20 6.14 8.47 1.36
CA PRO A 20 5.40 9.72 1.19
C PRO A 20 4.32 9.63 0.13
N ARG A 21 3.48 10.66 0.06
CA ARG A 21 2.40 10.73 -0.92
C ARG A 21 2.87 11.40 -2.21
N GLN A 22 4.09 11.91 -2.20
CA GLN A 22 4.65 12.59 -3.35
C GLN A 22 5.04 11.60 -4.43
N LEU A 23 5.45 10.41 -4.00
CA LEU A 23 5.84 9.36 -4.94
C LEU A 23 4.75 8.29 -5.05
N TRP A 24 3.56 8.60 -4.55
CA TRP A 24 2.42 7.69 -4.60
C TRP A 24 2.14 7.24 -6.03
N GLY A 25 2.59 6.03 -6.37
CA GLY A 25 2.37 5.51 -7.71
C GLY A 25 3.45 4.53 -8.15
N ASP A 26 4.64 4.66 -7.57
CA ASP A 26 5.75 3.77 -7.92
C ASP A 26 5.62 2.44 -7.18
N PHE A 27 5.04 1.44 -7.86
CA PHE A 27 4.86 0.12 -7.28
C PHE A 27 6.17 -0.44 -6.70
N GLY A 28 7.28 -0.12 -7.35
CA GLY A 28 8.57 -0.61 -6.90
C GLY A 28 9.01 0.01 -5.59
N ARG A 29 8.57 1.24 -5.33
CA ARG A 29 8.95 1.93 -4.10
C ARG A 29 8.00 1.60 -2.96
N MET A 30 6.75 1.28 -3.28
CA MET A 30 5.76 0.95 -2.26
C MET A 30 5.94 -0.48 -1.78
N GLN A 31 6.18 -1.40 -2.71
CA GLN A 31 6.39 -2.79 -2.35
C GLN A 31 7.70 -2.96 -1.59
N GLN A 32 8.73 -2.26 -2.05
CA GLN A 32 10.04 -2.32 -1.41
C GLN A 32 9.93 -1.78 0.01
N ALA A 33 9.20 -0.67 0.16
CA ALA A 33 9.00 -0.05 1.45
C ALA A 33 8.03 -0.87 2.30
N TYR A 34 7.01 -1.43 1.66
CA TYR A 34 6.03 -2.24 2.35
C TYR A 34 6.70 -3.45 3.01
N LYS A 35 7.45 -4.21 2.22
CA LYS A 35 8.15 -5.37 2.74
C LYS A 35 9.15 -4.97 3.80
N GLN A 36 9.78 -3.82 3.61
CA GLN A 36 10.76 -3.30 4.56
C GLN A 36 10.10 -2.92 5.88
N GLN A 37 8.81 -2.56 5.80
CA GLN A 37 8.06 -2.18 6.98
C GLN A 37 7.41 -3.40 7.63
N SER A 38 7.22 -4.46 6.84
CA SER A 38 6.62 -5.68 7.35
C SER A 38 7.59 -6.41 8.27
N LEU A 39 8.88 -6.15 8.08
CA LEU A 39 9.92 -6.79 8.88
C LEU A 39 9.98 -6.19 10.29
N LEU A 40 9.49 -4.97 10.44
CA LEU A 40 9.50 -4.31 11.74
C LEU A 40 8.24 -4.63 12.53
N LEU A 41 7.16 -4.98 11.81
CA LEU A 41 5.89 -5.31 12.45
C LEU A 41 5.77 -6.82 12.65
N HIS A 42 6.86 -7.55 12.46
CA HIS A 42 6.87 -9.00 12.62
C HIS A 42 7.01 -9.38 14.09
N PRO A 43 6.16 -10.31 14.58
CA PRO A 43 6.18 -10.76 15.97
C PRO A 43 7.58 -10.99 16.55
N ASP A 44 8.53 -11.38 15.71
CA ASP A 44 9.89 -11.64 16.18
C ASP A 44 10.69 -10.34 16.36
N LYS A 45 10.23 -9.27 15.73
CA LYS A 45 10.91 -7.99 15.83
C LYS A 45 10.09 -7.00 16.65
N GLY A 46 9.35 -7.53 17.62
CA GLY A 46 8.53 -6.69 18.48
C GLY A 46 7.49 -5.91 17.70
N GLY A 47 6.45 -6.60 17.25
CA GLY A 47 5.39 -5.96 16.50
C GLY A 47 4.01 -6.44 16.90
N SER A 48 3.01 -5.59 16.69
CA SER A 48 1.64 -5.93 17.03
C SER A 48 0.94 -6.59 15.84
N HIS A 49 -0.01 -7.47 16.15
CA HIS A 49 -0.76 -8.17 15.10
C HIS A 49 -1.78 -7.24 14.47
N ALA A 50 -2.49 -6.48 15.31
CA ALA A 50 -3.50 -5.54 14.82
C ALA A 50 -2.92 -4.59 13.78
N LEU A 51 -1.61 -4.39 13.82
CA LEU A 51 -0.94 -3.51 12.88
C LEU A 51 -0.57 -4.26 11.60
N MET A 52 0.05 -5.41 11.76
CA MET A 52 0.47 -6.23 10.61
C MET A 52 -0.73 -6.57 9.72
N GLN A 53 -1.84 -6.93 10.35
CA GLN A 53 -3.05 -7.28 9.61
C GLN A 53 -3.70 -6.05 8.99
N GLU A 54 -3.54 -4.91 9.66
CA GLU A 54 -4.12 -3.66 9.17
C GLU A 54 -3.40 -3.19 7.91
N LEU A 55 -2.07 -3.21 7.96
CA LEU A 55 -1.26 -2.79 6.84
C LEU A 55 -1.49 -3.69 5.64
N ASN A 56 -1.57 -5.00 5.89
CA ASN A 56 -1.80 -5.97 4.83
C ASN A 56 -3.15 -5.74 4.17
N SER A 57 -4.17 -5.45 5.00
CA SER A 57 -5.51 -5.21 4.49
C SER A 57 -5.54 -3.95 3.64
N LEU A 58 -4.63 -3.02 3.94
CA LEU A 58 -4.56 -1.76 3.20
C LEU A 58 -3.76 -1.92 1.93
N TRP A 59 -2.85 -2.89 1.92
CA TRP A 59 -2.02 -3.16 0.75
C TRP A 59 -2.72 -4.16 -0.17
N GLY A 60 -3.73 -4.84 0.38
CA GLY A 60 -4.48 -5.81 -0.41
C GLY A 60 -5.50 -5.14 -1.32
N THR A 61 -6.47 -4.44 -0.71
CA THR A 61 -7.48 -3.73 -1.48
C THR A 61 -6.77 -2.82 -2.45
N PHE A 62 -5.85 -2.06 -1.89
CA PHE A 62 -5.02 -1.13 -2.64
C PHE A 62 -4.51 -1.81 -3.90
N LYS A 63 -3.98 -3.00 -3.70
CA LYS A 63 -3.44 -3.82 -4.78
C LYS A 63 -4.50 -4.15 -5.81
N THR A 64 -5.74 -4.38 -5.35
CA THR A 64 -6.84 -4.68 -6.25
C THR A 64 -6.82 -3.72 -7.42
N GLU A 65 -6.50 -2.46 -7.11
CA GLU A 65 -6.41 -1.42 -8.11
C GLU A 65 -5.02 -1.42 -8.73
N VAL A 66 -4.02 -1.79 -7.94
CA VAL A 66 -2.64 -1.84 -8.40
C VAL A 66 -2.52 -2.73 -9.63
N TYR A 67 -3.10 -3.92 -9.55
CA TYR A 67 -3.06 -4.86 -10.67
C TYR A 67 -3.61 -4.20 -11.93
N ASN A 68 -4.54 -3.26 -11.74
CA ASN A 68 -5.15 -2.56 -12.85
C ASN A 68 -4.38 -1.28 -13.21
N LEU A 69 -3.60 -0.76 -12.25
CA LEU A 69 -2.84 0.46 -12.49
C LEU A 69 -1.72 0.21 -13.50
N ARG A 70 -1.43 -1.06 -13.77
CA ARG A 70 -0.39 -1.42 -14.72
C ARG A 70 -0.95 -1.57 -16.13
N MET A 71 -2.25 -1.33 -16.26
CA MET A 71 -2.93 -1.44 -17.54
C MET A 71 -3.58 -0.12 -17.94
N ASN A 72 -3.91 0.70 -16.94
CA ASN A 72 -4.53 2.00 -17.19
C ASN A 72 -3.51 3.13 -17.09
N LEU A 73 -2.43 2.89 -16.34
CA LEU A 73 -1.39 3.88 -16.16
C LEU A 73 -0.06 3.39 -16.74
N GLY A 74 0.14 2.08 -16.71
CA GLY A 74 1.36 1.50 -17.24
C GLY A 74 2.53 1.65 -16.29
N GLY A 75 3.61 2.26 -16.78
CA GLY A 75 4.79 2.46 -15.96
C GLY A 75 5.21 3.91 -15.89
N THR A 76 6.40 4.16 -15.35
CA THR A 76 6.92 5.52 -15.23
C THR A 76 7.43 6.02 -16.58
N GLY A 77 6.83 7.12 -17.05
CA GLY A 77 7.25 7.68 -18.32
C GLY A 77 7.88 9.05 -18.17
N PHE A 78 7.30 9.87 -17.30
CA PHE A 78 7.82 11.22 -17.06
C PHE A 78 9.09 11.17 -16.21
N GLN A 79 10.24 11.26 -16.87
CA GLN A 79 11.52 11.23 -16.18
C GLN A 79 11.85 12.58 -15.58
N MET A 1 -20.07 -4.07 -2.96
CA MET A 1 -19.28 -5.16 -2.32
C MET A 1 -17.82 -5.14 -2.78
N ASP A 2 -17.44 -4.11 -3.54
CA ASP A 2 -16.07 -3.99 -4.02
C ASP A 2 -15.12 -3.63 -2.88
N ARG A 3 -13.91 -4.18 -2.95
CA ARG A 3 -12.91 -3.92 -1.92
C ARG A 3 -11.98 -2.78 -2.34
N VAL A 4 -12.38 -1.55 -2.02
CA VAL A 4 -11.59 -0.38 -2.37
C VAL A 4 -11.45 0.59 -1.19
N LEU A 5 -10.21 0.96 -0.89
CA LEU A 5 -9.92 1.88 0.21
C LEU A 5 -10.10 3.33 -0.22
N SER A 6 -10.43 4.19 0.73
CA SER A 6 -10.66 5.60 0.46
C SER A 6 -9.37 6.41 0.60
N ARG A 7 -9.47 7.71 0.39
CA ARG A 7 -8.33 8.60 0.50
C ARG A 7 -7.68 8.48 1.87
N ALA A 8 -8.48 8.17 2.88
CA ALA A 8 -7.97 8.02 4.23
C ALA A 8 -7.07 6.78 4.35
N ASP A 9 -7.51 5.68 3.75
CA ASP A 9 -6.74 4.45 3.80
C ASP A 9 -5.42 4.60 3.03
N LYS A 10 -5.52 4.93 1.75
CA LYS A 10 -4.33 5.07 0.91
C LYS A 10 -3.33 6.05 1.53
N GLU A 11 -3.83 7.18 2.02
CA GLU A 11 -2.98 8.17 2.65
C GLU A 11 -2.43 7.63 3.97
N ARG A 12 -3.19 6.73 4.59
CA ARG A 12 -2.79 6.12 5.86
C ARG A 12 -1.74 5.04 5.62
N LEU A 13 -1.97 4.24 4.57
CA LEU A 13 -1.04 3.17 4.22
C LEU A 13 0.34 3.75 3.93
N LEU A 14 0.35 4.99 3.43
CA LEU A 14 1.60 5.67 3.11
C LEU A 14 2.39 5.96 4.38
N GLU A 15 1.67 6.32 5.44
CA GLU A 15 2.30 6.63 6.71
C GLU A 15 3.08 5.42 7.23
N LEU A 16 2.49 4.25 7.10
CA LEU A 16 3.12 3.01 7.54
C LEU A 16 4.16 2.55 6.53
N LEU A 17 4.09 3.08 5.31
CA LEU A 17 5.02 2.72 4.24
C LEU A 17 6.23 3.63 4.24
N LYS A 18 6.22 4.67 5.08
CA LYS A 18 7.34 5.61 5.12
C LYS A 18 7.65 6.11 3.71
N LEU A 19 6.65 6.00 2.83
CA LEU A 19 6.75 6.39 1.45
C LEU A 19 5.85 7.61 1.20
N PRO A 20 6.44 8.78 0.91
CA PRO A 20 5.68 10.02 0.68
C PRO A 20 4.50 9.85 -0.26
N ARG A 21 3.62 10.85 -0.27
CA ARG A 21 2.43 10.83 -1.13
C ARG A 21 2.73 11.45 -2.50
N GLN A 22 3.94 11.97 -2.66
CA GLN A 22 4.34 12.61 -3.90
C GLN A 22 4.67 11.59 -4.97
N LEU A 23 5.22 10.47 -4.52
CA LEU A 23 5.60 9.39 -5.43
C LEU A 23 4.58 8.25 -5.42
N TRP A 24 3.42 8.52 -4.81
CA TRP A 24 2.35 7.53 -4.73
C TRP A 24 1.99 6.97 -6.09
N GLY A 25 2.48 5.75 -6.38
CA GLY A 25 2.19 5.14 -7.66
C GLY A 25 3.25 4.12 -8.08
N ASP A 26 4.47 4.28 -7.57
CA ASP A 26 5.56 3.38 -7.91
C ASP A 26 5.46 2.08 -7.12
N PHE A 27 4.70 1.12 -7.66
CA PHE A 27 4.52 -0.18 -7.02
C PHE A 27 5.84 -0.74 -6.50
N GLY A 28 6.89 -0.65 -7.31
CA GLY A 28 8.19 -1.16 -6.91
C GLY A 28 8.73 -0.47 -5.67
N ARG A 29 8.44 0.82 -5.54
CA ARG A 29 8.91 1.59 -4.38
C ARG A 29 8.09 1.27 -3.13
N MET A 30 6.77 1.40 -3.25
CA MET A 30 5.88 1.13 -2.13
C MET A 30 6.04 -0.30 -1.62
N GLN A 31 6.08 -1.26 -2.54
CA GLN A 31 6.24 -2.66 -2.16
C GLN A 31 7.53 -2.86 -1.39
N GLN A 32 8.57 -2.13 -1.80
CA GLN A 32 9.86 -2.22 -1.14
C GLN A 32 9.74 -1.75 0.30
N ALA A 33 8.98 -0.68 0.51
CA ALA A 33 8.77 -0.14 1.85
C ALA A 33 7.85 -1.06 2.65
N TYR A 34 6.85 -1.62 1.98
CA TYR A 34 5.91 -2.52 2.64
C TYR A 34 6.65 -3.67 3.33
N LYS A 35 7.65 -4.20 2.63
CA LYS A 35 8.45 -5.29 3.17
C LYS A 35 9.37 -4.80 4.29
N GLN A 36 9.76 -3.53 4.21
CA GLN A 36 10.63 -2.94 5.22
C GLN A 36 9.93 -2.85 6.56
N GLN A 37 8.68 -2.40 6.54
CA GLN A 37 7.90 -2.26 7.78
C GLN A 37 7.23 -3.58 8.14
N SER A 38 7.07 -4.46 7.16
CA SER A 38 6.45 -5.76 7.40
C SER A 38 7.33 -6.63 8.29
N LEU A 39 8.64 -6.43 8.19
CA LEU A 39 9.59 -7.20 8.99
C LEU A 39 9.57 -6.76 10.45
N LEU A 40 9.30 -5.47 10.67
CA LEU A 40 9.26 -4.93 12.02
C LEU A 40 7.87 -5.03 12.63
N LEU A 41 6.87 -5.33 11.81
CA LEU A 41 5.50 -5.47 12.29
C LEU A 41 5.17 -6.94 12.60
N HIS A 42 6.06 -7.83 12.19
CA HIS A 42 5.87 -9.26 12.42
C HIS A 42 5.95 -9.57 13.92
N PRO A 43 4.99 -10.35 14.45
CA PRO A 43 4.96 -10.71 15.87
C PRO A 43 6.22 -11.42 16.34
N ASP A 44 7.06 -11.85 15.40
CA ASP A 44 8.30 -12.54 15.75
C ASP A 44 9.41 -11.55 16.09
N LYS A 45 9.27 -10.31 15.63
CA LYS A 45 10.27 -9.29 15.89
C LYS A 45 9.72 -8.23 16.85
N GLY A 46 8.80 -8.64 17.71
CA GLY A 46 8.22 -7.72 18.68
C GLY A 46 7.04 -6.95 18.12
N GLY A 47 6.82 -7.03 16.81
CA GLY A 47 5.73 -6.33 16.19
C GLY A 47 4.37 -6.80 16.69
N SER A 48 3.34 -6.01 16.45
CA SER A 48 1.99 -6.35 16.88
C SER A 48 1.27 -7.14 15.79
N HIS A 49 0.29 -7.95 16.19
CA HIS A 49 -0.47 -8.76 15.25
C HIS A 49 -1.55 -7.92 14.57
N ALA A 50 -2.22 -7.08 15.36
CA ALA A 50 -3.28 -6.22 14.85
C ALA A 50 -2.73 -5.17 13.88
N LEU A 51 -1.47 -4.80 14.06
CA LEU A 51 -0.84 -3.81 13.21
C LEU A 51 -0.40 -4.42 11.88
N MET A 52 0.32 -5.53 11.96
CA MET A 52 0.79 -6.21 10.76
C MET A 52 -0.37 -6.61 9.85
N GLN A 53 -1.43 -7.12 10.45
CA GLN A 53 -2.61 -7.53 9.69
C GLN A 53 -3.31 -6.33 9.08
N GLU A 54 -3.25 -5.20 9.77
CA GLU A 54 -3.88 -3.97 9.29
C GLU A 54 -3.28 -3.54 7.96
N LEU A 55 -1.96 -3.47 7.91
CA LEU A 55 -1.25 -3.07 6.69
C LEU A 55 -1.48 -4.08 5.57
N ASN A 56 -1.56 -5.35 5.93
CA ASN A 56 -1.78 -6.42 4.96
C ASN A 56 -3.12 -6.24 4.25
N SER A 57 -4.08 -5.65 4.95
CA SER A 57 -5.41 -5.43 4.39
C SER A 57 -5.46 -4.14 3.56
N LEU A 58 -4.70 -3.14 4.00
CA LEU A 58 -4.64 -1.86 3.31
C LEU A 58 -3.78 -1.94 2.04
N TRP A 59 -2.87 -2.90 2.01
CA TRP A 59 -1.98 -3.09 0.87
C TRP A 59 -2.62 -4.05 -0.13
N GLY A 60 -3.57 -4.86 0.35
CA GLY A 60 -4.25 -5.80 -0.52
C GLY A 60 -5.29 -5.10 -1.37
N THR A 61 -6.29 -4.49 -0.71
CA THR A 61 -7.33 -3.76 -1.43
C THR A 61 -6.64 -2.78 -2.36
N PHE A 62 -5.72 -2.04 -1.77
CA PHE A 62 -4.90 -1.07 -2.47
C PHE A 62 -4.41 -1.67 -3.77
N LYS A 63 -3.83 -2.85 -3.64
CA LYS A 63 -3.30 -3.60 -4.75
C LYS A 63 -4.38 -3.85 -5.80
N THR A 64 -5.62 -4.05 -5.37
CA THR A 64 -6.72 -4.26 -6.30
C THR A 64 -6.69 -3.19 -7.37
N GLU A 65 -6.31 -1.99 -6.95
CA GLU A 65 -6.19 -0.86 -7.86
C GLU A 65 -4.81 -0.87 -8.50
N VAL A 66 -3.83 -1.37 -7.77
CA VAL A 66 -2.47 -1.45 -8.26
C VAL A 66 -2.38 -2.31 -9.51
N TYR A 67 -3.20 -3.36 -9.56
CA TYR A 67 -3.21 -4.26 -10.71
C TYR A 67 -3.70 -3.53 -11.96
N ASN A 68 -4.67 -2.64 -11.78
CA ASN A 68 -5.22 -1.89 -12.90
C ASN A 68 -4.46 -0.58 -13.12
N LEU A 69 -3.64 -0.18 -12.14
CA LEU A 69 -2.89 1.06 -12.26
C LEU A 69 -1.95 0.99 -13.46
N ARG A 70 -1.42 -0.21 -13.70
CA ARG A 70 -0.50 -0.42 -14.82
C ARG A 70 -1.25 -0.69 -16.12
N MET A 71 -2.57 -0.65 -16.03
CA MET A 71 -3.42 -0.89 -17.18
C MET A 71 -4.01 0.41 -17.71
N ASN A 72 -4.04 1.44 -16.85
CA ASN A 72 -4.58 2.74 -17.24
C ASN A 72 -3.48 3.63 -17.82
N LEU A 73 -2.60 4.11 -16.94
CA LEU A 73 -1.51 4.99 -17.36
C LEU A 73 -0.16 4.37 -16.99
N GLY A 74 -0.10 3.74 -15.81
CA GLY A 74 1.13 3.13 -15.36
C GLY A 74 2.05 4.13 -14.68
N GLY A 75 1.48 5.00 -13.86
CA GLY A 75 2.27 6.00 -13.16
C GLY A 75 2.50 7.24 -13.99
N THR A 76 3.76 7.65 -14.11
CA THR A 76 4.11 8.84 -14.88
C THR A 76 4.11 8.53 -16.37
N GLY A 77 3.66 9.50 -17.17
CA GLY A 77 3.63 9.31 -18.61
C GLY A 77 5.00 9.33 -19.23
N PHE A 78 5.87 10.20 -18.73
CA PHE A 78 7.23 10.32 -19.24
C PHE A 78 8.17 9.37 -18.51
N GLN A 79 8.63 8.33 -19.21
CA GLN A 79 9.54 7.37 -18.64
C GLN A 79 10.98 7.86 -18.72
N MET A 1 -18.75 0.53 -4.98
CA MET A 1 -18.51 0.37 -3.53
C MET A 1 -18.43 -1.10 -3.14
N ASP A 2 -17.23 -1.67 -3.24
CA ASP A 2 -17.02 -3.08 -2.90
C ASP A 2 -15.67 -3.28 -2.22
N ARG A 3 -14.60 -2.87 -2.90
CA ARG A 3 -13.26 -3.01 -2.36
C ARG A 3 -12.40 -1.80 -2.73
N VAL A 4 -12.75 -0.65 -2.17
CA VAL A 4 -12.02 0.58 -2.44
C VAL A 4 -11.82 1.39 -1.17
N LEU A 5 -10.55 1.62 -0.83
CA LEU A 5 -10.20 2.39 0.36
C LEU A 5 -10.23 3.89 0.06
N SER A 6 -10.72 4.66 1.02
CA SER A 6 -10.82 6.10 0.87
C SER A 6 -9.47 6.77 1.03
N ARG A 7 -9.46 8.10 0.95
CA ARG A 7 -8.23 8.86 1.09
C ARG A 7 -7.55 8.56 2.42
N ALA A 8 -8.35 8.38 3.46
CA ALA A 8 -7.83 8.07 4.78
C ALA A 8 -7.12 6.72 4.82
N ASP A 9 -7.74 5.72 4.20
CA ASP A 9 -7.16 4.39 4.17
C ASP A 9 -5.82 4.37 3.42
N LYS A 10 -5.86 4.79 2.16
CA LYS A 10 -4.65 4.82 1.34
C LYS A 10 -3.58 5.70 1.99
N GLU A 11 -4.03 6.74 2.68
CA GLU A 11 -3.11 7.65 3.36
C GLU A 11 -2.51 6.96 4.58
N ARG A 12 -3.30 6.10 5.21
CA ARG A 12 -2.86 5.36 6.38
C ARG A 12 -1.81 4.33 5.98
N LEU A 13 -1.94 3.80 4.76
CA LEU A 13 -1.00 2.82 4.25
C LEU A 13 0.38 3.45 4.08
N LEU A 14 0.38 4.71 3.66
CA LEU A 14 1.61 5.45 3.46
C LEU A 14 2.34 5.69 4.78
N GLU A 15 1.57 5.98 5.83
CA GLU A 15 2.13 6.23 7.15
C GLU A 15 3.01 5.08 7.60
N LEU A 16 2.45 3.88 7.56
CA LEU A 16 3.18 2.67 7.95
C LEU A 16 4.22 2.29 6.88
N LEU A 17 4.12 2.90 5.71
CA LEU A 17 5.04 2.63 4.61
C LEU A 17 6.27 3.53 4.64
N LYS A 18 6.22 4.59 5.45
CA LYS A 18 7.34 5.51 5.52
C LYS A 18 7.68 6.02 4.12
N LEU A 19 6.70 5.90 3.23
CA LEU A 19 6.84 6.31 1.84
C LEU A 19 6.04 7.59 1.59
N PRO A 20 6.74 8.71 1.30
CA PRO A 20 6.10 10.00 1.07
C PRO A 20 4.93 9.94 0.09
N ARG A 21 4.18 11.03 0.02
CA ARG A 21 3.02 11.14 -0.86
C ARG A 21 3.42 11.67 -2.24
N GLN A 22 4.70 12.00 -2.40
CA GLN A 22 5.19 12.54 -3.67
C GLN A 22 5.54 11.44 -4.65
N LEU A 23 5.92 10.28 -4.12
CA LEU A 23 6.29 9.15 -4.96
C LEU A 23 5.22 8.05 -4.89
N TRP A 24 4.04 8.42 -4.39
CA TRP A 24 2.92 7.48 -4.28
C TRP A 24 2.65 6.75 -5.60
N GLY A 25 3.12 7.32 -6.71
CA GLY A 25 2.92 6.71 -8.00
C GLY A 25 3.95 5.63 -8.32
N ASP A 26 5.00 5.55 -7.51
CA ASP A 26 6.04 4.55 -7.71
C ASP A 26 5.66 3.21 -7.09
N PHE A 27 5.60 2.17 -7.91
CA PHE A 27 5.24 0.84 -7.45
C PHE A 27 6.41 0.16 -6.74
N GLY A 28 7.58 0.25 -7.36
CA GLY A 28 8.76 -0.37 -6.78
C GLY A 28 9.09 0.16 -5.40
N ARG A 29 8.79 1.42 -5.16
CA ARG A 29 9.07 2.05 -3.88
C ARG A 29 8.06 1.64 -2.81
N MET A 30 6.77 1.71 -3.15
CA MET A 30 5.72 1.36 -2.20
C MET A 30 5.89 -0.06 -1.67
N GLN A 31 6.01 -1.02 -2.59
CA GLN A 31 6.18 -2.42 -2.19
C GLN A 31 7.46 -2.60 -1.39
N GLN A 32 8.49 -1.83 -1.73
CA GLN A 32 9.76 -1.91 -1.03
C GLN A 32 9.59 -1.60 0.46
N ALA A 33 8.82 -0.54 0.74
CA ALA A 33 8.56 -0.13 2.11
C ALA A 33 7.62 -1.12 2.80
N TYR A 34 6.66 -1.63 2.05
CA TYR A 34 5.70 -2.59 2.58
C TYR A 34 6.42 -3.78 3.22
N LYS A 35 7.45 -4.26 2.54
CA LYS A 35 8.23 -5.40 3.04
C LYS A 35 9.24 -4.93 4.08
N GLN A 36 9.75 -3.72 3.92
CA GLN A 36 10.72 -3.15 4.85
C GLN A 36 10.08 -2.91 6.21
N GLN A 37 8.82 -2.50 6.20
CA GLN A 37 8.09 -2.22 7.43
C GLN A 37 7.44 -3.49 7.98
N SER A 38 7.24 -4.48 7.11
CA SER A 38 6.63 -5.74 7.52
C SER A 38 7.56 -6.50 8.46
N LEU A 39 8.86 -6.27 8.31
CA LEU A 39 9.85 -6.94 9.15
C LEU A 39 9.85 -6.36 10.56
N LEU A 40 9.59 -5.06 10.68
CA LEU A 40 9.56 -4.42 11.99
C LEU A 40 8.19 -4.59 12.65
N LEU A 41 7.19 -4.97 11.86
CA LEU A 41 5.84 -5.19 12.38
C LEU A 41 5.62 -6.67 12.69
N HIS A 42 6.52 -7.51 12.18
CA HIS A 42 6.44 -8.95 12.40
C HIS A 42 6.55 -9.28 13.88
N PRO A 43 5.86 -10.35 14.33
CA PRO A 43 5.87 -10.76 15.75
C PRO A 43 7.22 -11.28 16.23
N ASP A 44 8.16 -11.47 15.30
CA ASP A 44 9.49 -11.97 15.66
C ASP A 44 10.42 -10.80 15.96
N LYS A 45 10.12 -9.63 15.42
CA LYS A 45 10.95 -8.45 15.65
C LYS A 45 10.31 -7.53 16.69
N GLY A 46 9.59 -8.13 17.63
CA GLY A 46 8.93 -7.34 18.67
C GLY A 46 7.87 -6.42 18.12
N GLY A 47 7.32 -6.75 16.95
CA GLY A 47 6.30 -5.92 16.36
C GLY A 47 4.90 -6.37 16.75
N SER A 48 3.91 -5.54 16.42
CA SER A 48 2.52 -5.85 16.74
C SER A 48 1.86 -6.63 15.61
N HIS A 49 0.97 -7.55 15.95
CA HIS A 49 0.28 -8.34 14.96
C HIS A 49 -0.88 -7.58 14.35
N ALA A 50 -1.61 -6.84 15.19
CA ALA A 50 -2.76 -6.06 14.73
C ALA A 50 -2.37 -5.11 13.61
N LEU A 51 -1.18 -4.54 13.72
CA LEU A 51 -0.69 -3.59 12.71
C LEU A 51 -0.44 -4.30 11.37
N MET A 52 0.31 -5.39 11.41
CA MET A 52 0.63 -6.15 10.20
C MET A 52 -0.64 -6.51 9.43
N GLN A 53 -1.73 -6.72 10.15
CA GLN A 53 -3.00 -7.06 9.53
C GLN A 53 -3.63 -5.84 8.86
N GLU A 54 -3.49 -4.69 9.51
CA GLU A 54 -4.03 -3.45 8.99
C GLU A 54 -3.36 -3.07 7.67
N LEU A 55 -2.07 -3.34 7.57
CA LEU A 55 -1.31 -3.04 6.37
C LEU A 55 -1.76 -3.91 5.20
N ASN A 56 -1.89 -5.21 5.45
CA ASN A 56 -2.31 -6.15 4.43
C ASN A 56 -3.69 -5.78 3.87
N SER A 57 -4.47 -5.07 4.67
CA SER A 57 -5.82 -4.66 4.26
C SER A 57 -5.77 -3.46 3.32
N LEU A 58 -4.87 -2.53 3.59
CA LEU A 58 -4.74 -1.33 2.77
C LEU A 58 -3.98 -1.62 1.47
N TRP A 59 -3.09 -2.61 1.53
CA TRP A 59 -2.31 -2.99 0.36
C TRP A 59 -3.11 -3.95 -0.52
N GLY A 60 -4.05 -4.66 0.10
CA GLY A 60 -4.90 -5.57 -0.64
C GLY A 60 -5.88 -4.85 -1.54
N THR A 61 -6.76 -4.04 -0.95
CA THR A 61 -7.73 -3.28 -1.74
C THR A 61 -6.95 -2.54 -2.79
N PHE A 62 -5.91 -1.87 -2.30
CA PHE A 62 -4.99 -1.12 -3.13
C PHE A 62 -4.58 -1.97 -4.32
N LYS A 63 -4.14 -3.18 -4.00
CA LYS A 63 -3.71 -4.13 -4.99
C LYS A 63 -4.83 -4.46 -5.96
N THR A 64 -6.07 -4.45 -5.48
CA THR A 64 -7.23 -4.73 -6.34
C THR A 64 -7.12 -3.89 -7.59
N GLU A 65 -6.64 -2.66 -7.42
CA GLU A 65 -6.43 -1.74 -8.52
C GLU A 65 -5.07 -1.99 -9.14
N VAL A 66 -4.11 -2.42 -8.33
CA VAL A 66 -2.77 -2.69 -8.80
C VAL A 66 -2.78 -3.77 -9.88
N TYR A 67 -3.68 -4.74 -9.73
CA TYR A 67 -3.80 -5.83 -10.69
C TYR A 67 -4.31 -5.32 -12.03
N ASN A 68 -5.26 -4.39 -11.99
CA ASN A 68 -5.83 -3.83 -13.21
C ASN A 68 -5.04 -2.61 -13.68
N LEU A 69 -4.19 -2.06 -12.83
CA LEU A 69 -3.38 -0.89 -13.19
C LEU A 69 -2.51 -1.20 -14.41
N ARG A 70 -1.97 -2.41 -14.45
CA ARG A 70 -1.11 -2.84 -15.55
C ARG A 70 -1.92 -3.11 -16.81
N MET A 71 -3.22 -2.92 -16.72
CA MET A 71 -4.12 -3.14 -17.85
C MET A 71 -4.64 -1.81 -18.40
N ASN A 72 -4.71 -0.80 -17.52
CA ASN A 72 -5.19 0.52 -17.92
C ASN A 72 -4.03 1.41 -18.38
N LEU A 73 -3.73 1.36 -19.68
CA LEU A 73 -2.66 2.16 -20.25
C LEU A 73 -3.05 2.69 -21.63
N GLY A 74 -3.73 1.86 -22.41
CA GLY A 74 -4.15 2.25 -23.73
C GLY A 74 -5.55 1.76 -24.07
N GLY A 75 -5.91 1.83 -25.35
CA GLY A 75 -7.22 1.38 -25.77
C GLY A 75 -8.06 2.51 -26.36
N THR A 76 -8.96 3.05 -25.55
CA THR A 76 -9.82 4.14 -25.99
C THR A 76 -9.04 5.43 -26.13
N GLY A 77 -8.92 5.91 -27.36
CA GLY A 77 -8.19 7.15 -27.62
C GLY A 77 -8.97 8.36 -27.20
N PHE A 78 -10.26 8.38 -27.52
CA PHE A 78 -11.12 9.50 -27.18
C PHE A 78 -11.76 9.29 -25.81
N GLN A 79 -11.19 9.91 -24.79
CA GLN A 79 -11.70 9.79 -23.44
C GLN A 79 -13.12 10.36 -23.33
N MET A 1 -18.75 0.53 -4.98
CA MET A 1 -18.51 0.37 -3.53
C MET A 1 -18.43 -1.10 -3.14
N ASP A 2 -17.23 -1.67 -3.24
CA ASP A 2 -17.02 -3.08 -2.90
C ASP A 2 -15.67 -3.28 -2.22
N ARG A 3 -14.60 -2.87 -2.90
CA ARG A 3 -13.26 -3.01 -2.36
C ARG A 3 -12.40 -1.80 -2.73
N VAL A 4 -12.75 -0.65 -2.17
CA VAL A 4 -12.02 0.58 -2.44
C VAL A 4 -11.82 1.39 -1.17
N LEU A 5 -10.55 1.62 -0.83
CA LEU A 5 -10.20 2.39 0.36
C LEU A 5 -10.23 3.89 0.06
N SER A 6 -10.72 4.66 1.02
CA SER A 6 -10.82 6.10 0.87
C SER A 6 -9.47 6.77 1.03
N ARG A 7 -9.46 8.10 0.95
CA ARG A 7 -8.23 8.86 1.09
C ARG A 7 -7.55 8.56 2.42
N ALA A 8 -8.35 8.38 3.46
CA ALA A 8 -7.83 8.07 4.78
C ALA A 8 -7.12 6.72 4.82
N ASP A 9 -7.74 5.72 4.20
CA ASP A 9 -7.16 4.39 4.17
C ASP A 9 -5.82 4.37 3.42
N LYS A 10 -5.86 4.79 2.16
CA LYS A 10 -4.65 4.82 1.34
C LYS A 10 -3.58 5.70 1.99
N GLU A 11 -4.03 6.74 2.68
CA GLU A 11 -3.11 7.65 3.36
C GLU A 11 -2.51 6.96 4.58
N ARG A 12 -3.30 6.10 5.21
CA ARG A 12 -2.86 5.36 6.38
C ARG A 12 -1.81 4.33 5.98
N LEU A 13 -1.94 3.80 4.76
CA LEU A 13 -1.00 2.82 4.25
C LEU A 13 0.38 3.45 4.08
N LEU A 14 0.38 4.71 3.66
CA LEU A 14 1.61 5.45 3.46
C LEU A 14 2.34 5.69 4.78
N GLU A 15 1.57 5.98 5.83
CA GLU A 15 2.13 6.23 7.15
C GLU A 15 3.01 5.08 7.60
N LEU A 16 2.45 3.88 7.56
CA LEU A 16 3.18 2.67 7.95
C LEU A 16 4.22 2.29 6.88
N LEU A 17 4.12 2.90 5.71
CA LEU A 17 5.04 2.63 4.61
C LEU A 17 6.27 3.53 4.64
N LYS A 18 6.22 4.59 5.45
CA LYS A 18 7.34 5.51 5.52
C LYS A 18 7.68 6.02 4.12
N LEU A 19 6.70 5.90 3.23
CA LEU A 19 6.84 6.31 1.84
C LEU A 19 6.04 7.59 1.59
N PRO A 20 6.74 8.71 1.30
CA PRO A 20 6.10 10.00 1.07
C PRO A 20 4.93 9.94 0.09
N ARG A 21 4.18 11.03 0.02
CA ARG A 21 3.02 11.14 -0.86
C ARG A 21 3.42 11.67 -2.24
N GLN A 22 4.70 12.00 -2.40
CA GLN A 22 5.19 12.54 -3.67
C GLN A 22 5.54 11.44 -4.65
N LEU A 23 5.92 10.28 -4.12
CA LEU A 23 6.29 9.15 -4.96
C LEU A 23 5.22 8.05 -4.89
N TRP A 24 4.04 8.42 -4.39
CA TRP A 24 2.92 7.48 -4.28
C TRP A 24 2.65 6.75 -5.60
N GLY A 25 3.12 7.32 -6.71
CA GLY A 25 2.92 6.71 -8.00
C GLY A 25 3.95 5.63 -8.32
N ASP A 26 5.00 5.55 -7.51
CA ASP A 26 6.04 4.55 -7.71
C ASP A 26 5.66 3.21 -7.09
N PHE A 27 5.60 2.17 -7.91
CA PHE A 27 5.24 0.84 -7.45
C PHE A 27 6.41 0.16 -6.74
N GLY A 28 7.58 0.25 -7.36
CA GLY A 28 8.76 -0.37 -6.78
C GLY A 28 9.09 0.16 -5.40
N ARG A 29 8.79 1.42 -5.16
CA ARG A 29 9.07 2.05 -3.88
C ARG A 29 8.06 1.64 -2.81
N MET A 30 6.77 1.71 -3.15
CA MET A 30 5.72 1.36 -2.20
C MET A 30 5.89 -0.06 -1.67
N GLN A 31 6.01 -1.02 -2.59
CA GLN A 31 6.18 -2.42 -2.19
C GLN A 31 7.46 -2.60 -1.39
N GLN A 32 8.49 -1.83 -1.73
CA GLN A 32 9.76 -1.91 -1.03
C GLN A 32 9.59 -1.60 0.46
N ALA A 33 8.82 -0.54 0.74
CA ALA A 33 8.56 -0.13 2.11
C ALA A 33 7.62 -1.12 2.80
N TYR A 34 6.66 -1.63 2.05
CA TYR A 34 5.70 -2.59 2.58
C TYR A 34 6.42 -3.78 3.22
N LYS A 35 7.45 -4.26 2.54
CA LYS A 35 8.23 -5.40 3.04
C LYS A 35 9.24 -4.93 4.08
N GLN A 36 9.75 -3.72 3.92
CA GLN A 36 10.72 -3.15 4.85
C GLN A 36 10.08 -2.91 6.21
N GLN A 37 8.82 -2.50 6.20
CA GLN A 37 8.09 -2.22 7.43
C GLN A 37 7.44 -3.49 7.98
N SER A 38 7.24 -4.48 7.11
CA SER A 38 6.63 -5.74 7.52
C SER A 38 7.56 -6.50 8.46
N LEU A 39 8.86 -6.27 8.31
CA LEU A 39 9.85 -6.94 9.15
C LEU A 39 9.85 -6.36 10.56
N LEU A 40 9.59 -5.06 10.68
CA LEU A 40 9.56 -4.42 11.99
C LEU A 40 8.19 -4.59 12.65
N LEU A 41 7.19 -4.97 11.86
CA LEU A 41 5.84 -5.19 12.38
C LEU A 41 5.62 -6.67 12.69
N HIS A 42 6.52 -7.51 12.18
CA HIS A 42 6.44 -8.95 12.40
C HIS A 42 6.55 -9.28 13.88
N PRO A 43 5.86 -10.35 14.33
CA PRO A 43 5.87 -10.76 15.75
C PRO A 43 7.22 -11.28 16.23
N ASP A 44 8.16 -11.47 15.30
CA ASP A 44 9.49 -11.97 15.66
C ASP A 44 10.42 -10.80 15.96
N LYS A 45 10.12 -9.63 15.42
CA LYS A 45 10.95 -8.45 15.65
C LYS A 45 10.31 -7.53 16.69
N GLY A 46 9.59 -8.13 17.63
CA GLY A 46 8.93 -7.34 18.67
C GLY A 46 7.87 -6.42 18.12
N GLY A 47 7.32 -6.75 16.95
CA GLY A 47 6.30 -5.92 16.36
C GLY A 47 4.90 -6.37 16.75
N SER A 48 3.91 -5.54 16.42
CA SER A 48 2.52 -5.85 16.74
C SER A 48 1.86 -6.63 15.61
N HIS A 49 0.97 -7.55 15.95
CA HIS A 49 0.28 -8.34 14.96
C HIS A 49 -0.88 -7.58 14.35
N ALA A 50 -1.61 -6.84 15.19
CA ALA A 50 -2.76 -6.06 14.73
C ALA A 50 -2.37 -5.11 13.61
N LEU A 51 -1.18 -4.54 13.72
CA LEU A 51 -0.69 -3.59 12.71
C LEU A 51 -0.44 -4.30 11.37
N MET A 52 0.31 -5.39 11.41
CA MET A 52 0.63 -6.15 10.20
C MET A 52 -0.64 -6.51 9.43
N GLN A 53 -1.73 -6.72 10.15
CA GLN A 53 -3.00 -7.06 9.53
C GLN A 53 -3.63 -5.84 8.86
N GLU A 54 -3.49 -4.69 9.51
CA GLU A 54 -4.03 -3.45 8.99
C GLU A 54 -3.36 -3.07 7.67
N LEU A 55 -2.07 -3.34 7.57
CA LEU A 55 -1.31 -3.04 6.37
C LEU A 55 -1.76 -3.91 5.20
N ASN A 56 -1.89 -5.21 5.45
CA ASN A 56 -2.31 -6.15 4.43
C ASN A 56 -3.69 -5.78 3.87
N SER A 57 -4.47 -5.07 4.67
CA SER A 57 -5.82 -4.66 4.26
C SER A 57 -5.77 -3.46 3.32
N LEU A 58 -4.87 -2.53 3.59
CA LEU A 58 -4.74 -1.33 2.77
C LEU A 58 -3.98 -1.62 1.47
N TRP A 59 -3.09 -2.61 1.53
CA TRP A 59 -2.31 -2.99 0.36
C TRP A 59 -3.11 -3.95 -0.52
N GLY A 60 -4.05 -4.66 0.10
CA GLY A 60 -4.90 -5.57 -0.64
C GLY A 60 -5.88 -4.85 -1.54
N THR A 61 -6.76 -4.04 -0.95
CA THR A 61 -7.73 -3.28 -1.74
C THR A 61 -6.95 -2.54 -2.79
N PHE A 62 -5.91 -1.87 -2.30
CA PHE A 62 -4.99 -1.12 -3.13
C PHE A 62 -4.58 -1.97 -4.32
N LYS A 63 -4.14 -3.18 -4.00
CA LYS A 63 -3.71 -4.13 -4.99
C LYS A 63 -4.83 -4.46 -5.96
N THR A 64 -6.07 -4.45 -5.48
CA THR A 64 -7.23 -4.73 -6.34
C THR A 64 -7.12 -3.89 -7.59
N GLU A 65 -6.64 -2.66 -7.42
CA GLU A 65 -6.43 -1.74 -8.52
C GLU A 65 -5.07 -1.99 -9.14
N VAL A 66 -4.11 -2.42 -8.33
CA VAL A 66 -2.77 -2.69 -8.80
C VAL A 66 -2.78 -3.77 -9.88
N TYR A 67 -3.68 -4.74 -9.73
CA TYR A 67 -3.80 -5.83 -10.69
C TYR A 67 -4.31 -5.32 -12.03
N ASN A 68 -5.26 -4.39 -11.99
CA ASN A 68 -5.83 -3.83 -13.21
C ASN A 68 -5.04 -2.61 -13.68
N LEU A 69 -4.19 -2.06 -12.83
CA LEU A 69 -3.38 -0.89 -13.19
C LEU A 69 -2.51 -1.20 -14.41
N ARG A 70 -1.97 -2.41 -14.45
CA ARG A 70 -1.11 -2.84 -15.55
C ARG A 70 -1.92 -3.11 -16.81
N MET A 71 -3.22 -2.92 -16.72
CA MET A 71 -4.12 -3.14 -17.85
C MET A 71 -4.64 -1.81 -18.40
N ASN A 72 -4.71 -0.80 -17.52
CA ASN A 72 -5.19 0.52 -17.92
C ASN A 72 -4.03 1.41 -18.38
N LEU A 73 -3.73 1.36 -19.68
CA LEU A 73 -2.66 2.16 -20.25
C LEU A 73 -3.05 2.69 -21.63
N GLY A 74 -3.73 1.86 -22.41
CA GLY A 74 -4.15 2.25 -23.73
C GLY A 74 -5.55 1.76 -24.07
N GLY A 75 -5.91 1.83 -25.35
CA GLY A 75 -7.22 1.38 -25.77
C GLY A 75 -8.06 2.51 -26.36
N THR A 76 -8.96 3.05 -25.55
CA THR A 76 -9.82 4.14 -25.99
C THR A 76 -9.04 5.43 -26.13
N GLY A 77 -8.92 5.91 -27.36
CA GLY A 77 -8.19 7.15 -27.62
C GLY A 77 -8.97 8.36 -27.20
N PHE A 78 -10.26 8.38 -27.52
CA PHE A 78 -11.12 9.50 -27.18
C PHE A 78 -11.76 9.29 -25.81
N GLN A 79 -11.19 9.91 -24.79
CA GLN A 79 -11.70 9.79 -23.44
C GLN A 79 -13.12 10.36 -23.33
N MET A 1 -19.28 -5.04 -1.40
CA MET A 1 -18.90 -5.77 -2.63
C MET A 1 -17.54 -5.33 -3.15
N ASP A 2 -17.48 -4.13 -3.72
CA ASP A 2 -16.23 -3.60 -4.25
C ASP A 2 -15.22 -3.37 -3.13
N ARG A 3 -13.96 -3.68 -3.41
CA ARG A 3 -12.90 -3.51 -2.42
C ARG A 3 -12.02 -2.32 -2.78
N VAL A 4 -12.54 -1.11 -2.53
CA VAL A 4 -11.79 0.10 -2.82
C VAL A 4 -11.62 0.96 -1.57
N LEU A 5 -10.38 1.36 -1.31
CA LEU A 5 -10.04 2.17 -0.14
C LEU A 5 -10.21 3.65 -0.44
N SER A 6 -10.52 4.42 0.60
CA SER A 6 -10.72 5.87 0.45
C SER A 6 -9.42 6.63 0.66
N ARG A 7 -9.51 7.96 0.61
CA ARG A 7 -8.36 8.82 0.79
C ARG A 7 -7.65 8.53 2.11
N ALA A 8 -8.44 8.15 3.12
CA ALA A 8 -7.91 7.84 4.43
C ALA A 8 -7.07 6.56 4.41
N ASP A 9 -7.58 5.52 3.77
CA ASP A 9 -6.87 4.26 3.68
C ASP A 9 -5.52 4.43 2.99
N LYS A 10 -5.54 4.89 1.74
CA LYS A 10 -4.29 5.10 0.99
C LYS A 10 -3.34 5.97 1.79
N GLU A 11 -3.89 6.95 2.48
CA GLU A 11 -3.11 7.85 3.31
C GLU A 11 -2.60 7.11 4.54
N ARG A 12 -3.41 6.19 5.04
CA ARG A 12 -3.06 5.40 6.21
C ARG A 12 -2.01 4.35 5.85
N LEU A 13 -2.17 3.75 4.67
CA LEU A 13 -1.24 2.74 4.20
C LEU A 13 0.17 3.31 4.11
N LEU A 14 0.28 4.55 3.64
CA LEU A 14 1.56 5.20 3.50
C LEU A 14 2.19 5.47 4.86
N GLU A 15 1.38 5.93 5.81
CA GLU A 15 1.87 6.21 7.16
C GLU A 15 2.59 5.00 7.73
N LEU A 16 2.17 3.81 7.30
CA LEU A 16 2.77 2.57 7.77
C LEU A 16 3.94 2.16 6.86
N LEU A 17 3.92 2.63 5.62
CA LEU A 17 4.98 2.31 4.67
C LEU A 17 6.11 3.33 4.73
N LYS A 18 5.98 4.35 5.55
CA LYS A 18 7.00 5.38 5.64
C LYS A 18 7.31 5.93 4.25
N LEU A 19 6.36 5.73 3.34
CA LEU A 19 6.48 6.17 1.96
C LEU A 19 5.55 7.36 1.72
N PRO A 20 6.15 8.57 1.56
CA PRO A 20 5.38 9.81 1.35
C PRO A 20 4.32 9.71 0.27
N ARG A 21 3.55 10.79 0.15
CA ARG A 21 2.48 10.89 -0.84
C ARG A 21 3.01 11.48 -2.14
N GLN A 22 4.21 12.08 -2.06
CA GLN A 22 4.84 12.72 -3.21
C GLN A 22 5.22 11.70 -4.28
N LEU A 23 5.61 10.51 -3.84
CA LEU A 23 6.01 9.45 -4.76
C LEU A 23 4.89 8.41 -4.90
N TRP A 24 3.72 8.70 -4.33
CA TRP A 24 2.58 7.80 -4.39
C TRP A 24 2.24 7.42 -5.84
N GLY A 25 2.84 6.33 -6.32
CA GLY A 25 2.59 5.89 -7.67
C GLY A 25 3.55 4.80 -8.12
N ASP A 26 4.78 4.84 -7.61
CA ASP A 26 5.80 3.86 -7.96
C ASP A 26 5.61 2.57 -7.18
N PHE A 27 4.85 1.63 -7.75
CA PHE A 27 4.58 0.35 -7.10
C PHE A 27 5.88 -0.32 -6.64
N GLY A 28 6.92 -0.21 -7.45
CA GLY A 28 8.19 -0.82 -7.10
C GLY A 28 8.78 -0.24 -5.83
N ARG A 29 8.48 1.02 -5.55
CA ARG A 29 9.00 1.68 -4.36
C ARG A 29 8.14 1.35 -3.13
N MET A 30 6.83 1.51 -3.26
CA MET A 30 5.92 1.23 -2.16
C MET A 30 5.91 -0.26 -1.80
N GLN A 31 5.98 -1.11 -2.83
CA GLN A 31 5.98 -2.55 -2.61
C GLN A 31 7.25 -2.98 -1.88
N GLN A 32 8.39 -2.43 -2.30
CA GLN A 32 9.66 -2.75 -1.67
C GLN A 32 9.65 -2.31 -0.21
N ALA A 33 9.07 -1.14 0.04
CA ALA A 33 8.98 -0.61 1.39
C ALA A 33 7.99 -1.40 2.22
N TYR A 34 6.99 -1.98 1.55
CA TYR A 34 5.97 -2.77 2.23
C TYR A 34 6.60 -3.97 2.94
N LYS A 35 7.49 -4.65 2.23
CA LYS A 35 8.16 -5.82 2.79
C LYS A 35 9.18 -5.40 3.84
N GLN A 36 9.72 -4.19 3.70
CA GLN A 36 10.71 -3.68 4.64
C GLN A 36 10.06 -3.33 5.98
N GLN A 37 8.86 -2.75 5.91
CA GLN A 37 8.13 -2.38 7.12
C GLN A 37 7.53 -3.60 7.80
N SER A 38 7.40 -4.69 7.05
CA SER A 38 6.85 -5.92 7.59
C SER A 38 7.84 -6.58 8.56
N LEU A 39 9.13 -6.36 8.32
CA LEU A 39 10.17 -6.94 9.17
C LEU A 39 10.22 -6.24 10.53
N LEU A 40 9.89 -4.97 10.56
CA LEU A 40 9.91 -4.20 11.81
C LEU A 40 8.56 -4.29 12.54
N LEU A 41 7.51 -4.69 11.81
CA LEU A 41 6.19 -4.83 12.41
C LEU A 41 5.94 -6.27 12.85
N HIS A 42 6.99 -7.10 12.80
CA HIS A 42 6.87 -8.50 13.20
C HIS A 42 7.12 -8.67 14.69
N PRO A 43 6.24 -9.42 15.38
CA PRO A 43 6.34 -9.67 16.82
C PRO A 43 7.75 -10.00 17.30
N ASP A 44 8.55 -10.64 16.44
CA ASP A 44 9.91 -11.01 16.81
C ASP A 44 10.87 -9.83 16.71
N LYS A 45 10.47 -8.79 15.97
CA LYS A 45 11.30 -7.61 15.81
C LYS A 45 10.62 -6.40 16.43
N GLY A 46 9.85 -6.63 17.48
CA GLY A 46 9.16 -5.55 18.16
C GLY A 46 8.15 -4.86 17.25
N GLY A 47 6.88 -5.18 17.44
CA GLY A 47 5.83 -4.58 16.63
C GLY A 47 4.44 -5.00 17.07
N SER A 48 3.43 -4.27 16.61
CA SER A 48 2.05 -4.57 16.96
C SER A 48 1.43 -5.55 15.96
N HIS A 49 0.43 -6.30 16.41
CA HIS A 49 -0.25 -7.26 15.57
C HIS A 49 -1.32 -6.59 14.73
N ALA A 50 -2.01 -5.62 15.33
CA ALA A 50 -3.07 -4.89 14.64
C ALA A 50 -2.52 -4.13 13.43
N LEU A 51 -1.26 -3.76 13.50
CA LEU A 51 -0.62 -3.03 12.41
C LEU A 51 -0.33 -3.95 11.23
N MET A 52 0.29 -5.10 11.54
CA MET A 52 0.64 -6.08 10.52
C MET A 52 -0.58 -6.53 9.73
N GLN A 53 -1.72 -6.66 10.42
CA GLN A 53 -2.96 -7.10 9.77
C GLN A 53 -3.65 -5.94 9.06
N GLU A 54 -3.63 -4.76 9.68
CA GLU A 54 -4.26 -3.58 9.08
C GLU A 54 -3.51 -3.17 7.82
N LEU A 55 -2.21 -3.40 7.81
CA LEU A 55 -1.38 -3.07 6.66
C LEU A 55 -1.71 -3.96 5.47
N ASN A 56 -1.80 -5.26 5.72
CA ASN A 56 -2.12 -6.23 4.68
C ASN A 56 -3.46 -5.90 4.02
N SER A 57 -4.45 -5.56 4.84
CA SER A 57 -5.77 -5.22 4.35
C SER A 57 -5.73 -3.94 3.51
N LEU A 58 -4.82 -3.04 3.87
CA LEU A 58 -4.67 -1.77 3.16
C LEU A 58 -3.86 -1.95 1.89
N TRP A 59 -2.97 -2.94 1.88
CA TRP A 59 -2.13 -3.21 0.73
C TRP A 59 -2.86 -4.15 -0.23
N GLY A 60 -3.76 -4.96 0.32
CA GLY A 60 -4.52 -5.88 -0.50
C GLY A 60 -5.50 -5.16 -1.41
N THR A 61 -6.48 -4.47 -0.82
CA THR A 61 -7.45 -3.71 -1.60
C THR A 61 -6.69 -2.83 -2.56
N PHE A 62 -5.72 -2.14 -1.97
CA PHE A 62 -4.84 -1.25 -2.71
C PHE A 62 -4.32 -1.97 -3.95
N LYS A 63 -3.81 -3.16 -3.71
CA LYS A 63 -3.27 -4.00 -4.76
C LYS A 63 -4.33 -4.31 -5.82
N THR A 64 -5.59 -4.46 -5.39
CA THR A 64 -6.67 -4.73 -6.33
C THR A 64 -6.62 -3.70 -7.46
N GLU A 65 -6.27 -2.48 -7.09
CA GLU A 65 -6.15 -1.39 -8.04
C GLU A 65 -4.76 -1.42 -8.66
N VAL A 66 -3.78 -1.88 -7.88
CA VAL A 66 -2.40 -1.96 -8.36
C VAL A 66 -2.31 -2.77 -9.65
N TYR A 67 -3.11 -3.82 -9.75
CA TYR A 67 -3.11 -4.67 -10.94
C TYR A 67 -3.65 -3.91 -12.14
N ASN A 68 -4.67 -3.09 -11.92
CA ASN A 68 -5.29 -2.32 -12.99
C ASN A 68 -4.61 -0.96 -13.17
N LEU A 69 -3.74 -0.58 -12.22
CA LEU A 69 -3.05 0.70 -12.32
C LEU A 69 -2.09 0.68 -13.50
N ARG A 70 -1.50 -0.48 -13.75
CA ARG A 70 -0.55 -0.65 -14.84
C ARG A 70 -1.27 -0.78 -16.18
N MET A 71 -2.58 -0.70 -16.13
CA MET A 71 -3.42 -0.80 -17.32
C MET A 71 -4.01 0.56 -17.67
N ASN A 72 -4.16 1.42 -16.66
CA ASN A 72 -4.71 2.75 -16.86
C ASN A 72 -3.86 3.56 -17.84
N LEU A 73 -4.24 3.53 -19.10
CA LEU A 73 -3.51 4.26 -20.14
C LEU A 73 -4.07 5.67 -20.29
N GLY A 74 -3.54 6.60 -19.48
CA GLY A 74 -3.99 7.98 -19.53
C GLY A 74 -2.89 8.93 -19.97
N GLY A 75 -2.24 8.60 -21.08
CA GLY A 75 -1.18 9.45 -21.59
C GLY A 75 -0.89 9.20 -23.06
N THR A 76 0.24 8.56 -23.33
CA THR A 76 0.64 8.26 -24.71
C THR A 76 -0.31 7.25 -25.34
N GLY A 77 -0.47 7.33 -26.66
CA GLY A 77 -1.35 6.42 -27.36
C GLY A 77 -1.29 6.62 -28.87
N PHE A 78 -0.11 6.92 -29.38
CA PHE A 78 0.08 7.13 -30.81
C PHE A 78 -0.25 5.87 -31.60
N GLN A 79 -0.53 6.04 -32.89
CA GLN A 79 -0.85 4.91 -33.76
C GLN A 79 -0.55 5.24 -35.21
N MET A 1 -20.43 -5.96 -1.12
CA MET A 1 -19.67 -4.80 -0.58
C MET A 1 -18.39 -4.57 -1.37
N ASP A 2 -18.25 -3.35 -1.92
CA ASP A 2 -17.07 -2.99 -2.69
C ASP A 2 -15.87 -2.73 -1.80
N ARG A 3 -14.75 -3.37 -2.11
CA ARG A 3 -13.53 -3.21 -1.32
C ARG A 3 -12.64 -2.12 -1.93
N VAL A 4 -12.92 -0.87 -1.55
CA VAL A 4 -12.15 0.26 -2.05
C VAL A 4 -11.83 1.25 -0.93
N LEU A 5 -10.56 1.54 -0.77
CA LEU A 5 -10.10 2.47 0.27
C LEU A 5 -10.15 3.91 -0.23
N SER A 6 -10.47 4.82 0.67
CA SER A 6 -10.57 6.24 0.33
C SER A 6 -9.23 6.96 0.49
N ARG A 7 -9.25 8.28 0.31
CA ARG A 7 -8.05 9.08 0.44
C ARG A 7 -7.40 8.88 1.81
N ALA A 8 -8.24 8.74 2.83
CA ALA A 8 -7.76 8.54 4.19
C ALA A 8 -6.99 7.24 4.32
N ASP A 9 -7.47 6.19 3.65
CA ASP A 9 -6.83 4.89 3.71
C ASP A 9 -5.50 4.90 2.97
N LYS A 10 -5.53 5.27 1.68
CA LYS A 10 -4.32 5.31 0.87
C LYS A 10 -3.26 6.18 1.53
N GLU A 11 -3.69 7.29 2.11
CA GLU A 11 -2.78 8.20 2.79
C GLU A 11 -2.28 7.57 4.08
N ARG A 12 -3.15 6.80 4.73
CA ARG A 12 -2.81 6.13 5.97
C ARG A 12 -1.82 5.01 5.69
N LEU A 13 -2.05 4.30 4.59
CA LEU A 13 -1.18 3.20 4.18
C LEU A 13 0.24 3.74 3.94
N LEU A 14 0.31 4.99 3.50
CA LEU A 14 1.59 5.64 3.24
C LEU A 14 2.34 5.90 4.53
N GLU A 15 1.60 6.27 5.57
CA GLU A 15 2.20 6.55 6.88
C GLU A 15 2.99 5.35 7.38
N LEU A 16 2.40 4.18 7.27
CA LEU A 16 3.06 2.95 7.70
C LEU A 16 4.10 2.49 6.68
N LEU A 17 4.03 3.06 5.47
CA LEU A 17 4.95 2.71 4.40
C LEU A 17 6.18 3.60 4.40
N LYS A 18 6.16 4.66 5.20
CA LYS A 18 7.29 5.58 5.24
C LYS A 18 7.58 6.10 3.83
N LEU A 19 6.58 5.97 2.96
CA LEU A 19 6.68 6.39 1.57
C LEU A 19 5.75 7.58 1.32
N PRO A 20 6.32 8.77 1.08
CA PRO A 20 5.54 9.99 0.85
C PRO A 20 4.43 9.81 -0.17
N ARG A 21 3.56 10.82 -0.23
CA ARG A 21 2.44 10.80 -1.18
C ARG A 21 2.83 11.44 -2.51
N GLN A 22 4.04 11.99 -2.57
CA GLN A 22 4.54 12.64 -3.77
C GLN A 22 4.90 11.61 -4.83
N LEU A 23 5.42 10.48 -4.37
CA LEU A 23 5.81 9.40 -5.26
C LEU A 23 4.75 8.28 -5.29
N TRP A 24 3.59 8.57 -4.71
CA TRP A 24 2.49 7.62 -4.66
C TRP A 24 2.15 7.09 -6.06
N GLY A 25 2.66 5.91 -6.38
CA GLY A 25 2.39 5.31 -7.68
C GLY A 25 3.46 4.33 -8.11
N ASP A 26 4.66 4.48 -7.57
CA ASP A 26 5.77 3.60 -7.90
C ASP A 26 5.70 2.29 -7.12
N PHE A 27 5.03 1.29 -7.70
CA PHE A 27 4.87 -0.01 -7.07
C PHE A 27 6.19 -0.53 -6.49
N GLY A 28 7.25 -0.45 -7.27
CA GLY A 28 8.55 -0.93 -6.84
C GLY A 28 9.04 -0.25 -5.57
N ARG A 29 8.74 1.04 -5.43
CA ARG A 29 9.17 1.79 -4.26
C ARG A 29 8.28 1.51 -3.05
N MET A 30 6.97 1.52 -3.26
CA MET A 30 6.03 1.26 -2.18
C MET A 30 6.23 -0.13 -1.59
N GLN A 31 6.43 -1.12 -2.46
CA GLN A 31 6.63 -2.49 -2.01
C GLN A 31 7.92 -2.59 -1.20
N GLN A 32 8.94 -1.87 -1.63
CA GLN A 32 10.23 -1.87 -0.94
C GLN A 32 10.05 -1.37 0.48
N ALA A 33 9.13 -0.43 0.66
CA ALA A 33 8.84 0.13 1.97
C ALA A 33 7.92 -0.79 2.76
N TYR A 34 6.90 -1.31 2.08
CA TYR A 34 5.94 -2.21 2.71
C TYR A 34 6.64 -3.38 3.37
N LYS A 35 7.67 -3.91 2.71
CA LYS A 35 8.42 -5.04 3.24
C LYS A 35 9.33 -4.57 4.37
N GLN A 36 9.92 -3.39 4.20
CA GLN A 36 10.81 -2.84 5.21
C GLN A 36 10.07 -2.66 6.53
N GLN A 37 8.80 -2.28 6.44
CA GLN A 37 7.97 -2.09 7.62
C GLN A 37 7.30 -3.39 8.04
N SER A 38 7.21 -4.34 7.11
CA SER A 38 6.60 -5.63 7.39
C SER A 38 7.51 -6.47 8.29
N LEU A 39 8.82 -6.40 8.03
CA LEU A 39 9.79 -7.16 8.80
C LEU A 39 9.89 -6.65 10.23
N LEU A 40 9.58 -5.38 10.43
CA LEU A 40 9.64 -4.79 11.77
C LEU A 40 8.30 -4.93 12.48
N LEU A 41 7.24 -5.22 11.73
CA LEU A 41 5.91 -5.40 12.31
C LEU A 41 5.62 -6.88 12.59
N HIS A 42 6.61 -7.74 12.39
CA HIS A 42 6.46 -9.16 12.62
C HIS A 42 6.73 -9.50 14.09
N PRO A 43 5.93 -10.39 14.68
CA PRO A 43 6.09 -10.80 16.08
C PRO A 43 7.54 -11.08 16.46
N ASP A 44 8.26 -11.75 15.57
CA ASP A 44 9.66 -12.10 15.82
C ASP A 44 10.56 -10.86 15.80
N LYS A 45 10.01 -9.72 15.37
CA LYS A 45 10.77 -8.49 15.31
C LYS A 45 10.16 -7.42 16.22
N GLY A 46 9.53 -7.86 17.30
CA GLY A 46 8.91 -6.93 18.23
C GLY A 46 7.73 -6.19 17.64
N GLY A 47 7.15 -6.76 16.59
CA GLY A 47 6.02 -6.12 15.95
C GLY A 47 4.69 -6.68 16.43
N SER A 48 3.61 -5.99 16.12
CA SER A 48 2.28 -6.42 16.52
C SER A 48 1.65 -7.33 15.47
N HIS A 49 0.75 -8.21 15.92
CA HIS A 49 0.07 -9.13 15.02
C HIS A 49 -1.09 -8.44 14.30
N ALA A 50 -1.92 -7.75 15.08
CA ALA A 50 -3.06 -7.03 14.52
C ALA A 50 -2.62 -5.99 13.49
N LEU A 51 -1.39 -5.51 13.64
CA LEU A 51 -0.86 -4.51 12.73
C LEU A 51 -0.55 -5.13 11.37
N MET A 52 0.19 -6.23 11.37
CA MET A 52 0.54 -6.92 10.13
C MET A 52 -0.69 -7.19 9.27
N GLN A 53 -1.81 -7.44 9.94
CA GLN A 53 -3.06 -7.72 9.24
C GLN A 53 -3.73 -6.40 8.80
N GLU A 54 -3.50 -5.35 9.58
CA GLU A 54 -4.06 -4.05 9.26
C GLU A 54 -3.46 -3.48 7.99
N LEU A 55 -2.13 -3.41 7.95
CA LEU A 55 -1.43 -2.89 6.79
C LEU A 55 -1.72 -3.74 5.56
N ASN A 56 -1.71 -5.06 5.73
CA ASN A 56 -1.98 -5.97 4.63
C ASN A 56 -3.39 -5.75 4.08
N SER A 57 -4.32 -5.43 4.98
CA SER A 57 -5.70 -5.19 4.59
C SER A 57 -5.79 -3.98 3.67
N LEU A 58 -5.02 -2.94 3.99
CA LEU A 58 -5.01 -1.73 3.19
C LEU A 58 -4.17 -1.93 1.92
N TRP A 59 -3.17 -2.81 2.00
CA TRP A 59 -2.33 -3.11 0.86
C TRP A 59 -3.00 -4.14 -0.02
N GLY A 60 -4.08 -4.74 0.48
CA GLY A 60 -4.83 -5.72 -0.27
C GLY A 60 -5.84 -5.05 -1.18
N THR A 61 -6.74 -4.25 -0.59
CA THR A 61 -7.73 -3.53 -1.37
C THR A 61 -6.99 -2.64 -2.34
N PHE A 62 -6.05 -1.90 -1.79
CA PHE A 62 -5.18 -1.03 -2.55
C PHE A 62 -4.66 -1.77 -3.77
N LYS A 63 -4.18 -2.97 -3.51
CA LYS A 63 -3.65 -3.85 -4.54
C LYS A 63 -4.70 -4.17 -5.58
N THR A 64 -5.95 -4.34 -5.15
CA THR A 64 -7.04 -4.65 -6.06
C THR A 64 -6.97 -3.71 -7.26
N GLU A 65 -6.61 -2.47 -6.98
CA GLU A 65 -6.47 -1.45 -8.01
C GLU A 65 -5.06 -1.54 -8.61
N VAL A 66 -4.09 -1.93 -7.77
CA VAL A 66 -2.71 -2.06 -8.20
C VAL A 66 -2.59 -3.01 -9.39
N TYR A 67 -3.36 -4.09 -9.34
CA TYR A 67 -3.34 -5.07 -10.42
C TYR A 67 -3.82 -4.45 -11.73
N ASN A 68 -4.72 -3.47 -11.60
CA ASN A 68 -5.27 -2.79 -12.76
C ASN A 68 -4.44 -1.55 -13.13
N LEU A 69 -3.72 -0.99 -12.16
CA LEU A 69 -2.90 0.20 -12.39
C LEU A 69 -1.90 -0.05 -13.52
N ARG A 70 -1.34 -1.24 -13.56
CA ARG A 70 -0.35 -1.60 -14.58
C ARG A 70 -1.02 -1.86 -15.93
N MET A 71 -2.33 -1.71 -15.97
CA MET A 71 -3.10 -1.92 -17.19
C MET A 71 -3.76 -0.63 -17.65
N ASN A 72 -4.09 0.23 -16.69
CA ASN A 72 -4.72 1.51 -16.99
C ASN A 72 -3.82 2.37 -17.87
N LEU A 73 -4.43 3.10 -18.79
CA LEU A 73 -3.69 3.98 -19.69
C LEU A 73 -4.38 5.34 -19.82
N GLY A 74 -5.63 5.30 -20.24
CA GLY A 74 -6.39 6.53 -20.41
C GLY A 74 -5.79 7.46 -21.44
N GLY A 75 -5.27 6.89 -22.53
CA GLY A 75 -4.66 7.69 -23.57
C GLY A 75 -4.70 7.00 -24.92
N THR A 76 -5.89 6.60 -25.34
CA THR A 76 -6.05 5.94 -26.64
C THR A 76 -6.00 6.96 -27.77
N GLY A 77 -5.22 6.65 -28.80
CA GLY A 77 -5.09 7.55 -29.94
C GLY A 77 -6.18 7.32 -30.97
N PHE A 78 -7.34 6.85 -30.51
CA PHE A 78 -8.46 6.59 -31.40
C PHE A 78 -9.10 7.89 -31.86
N GLN A 79 -9.51 7.93 -33.13
CA GLN A 79 -10.14 9.11 -33.69
C GLN A 79 -11.65 9.10 -33.45
N MET A 1 -19.40 -5.58 -1.91
CA MET A 1 -18.49 -6.55 -2.57
C MET A 1 -17.25 -5.85 -3.13
N ASP A 2 -17.42 -4.59 -3.53
CA ASP A 2 -16.32 -3.81 -4.07
C ASP A 2 -15.33 -3.42 -2.97
N ARG A 3 -14.10 -3.89 -3.09
CA ARG A 3 -13.07 -3.60 -2.09
C ARG A 3 -12.19 -2.44 -2.56
N VAL A 4 -12.61 -1.21 -2.26
CA VAL A 4 -11.86 -0.03 -2.64
C VAL A 4 -11.65 0.91 -1.46
N LEU A 5 -10.40 1.28 -1.23
CA LEU A 5 -10.03 2.16 -0.13
C LEU A 5 -10.08 3.62 -0.55
N SER A 6 -10.45 4.48 0.40
CA SER A 6 -10.55 5.92 0.14
C SER A 6 -9.23 6.61 0.46
N ARG A 7 -9.24 7.94 0.36
CA ARG A 7 -8.03 8.74 0.64
C ARG A 7 -7.49 8.42 2.01
N ALA A 8 -8.38 8.30 2.99
CA ALA A 8 -7.98 8.00 4.36
C ALA A 8 -7.20 6.69 4.44
N ASP A 9 -7.65 5.69 3.69
CA ASP A 9 -6.99 4.39 3.67
C ASP A 9 -5.60 4.48 3.07
N LYS A 10 -5.51 4.94 1.82
CA LYS A 10 -4.22 5.05 1.13
C LYS A 10 -3.30 6.01 1.89
N GLU A 11 -3.86 7.13 2.33
CA GLU A 11 -3.08 8.11 3.08
C GLU A 11 -2.55 7.49 4.37
N ARG A 12 -3.25 6.47 4.87
CA ARG A 12 -2.84 5.79 6.09
C ARG A 12 -1.86 4.68 5.77
N LEU A 13 -2.05 4.04 4.62
CA LEU A 13 -1.17 2.96 4.18
C LEU A 13 0.23 3.51 3.92
N LEU A 14 0.27 4.76 3.48
CA LEU A 14 1.54 5.42 3.19
C LEU A 14 2.32 5.69 4.47
N GLU A 15 1.58 6.03 5.53
CA GLU A 15 2.20 6.31 6.82
C GLU A 15 3.03 5.12 7.29
N LEU A 16 2.40 3.95 7.33
CA LEU A 16 3.08 2.73 7.76
C LEU A 16 4.09 2.28 6.71
N LEU A 17 4.01 2.87 5.52
CA LEU A 17 4.91 2.53 4.43
C LEU A 17 6.17 3.40 4.43
N LYS A 18 6.20 4.43 5.27
CA LYS A 18 7.35 5.32 5.30
C LYS A 18 7.67 5.84 3.91
N LEU A 19 6.66 5.76 3.03
CA LEU A 19 6.78 6.18 1.65
C LEU A 19 5.89 7.41 1.41
N PRO A 20 6.49 8.58 1.18
CA PRO A 20 5.74 9.83 0.96
C PRO A 20 4.58 9.67 -0.01
N ARG A 21 3.70 10.67 -0.01
CA ARG A 21 2.53 10.68 -0.90
C ARG A 21 2.87 11.34 -2.24
N GLN A 22 4.08 11.86 -2.36
CA GLN A 22 4.51 12.54 -3.57
C GLN A 22 4.88 11.53 -4.65
N LEU A 23 5.40 10.39 -4.23
CA LEU A 23 5.79 9.34 -5.15
C LEU A 23 4.75 8.22 -5.20
N TRP A 24 3.59 8.48 -4.61
CA TRP A 24 2.49 7.51 -4.59
C TRP A 24 2.15 7.02 -6.00
N GLY A 25 2.63 5.83 -6.33
CA GLY A 25 2.37 5.26 -7.64
C GLY A 25 3.42 4.24 -8.05
N ASP A 26 4.65 4.44 -7.60
CA ASP A 26 5.75 3.53 -7.93
C ASP A 26 5.63 2.22 -7.16
N PHE A 27 5.01 1.23 -7.78
CA PHE A 27 4.82 -0.07 -7.14
C PHE A 27 6.13 -0.61 -6.55
N GLY A 28 7.23 -0.34 -7.24
CA GLY A 28 8.52 -0.81 -6.78
C GLY A 28 8.99 -0.11 -5.52
N ARG A 29 8.61 1.15 -5.36
CA ARG A 29 9.00 1.93 -4.18
C ARG A 29 8.07 1.64 -3.00
N MET A 30 6.80 1.42 -3.29
CA MET A 30 5.82 1.14 -2.24
C MET A 30 5.99 -0.27 -1.70
N GLN A 31 6.20 -1.24 -2.60
CA GLN A 31 6.37 -2.62 -2.19
C GLN A 31 7.64 -2.79 -1.35
N GLN A 32 8.75 -2.24 -1.83
CA GLN A 32 10.01 -2.34 -1.10
C GLN A 32 9.85 -1.78 0.31
N ALA A 33 9.01 -0.76 0.43
CA ALA A 33 8.75 -0.14 1.72
C ALA A 33 7.81 -1.01 2.54
N TYR A 34 6.75 -1.51 1.88
CA TYR A 34 5.78 -2.37 2.54
C TYR A 34 6.48 -3.56 3.19
N LYS A 35 7.51 -4.06 2.53
CA LYS A 35 8.28 -5.19 3.03
C LYS A 35 9.21 -4.75 4.15
N GLN A 36 9.89 -3.62 3.93
CA GLN A 36 10.81 -3.07 4.92
C GLN A 36 10.06 -2.73 6.21
N GLN A 37 8.79 -2.37 6.07
CA GLN A 37 7.96 -2.02 7.22
C GLN A 37 7.31 -3.26 7.82
N SER A 38 7.26 -4.34 7.05
CA SER A 38 6.66 -5.59 7.51
C SER A 38 7.60 -6.32 8.45
N LEU A 39 8.91 -6.21 8.17
CA LEU A 39 9.93 -6.87 8.98
C LEU A 39 9.90 -6.32 10.40
N LEU A 40 9.57 -5.05 10.56
CA LEU A 40 9.50 -4.42 11.86
C LEU A 40 8.11 -4.59 12.48
N LEU A 41 7.14 -4.95 11.65
CA LEU A 41 5.76 -5.15 12.12
C LEU A 41 5.51 -6.62 12.44
N HIS A 42 6.49 -7.47 12.14
CA HIS A 42 6.38 -8.90 12.40
C HIS A 42 6.40 -9.17 13.91
N PRO A 43 5.55 -10.09 14.41
CA PRO A 43 5.49 -10.42 15.83
C PRO A 43 6.80 -11.01 16.36
N ASP A 44 7.69 -11.39 15.46
CA ASP A 44 8.97 -11.96 15.85
C ASP A 44 10.01 -10.87 16.09
N LYS A 45 9.78 -9.70 15.49
CA LYS A 45 10.69 -8.58 15.63
C LYS A 45 10.19 -7.58 16.67
N GLY A 46 9.47 -8.10 17.68
CA GLY A 46 8.94 -7.24 18.72
C GLY A 46 7.86 -6.30 18.22
N GLY A 47 6.93 -6.83 17.44
CA GLY A 47 5.86 -6.01 16.91
C GLY A 47 4.49 -6.58 17.23
N SER A 48 3.44 -5.82 16.93
CA SER A 48 2.08 -6.25 17.20
C SER A 48 1.51 -7.01 16.00
N HIS A 49 0.60 -7.94 16.27
CA HIS A 49 -0.02 -8.73 15.23
C HIS A 49 -1.12 -7.93 14.53
N ALA A 50 -1.92 -7.22 15.32
CA ALA A 50 -3.01 -6.42 14.79
C ALA A 50 -2.52 -5.37 13.80
N LEU A 51 -1.35 -4.80 14.08
CA LEU A 51 -0.77 -3.77 13.22
C LEU A 51 -0.48 -4.33 11.81
N MET A 52 0.30 -5.40 11.76
CA MET A 52 0.66 -6.02 10.49
C MET A 52 -0.59 -6.43 9.70
N GLN A 53 -1.65 -6.76 10.43
CA GLN A 53 -2.91 -7.17 9.80
C GLN A 53 -3.57 -5.98 9.10
N GLU A 54 -3.31 -4.79 9.62
CA GLU A 54 -3.89 -3.57 9.06
C GLU A 54 -3.25 -3.24 7.71
N LEU A 55 -1.92 -3.24 7.68
CA LEU A 55 -1.18 -2.95 6.45
C LEU A 55 -1.62 -3.86 5.31
N ASN A 56 -1.71 -5.15 5.60
CA ASN A 56 -2.13 -6.13 4.60
C ASN A 56 -3.51 -5.80 4.06
N SER A 57 -4.41 -5.43 4.97
CA SER A 57 -5.78 -5.08 4.59
C SER A 57 -5.81 -3.82 3.74
N LEU A 58 -4.86 -2.92 3.98
CA LEU A 58 -4.76 -1.67 3.24
C LEU A 58 -3.99 -1.85 1.94
N TRP A 59 -3.10 -2.84 1.91
CA TRP A 59 -2.29 -3.11 0.72
C TRP A 59 -3.02 -4.07 -0.21
N GLY A 60 -3.90 -4.90 0.38
CA GLY A 60 -4.66 -5.84 -0.41
C GLY A 60 -5.66 -5.15 -1.30
N THR A 61 -6.64 -4.47 -0.70
CA THR A 61 -7.65 -3.75 -1.46
C THR A 61 -6.93 -2.85 -2.44
N PHE A 62 -5.99 -2.10 -1.87
CA PHE A 62 -5.14 -1.20 -2.63
C PHE A 62 -4.63 -1.90 -3.87
N LYS A 63 -4.11 -3.10 -3.64
CA LYS A 63 -3.58 -3.93 -4.70
C LYS A 63 -4.63 -4.20 -5.78
N THR A 64 -5.89 -4.29 -5.38
CA THR A 64 -6.97 -4.51 -6.33
C THR A 64 -6.86 -3.50 -7.46
N GLU A 65 -6.49 -2.28 -7.09
CA GLU A 65 -6.29 -1.21 -8.05
C GLU A 65 -4.89 -1.28 -8.63
N VAL A 66 -3.94 -1.77 -7.81
CA VAL A 66 -2.56 -1.89 -8.23
C VAL A 66 -2.45 -2.75 -9.49
N TYR A 67 -3.32 -3.75 -9.59
CA TYR A 67 -3.32 -4.64 -10.74
C TYR A 67 -3.79 -3.88 -11.99
N ASN A 68 -4.67 -2.92 -11.79
CA ASN A 68 -5.21 -2.12 -12.89
C ASN A 68 -4.35 -0.87 -13.14
N LEU A 69 -3.62 -0.43 -12.11
CA LEU A 69 -2.78 0.76 -12.25
C LEU A 69 -1.84 0.65 -13.43
N ARG A 70 -1.38 -0.57 -13.72
CA ARG A 70 -0.47 -0.81 -14.82
C ARG A 70 -1.18 -0.84 -16.17
N MET A 71 -2.48 -0.62 -16.13
CA MET A 71 -3.30 -0.62 -17.33
C MET A 71 -3.68 0.81 -17.74
N ASN A 72 -3.69 1.72 -16.77
CA ASN A 72 -4.04 3.11 -17.03
C ASN A 72 -2.80 4.00 -17.10
N LEU A 73 -1.67 3.52 -16.59
CA LEU A 73 -0.44 4.28 -16.60
C LEU A 73 0.21 4.24 -17.98
N GLY A 74 -0.19 5.17 -18.82
CA GLY A 74 0.35 5.25 -20.17
C GLY A 74 -0.58 5.94 -21.13
N GLY A 75 -0.05 6.37 -22.27
CA GLY A 75 -0.86 7.05 -23.27
C GLY A 75 -0.22 8.35 -23.75
N THR A 76 0.09 9.22 -22.80
CA THR A 76 0.71 10.51 -23.14
C THR A 76 2.21 10.36 -23.32
N GLY A 77 2.66 10.42 -24.57
CA GLY A 77 4.07 10.28 -24.87
C GLY A 77 4.35 9.98 -26.33
N PHE A 78 3.42 9.25 -26.95
CA PHE A 78 3.57 8.89 -28.36
C PHE A 78 3.53 10.14 -29.25
N GLN A 79 4.35 10.14 -30.30
CA GLN A 79 4.41 11.26 -31.22
C GLN A 79 3.41 11.07 -32.36
N MET A 1 -18.80 -2.31 -6.36
CA MET A 1 -17.65 -2.92 -5.65
C MET A 1 -17.90 -2.99 -4.14
N ASP A 2 -16.86 -3.36 -3.40
CA ASP A 2 -16.97 -3.46 -1.94
C ASP A 2 -15.60 -3.32 -1.29
N ARG A 3 -14.57 -3.85 -1.94
CA ARG A 3 -13.21 -3.79 -1.41
C ARG A 3 -12.48 -2.56 -1.92
N VAL A 4 -12.91 -1.39 -1.46
CA VAL A 4 -12.28 -0.14 -1.87
C VAL A 4 -11.90 0.71 -0.65
N LEU A 5 -10.63 1.12 -0.60
CA LEU A 5 -10.13 1.91 0.50
C LEU A 5 -10.29 3.41 0.21
N SER A 6 -10.62 4.16 1.25
CA SER A 6 -10.82 5.61 1.12
C SER A 6 -9.50 6.35 1.21
N ARG A 7 -9.57 7.67 1.19
CA ARG A 7 -8.38 8.50 1.27
C ARG A 7 -7.59 8.21 2.55
N ALA A 8 -8.30 7.94 3.63
CA ALA A 8 -7.67 7.65 4.91
C ALA A 8 -6.87 6.35 4.82
N ASP A 9 -7.44 5.35 4.17
CA ASP A 9 -6.77 4.06 4.03
C ASP A 9 -5.45 4.21 3.30
N LYS A 10 -5.50 4.73 2.07
CA LYS A 10 -4.30 4.93 1.27
C LYS A 10 -3.33 5.89 1.98
N GLU A 11 -3.88 6.98 2.52
CA GLU A 11 -3.07 7.96 3.22
C GLU A 11 -2.45 7.34 4.47
N ARG A 12 -3.14 6.34 5.03
CA ARG A 12 -2.65 5.64 6.21
C ARG A 12 -1.68 4.53 5.81
N LEU A 13 -1.87 4.00 4.60
CA LEU A 13 -1.02 2.94 4.10
C LEU A 13 0.38 3.48 3.84
N LEU A 14 0.46 4.76 3.50
CA LEU A 14 1.73 5.40 3.23
C LEU A 14 2.47 5.74 4.51
N GLU A 15 1.71 6.14 5.53
CA GLU A 15 2.29 6.47 6.83
C GLU A 15 3.04 5.29 7.43
N LEU A 16 2.50 4.09 7.21
CA LEU A 16 3.11 2.87 7.71
C LEU A 16 4.20 2.36 6.77
N LEU A 17 4.15 2.79 5.52
CA LEU A 17 5.12 2.37 4.52
C LEU A 17 6.33 3.30 4.47
N LYS A 18 6.32 4.35 5.30
CA LYS A 18 7.43 5.30 5.30
C LYS A 18 7.67 5.82 3.87
N LEU A 19 6.64 5.67 3.04
CA LEU A 19 6.70 6.09 1.66
C LEU A 19 5.79 7.30 1.43
N PRO A 20 6.39 8.48 1.14
CA PRO A 20 5.65 9.73 0.93
C PRO A 20 4.46 9.59 -0.02
N ARG A 21 3.63 10.63 -0.04
CA ARG A 21 2.45 10.67 -0.89
C ARG A 21 2.75 11.30 -2.25
N GLN A 22 3.96 11.83 -2.39
CA GLN A 22 4.37 12.48 -3.63
C GLN A 22 4.69 11.45 -4.71
N LEU A 23 5.24 10.33 -4.29
CA LEU A 23 5.61 9.27 -5.22
C LEU A 23 4.52 8.19 -5.31
N TRP A 24 3.34 8.50 -4.76
CA TRP A 24 2.20 7.58 -4.77
C TRP A 24 1.92 7.07 -6.19
N GLY A 25 2.42 5.89 -6.51
CA GLY A 25 2.21 5.32 -7.83
C GLY A 25 3.28 4.33 -8.24
N ASP A 26 4.47 4.48 -7.68
CA ASP A 26 5.59 3.59 -7.99
C ASP A 26 5.48 2.28 -7.21
N PHE A 27 4.80 1.29 -7.80
CA PHE A 27 4.64 0.00 -7.15
C PHE A 27 5.96 -0.53 -6.61
N GLY A 28 7.04 -0.28 -7.34
CA GLY A 28 8.34 -0.74 -6.92
C GLY A 28 8.81 -0.14 -5.61
N ARG A 29 8.58 1.15 -5.42
CA ARG A 29 9.00 1.84 -4.21
C ARG A 29 8.09 1.52 -3.02
N MET A 30 6.80 1.39 -3.27
CA MET A 30 5.85 1.09 -2.19
C MET A 30 5.97 -0.37 -1.75
N GLN A 31 6.15 -1.28 -2.70
CA GLN A 31 6.29 -2.68 -2.39
C GLN A 31 7.60 -2.92 -1.62
N GLN A 32 8.64 -2.17 -2.00
CA GLN A 32 9.93 -2.28 -1.33
C GLN A 32 9.82 -1.80 0.11
N ALA A 33 9.00 -0.76 0.30
CA ALA A 33 8.79 -0.20 1.63
C ALA A 33 7.86 -1.09 2.44
N TYR A 34 6.94 -1.75 1.74
CA TYR A 34 5.99 -2.65 2.40
C TYR A 34 6.73 -3.79 3.09
N LYS A 35 7.70 -4.39 2.39
CA LYS A 35 8.48 -5.49 2.95
C LYS A 35 9.37 -4.99 4.07
N GLN A 36 9.98 -3.83 3.87
CA GLN A 36 10.87 -3.24 4.85
C GLN A 36 10.09 -2.89 6.12
N GLN A 37 8.82 -2.54 5.94
CA GLN A 37 7.96 -2.18 7.07
C GLN A 37 7.24 -3.40 7.61
N SER A 38 7.14 -4.43 6.79
CA SER A 38 6.48 -5.67 7.19
C SER A 38 7.33 -6.40 8.23
N LEU A 39 8.65 -6.34 8.05
CA LEU A 39 9.57 -6.98 8.96
C LEU A 39 9.43 -6.40 10.37
N LEU A 40 9.47 -5.08 10.48
CA LEU A 40 9.36 -4.43 11.78
C LEU A 40 7.98 -4.69 12.39
N LEU A 41 7.01 -5.05 11.55
CA LEU A 41 5.66 -5.33 12.02
C LEU A 41 5.44 -6.84 12.24
N HIS A 42 6.52 -7.62 12.16
CA HIS A 42 6.43 -9.07 12.36
C HIS A 42 6.51 -9.42 13.85
N PRO A 43 5.59 -10.27 14.33
CA PRO A 43 5.55 -10.69 15.74
C PRO A 43 6.93 -11.07 16.30
N ASP A 44 7.90 -11.31 15.42
CA ASP A 44 9.23 -11.68 15.85
C ASP A 44 10.14 -10.47 15.99
N LYS A 45 9.84 -9.42 15.21
CA LYS A 45 10.62 -8.19 15.25
C LYS A 45 9.94 -7.13 16.10
N GLY A 46 9.18 -7.59 17.10
CA GLY A 46 8.48 -6.66 17.98
C GLY A 46 7.52 -5.77 17.22
N GLY A 47 6.28 -6.23 17.07
CA GLY A 47 5.28 -5.45 16.37
C GLY A 47 3.87 -5.78 16.81
N SER A 48 2.92 -4.92 16.46
CA SER A 48 1.53 -5.13 16.83
C SER A 48 0.80 -5.97 15.79
N HIS A 49 -0.21 -6.70 16.23
CA HIS A 49 -0.99 -7.56 15.35
C HIS A 49 -2.01 -6.73 14.56
N ALA A 50 -2.58 -5.73 15.22
CA ALA A 50 -3.57 -4.86 14.58
C ALA A 50 -2.95 -4.04 13.45
N LEU A 51 -1.63 -3.86 13.49
CA LEU A 51 -0.94 -3.10 12.47
C LEU A 51 -0.59 -3.99 11.28
N MET A 52 0.01 -5.14 11.59
CA MET A 52 0.40 -6.10 10.56
C MET A 52 -0.79 -6.52 9.71
N GLN A 53 -1.97 -6.55 10.33
CA GLN A 53 -3.19 -6.94 9.62
C GLN A 53 -3.77 -5.77 8.84
N GLU A 54 -3.70 -4.57 9.43
CA GLU A 54 -4.21 -3.38 8.77
C GLU A 54 -3.42 -3.09 7.51
N LEU A 55 -2.12 -3.35 7.57
CA LEU A 55 -1.22 -3.12 6.44
C LEU A 55 -1.55 -4.09 5.30
N ASN A 56 -1.71 -5.37 5.65
CA ASN A 56 -2.02 -6.39 4.65
C ASN A 56 -3.35 -6.12 3.98
N SER A 57 -4.32 -5.65 4.77
CA SER A 57 -5.65 -5.33 4.24
C SER A 57 -5.62 -4.02 3.46
N LEU A 58 -4.77 -3.10 3.90
CA LEU A 58 -4.65 -1.80 3.25
C LEU A 58 -3.81 -1.89 1.97
N TRP A 59 -2.88 -2.84 1.94
CA TRP A 59 -2.03 -3.03 0.78
C TRP A 59 -2.69 -4.00 -0.19
N GLY A 60 -3.56 -4.87 0.33
CA GLY A 60 -4.26 -5.82 -0.50
C GLY A 60 -5.29 -5.15 -1.39
N THR A 61 -6.30 -4.54 -0.78
CA THR A 61 -7.34 -3.84 -1.55
C THR A 61 -6.61 -2.91 -2.49
N PHE A 62 -5.70 -2.17 -1.90
CA PHE A 62 -4.85 -1.23 -2.62
C PHE A 62 -4.30 -1.92 -3.86
N LYS A 63 -3.63 -3.04 -3.62
CA LYS A 63 -3.05 -3.84 -4.67
C LYS A 63 -4.07 -4.19 -5.75
N THR A 64 -5.31 -4.47 -5.32
CA THR A 64 -6.36 -4.79 -6.27
C THR A 64 -6.38 -3.77 -7.40
N GLU A 65 -6.19 -2.51 -7.01
CA GLU A 65 -6.15 -1.42 -7.97
C GLU A 65 -4.74 -1.29 -8.55
N VAL A 66 -3.74 -1.71 -7.77
CA VAL A 66 -2.35 -1.65 -8.21
C VAL A 66 -2.15 -2.43 -9.50
N TYR A 67 -2.80 -3.59 -9.61
CA TYR A 67 -2.69 -4.40 -10.82
C TYR A 67 -3.30 -3.68 -12.00
N ASN A 68 -4.32 -2.86 -11.72
CA ASN A 68 -5.00 -2.09 -12.76
C ASN A 68 -4.35 -0.72 -12.95
N LEU A 69 -3.55 -0.28 -11.98
CA LEU A 69 -2.89 1.03 -12.07
C LEU A 69 -2.00 1.11 -13.30
N ARG A 70 -1.29 0.04 -13.59
CA ARG A 70 -0.39 0.00 -14.74
C ARG A 70 -1.13 -0.26 -16.04
N MET A 71 -2.43 -0.39 -15.94
CA MET A 71 -3.28 -0.63 -17.11
C MET A 71 -3.88 0.68 -17.62
N ASN A 72 -3.86 1.70 -16.77
CA ASN A 72 -4.39 3.02 -17.12
C ASN A 72 -3.29 3.97 -17.58
N LEU A 73 -2.03 3.55 -17.43
CA LEU A 73 -0.89 4.37 -17.84
C LEU A 73 -0.62 4.26 -19.34
N GLY A 74 -1.60 3.77 -20.09
CA GLY A 74 -1.44 3.63 -21.53
C GLY A 74 -2.29 4.61 -22.31
N GLY A 75 -3.61 4.36 -22.32
CA GLY A 75 -4.51 5.24 -23.03
C GLY A 75 -5.32 4.52 -24.08
N THR A 76 -4.66 3.66 -24.86
CA THR A 76 -5.31 2.90 -25.92
C THR A 76 -6.02 1.68 -25.33
N GLY A 77 -7.32 1.56 -25.61
CA GLY A 77 -8.09 0.43 -25.12
C GLY A 77 -9.57 0.56 -25.39
N PHE A 78 -9.92 0.78 -26.65
CA PHE A 78 -11.32 0.90 -27.05
C PHE A 78 -11.93 -0.46 -27.33
N GLN A 79 -13.10 -0.72 -26.75
CA GLN A 79 -13.78 -2.00 -26.95
C GLN A 79 -14.82 -1.89 -28.05
N MET A 1 -16.27 -10.34 0.38
CA MET A 1 -16.23 -9.08 1.19
C MET A 1 -14.99 -8.27 0.88
N ASP A 2 -15.06 -7.44 -0.16
CA ASP A 2 -13.94 -6.60 -0.56
C ASP A 2 -13.87 -5.34 0.29
N ARG A 3 -12.71 -5.11 0.89
CA ARG A 3 -12.51 -3.93 1.73
C ARG A 3 -11.78 -2.85 0.95
N VAL A 4 -12.55 -1.95 0.35
CA VAL A 4 -11.97 -0.86 -0.44
C VAL A 4 -11.66 0.35 0.44
N LEU A 5 -10.41 0.79 0.38
CA LEU A 5 -9.95 1.93 1.15
C LEU A 5 -10.11 3.23 0.38
N SER A 6 -10.52 4.28 1.09
CA SER A 6 -10.71 5.59 0.49
C SER A 6 -9.41 6.37 0.46
N ARG A 7 -9.50 7.66 0.13
CA ARG A 7 -8.33 8.52 0.07
C ARG A 7 -7.66 8.64 1.44
N ALA A 8 -8.48 8.69 2.48
CA ALA A 8 -7.98 8.81 3.85
C ALA A 8 -7.33 7.52 4.34
N ASP A 9 -7.74 6.39 3.76
CA ASP A 9 -7.19 5.09 4.15
C ASP A 9 -5.91 4.80 3.37
N LYS A 10 -5.96 4.96 2.05
CA LYS A 10 -4.79 4.71 1.22
C LYS A 10 -3.63 5.57 1.68
N GLU A 11 -3.91 6.84 1.96
CA GLU A 11 -2.89 7.77 2.43
C GLU A 11 -2.33 7.29 3.77
N ARG A 12 -3.17 6.63 4.54
CA ARG A 12 -2.77 6.09 5.84
C ARG A 12 -1.78 4.96 5.64
N LEU A 13 -2.04 4.13 4.64
CA LEU A 13 -1.18 3.01 4.31
C LEU A 13 0.24 3.50 4.04
N LEU A 14 0.34 4.72 3.51
CA LEU A 14 1.63 5.32 3.21
C LEU A 14 2.38 5.68 4.49
N GLU A 15 1.69 6.35 5.41
CA GLU A 15 2.29 6.74 6.68
C GLU A 15 2.99 5.56 7.34
N LEU A 16 2.48 4.36 7.06
CA LEU A 16 3.05 3.14 7.63
C LEU A 16 4.18 2.60 6.74
N LEU A 17 4.15 2.97 5.46
CA LEU A 17 5.18 2.53 4.50
C LEU A 17 6.37 3.46 4.48
N LYS A 18 6.34 4.52 5.29
CA LYS A 18 7.44 5.48 5.30
C LYS A 18 7.69 6.00 3.89
N LEU A 19 6.70 5.83 3.04
CA LEU A 19 6.76 6.25 1.65
C LEU A 19 5.85 7.45 1.42
N PRO A 20 6.42 8.64 1.19
CA PRO A 20 5.65 9.87 0.99
C PRO A 20 4.48 9.71 0.03
N ARG A 21 3.62 10.72 0.00
CA ARG A 21 2.45 10.74 -0.87
C ARG A 21 2.78 11.38 -2.22
N GLN A 22 4.01 11.87 -2.35
CA GLN A 22 4.45 12.53 -3.58
C GLN A 22 4.84 11.52 -4.65
N LEU A 23 5.32 10.36 -4.21
CA LEU A 23 5.73 9.32 -5.14
C LEU A 23 4.70 8.18 -5.18
N TRP A 24 3.53 8.43 -4.60
CA TRP A 24 2.45 7.45 -4.57
C TRP A 24 2.09 6.98 -5.98
N GLY A 25 2.34 5.70 -6.25
CA GLY A 25 2.04 5.15 -7.56
C GLY A 25 3.10 4.18 -8.03
N ASP A 26 4.33 4.37 -7.55
CA ASP A 26 5.46 3.51 -7.93
C ASP A 26 5.42 2.19 -7.17
N PHE A 27 4.71 1.21 -7.72
CA PHE A 27 4.58 -0.11 -7.09
C PHE A 27 5.94 -0.63 -6.58
N GLY A 28 7.00 -0.27 -7.29
CA GLY A 28 8.33 -0.72 -6.90
C GLY A 28 8.82 -0.07 -5.62
N ARG A 29 8.43 1.17 -5.39
CA ARG A 29 8.84 1.91 -4.19
C ARG A 29 7.94 1.60 -3.01
N MET A 30 6.65 1.41 -3.27
CA MET A 30 5.70 1.11 -2.19
C MET A 30 5.85 -0.33 -1.70
N GLN A 31 5.97 -1.27 -2.63
CA GLN A 31 6.13 -2.67 -2.26
C GLN A 31 7.45 -2.88 -1.54
N GLN A 32 8.51 -2.28 -2.05
CA GLN A 32 9.82 -2.40 -1.43
C GLN A 32 9.78 -1.84 -0.01
N ALA A 33 8.97 -0.82 0.20
CA ALA A 33 8.83 -0.21 1.50
C ALA A 33 7.89 -1.03 2.38
N TYR A 34 6.93 -1.69 1.74
CA TYR A 34 5.97 -2.52 2.45
C TYR A 34 6.69 -3.66 3.18
N LYS A 35 7.57 -4.34 2.47
CA LYS A 35 8.34 -5.44 3.04
C LYS A 35 9.24 -4.94 4.16
N GLN A 36 9.92 -3.83 3.91
CA GLN A 36 10.82 -3.24 4.89
C GLN A 36 10.07 -2.87 6.17
N GLN A 37 8.79 -2.53 6.02
CA GLN A 37 7.97 -2.16 7.16
C GLN A 37 7.26 -3.38 7.74
N SER A 38 7.07 -4.41 6.92
CA SER A 38 6.40 -5.63 7.37
C SER A 38 7.37 -6.51 8.14
N LEU A 39 8.63 -6.50 7.72
CA LEU A 39 9.65 -7.32 8.37
C LEU A 39 9.89 -6.86 9.81
N LEU A 40 9.58 -5.59 10.09
CA LEU A 40 9.77 -5.06 11.43
C LEU A 40 8.52 -5.25 12.29
N LEU A 41 7.36 -5.28 11.65
CA LEU A 41 6.11 -5.48 12.36
C LEU A 41 5.73 -6.96 12.39
N HIS A 42 6.72 -7.82 12.23
CA HIS A 42 6.52 -9.26 12.23
C HIS A 42 6.65 -9.82 13.65
N PRO A 43 5.76 -10.74 14.04
CA PRO A 43 5.78 -11.36 15.38
C PRO A 43 7.19 -11.70 15.86
N ASP A 44 7.92 -12.46 15.04
CA ASP A 44 9.28 -12.87 15.40
C ASP A 44 10.23 -11.68 15.43
N LYS A 45 9.79 -10.53 14.92
CA LYS A 45 10.62 -9.33 14.90
C LYS A 45 10.04 -8.25 15.81
N GLY A 46 9.36 -8.68 16.88
CA GLY A 46 8.77 -7.74 17.81
C GLY A 46 7.79 -6.80 17.14
N GLY A 47 6.71 -7.37 16.60
CA GLY A 47 5.71 -6.55 15.92
C GLY A 47 4.30 -6.82 16.44
N SER A 48 3.39 -5.91 16.15
CA SER A 48 2.00 -6.05 16.59
C SER A 48 1.16 -6.79 15.55
N HIS A 49 0.11 -7.46 16.01
CA HIS A 49 -0.77 -8.21 15.12
C HIS A 49 -1.77 -7.29 14.44
N ALA A 50 -2.36 -6.39 15.23
CA ALA A 50 -3.33 -5.43 14.70
C ALA A 50 -2.71 -4.55 13.63
N LEU A 51 -1.40 -4.35 13.70
CA LEU A 51 -0.69 -3.53 12.72
C LEU A 51 -0.46 -4.29 11.42
N MET A 52 0.06 -5.51 11.55
CA MET A 52 0.35 -6.34 10.39
C MET A 52 -0.92 -6.59 9.56
N GLN A 53 -2.01 -6.91 10.24
CA GLN A 53 -3.27 -7.18 9.55
C GLN A 53 -3.86 -5.90 8.96
N GLU A 54 -3.68 -4.79 9.65
CA GLU A 54 -4.19 -3.51 9.16
C GLU A 54 -3.51 -3.13 7.86
N LEU A 55 -2.18 -3.25 7.85
CA LEU A 55 -1.40 -2.92 6.67
C LEU A 55 -1.67 -3.91 5.54
N ASN A 56 -1.74 -5.19 5.87
CA ASN A 56 -2.00 -6.23 4.88
C ASN A 56 -3.36 -6.02 4.22
N SER A 57 -4.31 -5.50 4.98
CA SER A 57 -5.65 -5.25 4.47
C SER A 57 -5.68 -3.97 3.63
N LEU A 58 -4.91 -2.97 4.05
CA LEU A 58 -4.84 -1.70 3.34
C LEU A 58 -3.95 -1.83 2.09
N TRP A 59 -3.03 -2.77 2.12
CA TRP A 59 -2.14 -3.00 0.99
C TRP A 59 -2.75 -4.03 0.05
N GLY A 60 -3.60 -4.89 0.59
CA GLY A 60 -4.25 -5.92 -0.22
C GLY A 60 -5.22 -5.35 -1.23
N THR A 61 -6.34 -4.80 -0.75
CA THR A 61 -7.33 -4.20 -1.64
C THR A 61 -6.60 -3.25 -2.56
N PHE A 62 -5.79 -2.43 -1.93
CA PHE A 62 -4.96 -1.47 -2.64
C PHE A 62 -4.30 -2.14 -3.82
N LYS A 63 -3.66 -3.27 -3.52
CA LYS A 63 -2.97 -4.07 -4.52
C LYS A 63 -3.92 -4.47 -5.65
N THR A 64 -5.16 -4.84 -5.29
CA THR A 64 -6.15 -5.22 -6.29
C THR A 64 -6.22 -4.12 -7.35
N GLU A 65 -6.06 -2.88 -6.90
CA GLU A 65 -6.08 -1.73 -7.79
C GLU A 65 -4.69 -1.51 -8.35
N VAL A 66 -3.67 -1.85 -7.55
CA VAL A 66 -2.28 -1.69 -7.97
C VAL A 66 -2.06 -2.29 -9.36
N TYR A 67 -2.68 -3.44 -9.61
CA TYR A 67 -2.55 -4.10 -10.90
C TYR A 67 -3.16 -3.26 -12.01
N ASN A 68 -4.19 -2.49 -11.66
CA ASN A 68 -4.87 -1.63 -12.61
C ASN A 68 -4.26 -0.23 -12.65
N LEU A 69 -3.56 0.15 -11.58
CA LEU A 69 -2.94 1.47 -11.51
C LEU A 69 -1.92 1.66 -12.64
N ARG A 70 -1.19 0.60 -12.96
CA ARG A 70 -0.19 0.66 -14.02
C ARG A 70 -0.82 0.57 -15.40
N MET A 71 -2.13 0.50 -15.43
CA MET A 71 -2.87 0.42 -16.69
C MET A 71 -3.73 1.66 -16.90
N ASN A 72 -3.78 2.55 -15.90
CA ASN A 72 -4.57 3.77 -16.00
C ASN A 72 -3.99 4.71 -17.03
N LEU A 73 -4.85 5.56 -17.57
CA LEU A 73 -4.41 6.54 -18.53
C LEU A 73 -5.14 7.87 -18.36
N GLY A 74 -4.58 8.76 -17.55
CA GLY A 74 -5.20 10.05 -17.32
C GLY A 74 -4.20 11.18 -17.27
N GLY A 75 -4.60 12.35 -17.79
CA GLY A 75 -3.72 13.50 -17.80
C GLY A 75 -3.37 13.96 -19.20
N THR A 76 -3.04 13.00 -20.07
CA THR A 76 -2.68 13.31 -21.45
C THR A 76 -3.87 13.88 -22.22
N GLY A 77 -3.59 14.74 -23.19
CA GLY A 77 -4.65 15.33 -23.99
C GLY A 77 -4.33 16.74 -24.46
N PHE A 78 -3.04 17.04 -24.60
CA PHE A 78 -2.61 18.36 -25.05
C PHE A 78 -2.90 18.54 -26.54
N GLN A 79 -2.94 19.79 -26.99
CA GLN A 79 -3.21 20.10 -28.38
C GLN A 79 -1.95 19.89 -29.24
N MET A 1 -13.39 -4.54 -6.97
CA MET A 1 -14.41 -3.72 -7.68
C MET A 1 -15.00 -2.65 -6.75
N ASP A 2 -15.78 -3.11 -5.77
CA ASP A 2 -16.40 -2.20 -4.81
C ASP A 2 -15.54 -2.04 -3.55
N ARG A 3 -14.55 -2.91 -3.41
CA ARG A 3 -13.65 -2.85 -2.26
C ARG A 3 -12.48 -1.93 -2.54
N VAL A 4 -12.65 -0.66 -2.23
CA VAL A 4 -11.59 0.32 -2.46
C VAL A 4 -11.48 1.31 -1.30
N LEU A 5 -10.29 1.39 -0.72
CA LEU A 5 -10.03 2.30 0.39
C LEU A 5 -10.00 3.75 -0.07
N SER A 6 -10.40 4.65 0.83
CA SER A 6 -10.46 6.07 0.53
C SER A 6 -9.13 6.76 0.84
N ARG A 7 -9.06 8.05 0.56
CA ARG A 7 -7.85 8.83 0.79
C ARG A 7 -7.36 8.63 2.23
N ALA A 8 -8.29 8.49 3.16
CA ALA A 8 -7.95 8.30 4.56
C ALA A 8 -7.31 6.93 4.81
N ASP A 9 -7.89 5.88 4.22
CA ASP A 9 -7.36 4.54 4.39
C ASP A 9 -6.08 4.34 3.60
N LYS A 10 -6.04 4.81 2.36
CA LYS A 10 -4.85 4.68 1.53
C LYS A 10 -3.72 5.54 2.08
N GLU A 11 -4.06 6.68 2.67
CA GLU A 11 -3.07 7.57 3.26
C GLU A 11 -2.42 6.89 4.45
N ARG A 12 -3.22 6.10 5.17
CA ARG A 12 -2.73 5.37 6.32
C ARG A 12 -1.72 4.31 5.88
N LEU A 13 -1.96 3.75 4.70
CA LEU A 13 -1.08 2.74 4.13
C LEU A 13 0.31 3.33 3.89
N LEU A 14 0.34 4.62 3.57
CA LEU A 14 1.60 5.32 3.32
C LEU A 14 2.34 5.59 4.62
N GLU A 15 1.59 5.94 5.66
CA GLU A 15 2.19 6.24 6.97
C GLU A 15 3.06 5.08 7.45
N LEU A 16 2.57 3.86 7.24
CA LEU A 16 3.30 2.67 7.64
C LEU A 16 4.40 2.34 6.64
N LEU A 17 4.32 2.94 5.46
CA LEU A 17 5.31 2.71 4.40
C LEU A 17 6.46 3.71 4.47
N LYS A 18 6.33 4.73 5.31
CA LYS A 18 7.37 5.74 5.42
C LYS A 18 7.69 6.30 4.04
N LEU A 19 6.75 6.14 3.12
CA LEU A 19 6.88 6.59 1.75
C LEU A 19 5.92 7.75 1.48
N PRO A 20 6.46 8.96 1.28
CA PRO A 20 5.66 10.16 1.04
C PRO A 20 4.50 9.94 0.05
N ARG A 21 3.59 10.91 0.01
CA ARG A 21 2.44 10.85 -0.88
C ARG A 21 2.75 11.50 -2.23
N GLN A 22 3.90 12.16 -2.32
CA GLN A 22 4.31 12.82 -3.55
C GLN A 22 4.70 11.82 -4.63
N LEU A 23 5.30 10.72 -4.19
CA LEU A 23 5.74 9.67 -5.09
C LEU A 23 4.72 8.53 -5.14
N TRP A 24 3.56 8.73 -4.50
CA TRP A 24 2.50 7.73 -4.48
C TRP A 24 2.15 7.25 -5.88
N GLY A 25 2.67 6.09 -6.25
CA GLY A 25 2.40 5.54 -7.57
C GLY A 25 3.45 4.53 -8.00
N ASP A 26 4.65 4.63 -7.45
CA ASP A 26 5.74 3.73 -7.77
C ASP A 26 5.59 2.41 -7.03
N PHE A 27 4.87 1.45 -7.63
CA PHE A 27 4.66 0.14 -7.02
C PHE A 27 5.97 -0.44 -6.50
N GLY A 28 6.99 -0.42 -7.34
CA GLY A 28 8.28 -0.95 -6.95
C GLY A 28 8.84 -0.27 -5.71
N ARG A 29 8.55 1.01 -5.56
CA ARG A 29 9.04 1.76 -4.41
C ARG A 29 8.17 1.54 -3.18
N MET A 30 6.85 1.61 -3.35
CA MET A 30 5.93 1.43 -2.23
C MET A 30 5.92 -0.02 -1.75
N GLN A 31 5.88 -0.97 -2.69
CA GLN A 31 5.88 -2.38 -2.33
C GLN A 31 7.15 -2.74 -1.58
N GLN A 32 8.29 -2.23 -2.06
CA GLN A 32 9.56 -2.51 -1.42
C GLN A 32 9.52 -2.12 0.05
N ALA A 33 8.94 -0.95 0.33
CA ALA A 33 8.81 -0.46 1.70
C ALA A 33 7.84 -1.33 2.49
N TYR A 34 6.81 -1.84 1.81
CA TYR A 34 5.82 -2.69 2.46
C TYR A 34 6.50 -3.87 3.17
N LYS A 35 7.54 -4.42 2.53
CA LYS A 35 8.27 -5.55 3.07
C LYS A 35 9.24 -5.11 4.16
N GLN A 36 9.86 -3.94 3.95
CA GLN A 36 10.83 -3.42 4.91
C GLN A 36 10.17 -3.17 6.26
N GLN A 37 8.99 -2.55 6.24
CA GLN A 37 8.27 -2.25 7.46
C GLN A 37 7.50 -3.48 7.95
N SER A 38 7.28 -4.44 7.05
CA SER A 38 6.58 -5.67 7.40
C SER A 38 7.47 -6.55 8.28
N LEU A 39 8.77 -6.51 8.02
CA LEU A 39 9.73 -7.29 8.77
C LEU A 39 9.80 -6.82 10.22
N LEU A 40 9.72 -5.50 10.42
CA LEU A 40 9.77 -4.92 11.75
C LEU A 40 8.40 -5.01 12.43
N LEU A 41 7.36 -5.28 11.65
CA LEU A 41 6.02 -5.40 12.20
C LEU A 41 5.65 -6.85 12.48
N HIS A 42 6.62 -7.75 12.33
CA HIS A 42 6.40 -9.17 12.57
C HIS A 42 6.64 -9.50 14.05
N PRO A 43 5.76 -10.31 14.66
CA PRO A 43 5.87 -10.70 16.07
C PRO A 43 7.28 -11.13 16.46
N ASP A 44 8.00 -11.76 15.53
CA ASP A 44 9.36 -12.23 15.80
C ASP A 44 10.35 -11.07 15.84
N LYS A 45 9.93 -9.89 15.39
CA LYS A 45 10.81 -8.72 15.39
C LYS A 45 10.21 -7.59 16.21
N GLY A 46 9.45 -7.96 17.25
CA GLY A 46 8.84 -6.95 18.11
C GLY A 46 7.89 -6.06 17.36
N GLY A 47 6.92 -6.66 16.67
CA GLY A 47 5.95 -5.88 15.91
C GLY A 47 4.53 -6.07 16.43
N SER A 48 3.62 -5.24 15.94
CA SER A 48 2.22 -5.31 16.37
C SER A 48 1.43 -6.26 15.47
N HIS A 49 0.41 -6.89 16.05
CA HIS A 49 -0.42 -7.83 15.30
C HIS A 49 -1.52 -7.08 14.55
N ALA A 50 -2.06 -6.04 15.17
CA ALA A 50 -3.11 -5.24 14.55
C ALA A 50 -2.57 -4.38 13.42
N LEU A 51 -1.31 -4.00 13.50
CA LEU A 51 -0.68 -3.17 12.48
C LEU A 51 -0.40 -3.98 11.22
N MET A 52 0.24 -5.13 11.39
CA MET A 52 0.56 -6.00 10.27
C MET A 52 -0.68 -6.40 9.48
N GLN A 53 -1.78 -6.64 10.18
CA GLN A 53 -3.03 -7.03 9.53
C GLN A 53 -3.73 -5.81 8.94
N GLU A 54 -3.57 -4.66 9.58
CA GLU A 54 -4.18 -3.43 9.09
C GLU A 54 -3.59 -3.05 7.73
N LEU A 55 -2.26 -3.06 7.67
CA LEU A 55 -1.55 -2.72 6.45
C LEU A 55 -1.89 -3.70 5.33
N ASN A 56 -2.02 -4.98 5.69
CA ASN A 56 -2.35 -6.01 4.72
C ASN A 56 -3.69 -5.73 4.06
N SER A 57 -4.61 -5.14 4.83
CA SER A 57 -5.94 -4.82 4.32
C SER A 57 -5.89 -3.61 3.38
N LEU A 58 -5.03 -2.65 3.70
CA LEU A 58 -4.90 -1.45 2.89
C LEU A 58 -4.03 -1.73 1.66
N TRP A 59 -3.11 -2.68 1.79
CA TRP A 59 -2.23 -3.04 0.70
C TRP A 59 -2.86 -4.16 -0.14
N GLY A 60 -3.85 -4.84 0.45
CA GLY A 60 -4.53 -5.91 -0.25
C GLY A 60 -5.49 -5.37 -1.29
N THR A 61 -6.49 -4.61 -0.85
CA THR A 61 -7.47 -4.04 -1.78
C THR A 61 -6.69 -3.24 -2.80
N PHE A 62 -5.83 -2.38 -2.26
CA PHE A 62 -4.94 -1.53 -3.05
C PHE A 62 -4.31 -2.34 -4.16
N LYS A 63 -3.77 -3.49 -3.77
CA LYS A 63 -3.13 -4.40 -4.69
C LYS A 63 -4.10 -4.82 -5.80
N THR A 64 -5.35 -5.07 -5.42
CA THR A 64 -6.36 -5.45 -6.40
C THR A 64 -6.38 -4.43 -7.53
N GLU A 65 -6.35 -3.16 -7.14
CA GLU A 65 -6.33 -2.08 -8.12
C GLU A 65 -4.92 -1.83 -8.62
N VAL A 66 -3.91 -2.31 -7.86
CA VAL A 66 -2.52 -2.14 -8.25
C VAL A 66 -2.28 -2.73 -9.63
N TYR A 67 -2.75 -3.96 -9.85
CA TYR A 67 -2.58 -4.63 -11.13
C TYR A 67 -3.26 -3.83 -12.23
N ASN A 68 -4.28 -3.06 -11.86
CA ASN A 68 -5.01 -2.24 -12.81
C ASN A 68 -4.40 -0.84 -12.93
N LEU A 69 -3.64 -0.43 -11.91
CA LEU A 69 -3.02 0.89 -11.92
C LEU A 69 -2.05 1.02 -13.08
N ARG A 70 -1.33 -0.06 -13.37
CA ARG A 70 -0.35 -0.06 -14.46
C ARG A 70 -1.01 -0.11 -15.83
N MET A 71 -2.34 -0.10 -15.83
CA MET A 71 -3.10 -0.13 -17.07
C MET A 71 -3.85 1.19 -17.26
N ASN A 72 -4.37 1.72 -16.17
CA ASN A 72 -5.11 2.98 -16.20
C ASN A 72 -4.19 4.14 -16.58
N LEU A 73 -4.71 5.06 -17.39
CA LEU A 73 -3.94 6.22 -17.81
C LEU A 73 -4.06 7.35 -16.79
N GLY A 74 -3.18 7.33 -15.79
CA GLY A 74 -3.22 8.35 -14.76
C GLY A 74 -1.85 8.60 -14.15
N GLY A 75 -0.85 8.83 -15.00
CA GLY A 75 0.49 9.07 -14.51
C GLY A 75 1.54 8.96 -15.59
N THR A 76 1.18 9.30 -16.81
CA THR A 76 2.10 9.23 -17.94
C THR A 76 2.93 10.52 -18.04
N GLY A 77 4.13 10.40 -18.58
CA GLY A 77 5.00 11.55 -18.73
C GLY A 77 4.75 12.30 -20.02
N PHE A 78 3.47 12.46 -20.39
CA PHE A 78 3.10 13.16 -21.60
C PHE A 78 2.81 14.64 -21.32
N GLN A 79 3.43 15.16 -20.27
CA GLN A 79 3.24 16.56 -19.89
C GLN A 79 4.43 17.41 -20.32
N MET A 1 -14.86 -4.18 -6.18
CA MET A 1 -16.28 -3.71 -6.19
C MET A 1 -16.64 -3.05 -4.86
N ASP A 2 -16.69 -3.84 -3.80
CA ASP A 2 -17.02 -3.32 -2.48
C ASP A 2 -15.75 -3.10 -1.65
N ARG A 3 -14.63 -3.60 -2.16
CA ARG A 3 -13.35 -3.45 -1.47
C ARG A 3 -12.63 -2.19 -1.91
N VAL A 4 -12.91 -1.09 -1.23
CA VAL A 4 -12.28 0.18 -1.55
C VAL A 4 -11.91 0.94 -0.28
N LEU A 5 -10.63 1.26 -0.16
CA LEU A 5 -10.12 2.00 1.01
C LEU A 5 -10.25 3.50 0.80
N SER A 6 -10.73 4.19 1.83
CA SER A 6 -10.93 5.63 1.75
C SER A 6 -9.62 6.38 1.90
N ARG A 7 -9.67 7.70 1.71
CA ARG A 7 -8.49 8.54 1.82
C ARG A 7 -7.75 8.26 3.11
N ALA A 8 -8.50 7.94 4.16
CA ALA A 8 -7.93 7.66 5.46
C ALA A 8 -7.16 6.34 5.45
N ASP A 9 -7.55 5.44 4.55
CA ASP A 9 -6.89 4.15 4.45
C ASP A 9 -5.62 4.25 3.61
N LYS A 10 -5.75 4.74 2.38
CA LYS A 10 -4.60 4.88 1.49
C LYS A 10 -3.55 5.79 2.13
N GLU A 11 -4.02 6.86 2.76
CA GLU A 11 -3.14 7.81 3.43
C GLU A 11 -2.50 7.16 4.65
N ARG A 12 -3.24 6.24 5.27
CA ARG A 12 -2.75 5.53 6.45
C ARG A 12 -1.71 4.49 6.03
N LEU A 13 -1.93 3.88 4.87
CA LEU A 13 -1.01 2.88 4.35
C LEU A 13 0.34 3.54 4.06
N LEU A 14 0.28 4.76 3.56
CA LEU A 14 1.48 5.52 3.23
C LEU A 14 2.31 5.79 4.48
N GLU A 15 1.65 6.26 5.53
CA GLU A 15 2.32 6.57 6.78
C GLU A 15 3.01 5.33 7.35
N LEU A 16 2.53 4.15 6.96
CA LEU A 16 3.10 2.89 7.42
C LEU A 16 4.22 2.42 6.49
N LEU A 17 4.11 2.76 5.21
CA LEU A 17 5.11 2.38 4.23
C LEU A 17 6.26 3.37 4.17
N LYS A 18 6.21 4.41 4.98
CA LYS A 18 7.26 5.42 4.99
C LYS A 18 7.50 5.96 3.58
N LEU A 19 6.51 5.75 2.73
CA LEU A 19 6.56 6.18 1.34
C LEU A 19 5.70 7.42 1.12
N PRO A 20 6.33 8.58 0.85
CA PRO A 20 5.62 9.84 0.62
C PRO A 20 4.54 9.73 -0.45
N ARG A 21 3.79 10.82 -0.66
CA ARG A 21 2.73 10.85 -1.65
C ARG A 21 3.26 11.06 -3.07
N GLN A 22 4.41 11.71 -3.17
CA GLN A 22 5.02 12.00 -4.46
C GLN A 22 5.37 10.71 -5.23
N LEU A 23 5.28 9.58 -4.54
CA LEU A 23 5.59 8.28 -5.15
C LEU A 23 4.46 7.30 -4.90
N TRP A 24 3.28 7.83 -4.59
CA TRP A 24 2.09 7.02 -4.32
C TRP A 24 1.83 6.04 -5.46
N GLY A 25 2.42 6.30 -6.63
CA GLY A 25 2.24 5.42 -7.76
C GLY A 25 3.43 4.49 -7.97
N ASP A 26 4.57 4.86 -7.40
CA ASP A 26 5.78 4.05 -7.52
C ASP A 26 5.59 2.69 -6.86
N PHE A 27 5.11 1.72 -7.63
CA PHE A 27 4.87 0.37 -7.13
C PHE A 27 6.16 -0.25 -6.59
N GLY A 28 7.26 -0.06 -7.31
CA GLY A 28 8.53 -0.62 -6.89
C GLY A 28 9.03 -0.05 -5.57
N ARG A 29 8.70 1.21 -5.32
CA ARG A 29 9.12 1.88 -4.09
C ARG A 29 8.27 1.43 -2.90
N MET A 30 6.95 1.40 -3.09
CA MET A 30 6.04 1.01 -2.04
C MET A 30 6.26 -0.44 -1.63
N GLN A 31 6.44 -1.32 -2.61
CA GLN A 31 6.67 -2.73 -2.34
C GLN A 31 7.95 -2.92 -1.53
N GLN A 32 8.96 -2.11 -1.85
CA GLN A 32 10.23 -2.17 -1.16
C GLN A 32 10.06 -1.72 0.29
N ALA A 33 9.19 -0.74 0.50
CA ALA A 33 8.91 -0.22 1.83
C ALA A 33 7.93 -1.12 2.56
N TYR A 34 7.02 -1.74 1.81
CA TYR A 34 6.03 -2.63 2.39
C TYR A 34 6.71 -3.81 3.07
N LYS A 35 7.67 -4.41 2.37
CA LYS A 35 8.41 -5.55 2.91
C LYS A 35 9.29 -5.12 4.08
N GLN A 36 9.91 -3.95 3.94
CA GLN A 36 10.77 -3.41 4.97
C GLN A 36 9.96 -3.05 6.21
N GLN A 37 8.73 -2.62 6.00
CA GLN A 37 7.84 -2.23 7.09
C GLN A 37 7.09 -3.44 7.63
N SER A 38 6.96 -4.48 6.80
CA SER A 38 6.27 -5.69 7.21
C SER A 38 7.07 -6.43 8.28
N LEU A 39 8.39 -6.26 8.25
CA LEU A 39 9.27 -6.91 9.20
C LEU A 39 9.23 -6.21 10.55
N LEU A 40 9.32 -4.88 10.54
CA LEU A 40 9.30 -4.11 11.78
C LEU A 40 7.89 -4.03 12.37
N LEU A 41 6.90 -4.50 11.61
CA LEU A 41 5.53 -4.48 12.07
C LEU A 41 5.14 -5.83 12.70
N HIS A 42 6.10 -6.75 12.78
CA HIS A 42 5.86 -8.07 13.36
C HIS A 42 6.13 -8.06 14.86
N PRO A 43 5.28 -8.74 15.64
CA PRO A 43 5.42 -8.81 17.11
C PRO A 43 6.85 -9.08 17.59
N ASP A 44 7.65 -9.71 16.76
CA ASP A 44 9.04 -10.03 17.13
C ASP A 44 9.97 -8.84 16.88
N LYS A 45 9.57 -7.94 16.00
CA LYS A 45 10.38 -6.78 15.69
C LYS A 45 9.74 -5.51 16.25
N GLY A 46 9.02 -5.66 17.35
CA GLY A 46 8.38 -4.52 17.98
C GLY A 46 7.24 -3.97 17.14
N GLY A 47 6.32 -4.85 16.74
CA GLY A 47 5.19 -4.42 15.94
C GLY A 47 3.86 -4.85 16.52
N SER A 48 2.79 -4.20 16.09
CA SER A 48 1.45 -4.53 16.58
C SER A 48 0.80 -5.60 15.71
N HIS A 49 -0.09 -6.40 16.32
CA HIS A 49 -0.79 -7.45 15.60
C HIS A 49 -1.80 -6.86 14.62
N ALA A 50 -2.58 -5.90 15.11
CA ALA A 50 -3.60 -5.25 14.29
C ALA A 50 -2.95 -4.45 13.16
N LEU A 51 -1.80 -3.86 13.44
CA LEU A 51 -1.09 -3.06 12.45
C LEU A 51 -0.59 -3.92 11.29
N MET A 52 0.14 -4.98 11.62
CA MET A 52 0.67 -5.88 10.59
C MET A 52 -0.42 -6.35 9.64
N GLN A 53 -1.56 -6.74 10.20
CA GLN A 53 -2.68 -7.20 9.39
C GLN A 53 -3.37 -6.03 8.70
N GLU A 54 -3.33 -4.86 9.32
CA GLU A 54 -3.94 -3.67 8.74
C GLU A 54 -3.23 -3.30 7.45
N LEU A 55 -1.94 -3.57 7.38
CA LEU A 55 -1.15 -3.29 6.21
C LEU A 55 -1.53 -4.22 5.06
N ASN A 56 -1.63 -5.51 5.36
CA ASN A 56 -2.00 -6.50 4.37
C ASN A 56 -3.40 -6.23 3.82
N SER A 57 -4.28 -5.74 4.69
CA SER A 57 -5.65 -5.42 4.29
C SER A 57 -5.69 -4.14 3.46
N LEU A 58 -4.80 -3.21 3.76
CA LEU A 58 -4.72 -1.96 3.05
C LEU A 58 -3.91 -2.12 1.76
N TRP A 59 -2.96 -3.04 1.79
CA TRP A 59 -2.12 -3.31 0.64
C TRP A 59 -2.84 -4.26 -0.31
N GLY A 60 -3.91 -4.88 0.17
CA GLY A 60 -4.69 -5.80 -0.65
C GLY A 60 -5.64 -5.06 -1.57
N THR A 61 -6.61 -4.35 -0.98
CA THR A 61 -7.57 -3.58 -1.78
C THR A 61 -6.78 -2.68 -2.71
N PHE A 62 -5.84 -1.97 -2.09
CA PHE A 62 -4.93 -1.08 -2.77
C PHE A 62 -4.41 -1.76 -4.02
N LYS A 63 -3.92 -2.98 -3.82
CA LYS A 63 -3.38 -3.80 -4.89
C LYS A 63 -4.41 -4.04 -5.97
N THR A 64 -5.67 -4.25 -5.57
CA THR A 64 -6.75 -4.48 -6.54
C THR A 64 -6.66 -3.44 -7.64
N GLU A 65 -6.31 -2.22 -7.25
CA GLU A 65 -6.15 -1.12 -8.18
C GLU A 65 -4.73 -1.15 -8.76
N VAL A 66 -3.78 -1.61 -7.95
CA VAL A 66 -2.38 -1.68 -8.38
C VAL A 66 -2.24 -2.50 -9.65
N TYR A 67 -2.85 -3.68 -9.66
CA TYR A 67 -2.78 -4.55 -10.82
C TYR A 67 -3.29 -3.81 -12.06
N ASN A 68 -4.22 -2.89 -11.85
CA ASN A 68 -4.79 -2.10 -12.94
C ASN A 68 -4.02 -0.80 -13.17
N LEU A 69 -3.32 -0.32 -12.13
CA LEU A 69 -2.56 0.93 -12.25
C LEU A 69 -1.43 0.78 -13.27
N ARG A 70 -1.08 -0.47 -13.59
CA ARG A 70 -0.01 -0.73 -14.55
C ARG A 70 -0.47 -0.52 -15.99
N MET A 71 -1.72 -0.13 -16.14
CA MET A 71 -2.31 0.12 -17.44
C MET A 71 -2.50 1.62 -17.68
N ASN A 72 -2.75 2.35 -16.60
CA ASN A 72 -2.95 3.80 -16.69
C ASN A 72 -1.62 4.51 -16.86
N LEU A 73 -1.42 5.07 -18.05
CA LEU A 73 -0.19 5.79 -18.36
C LEU A 73 -0.48 7.25 -18.72
N GLY A 74 -0.73 8.07 -17.70
CA GLY A 74 -1.01 9.47 -17.93
C GLY A 74 0.20 10.36 -17.75
N GLY A 75 0.74 10.87 -18.86
CA GLY A 75 1.91 11.72 -18.78
C GLY A 75 1.58 13.11 -18.25
N THR A 76 2.28 14.11 -18.75
CA THR A 76 2.08 15.49 -18.32
C THR A 76 0.66 15.96 -18.66
N GLY A 77 0.15 16.90 -17.86
CA GLY A 77 -1.19 17.41 -18.09
C GLY A 77 -1.20 18.92 -18.29
N PHE A 78 -0.76 19.64 -17.27
CA PHE A 78 -0.73 21.10 -17.33
C PHE A 78 0.61 21.58 -17.90
N GLN A 79 0.53 22.24 -19.05
CA GLN A 79 1.73 22.75 -19.71
C GLN A 79 1.44 24.04 -20.46
N MET A 1 -20.59 -6.17 -1.10
CA MET A 1 -19.25 -6.29 -0.46
C MET A 1 -18.32 -5.17 -0.91
N ASP A 2 -18.50 -3.99 -0.32
CA ASP A 2 -17.67 -2.83 -0.66
C ASP A 2 -16.29 -2.95 -0.02
N ARG A 3 -15.25 -2.90 -0.84
CA ARG A 3 -13.89 -3.00 -0.35
C ARG A 3 -12.97 -1.99 -1.02
N VAL A 4 -13.18 -0.71 -0.72
CA VAL A 4 -12.36 0.34 -1.30
C VAL A 4 -12.00 1.40 -0.26
N LEU A 5 -10.70 1.66 -0.11
CA LEU A 5 -10.22 2.64 0.84
C LEU A 5 -10.19 4.05 0.25
N SER A 6 -10.46 5.03 1.09
CA SER A 6 -10.48 6.43 0.67
C SER A 6 -9.10 7.06 0.79
N ARG A 7 -9.05 8.39 0.65
CA ARG A 7 -7.79 9.11 0.75
C ARG A 7 -7.21 9.00 2.15
N ALA A 8 -8.10 8.95 3.14
CA ALA A 8 -7.68 8.83 4.54
C ALA A 8 -7.07 7.47 4.83
N ASP A 9 -7.64 6.43 4.23
CA ASP A 9 -7.15 5.06 4.44
C ASP A 9 -5.91 4.80 3.59
N LYS A 10 -5.99 5.08 2.30
CA LYS A 10 -4.85 4.86 1.41
C LYS A 10 -3.64 5.66 1.91
N GLU A 11 -3.92 6.82 2.51
CA GLU A 11 -2.87 7.66 3.07
C GLU A 11 -2.31 7.00 4.31
N ARG A 12 -3.16 6.25 5.02
CA ARG A 12 -2.75 5.54 6.21
C ARG A 12 -1.71 4.49 5.86
N LEU A 13 -1.89 3.89 4.69
CA LEU A 13 -0.96 2.87 4.19
C LEU A 13 0.40 3.49 3.96
N LEU A 14 0.40 4.72 3.48
CA LEU A 14 1.63 5.44 3.20
C LEU A 14 2.39 5.76 4.48
N GLU A 15 1.66 6.14 5.52
CA GLU A 15 2.27 6.46 6.81
C GLU A 15 3.13 5.31 7.30
N LEU A 16 2.59 4.10 7.20
CA LEU A 16 3.30 2.90 7.63
C LEU A 16 4.29 2.43 6.56
N LEU A 17 4.11 2.94 5.34
CA LEU A 17 4.98 2.57 4.22
C LEU A 17 6.19 3.48 4.12
N LYS A 18 6.25 4.51 4.96
CA LYS A 18 7.36 5.45 4.93
C LYS A 18 7.55 6.01 3.52
N LEU A 19 6.50 5.88 2.71
CA LEU A 19 6.51 6.33 1.34
C LEU A 19 5.53 7.50 1.18
N PRO A 20 6.03 8.72 0.96
CA PRO A 20 5.20 9.91 0.81
C PRO A 20 4.09 9.76 -0.23
N ARG A 21 3.19 10.73 -0.26
CA ARG A 21 2.08 10.75 -1.21
C ARG A 21 2.50 11.42 -2.51
N GLN A 22 3.67 12.04 -2.51
CA GLN A 22 4.19 12.73 -3.68
C GLN A 22 4.55 11.76 -4.79
N LEU A 23 5.02 10.59 -4.39
CA LEU A 23 5.41 9.56 -5.35
C LEU A 23 4.36 8.43 -5.39
N TRP A 24 3.21 8.67 -4.76
CA TRP A 24 2.12 7.70 -4.71
C TRP A 24 1.81 7.15 -6.11
N GLY A 25 2.30 5.95 -6.41
CA GLY A 25 2.06 5.35 -7.70
C GLY A 25 3.16 4.39 -8.14
N ASP A 26 4.35 4.56 -7.57
CA ASP A 26 5.49 3.71 -7.90
C ASP A 26 5.40 2.36 -7.17
N PHE A 27 4.72 1.40 -7.79
CA PHE A 27 4.56 0.07 -7.21
C PHE A 27 5.88 -0.52 -6.73
N GLY A 28 6.95 -0.24 -7.47
CA GLY A 28 8.25 -0.77 -7.10
C GLY A 28 8.79 -0.20 -5.80
N ARG A 29 8.57 1.10 -5.58
CA ARG A 29 9.06 1.76 -4.37
C ARG A 29 8.15 1.47 -3.17
N MET A 30 6.83 1.53 -3.39
CA MET A 30 5.89 1.28 -2.32
C MET A 30 6.03 -0.15 -1.79
N GLN A 31 6.14 -1.11 -2.70
CA GLN A 31 6.29 -2.51 -2.31
C GLN A 31 7.59 -2.70 -1.54
N GLN A 32 8.63 -2.01 -1.95
CA GLN A 32 9.93 -2.10 -1.29
C GLN A 32 9.81 -1.68 0.17
N ALA A 33 8.92 -0.72 0.42
CA ALA A 33 8.70 -0.23 1.78
C ALA A 33 7.78 -1.18 2.55
N TYR A 34 6.73 -1.67 1.88
CA TYR A 34 5.81 -2.60 2.51
C TYR A 34 6.58 -3.76 3.13
N LYS A 35 7.58 -4.23 2.41
CA LYS A 35 8.41 -5.32 2.88
C LYS A 35 9.35 -4.84 3.99
N GLN A 36 9.80 -3.59 3.87
CA GLN A 36 10.69 -3.00 4.85
C GLN A 36 10.03 -2.95 6.22
N GLN A 37 8.74 -2.59 6.24
CA GLN A 37 7.99 -2.51 7.48
C GLN A 37 7.46 -3.88 7.89
N SER A 38 7.32 -4.77 6.92
CA SER A 38 6.82 -6.12 7.18
C SER A 38 7.78 -6.89 8.09
N LEU A 39 9.06 -6.55 8.02
CA LEU A 39 10.07 -7.22 8.83
C LEU A 39 10.08 -6.69 10.26
N LEU A 40 9.76 -5.40 10.42
CA LEU A 40 9.73 -4.80 11.75
C LEU A 40 8.36 -4.96 12.41
N LEU A 41 7.35 -5.30 11.62
CA LEU A 41 6.00 -5.50 12.14
C LEU A 41 5.76 -6.97 12.48
N HIS A 42 6.74 -7.82 12.14
CA HIS A 42 6.65 -9.24 12.41
C HIS A 42 6.41 -9.50 13.89
N PRO A 43 5.56 -10.48 14.25
CA PRO A 43 5.24 -10.81 15.64
C PRO A 43 6.44 -11.33 16.43
N ASP A 44 7.47 -11.78 15.73
CA ASP A 44 8.66 -12.30 16.38
C ASP A 44 9.64 -11.19 16.72
N LYS A 45 9.49 -10.04 16.08
CA LYS A 45 10.36 -8.90 16.32
C LYS A 45 9.70 -7.88 17.24
N GLY A 46 8.86 -8.37 18.14
CA GLY A 46 8.18 -7.50 19.07
C GLY A 46 7.24 -6.53 18.39
N GLY A 47 6.45 -7.04 17.44
CA GLY A 47 5.51 -6.19 16.72
C GLY A 47 4.08 -6.44 17.14
N SER A 48 3.16 -5.64 16.60
CA SER A 48 1.75 -5.79 16.93
C SER A 48 1.06 -6.75 15.97
N HIS A 49 0.09 -7.50 16.49
CA HIS A 49 -0.64 -8.46 15.67
C HIS A 49 -1.76 -7.78 14.90
N ALA A 50 -2.54 -6.95 15.60
CA ALA A 50 -3.65 -6.23 14.98
C ALA A 50 -3.16 -5.24 13.92
N LEU A 51 -1.91 -4.80 14.06
CA LEU A 51 -1.34 -3.86 13.11
C LEU A 51 -0.92 -4.56 11.81
N MET A 52 -0.20 -5.66 11.96
CA MET A 52 0.26 -6.43 10.79
C MET A 52 -0.88 -6.70 9.82
N GLN A 53 -2.06 -7.01 10.35
CA GLN A 53 -3.22 -7.29 9.52
C GLN A 53 -3.74 -6.01 8.87
N GLU A 54 -3.54 -4.89 9.55
CA GLU A 54 -3.99 -3.59 9.05
C GLU A 54 -3.26 -3.24 7.75
N LEU A 55 -1.94 -3.37 7.76
CA LEU A 55 -1.13 -3.06 6.59
C LEU A 55 -1.46 -3.98 5.42
N ASN A 56 -1.80 -5.23 5.74
CA ASN A 56 -2.15 -6.20 4.72
C ASN A 56 -3.49 -5.87 4.06
N SER A 57 -4.39 -5.29 4.84
CA SER A 57 -5.72 -4.92 4.34
C SER A 57 -5.64 -3.68 3.45
N LEU A 58 -4.92 -2.66 3.91
CA LEU A 58 -4.79 -1.43 3.16
C LEU A 58 -3.94 -1.64 1.91
N TRP A 59 -3.01 -2.59 1.98
CA TRP A 59 -2.14 -2.91 0.86
C TRP A 59 -2.79 -3.96 -0.03
N GLY A 60 -3.76 -4.68 0.51
CA GLY A 60 -4.46 -5.70 -0.24
C GLY A 60 -5.42 -5.12 -1.26
N THR A 61 -6.47 -4.45 -0.78
CA THR A 61 -7.44 -3.83 -1.68
C THR A 61 -6.68 -2.94 -2.64
N PHE A 62 -5.83 -2.12 -2.04
CA PHE A 62 -4.96 -1.22 -2.77
C PHE A 62 -4.35 -1.94 -3.95
N LYS A 63 -3.82 -3.11 -3.65
CA LYS A 63 -3.18 -3.98 -4.63
C LYS A 63 -4.17 -4.33 -5.74
N THR A 64 -5.43 -4.60 -5.39
CA THR A 64 -6.44 -4.94 -6.39
C THR A 64 -6.36 -3.94 -7.54
N GLU A 65 -6.09 -2.69 -7.19
CA GLU A 65 -5.95 -1.63 -8.17
C GLU A 65 -4.52 -1.60 -8.71
N VAL A 66 -3.57 -1.96 -7.83
CA VAL A 66 -2.16 -1.97 -8.20
C VAL A 66 -1.94 -2.79 -9.47
N TYR A 67 -2.51 -3.99 -9.51
CA TYR A 67 -2.37 -4.85 -10.68
C TYR A 67 -2.92 -4.17 -11.93
N ASN A 68 -3.89 -3.28 -11.73
CA ASN A 68 -4.49 -2.54 -12.83
C ASN A 68 -3.77 -1.22 -13.08
N LEU A 69 -3.08 -0.71 -12.07
CA LEU A 69 -2.36 0.56 -12.19
C LEU A 69 -1.29 0.47 -13.28
N ARG A 70 -0.71 -0.72 -13.44
CA ARG A 70 0.32 -0.93 -14.44
C ARG A 70 -0.25 -0.97 -15.86
N MET A 71 -1.55 -0.80 -15.95
CA MET A 71 -2.24 -0.79 -17.23
C MET A 71 -2.62 0.62 -17.65
N ASN A 72 -2.76 1.50 -16.65
CA ASN A 72 -3.12 2.90 -16.91
C ASN A 72 -1.94 3.65 -17.52
N LEU A 73 -2.22 4.47 -18.53
CA LEU A 73 -1.19 5.24 -19.19
C LEU A 73 -1.52 6.73 -19.16
N GLY A 74 -2.65 7.10 -19.77
CA GLY A 74 -3.06 8.50 -19.80
C GLY A 74 -2.60 9.21 -21.06
N GLY A 75 -2.02 10.40 -20.88
CA GLY A 75 -1.56 11.16 -22.03
C GLY A 75 -1.00 12.52 -21.64
N THR A 76 -0.33 12.57 -20.50
CA THR A 76 0.27 13.82 -20.02
C THR A 76 1.52 14.16 -20.80
N GLY A 77 1.75 15.46 -21.02
CA GLY A 77 2.93 15.89 -21.74
C GLY A 77 4.21 15.59 -20.99
N PHE A 78 4.12 15.49 -19.66
CA PHE A 78 5.27 15.21 -18.82
C PHE A 78 5.44 13.70 -18.62
N GLN A 79 6.45 13.13 -19.27
CA GLN A 79 6.70 11.70 -19.16
C GLN A 79 7.83 11.44 -18.16
N MET A 1 -19.28 -7.93 -1.62
CA MET A 1 -19.09 -6.58 -1.01
C MET A 1 -17.94 -5.82 -1.66
N ASP A 2 -18.08 -4.50 -1.73
CA ASP A 2 -17.05 -3.66 -2.33
C ASP A 2 -15.76 -3.72 -1.52
N ARG A 3 -14.63 -3.74 -2.23
CA ARG A 3 -13.32 -3.80 -1.57
C ARG A 3 -12.43 -2.66 -2.08
N VAL A 4 -12.78 -1.44 -1.71
CA VAL A 4 -12.01 -0.27 -2.13
C VAL A 4 -11.74 0.66 -0.94
N LEU A 5 -10.46 0.94 -0.72
CA LEU A 5 -10.04 1.82 0.38
C LEU A 5 -10.13 3.28 -0.03
N SER A 6 -10.45 4.14 0.94
CA SER A 6 -10.59 5.56 0.68
C SER A 6 -9.27 6.29 0.86
N ARG A 7 -9.31 7.62 0.70
CA ARG A 7 -8.11 8.44 0.84
C ARG A 7 -7.46 8.23 2.20
N ALA A 8 -8.29 7.99 3.21
CA ALA A 8 -7.78 7.76 4.57
C ALA A 8 -6.97 6.48 4.63
N ASP A 9 -7.46 5.44 3.97
CA ASP A 9 -6.77 4.16 3.94
C ASP A 9 -5.43 4.27 3.23
N LYS A 10 -5.46 4.73 1.99
CA LYS A 10 -4.23 4.88 1.21
C LYS A 10 -3.26 5.83 1.89
N GLU A 11 -3.80 6.91 2.44
CA GLU A 11 -2.98 7.89 3.15
C GLU A 11 -2.36 7.26 4.39
N ARG A 12 -3.09 6.32 4.99
CA ARG A 12 -2.61 5.62 6.18
C ARG A 12 -1.61 4.54 5.80
N LEU A 13 -1.89 3.89 4.66
CA LEU A 13 -1.02 2.84 4.16
C LEU A 13 0.38 3.39 3.90
N LEU A 14 0.44 4.65 3.52
CA LEU A 14 1.70 5.32 3.23
C LEU A 14 2.47 5.60 4.51
N GLU A 15 1.76 6.07 5.54
CA GLU A 15 2.39 6.37 6.82
C GLU A 15 3.22 5.17 7.30
N LEU A 16 2.71 3.97 7.03
CA LEU A 16 3.40 2.75 7.42
C LEU A 16 4.41 2.33 6.36
N LEU A 17 4.25 2.86 5.15
CA LEU A 17 5.14 2.54 4.04
C LEU A 17 6.32 3.50 3.96
N LYS A 18 6.31 4.54 4.78
CA LYS A 18 7.39 5.52 4.75
C LYS A 18 7.56 6.08 3.35
N LEU A 19 6.52 5.92 2.54
CA LEU A 19 6.52 6.37 1.16
C LEU A 19 5.60 7.58 1.01
N PRO A 20 6.18 8.78 0.84
CA PRO A 20 5.43 10.04 0.70
C PRO A 20 4.25 9.96 -0.27
N ARG A 21 3.43 11.01 -0.24
CA ARG A 21 2.26 11.11 -1.12
C ARG A 21 2.62 11.77 -2.45
N GLN A 22 3.88 12.19 -2.58
CA GLN A 22 4.34 12.86 -3.79
C GLN A 22 4.70 11.85 -4.88
N LEU A 23 5.09 10.66 -4.45
CA LEU A 23 5.47 9.61 -5.38
C LEU A 23 4.46 8.45 -5.34
N TRP A 24 3.30 8.69 -4.74
CA TRP A 24 2.24 7.68 -4.63
C TRP A 24 1.91 7.09 -6.00
N GLY A 25 2.41 5.89 -6.27
CA GLY A 25 2.14 5.24 -7.54
C GLY A 25 3.24 4.28 -7.95
N ASP A 26 4.43 4.45 -7.37
CA ASP A 26 5.57 3.59 -7.69
C ASP A 26 5.44 2.23 -7.02
N PHE A 27 4.78 1.30 -7.70
CA PHE A 27 4.57 -0.05 -7.18
C PHE A 27 5.88 -0.68 -6.71
N GLY A 28 6.99 -0.29 -7.34
CA GLY A 28 8.28 -0.85 -6.98
C GLY A 28 8.81 -0.32 -5.66
N ARG A 29 8.68 0.98 -5.43
CA ARG A 29 9.16 1.58 -4.20
C ARG A 29 8.24 1.29 -3.01
N MET A 30 6.93 1.23 -3.27
CA MET A 30 5.97 0.97 -2.21
C MET A 30 6.11 -0.46 -1.69
N GLN A 31 6.28 -1.41 -2.60
CA GLN A 31 6.44 -2.81 -2.22
C GLN A 31 7.72 -2.99 -1.43
N GLN A 32 8.74 -2.19 -1.77
CA GLN A 32 10.02 -2.26 -1.08
C GLN A 32 9.85 -1.87 0.39
N ALA A 33 8.99 -0.88 0.62
CA ALA A 33 8.71 -0.41 1.98
C ALA A 33 7.80 -1.39 2.72
N TYR A 34 6.79 -1.89 2.01
CA TYR A 34 5.85 -2.85 2.59
C TYR A 34 6.59 -4.03 3.22
N LYS A 35 7.55 -4.57 2.48
CA LYS A 35 8.33 -5.71 2.96
C LYS A 35 9.26 -5.29 4.08
N GLN A 36 9.84 -4.09 3.96
CA GLN A 36 10.76 -3.58 4.97
C GLN A 36 10.03 -3.36 6.30
N GLN A 37 8.95 -2.58 6.25
CA GLN A 37 8.17 -2.29 7.44
C GLN A 37 7.42 -3.52 7.92
N SER A 38 7.28 -4.50 7.04
CA SER A 38 6.60 -5.75 7.39
C SER A 38 7.40 -6.51 8.45
N LEU A 39 8.71 -6.33 8.42
CA LEU A 39 9.60 -6.99 9.37
C LEU A 39 9.44 -6.41 10.77
N LEU A 40 9.25 -5.09 10.85
CA LEU A 40 9.08 -4.43 12.14
C LEU A 40 7.63 -4.48 12.61
N LEU A 41 6.72 -4.90 11.73
CA LEU A 41 5.31 -4.99 12.09
C LEU A 41 4.94 -6.41 12.56
N HIS A 42 5.94 -7.29 12.60
CA HIS A 42 5.72 -8.67 13.03
C HIS A 42 5.77 -8.74 14.55
N PRO A 43 4.88 -9.57 15.16
CA PRO A 43 4.82 -9.72 16.62
C PRO A 43 6.10 -10.29 17.22
N ASP A 44 7.02 -10.73 16.37
CA ASP A 44 8.29 -11.28 16.82
C ASP A 44 9.37 -10.21 16.87
N LYS A 45 9.21 -9.19 16.02
CA LYS A 45 10.17 -8.09 15.97
C LYS A 45 9.66 -6.88 16.75
N GLY A 46 8.86 -7.16 17.79
CA GLY A 46 8.32 -6.09 18.61
C GLY A 46 7.42 -5.16 17.81
N GLY A 47 6.16 -5.55 17.64
CA GLY A 47 5.22 -4.73 16.91
C GLY A 47 3.78 -5.01 17.30
N SER A 48 2.84 -4.33 16.64
CA SER A 48 1.43 -4.51 16.93
C SER A 48 0.83 -5.60 16.05
N HIS A 49 0.03 -6.46 16.66
CA HIS A 49 -0.61 -7.57 15.93
C HIS A 49 -1.63 -7.04 14.94
N ALA A 50 -2.41 -6.05 15.36
CA ALA A 50 -3.43 -5.46 14.50
C ALA A 50 -2.80 -4.69 13.35
N LEU A 51 -1.66 -4.05 13.62
CA LEU A 51 -0.96 -3.28 12.61
C LEU A 51 -0.56 -4.15 11.43
N MET A 52 0.07 -5.30 11.73
CA MET A 52 0.49 -6.23 10.69
C MET A 52 -0.66 -6.58 9.77
N GLN A 53 -1.86 -6.73 10.34
CA GLN A 53 -3.04 -7.06 9.57
C GLN A 53 -3.55 -5.84 8.81
N GLU A 54 -3.33 -4.66 9.38
CA GLU A 54 -3.78 -3.43 8.76
C GLU A 54 -3.09 -3.22 7.41
N LEU A 55 -1.77 -3.30 7.40
CA LEU A 55 -0.99 -3.14 6.18
C LEU A 55 -1.40 -4.17 5.14
N ASN A 56 -1.48 -5.43 5.55
CA ASN A 56 -1.86 -6.50 4.65
C ASN A 56 -3.24 -6.24 4.03
N SER A 57 -4.18 -5.83 4.87
CA SER A 57 -5.54 -5.54 4.40
C SER A 57 -5.57 -4.25 3.61
N LEU A 58 -4.71 -3.30 3.98
CA LEU A 58 -4.65 -2.01 3.30
C LEU A 58 -3.84 -2.11 2.01
N TRP A 59 -2.96 -3.10 1.93
CA TRP A 59 -2.13 -3.30 0.76
C TRP A 59 -2.83 -4.22 -0.23
N GLY A 60 -3.70 -5.09 0.28
CA GLY A 60 -4.43 -6.01 -0.57
C GLY A 60 -5.44 -5.28 -1.45
N THR A 61 -6.46 -4.69 -0.82
CA THR A 61 -7.47 -3.95 -1.56
C THR A 61 -6.75 -2.98 -2.48
N PHE A 62 -5.82 -2.27 -1.86
CA PHE A 62 -4.97 -1.31 -2.56
C PHE A 62 -4.45 -1.94 -3.83
N LYS A 63 -3.84 -3.11 -3.66
CA LYS A 63 -3.28 -3.88 -4.75
C LYS A 63 -4.31 -4.11 -5.86
N THR A 64 -5.56 -4.37 -5.47
CA THR A 64 -6.62 -4.58 -6.45
C THR A 64 -6.60 -3.45 -7.46
N GLU A 65 -6.31 -2.25 -6.96
CA GLU A 65 -6.21 -1.06 -7.80
C GLU A 65 -4.80 -0.96 -8.37
N VAL A 66 -3.83 -1.48 -7.63
CA VAL A 66 -2.44 -1.43 -8.06
C VAL A 66 -2.25 -2.13 -9.42
N TYR A 67 -2.90 -3.27 -9.58
CA TYR A 67 -2.80 -4.03 -10.82
C TYR A 67 -3.34 -3.22 -12.00
N ASN A 68 -4.42 -2.47 -11.76
CA ASN A 68 -5.03 -1.67 -12.81
C ASN A 68 -4.43 -0.26 -12.86
N LEU A 69 -3.68 0.12 -11.83
CA LEU A 69 -3.06 1.45 -11.79
C LEU A 69 -2.12 1.63 -12.97
N ARG A 70 -1.39 0.56 -13.30
CA ARG A 70 -0.44 0.59 -14.40
C ARG A 70 -1.14 0.54 -15.75
N MET A 71 -2.46 0.49 -15.72
CA MET A 71 -3.27 0.44 -16.92
C MET A 71 -4.18 1.67 -17.02
N ASN A 72 -4.52 2.23 -15.87
CA ASN A 72 -5.38 3.42 -15.83
C ASN A 72 -4.55 4.69 -15.67
N LEU A 73 -3.91 4.83 -14.52
CA LEU A 73 -3.07 6.00 -14.24
C LEU A 73 -1.81 5.97 -15.10
N GLY A 74 -1.94 6.37 -16.36
CA GLY A 74 -0.81 6.38 -17.26
C GLY A 74 -1.09 7.15 -18.54
N GLY A 75 -1.29 8.45 -18.41
CA GLY A 75 -1.57 9.29 -19.57
C GLY A 75 -0.30 9.64 -20.32
N THR A 76 -0.47 10.37 -21.43
CA THR A 76 0.67 10.79 -22.24
C THR A 76 1.44 11.93 -21.56
N GLY A 77 2.73 11.70 -21.33
CA GLY A 77 3.56 12.70 -20.70
C GLY A 77 4.89 12.14 -20.23
N PHE A 78 5.78 11.88 -21.17
CA PHE A 78 7.09 11.33 -20.86
C PHE A 78 8.10 12.44 -20.59
N GLN A 79 8.58 12.51 -19.36
CA GLN A 79 9.55 13.54 -18.97
C GLN A 79 10.98 13.02 -19.14
N MET A 1 -16.60 -7.94 -6.34
CA MET A 1 -16.82 -7.38 -4.98
C MET A 1 -16.11 -6.05 -4.79
N ASP A 2 -16.87 -4.98 -4.61
CA ASP A 2 -16.30 -3.65 -4.43
C ASP A 2 -15.40 -3.61 -3.20
N ARG A 3 -14.15 -3.24 -3.40
CA ARG A 3 -13.18 -3.15 -2.30
C ARG A 3 -12.20 -2.01 -2.56
N VAL A 4 -12.50 -0.84 -2.01
CA VAL A 4 -11.63 0.32 -2.19
C VAL A 4 -11.46 1.10 -0.89
N LEU A 5 -10.21 1.38 -0.56
CA LEU A 5 -9.88 2.13 0.65
C LEU A 5 -9.97 3.63 0.39
N SER A 6 -10.60 4.35 1.31
CA SER A 6 -10.78 5.79 1.18
C SER A 6 -9.44 6.53 1.23
N ARG A 7 -9.50 7.84 1.05
CA ARG A 7 -8.30 8.68 1.08
C ARG A 7 -7.55 8.48 2.40
N ALA A 8 -8.31 8.31 3.47
CA ALA A 8 -7.74 8.11 4.79
C ALA A 8 -6.99 6.78 4.86
N ASP A 9 -7.56 5.75 4.24
CA ASP A 9 -6.94 4.43 4.24
C ASP A 9 -5.68 4.42 3.38
N LYS A 10 -5.83 4.79 2.11
CA LYS A 10 -4.69 4.81 1.19
C LYS A 10 -3.58 5.72 1.73
N GLU A 11 -3.98 6.81 2.37
CA GLU A 11 -3.02 7.73 2.95
C GLU A 11 -2.39 7.12 4.20
N ARG A 12 -3.18 6.33 4.91
CA ARG A 12 -2.72 5.67 6.11
C ARG A 12 -1.69 4.60 5.75
N LEU A 13 -1.81 4.07 4.53
CA LEU A 13 -0.89 3.06 4.06
C LEU A 13 0.48 3.68 3.76
N LEU A 14 0.44 4.93 3.28
CA LEU A 14 1.66 5.65 2.95
C LEU A 14 2.42 6.01 4.22
N GLU A 15 1.68 6.38 5.27
CA GLU A 15 2.30 6.75 6.54
C GLU A 15 3.16 5.61 7.07
N LEU A 16 2.56 4.43 7.21
CA LEU A 16 3.28 3.26 7.71
C LEU A 16 4.28 2.76 6.68
N LEU A 17 4.20 3.27 5.46
CA LEU A 17 5.10 2.86 4.39
C LEU A 17 6.36 3.72 4.34
N LYS A 18 6.40 4.79 5.12
CA LYS A 18 7.55 5.69 5.12
C LYS A 18 7.84 6.15 3.69
N LEU A 19 6.84 6.04 2.83
CA LEU A 19 6.94 6.43 1.44
C LEU A 19 6.03 7.63 1.18
N PRO A 20 6.62 8.80 0.87
CA PRO A 20 5.87 10.04 0.62
C PRO A 20 4.68 9.85 -0.30
N ARG A 21 3.81 10.85 -0.32
CA ARG A 21 2.62 10.84 -1.16
C ARG A 21 2.91 11.46 -2.53
N GLN A 22 4.13 11.95 -2.72
CA GLN A 22 4.53 12.59 -3.97
C GLN A 22 4.85 11.54 -5.03
N LEU A 23 5.38 10.42 -4.58
CA LEU A 23 5.74 9.33 -5.49
C LEU A 23 4.67 8.23 -5.48
N TRP A 24 3.49 8.55 -4.94
CA TRP A 24 2.38 7.60 -4.88
C TRP A 24 2.04 7.05 -6.25
N GLY A 25 2.55 5.86 -6.55
CA GLY A 25 2.28 5.24 -7.84
C GLY A 25 3.33 4.22 -8.23
N ASP A 26 4.55 4.41 -7.75
CA ASP A 26 5.65 3.50 -8.07
C ASP A 26 5.54 2.21 -7.27
N PHE A 27 4.95 1.19 -7.89
CA PHE A 27 4.77 -0.11 -7.23
C PHE A 27 6.09 -0.64 -6.67
N GLY A 28 7.19 -0.33 -7.36
CA GLY A 28 8.49 -0.80 -6.92
C GLY A 28 8.95 -0.15 -5.63
N ARG A 29 8.59 1.12 -5.43
CA ARG A 29 8.99 1.85 -4.23
C ARG A 29 8.07 1.52 -3.05
N MET A 30 6.76 1.52 -3.29
CA MET A 30 5.80 1.21 -2.24
C MET A 30 6.02 -0.19 -1.68
N GLN A 31 6.22 -1.15 -2.57
CA GLN A 31 6.45 -2.53 -2.15
C GLN A 31 7.74 -2.62 -1.34
N GLN A 32 8.78 -1.95 -1.82
CA GLN A 32 10.07 -1.95 -1.14
C GLN A 32 9.90 -1.48 0.29
N ALA A 33 8.96 -0.55 0.49
CA ALA A 33 8.68 -0.01 1.81
C ALA A 33 7.78 -0.96 2.58
N TYR A 34 6.71 -1.41 1.94
CA TYR A 34 5.77 -2.34 2.56
C TYR A 34 6.50 -3.50 3.24
N LYS A 35 7.51 -4.04 2.57
CA LYS A 35 8.28 -5.16 3.12
C LYS A 35 9.23 -4.66 4.21
N GLN A 36 9.77 -3.47 4.02
CA GLN A 36 10.69 -2.88 4.98
C GLN A 36 9.99 -2.64 6.31
N GLN A 37 8.73 -2.24 6.23
CA GLN A 37 7.93 -1.96 7.42
C GLN A 37 7.20 -3.22 7.90
N SER A 38 7.06 -4.20 7.01
CA SER A 38 6.40 -5.44 7.36
C SER A 38 7.30 -6.32 8.22
N LEU A 39 8.60 -6.19 8.03
CA LEU A 39 9.58 -6.96 8.78
C LEU A 39 9.53 -6.61 10.27
N LEU A 40 9.20 -5.35 10.57
CA LEU A 40 9.13 -4.91 11.96
C LEU A 40 7.73 -5.15 12.53
N LEU A 41 6.75 -5.34 11.65
CA LEU A 41 5.38 -5.59 12.09
C LEU A 41 5.14 -7.09 12.30
N HIS A 42 6.23 -7.86 12.34
CA HIS A 42 6.14 -9.30 12.54
C HIS A 42 6.19 -9.63 14.03
N PRO A 43 5.26 -10.47 14.53
CA PRO A 43 5.21 -10.85 15.94
C PRO A 43 6.51 -11.47 16.45
N ASP A 44 7.38 -11.87 15.52
CA ASP A 44 8.66 -12.47 15.89
C ASP A 44 9.70 -11.41 16.22
N LYS A 45 9.46 -10.18 15.75
CA LYS A 45 10.39 -9.08 16.00
C LYS A 45 9.78 -8.09 16.98
N GLY A 46 8.96 -8.58 17.90
CA GLY A 46 8.33 -7.73 18.89
C GLY A 46 7.32 -6.78 18.28
N GLY A 47 6.39 -7.33 17.49
CA GLY A 47 5.38 -6.51 16.85
C GLY A 47 3.97 -6.96 17.21
N SER A 48 2.98 -6.17 16.82
CA SER A 48 1.59 -6.49 17.10
C SER A 48 0.99 -7.35 15.99
N HIS A 49 0.01 -8.18 16.36
CA HIS A 49 -0.64 -9.06 15.40
C HIS A 49 -1.68 -8.29 14.58
N ALA A 50 -2.28 -7.28 15.21
CA ALA A 50 -3.30 -6.48 14.54
C ALA A 50 -2.68 -5.53 13.52
N LEU A 51 -1.50 -5.02 13.83
CA LEU A 51 -0.81 -4.09 12.95
C LEU A 51 -0.46 -4.75 11.61
N MET A 52 0.18 -5.91 11.68
CA MET A 52 0.57 -6.65 10.48
C MET A 52 -0.62 -6.88 9.56
N GLN A 53 -1.73 -7.34 10.14
CA GLN A 53 -2.93 -7.60 9.36
C GLN A 53 -3.59 -6.30 8.91
N GLU A 54 -3.34 -5.22 9.64
CA GLU A 54 -3.91 -3.92 9.30
C GLU A 54 -3.33 -3.40 7.98
N LEU A 55 -2.01 -3.46 7.87
CA LEU A 55 -1.31 -3.01 6.68
C LEU A 55 -1.69 -3.86 5.47
N ASN A 56 -1.87 -5.17 5.69
CA ASN A 56 -2.23 -6.08 4.61
C ASN A 56 -3.61 -5.73 4.05
N SER A 57 -4.51 -5.31 4.94
CA SER A 57 -5.86 -4.93 4.53
C SER A 57 -5.85 -3.64 3.72
N LEU A 58 -4.89 -2.76 4.04
CA LEU A 58 -4.77 -1.49 3.35
C LEU A 58 -3.98 -1.64 2.06
N TRP A 59 -3.06 -2.60 2.06
CA TRP A 59 -2.23 -2.88 0.90
C TRP A 59 -2.93 -3.90 0.00
N GLY A 60 -3.97 -4.54 0.54
CA GLY A 60 -4.72 -5.52 -0.22
C GLY A 60 -5.69 -4.89 -1.20
N THR A 61 -6.66 -4.14 -0.67
CA THR A 61 -7.63 -3.47 -1.53
C THR A 61 -6.86 -2.60 -2.49
N PHE A 62 -5.96 -1.83 -1.91
CA PHE A 62 -5.08 -0.95 -2.65
C PHE A 62 -4.53 -1.67 -3.86
N LYS A 63 -4.04 -2.88 -3.59
CA LYS A 63 -3.47 -3.73 -4.60
C LYS A 63 -4.49 -4.03 -5.71
N THR A 64 -5.76 -4.13 -5.33
CA THR A 64 -6.81 -4.39 -6.31
C THR A 64 -6.64 -3.43 -7.48
N GLU A 65 -6.25 -2.20 -7.15
CA GLU A 65 -6.01 -1.17 -8.16
C GLU A 65 -4.60 -1.32 -8.70
N VAL A 66 -3.69 -1.77 -7.83
CA VAL A 66 -2.30 -1.94 -8.21
C VAL A 66 -2.18 -2.93 -9.37
N TYR A 67 -3.02 -3.94 -9.36
CA TYR A 67 -3.02 -4.94 -10.42
C TYR A 67 -3.41 -4.33 -11.76
N ASN A 68 -4.33 -3.38 -11.71
CA ASN A 68 -4.80 -2.72 -12.93
C ASN A 68 -3.96 -1.47 -13.26
N LEU A 69 -3.19 -0.98 -12.27
CA LEU A 69 -2.36 0.20 -12.50
C LEU A 69 -1.31 -0.09 -13.57
N ARG A 70 -0.76 -1.29 -13.54
CA ARG A 70 0.27 -1.68 -14.50
C ARG A 70 -0.30 -1.90 -15.90
N MET A 71 -1.60 -1.68 -16.03
CA MET A 71 -2.28 -1.84 -17.31
C MET A 71 -2.64 -0.47 -17.90
N ASN A 72 -2.89 0.50 -17.03
CA ASN A 72 -3.26 1.84 -17.45
C ASN A 72 -2.05 2.79 -17.42
N LEU A 73 -1.01 2.40 -16.68
CA LEU A 73 0.18 3.22 -16.57
C LEU A 73 1.32 2.68 -17.44
N GLY A 74 1.66 1.41 -17.21
CA GLY A 74 2.73 0.80 -17.97
C GLY A 74 2.49 0.86 -19.47
N GLY A 75 1.70 -0.07 -19.99
CA GLY A 75 1.41 -0.09 -21.40
C GLY A 75 1.65 -1.45 -22.01
N THR A 76 0.99 -2.47 -21.47
CA THR A 76 1.13 -3.83 -21.97
C THR A 76 0.60 -3.96 -23.40
N GLY A 77 1.49 -4.34 -24.32
CA GLY A 77 1.09 -4.50 -25.70
C GLY A 77 0.85 -5.95 -26.06
N PHE A 78 0.13 -6.66 -25.21
CA PHE A 78 -0.18 -8.07 -25.45
C PHE A 78 -1.46 -8.24 -26.24
N GLN A 79 -1.76 -7.27 -27.11
CA GLN A 79 -2.95 -7.32 -27.92
C GLN A 79 -2.69 -8.02 -29.25
N MET A 1 -18.13 -3.10 -6.06
CA MET A 1 -16.90 -2.66 -5.36
C MET A 1 -17.20 -2.16 -3.95
N ASP A 2 -17.51 -3.09 -3.05
CA ASP A 2 -17.82 -2.74 -1.66
C ASP A 2 -16.56 -2.76 -0.80
N ARG A 3 -15.40 -2.72 -1.44
CA ARG A 3 -14.13 -2.72 -0.73
C ARG A 3 -13.17 -1.71 -1.35
N VAL A 4 -13.40 -0.42 -1.06
CA VAL A 4 -12.56 0.63 -1.60
C VAL A 4 -12.21 1.65 -0.52
N LEU A 5 -10.91 1.89 -0.35
CA LEU A 5 -10.42 2.84 0.63
C LEU A 5 -10.32 4.25 0.06
N SER A 6 -10.61 5.24 0.91
CA SER A 6 -10.59 6.63 0.51
C SER A 6 -9.22 7.26 0.76
N ARG A 7 -9.13 8.58 0.62
CA ARG A 7 -7.89 9.30 0.82
C ARG A 7 -7.39 9.13 2.26
N ALA A 8 -8.33 9.08 3.19
CA ALA A 8 -7.99 8.93 4.60
C ALA A 8 -7.40 7.54 4.89
N ASP A 9 -7.99 6.52 4.29
CA ASP A 9 -7.52 5.15 4.48
C ASP A 9 -6.20 4.93 3.74
N LYS A 10 -6.19 5.21 2.44
CA LYS A 10 -4.99 5.04 1.64
C LYS A 10 -3.83 5.82 2.26
N GLU A 11 -4.15 6.95 2.87
CA GLU A 11 -3.13 7.78 3.52
C GLU A 11 -2.53 7.04 4.71
N ARG A 12 -3.38 6.31 5.43
CA ARG A 12 -2.94 5.53 6.58
C ARG A 12 -1.94 4.47 6.14
N LEU A 13 -2.20 3.88 4.98
CA LEU A 13 -1.33 2.86 4.42
C LEU A 13 0.05 3.45 4.13
N LEU A 14 0.04 4.72 3.74
CA LEU A 14 1.26 5.44 3.43
C LEU A 14 2.11 5.68 4.68
N GLU A 15 1.44 5.98 5.79
CA GLU A 15 2.11 6.23 7.05
C GLU A 15 2.96 5.03 7.47
N LEU A 16 2.38 3.84 7.35
CA LEU A 16 3.06 2.60 7.70
C LEU A 16 4.07 2.20 6.62
N LEU A 17 3.96 2.83 5.46
CA LEU A 17 4.86 2.53 4.34
C LEU A 17 6.10 3.42 4.36
N LYS A 18 6.09 4.46 5.17
CA LYS A 18 7.22 5.39 5.25
C LYS A 18 7.53 5.94 3.86
N LEU A 19 6.56 5.83 2.96
CA LEU A 19 6.70 6.29 1.60
C LEU A 19 5.89 7.57 1.38
N PRO A 20 6.56 8.70 1.12
CA PRO A 20 5.89 9.99 0.91
C PRO A 20 4.78 9.91 -0.14
N ARG A 21 4.13 11.05 -0.39
CA ARG A 21 3.05 11.10 -1.36
C ARG A 21 3.57 11.32 -2.79
N GLN A 22 4.75 11.90 -2.90
CA GLN A 22 5.35 12.17 -4.19
C GLN A 22 5.68 10.87 -4.95
N LEU A 23 5.53 9.74 -4.28
CA LEU A 23 5.81 8.44 -4.89
C LEU A 23 4.68 7.45 -4.61
N TRP A 24 3.52 7.97 -4.22
CA TRP A 24 2.36 7.15 -3.92
C TRP A 24 2.03 6.23 -5.09
N GLY A 25 2.47 6.60 -6.29
CA GLY A 25 2.22 5.79 -7.46
C GLY A 25 3.37 4.84 -7.76
N ASP A 26 4.56 5.18 -7.26
CA ASP A 26 5.74 4.35 -7.47
C ASP A 26 5.52 2.96 -6.91
N PHE A 27 5.08 2.04 -7.77
CA PHE A 27 4.83 0.67 -7.37
C PHE A 27 6.08 0.00 -6.79
N GLY A 28 7.22 0.34 -7.37
CA GLY A 28 8.48 -0.24 -6.92
C GLY A 28 8.90 0.23 -5.54
N ARG A 29 8.62 1.49 -5.22
CA ARG A 29 9.00 2.05 -3.92
C ARG A 29 7.98 1.72 -2.83
N MET A 30 6.72 1.56 -3.22
CA MET A 30 5.68 1.25 -2.25
C MET A 30 5.80 -0.20 -1.77
N GLN A 31 6.02 -1.13 -2.69
CA GLN A 31 6.16 -2.53 -2.34
C GLN A 31 7.46 -2.75 -1.56
N GLN A 32 8.50 -2.01 -1.94
CA GLN A 32 9.79 -2.12 -1.26
C GLN A 32 9.65 -1.73 0.20
N ALA A 33 8.83 -0.71 0.45
CA ALA A 33 8.60 -0.23 1.81
C ALA A 33 7.66 -1.16 2.56
N TYR A 34 6.61 -1.62 1.89
CA TYR A 34 5.63 -2.51 2.49
C TYR A 34 6.34 -3.69 3.18
N LYS A 35 7.30 -4.28 2.48
CA LYS A 35 8.05 -5.41 3.02
C LYS A 35 9.09 -4.94 4.04
N GLN A 36 9.68 -3.77 3.79
CA GLN A 36 10.68 -3.22 4.69
C GLN A 36 10.05 -2.85 6.03
N GLN A 37 8.81 -2.40 5.99
CA GLN A 37 8.09 -2.01 7.21
C GLN A 37 7.38 -3.22 7.82
N SER A 38 7.16 -4.26 7.03
CA SER A 38 6.50 -5.46 7.51
C SER A 38 7.46 -6.30 8.35
N LEU A 39 8.74 -6.25 8.00
CA LEU A 39 9.76 -7.01 8.73
C LEU A 39 9.91 -6.50 10.15
N LEU A 40 9.75 -5.19 10.34
CA LEU A 40 9.87 -4.59 11.67
C LEU A 40 8.54 -4.65 12.41
N LEU A 41 7.46 -4.91 11.67
CA LEU A 41 6.13 -5.00 12.27
C LEU A 41 5.78 -6.45 12.59
N HIS A 42 6.76 -7.34 12.43
CA HIS A 42 6.57 -8.75 12.69
C HIS A 42 6.44 -9.01 14.19
N PRO A 43 5.55 -9.94 14.59
CA PRO A 43 5.32 -10.25 16.01
C PRO A 43 6.54 -10.84 16.71
N ASP A 44 7.49 -11.36 15.95
CA ASP A 44 8.69 -11.95 16.52
C ASP A 44 9.77 -10.90 16.73
N LYS A 45 9.66 -9.77 16.02
CA LYS A 45 10.64 -8.70 16.13
C LYS A 45 10.11 -7.60 17.06
N GLY A 46 9.29 -7.99 18.03
CA GLY A 46 8.74 -7.03 18.96
C GLY A 46 7.84 -6.00 18.29
N GLY A 47 6.62 -6.44 17.93
CA GLY A 47 5.68 -5.55 17.27
C GLY A 47 4.24 -5.98 17.47
N SER A 48 3.32 -5.16 17.00
CA SER A 48 1.89 -5.46 17.12
C SER A 48 1.40 -6.25 15.92
N HIS A 49 0.91 -7.46 16.16
CA HIS A 49 0.42 -8.31 15.09
C HIS A 49 -0.74 -7.64 14.35
N ALA A 50 -1.64 -7.01 15.09
CA ALA A 50 -2.79 -6.34 14.50
C ALA A 50 -2.36 -5.34 13.43
N LEU A 51 -1.23 -4.69 13.66
CA LEU A 51 -0.71 -3.70 12.71
C LEU A 51 -0.37 -4.34 11.38
N MET A 52 0.47 -5.39 11.42
CA MET A 52 0.88 -6.10 10.22
C MET A 52 -0.33 -6.53 9.40
N GLN A 53 -1.34 -7.06 10.08
CA GLN A 53 -2.55 -7.52 9.41
C GLN A 53 -3.35 -6.34 8.86
N GLU A 54 -3.33 -5.23 9.60
CA GLU A 54 -4.04 -4.03 9.18
C GLU A 54 -3.47 -3.48 7.88
N LEU A 55 -2.16 -3.58 7.73
CA LEU A 55 -1.49 -3.11 6.53
C LEU A 55 -1.86 -3.96 5.32
N ASN A 56 -2.05 -5.25 5.55
CA ASN A 56 -2.41 -6.17 4.48
C ASN A 56 -3.78 -5.80 3.89
N SER A 57 -4.65 -5.26 4.73
CA SER A 57 -5.99 -4.87 4.29
C SER A 57 -5.93 -3.65 3.39
N LEU A 58 -5.19 -2.63 3.80
CA LEU A 58 -5.06 -1.40 3.03
C LEU A 58 -4.24 -1.64 1.77
N TRP A 59 -3.31 -2.59 1.83
CA TRP A 59 -2.46 -2.93 0.71
C TRP A 59 -3.12 -3.98 -0.16
N GLY A 60 -4.12 -4.68 0.40
CA GLY A 60 -4.82 -5.70 -0.34
C GLY A 60 -5.78 -5.11 -1.36
N THR A 61 -6.81 -4.40 -0.89
CA THR A 61 -7.76 -3.78 -1.79
C THR A 61 -6.98 -2.93 -2.78
N PHE A 62 -6.10 -2.13 -2.20
CA PHE A 62 -5.21 -1.25 -2.96
C PHE A 62 -4.60 -2.04 -4.11
N LYS A 63 -4.09 -3.21 -3.77
CA LYS A 63 -3.46 -4.09 -4.73
C LYS A 63 -4.42 -4.46 -5.86
N THR A 64 -5.70 -4.66 -5.53
CA THR A 64 -6.69 -4.99 -6.55
C THR A 64 -6.52 -4.06 -7.74
N GLU A 65 -6.22 -2.80 -7.43
CA GLU A 65 -5.99 -1.79 -8.45
C GLU A 65 -4.54 -1.85 -8.92
N VAL A 66 -3.64 -2.20 -7.99
CA VAL A 66 -2.22 -2.30 -8.31
C VAL A 66 -1.99 -3.27 -9.47
N TYR A 67 -2.80 -4.31 -9.53
CA TYR A 67 -2.68 -5.31 -10.58
C TYR A 67 -3.09 -4.74 -11.93
N ASN A 68 -4.16 -3.94 -11.94
CA ASN A 68 -4.65 -3.34 -13.17
C ASN A 68 -3.95 -2.00 -13.45
N LEU A 69 -3.23 -1.47 -12.47
CA LEU A 69 -2.53 -0.20 -12.62
C LEU A 69 -1.53 -0.29 -13.77
N ARG A 70 -0.94 -1.46 -13.96
CA ARG A 70 0.04 -1.68 -15.01
C ARG A 70 -0.61 -1.77 -16.39
N MET A 71 -1.92 -1.62 -16.42
CA MET A 71 -2.67 -1.68 -17.67
C MET A 71 -3.41 -0.37 -17.91
N ASN A 72 -4.00 0.17 -16.85
CA ASN A 72 -4.73 1.43 -16.94
C ASN A 72 -3.83 2.56 -17.43
N LEU A 73 -4.44 3.68 -17.81
CA LEU A 73 -3.68 4.83 -18.29
C LEU A 73 -3.48 5.85 -17.18
N GLY A 74 -3.16 5.36 -15.98
CA GLY A 74 -2.96 6.26 -14.85
C GLY A 74 -1.48 6.52 -14.61
N GLY A 75 -0.73 6.72 -15.69
CA GLY A 75 0.70 6.98 -15.57
C GLY A 75 1.51 6.25 -16.61
N THR A 76 2.13 5.15 -16.22
CA THR A 76 2.94 4.35 -17.13
C THR A 76 2.07 3.39 -17.94
N GLY A 77 2.09 3.55 -19.26
CA GLY A 77 1.31 2.68 -20.12
C GLY A 77 2.16 1.96 -21.14
N PHE A 78 2.55 2.66 -22.20
CA PHE A 78 3.38 2.07 -23.24
C PHE A 78 4.86 2.10 -22.83
N GLN A 79 5.40 0.94 -22.50
CA GLN A 79 6.79 0.84 -22.09
C GLN A 79 7.69 0.49 -23.28
N MET A 1 -12.02 -6.97 -5.30
CA MET A 1 -12.34 -5.76 -4.48
C MET A 1 -13.21 -6.12 -3.28
N ASP A 2 -12.70 -5.86 -2.08
CA ASP A 2 -13.43 -6.16 -0.86
C ASP A 2 -13.50 -4.94 0.06
N ARG A 3 -12.36 -4.58 0.65
CA ARG A 3 -12.30 -3.44 1.54
C ARG A 3 -11.62 -2.26 0.85
N VAL A 4 -12.42 -1.37 0.27
CA VAL A 4 -11.88 -0.21 -0.41
C VAL A 4 -11.56 0.91 0.56
N LEU A 5 -10.31 1.34 0.53
CA LEU A 5 -9.83 2.40 1.41
C LEU A 5 -9.99 3.78 0.77
N SER A 6 -10.32 4.78 1.57
CA SER A 6 -10.49 6.13 1.09
C SER A 6 -9.18 6.90 1.12
N ARG A 7 -9.22 8.16 0.74
CA ARG A 7 -8.03 9.01 0.71
C ARG A 7 -7.33 9.02 2.07
N ALA A 8 -8.12 8.98 3.14
CA ALA A 8 -7.58 8.99 4.49
C ALA A 8 -6.93 7.66 4.85
N ASP A 9 -7.50 6.58 4.33
CA ASP A 9 -6.99 5.24 4.60
C ASP A 9 -5.76 4.95 3.75
N LYS A 10 -5.86 5.17 2.44
CA LYS A 10 -4.74 4.94 1.54
C LYS A 10 -3.55 5.82 1.94
N GLU A 11 -3.86 7.02 2.41
CA GLU A 11 -2.82 7.95 2.86
C GLU A 11 -2.19 7.42 4.14
N ARG A 12 -3.00 6.76 4.95
CA ARG A 12 -2.54 6.18 6.21
C ARG A 12 -1.57 5.03 5.92
N LEU A 13 -1.84 4.32 4.81
CA LEU A 13 -0.98 3.21 4.40
C LEU A 13 0.42 3.71 4.12
N LEU A 14 0.51 4.89 3.52
CA LEU A 14 1.78 5.50 3.20
C LEU A 14 2.55 5.88 4.47
N GLU A 15 1.81 6.30 5.49
CA GLU A 15 2.43 6.69 6.76
C GLU A 15 3.30 5.58 7.30
N LEU A 16 2.69 4.43 7.59
CA LEU A 16 3.41 3.28 8.10
C LEU A 16 4.35 2.70 7.04
N LEU A 17 4.17 3.14 5.80
CA LEU A 17 4.99 2.67 4.68
C LEU A 17 6.24 3.53 4.50
N LYS A 18 6.30 4.67 5.18
CA LYS A 18 7.44 5.56 5.03
C LYS A 18 7.64 5.93 3.57
N LEU A 19 6.58 5.73 2.79
CA LEU A 19 6.59 6.02 1.38
C LEU A 19 5.67 7.21 1.08
N PRO A 20 6.26 8.41 0.95
CA PRO A 20 5.52 9.65 0.70
C PRO A 20 4.36 9.50 -0.26
N ARG A 21 3.49 10.50 -0.27
CA ARG A 21 2.32 10.52 -1.15
C ARG A 21 2.65 11.19 -2.47
N GLN A 22 3.86 11.74 -2.58
CA GLN A 22 4.30 12.42 -3.79
C GLN A 22 4.63 11.42 -4.89
N LEU A 23 5.18 10.28 -4.49
CA LEU A 23 5.54 9.24 -5.45
C LEU A 23 4.46 8.16 -5.53
N TRP A 24 3.35 8.37 -4.81
CA TRP A 24 2.23 7.43 -4.80
C TRP A 24 1.90 6.95 -6.22
N GLY A 25 2.39 5.77 -6.57
CA GLY A 25 2.14 5.21 -7.89
C GLY A 25 3.22 4.23 -8.32
N ASP A 26 4.42 4.40 -7.79
CA ASP A 26 5.55 3.53 -8.13
C ASP A 26 5.50 2.23 -7.32
N PHE A 27 4.69 1.28 -7.80
CA PHE A 27 4.54 -0.01 -7.13
C PHE A 27 5.88 -0.56 -6.63
N GLY A 28 6.94 -0.24 -7.35
CA GLY A 28 8.27 -0.72 -6.98
C GLY A 28 8.77 -0.10 -5.68
N ARG A 29 8.48 1.19 -5.48
CA ARG A 29 8.92 1.88 -4.28
C ARG A 29 8.01 1.61 -3.10
N MET A 30 6.70 1.74 -3.31
CA MET A 30 5.73 1.50 -2.24
C MET A 30 5.84 0.09 -1.69
N GLN A 31 5.90 -0.90 -2.57
CA GLN A 31 6.02 -2.28 -2.13
C GLN A 31 7.33 -2.50 -1.38
N GLN A 32 8.41 -1.90 -1.89
CA GLN A 32 9.71 -2.02 -1.26
C GLN A 32 9.65 -1.53 0.18
N ALA A 33 8.92 -0.44 0.39
CA ALA A 33 8.76 0.13 1.72
C ALA A 33 7.87 -0.77 2.58
N TYR A 34 6.82 -1.31 1.95
CA TYR A 34 5.90 -2.20 2.65
C TYR A 34 6.66 -3.35 3.32
N LYS A 35 7.57 -3.96 2.56
CA LYS A 35 8.36 -5.07 3.07
C LYS A 35 9.27 -4.63 4.21
N GLN A 36 9.90 -3.47 4.04
CA GLN A 36 10.80 -2.92 5.06
C GLN A 36 10.06 -2.72 6.38
N GLN A 37 8.79 -2.33 6.28
CA GLN A 37 7.96 -2.09 7.46
C GLN A 37 7.22 -3.36 7.87
N SER A 38 7.09 -4.30 6.95
CA SER A 38 6.41 -5.56 7.23
C SER A 38 7.26 -6.44 8.14
N LEU A 39 8.58 -6.33 8.00
CA LEU A 39 9.51 -7.11 8.80
C LEU A 39 9.47 -6.70 10.27
N LEU A 40 9.25 -5.41 10.52
CA LEU A 40 9.18 -4.91 11.89
C LEU A 40 7.78 -5.07 12.47
N LEU A 41 6.80 -5.29 11.59
CA LEU A 41 5.42 -5.47 12.02
C LEU A 41 5.11 -6.95 12.28
N HIS A 42 6.15 -7.79 12.19
CA HIS A 42 6.01 -9.21 12.43
C HIS A 42 6.24 -9.55 13.89
N PRO A 43 5.42 -10.44 14.47
CA PRO A 43 5.54 -10.82 15.89
C PRO A 43 6.90 -11.46 16.20
N ASP A 44 7.64 -11.83 15.16
CA ASP A 44 8.96 -12.44 15.34
C ASP A 44 10.04 -11.37 15.50
N LYS A 45 9.72 -10.14 15.09
CA LYS A 45 10.67 -9.04 15.18
C LYS A 45 10.13 -7.94 16.10
N GLY A 46 9.33 -8.34 17.09
CA GLY A 46 8.77 -7.37 18.03
C GLY A 46 7.64 -6.57 17.42
N GLY A 47 6.77 -7.24 16.67
CA GLY A 47 5.63 -6.56 16.06
C GLY A 47 4.30 -7.15 16.49
N SER A 48 3.23 -6.43 16.18
CA SER A 48 1.88 -6.89 16.53
C SER A 48 1.29 -7.73 15.41
N HIS A 49 0.37 -8.62 15.77
CA HIS A 49 -0.27 -9.48 14.78
C HIS A 49 -1.42 -8.77 14.09
N ALA A 50 -2.05 -7.84 14.81
CA ALA A 50 -3.18 -7.09 14.25
C ALA A 50 -2.70 -5.98 13.32
N LEU A 51 -1.56 -5.38 13.66
CA LEU A 51 -1.00 -4.29 12.86
C LEU A 51 -0.63 -4.80 11.47
N MET A 52 0.12 -5.88 11.41
CA MET A 52 0.55 -6.45 10.15
C MET A 52 -0.65 -6.80 9.27
N GLN A 53 -1.76 -7.16 9.90
CA GLN A 53 -2.97 -7.51 9.17
C GLN A 53 -3.72 -6.26 8.73
N GLU A 54 -3.75 -5.26 9.59
CA GLU A 54 -4.42 -4.00 9.28
C GLU A 54 -3.81 -3.35 8.04
N LEU A 55 -2.49 -3.23 8.03
CA LEU A 55 -1.80 -2.63 6.90
C LEU A 55 -1.94 -3.49 5.64
N ASN A 56 -2.02 -4.80 5.85
CA ASN A 56 -2.16 -5.73 4.73
C ASN A 56 -3.46 -5.47 3.98
N SER A 57 -4.50 -5.07 4.72
CA SER A 57 -5.79 -4.77 4.11
C SER A 57 -5.71 -3.51 3.26
N LEU A 58 -5.00 -2.52 3.78
CA LEU A 58 -4.84 -1.25 3.06
C LEU A 58 -3.93 -1.44 1.86
N TRP A 59 -3.02 -2.39 1.94
CA TRP A 59 -2.10 -2.67 0.83
C TRP A 59 -2.70 -3.72 -0.09
N GLY A 60 -3.68 -4.48 0.44
CA GLY A 60 -4.34 -5.50 -0.36
C GLY A 60 -5.31 -4.92 -1.36
N THR A 61 -6.37 -4.26 -0.86
CA THR A 61 -7.35 -3.64 -1.74
C THR A 61 -6.61 -2.75 -2.70
N PHE A 62 -5.75 -1.94 -2.10
CA PHE A 62 -4.90 -1.03 -2.83
C PHE A 62 -4.27 -1.75 -4.01
N LYS A 63 -3.69 -2.90 -3.68
CA LYS A 63 -3.04 -3.75 -4.67
C LYS A 63 -4.02 -4.18 -5.74
N THR A 64 -5.27 -4.40 -5.35
CA THR A 64 -6.30 -4.80 -6.30
C THR A 64 -6.30 -3.81 -7.46
N GLU A 65 -6.07 -2.55 -7.13
CA GLU A 65 -5.99 -1.49 -8.13
C GLU A 65 -4.59 -1.47 -8.72
N VAL A 66 -3.61 -1.89 -7.91
CA VAL A 66 -2.22 -1.93 -8.34
C VAL A 66 -2.03 -2.91 -9.47
N TYR A 67 -2.31 -4.19 -9.21
CA TYR A 67 -2.16 -5.23 -10.23
C TYR A 67 -2.87 -4.83 -11.51
N ASN A 68 -3.93 -4.02 -11.37
CA ASN A 68 -4.69 -3.56 -12.52
C ASN A 68 -4.15 -2.24 -13.05
N LEU A 69 -3.44 -1.49 -12.20
CA LEU A 69 -2.87 -0.21 -12.58
C LEU A 69 -1.91 -0.37 -13.76
N ARG A 70 -1.23 -1.51 -13.80
CA ARG A 70 -0.28 -1.80 -14.87
C ARG A 70 -0.98 -2.18 -16.17
N MET A 71 -2.29 -2.19 -16.13
CA MET A 71 -3.09 -2.53 -17.29
C MET A 71 -3.82 -1.30 -17.84
N ASN A 72 -3.31 -0.13 -17.51
CA ASN A 72 -3.91 1.13 -17.95
C ASN A 72 -3.00 1.83 -18.96
N LEU A 73 -1.70 1.69 -18.77
CA LEU A 73 -0.73 2.33 -19.65
C LEU A 73 -0.51 1.48 -20.91
N GLY A 74 -1.35 1.72 -21.91
CA GLY A 74 -1.24 0.98 -23.16
C GLY A 74 -2.60 0.62 -23.72
N GLY A 75 -3.52 0.20 -22.86
CA GLY A 75 -4.84 -0.16 -23.30
C GLY A 75 -5.01 -1.67 -23.47
N THR A 76 -6.22 -2.10 -23.78
CA THR A 76 -6.50 -3.52 -23.97
C THR A 76 -6.01 -3.99 -25.33
N GLY A 77 -5.20 -5.04 -25.33
CA GLY A 77 -4.67 -5.57 -26.57
C GLY A 77 -3.99 -6.91 -26.38
N PHE A 78 -4.77 -7.93 -26.02
CA PHE A 78 -4.23 -9.27 -25.80
C PHE A 78 -4.46 -10.15 -27.03
N GLN A 79 -3.59 -10.02 -28.02
CA GLN A 79 -3.70 -10.80 -29.24
C GLN A 79 -2.91 -12.09 -29.13
N MET A 1 -20.36 -4.23 1.92
CA MET A 1 -19.48 -3.20 1.29
C MET A 1 -18.32 -3.85 0.55
N ASP A 2 -18.06 -3.36 -0.66
CA ASP A 2 -16.98 -3.89 -1.48
C ASP A 2 -15.63 -3.69 -0.79
N ARG A 3 -14.56 -4.04 -1.50
CA ARG A 3 -13.22 -3.90 -0.95
C ARG A 3 -12.52 -2.67 -1.52
N VAL A 4 -12.83 -1.51 -0.95
CA VAL A 4 -12.24 -0.26 -1.40
C VAL A 4 -11.87 0.63 -0.22
N LEU A 5 -10.60 1.01 -0.17
CA LEU A 5 -10.09 1.85 0.90
C LEU A 5 -10.26 3.33 0.54
N SER A 6 -10.67 4.12 1.53
CA SER A 6 -10.89 5.55 1.33
C SER A 6 -9.58 6.32 1.28
N ARG A 7 -9.68 7.63 1.07
CA ARG A 7 -8.50 8.49 1.00
C ARG A 7 -7.68 8.37 2.28
N ALA A 8 -8.35 8.14 3.40
CA ALA A 8 -7.68 7.99 4.68
C ALA A 8 -6.88 6.69 4.73
N ASP A 9 -7.43 5.63 4.14
CA ASP A 9 -6.75 4.35 4.13
C ASP A 9 -5.45 4.42 3.34
N LYS A 10 -5.54 4.76 2.06
CA LYS A 10 -4.35 4.87 1.21
C LYS A 10 -3.39 5.87 1.82
N GLU A 11 -3.94 6.94 2.38
CA GLU A 11 -3.14 7.97 3.03
C GLU A 11 -2.53 7.40 4.31
N ARG A 12 -3.19 6.41 4.89
CA ARG A 12 -2.72 5.77 6.10
C ARG A 12 -1.71 4.69 5.77
N LEU A 13 -1.87 4.08 4.60
CA LEU A 13 -0.97 3.03 4.14
C LEU A 13 0.41 3.62 3.85
N LEU A 14 0.41 4.87 3.41
CA LEU A 14 1.66 5.57 3.10
C LEU A 14 2.44 5.87 4.38
N GLU A 15 1.73 6.28 5.42
CA GLU A 15 2.34 6.59 6.70
C GLU A 15 3.19 5.42 7.19
N LEU A 16 2.61 4.23 7.14
CA LEU A 16 3.30 3.02 7.58
C LEU A 16 4.29 2.54 6.52
N LEU A 17 4.14 3.05 5.30
CA LEU A 17 5.02 2.67 4.20
C LEU A 17 6.23 3.59 4.10
N LYS A 18 6.25 4.65 4.91
CA LYS A 18 7.37 5.60 4.86
C LYS A 18 7.57 6.09 3.43
N LEU A 19 6.53 5.94 2.62
CA LEU A 19 6.55 6.33 1.23
C LEU A 19 5.62 7.52 1.00
N PRO A 20 6.17 8.71 0.72
CA PRO A 20 5.39 9.92 0.51
C PRO A 20 4.25 9.72 -0.50
N ARG A 21 3.38 10.72 -0.59
CA ARG A 21 2.24 10.68 -1.50
C ARG A 21 2.62 11.28 -2.85
N GLN A 22 3.80 11.88 -2.93
CA GLN A 22 4.28 12.49 -4.16
C GLN A 22 4.61 11.44 -5.20
N LEU A 23 5.15 10.32 -4.73
CA LEU A 23 5.53 9.23 -5.60
C LEU A 23 4.47 8.11 -5.57
N TRP A 24 3.32 8.41 -4.98
CA TRP A 24 2.21 7.46 -4.89
C TRP A 24 1.87 6.86 -6.25
N GLY A 25 2.48 5.72 -6.57
CA GLY A 25 2.23 5.08 -7.85
C GLY A 25 3.30 4.08 -8.23
N ASP A 26 4.52 4.30 -7.73
CA ASP A 26 5.64 3.41 -8.03
C ASP A 26 5.55 2.12 -7.22
N PHE A 27 4.84 1.14 -7.77
CA PHE A 27 4.67 -0.16 -7.10
C PHE A 27 5.98 -0.68 -6.52
N GLY A 28 7.04 -0.62 -7.31
CA GLY A 28 8.34 -1.08 -6.86
C GLY A 28 8.82 -0.39 -5.60
N ARG A 29 8.48 0.89 -5.47
CA ARG A 29 8.88 1.67 -4.29
C ARG A 29 8.04 1.30 -3.08
N MET A 30 6.72 1.41 -3.22
CA MET A 30 5.81 1.09 -2.13
C MET A 30 6.03 -0.33 -1.62
N GLN A 31 6.13 -1.28 -2.54
CA GLN A 31 6.34 -2.67 -2.17
C GLN A 31 7.64 -2.84 -1.39
N GLN A 32 8.64 -2.03 -1.74
CA GLN A 32 9.94 -2.07 -1.07
C GLN A 32 9.78 -1.75 0.41
N ALA A 33 8.95 -0.75 0.70
CA ALA A 33 8.72 -0.35 2.08
C ALA A 33 7.80 -1.34 2.79
N TYR A 34 6.76 -1.80 2.08
CA TYR A 34 5.82 -2.76 2.63
C TYR A 34 6.56 -3.93 3.27
N LYS A 35 7.51 -4.49 2.53
CA LYS A 35 8.30 -5.61 3.03
C LYS A 35 9.23 -5.17 4.16
N GLN A 36 9.70 -3.93 4.07
CA GLN A 36 10.60 -3.37 5.08
C GLN A 36 9.88 -3.22 6.41
N GLN A 37 8.72 -2.57 6.40
CA GLN A 37 7.96 -2.35 7.61
C GLN A 37 7.26 -3.63 8.06
N SER A 38 7.09 -4.56 7.13
CA SER A 38 6.45 -5.83 7.44
C SER A 38 7.30 -6.64 8.41
N LEU A 39 8.61 -6.43 8.37
CA LEU A 39 9.54 -7.14 9.23
C LEU A 39 9.54 -6.56 10.65
N LEU A 40 9.28 -5.26 10.75
CA LEU A 40 9.23 -4.60 12.06
C LEU A 40 7.83 -4.65 12.65
N LEU A 41 6.83 -4.93 11.81
CA LEU A 41 5.45 -5.04 12.27
C LEU A 41 5.10 -6.50 12.56
N HIS A 42 6.13 -7.34 12.65
CA HIS A 42 5.95 -8.76 12.93
C HIS A 42 5.88 -9.01 14.43
N PRO A 43 4.96 -9.88 14.88
CA PRO A 43 4.79 -10.20 16.30
C PRO A 43 6.02 -10.86 16.93
N ASP A 44 6.99 -11.25 16.10
CA ASP A 44 8.21 -11.88 16.60
C ASP A 44 9.28 -10.84 16.92
N LYS A 45 9.23 -9.71 16.23
CA LYS A 45 10.20 -8.64 16.45
C LYS A 45 9.67 -7.60 17.42
N GLY A 46 8.84 -8.05 18.36
CA GLY A 46 8.28 -7.14 19.35
C GLY A 46 7.32 -6.14 18.73
N GLY A 47 6.61 -6.57 17.69
CA GLY A 47 5.67 -5.70 17.02
C GLY A 47 4.23 -6.00 17.41
N SER A 48 3.29 -5.24 16.83
CA SER A 48 1.88 -5.43 17.11
C SER A 48 1.26 -6.43 16.14
N HIS A 49 0.26 -7.17 16.62
CA HIS A 49 -0.42 -8.16 15.79
C HIS A 49 -1.50 -7.51 14.94
N ALA A 50 -2.29 -6.64 15.56
CA ALA A 50 -3.37 -5.94 14.87
C ALA A 50 -2.83 -4.98 13.82
N LEU A 51 -1.56 -4.61 13.94
CA LEU A 51 -0.94 -3.68 12.99
C LEU A 51 -0.62 -4.38 11.67
N MET A 52 0.03 -5.54 11.76
CA MET A 52 0.38 -6.29 10.56
C MET A 52 -0.81 -6.48 9.65
N GLN A 53 -1.93 -6.93 10.21
CA GLN A 53 -3.15 -7.15 9.44
C GLN A 53 -3.69 -5.82 8.90
N GLU A 54 -3.27 -4.72 9.50
CA GLU A 54 -3.71 -3.40 9.07
C GLU A 54 -2.98 -2.99 7.78
N LEU A 55 -1.76 -3.48 7.60
CA LEU A 55 -0.97 -3.15 6.42
C LEU A 55 -1.38 -4.01 5.22
N ASN A 56 -1.37 -5.32 5.40
CA ASN A 56 -1.74 -6.23 4.32
C ASN A 56 -3.15 -5.95 3.82
N SER A 57 -4.09 -5.77 4.74
CA SER A 57 -5.48 -5.50 4.38
C SER A 57 -5.59 -4.19 3.60
N LEU A 58 -4.67 -3.27 3.88
CA LEU A 58 -4.65 -1.97 3.20
C LEU A 58 -3.83 -2.06 1.92
N TRP A 59 -2.86 -2.96 1.89
CA TRP A 59 -2.01 -3.16 0.74
C TRP A 59 -2.66 -4.14 -0.23
N GLY A 60 -3.65 -4.88 0.26
CA GLY A 60 -4.37 -5.84 -0.57
C GLY A 60 -5.38 -5.16 -1.47
N THR A 61 -6.36 -4.49 -0.85
CA THR A 61 -7.37 -3.76 -1.62
C THR A 61 -6.64 -2.81 -2.54
N PHE A 62 -5.74 -2.07 -1.92
CA PHE A 62 -4.89 -1.10 -2.63
C PHE A 62 -4.36 -1.75 -3.90
N LYS A 63 -3.76 -2.91 -3.71
CA LYS A 63 -3.21 -3.69 -4.80
C LYS A 63 -4.22 -3.92 -5.91
N THR A 64 -5.48 -4.17 -5.53
CA THR A 64 -6.53 -4.38 -6.52
C THR A 64 -6.46 -3.28 -7.56
N GLU A 65 -6.15 -2.07 -7.09
CA GLU A 65 -6.01 -0.92 -7.95
C GLU A 65 -4.60 -0.86 -8.51
N VAL A 66 -3.63 -1.36 -7.73
CA VAL A 66 -2.24 -1.37 -8.15
C VAL A 66 -2.06 -2.14 -9.45
N TYR A 67 -2.80 -3.23 -9.59
CA TYR A 67 -2.71 -4.06 -10.80
C TYR A 67 -3.20 -3.28 -12.02
N ASN A 68 -4.22 -2.45 -11.82
CA ASN A 68 -4.77 -1.66 -12.92
C ASN A 68 -4.08 -0.30 -13.03
N LEU A 69 -3.37 0.11 -11.98
CA LEU A 69 -2.70 1.41 -11.99
C LEU A 69 -1.68 1.47 -13.13
N ARG A 70 -1.12 0.31 -13.49
CA ARG A 70 -0.14 0.25 -14.57
C ARG A 70 -0.78 0.42 -15.93
N MET A 71 -2.08 0.62 -15.94
CA MET A 71 -2.83 0.81 -17.18
C MET A 71 -3.17 2.29 -17.38
N ASN A 72 -3.21 3.04 -16.28
CA ASN A 72 -3.52 4.46 -16.33
C ASN A 72 -2.38 5.24 -16.98
N LEU A 73 -2.61 5.69 -18.21
CA LEU A 73 -1.60 6.45 -18.94
C LEU A 73 -2.11 7.85 -19.29
N GLY A 74 -3.28 8.21 -18.76
CA GLY A 74 -3.84 9.52 -19.03
C GLY A 74 -5.31 9.61 -18.65
N GLY A 75 -5.92 10.75 -18.94
CA GLY A 75 -7.34 10.94 -18.62
C GLY A 75 -8.26 10.38 -19.68
N THR A 76 -7.72 10.18 -20.88
CA THR A 76 -8.52 9.66 -21.99
C THR A 76 -8.44 8.13 -22.03
N GLY A 77 -9.56 7.48 -21.78
CA GLY A 77 -9.59 6.02 -21.80
C GLY A 77 -10.81 5.48 -22.51
N PHE A 78 -11.98 5.99 -22.17
CA PHE A 78 -13.23 5.54 -22.79
C PHE A 78 -14.30 6.61 -22.71
N GLN A 79 -14.47 7.34 -23.81
CA GLN A 79 -15.48 8.41 -23.87
C GLN A 79 -16.05 8.51 -25.28
N MET A 1 -18.57 -2.77 -6.47
CA MET A 1 -17.63 -2.23 -5.45
C MET A 1 -18.07 -2.61 -4.04
N ASP A 2 -17.14 -2.56 -3.10
CA ASP A 2 -17.43 -2.90 -1.71
C ASP A 2 -16.25 -2.55 -0.82
N ARG A 3 -15.13 -3.24 -1.04
CA ARG A 3 -13.91 -3.00 -0.28
C ARG A 3 -13.03 -1.98 -0.98
N VAL A 4 -13.24 -0.71 -0.67
CA VAL A 4 -12.47 0.36 -1.28
C VAL A 4 -12.10 1.42 -0.24
N LEU A 5 -10.80 1.66 -0.11
CA LEU A 5 -10.30 2.65 0.84
C LEU A 5 -10.21 4.05 0.24
N SER A 6 -10.49 5.05 1.06
CA SER A 6 -10.46 6.43 0.63
C SER A 6 -9.07 7.03 0.85
N ARG A 7 -8.94 8.32 0.57
CA ARG A 7 -7.66 9.01 0.74
C ARG A 7 -7.14 8.85 2.17
N ALA A 8 -8.05 8.91 3.13
CA ALA A 8 -7.69 8.78 4.54
C ALA A 8 -7.15 7.39 4.87
N ASP A 9 -7.65 6.38 4.17
CA ASP A 9 -7.21 5.01 4.40
C ASP A 9 -5.95 4.69 3.58
N LYS A 10 -5.99 4.98 2.29
CA LYS A 10 -4.83 4.72 1.43
C LYS A 10 -3.60 5.47 1.96
N GLU A 11 -3.84 6.65 2.52
CA GLU A 11 -2.75 7.44 3.08
C GLU A 11 -2.23 6.78 4.35
N ARG A 12 -3.13 6.08 5.05
CA ARG A 12 -2.77 5.37 6.26
C ARG A 12 -1.75 4.28 5.92
N LEU A 13 -1.91 3.71 4.74
CA LEU A 13 -1.01 2.68 4.25
C LEU A 13 0.36 3.30 3.96
N LEU A 14 0.35 4.56 3.56
CA LEU A 14 1.56 5.30 3.26
C LEU A 14 2.31 5.66 4.54
N GLU A 15 1.57 6.07 5.57
CA GLU A 15 2.17 6.45 6.85
C GLU A 15 3.07 5.32 7.37
N LEU A 16 2.56 4.10 7.30
CA LEU A 16 3.31 2.93 7.76
C LEU A 16 4.37 2.53 6.74
N LEU A 17 4.21 3.01 5.51
CA LEU A 17 5.16 2.70 4.44
C LEU A 17 6.31 3.69 4.37
N LYS A 18 6.22 4.77 5.14
CA LYS A 18 7.28 5.77 5.12
C LYS A 18 7.53 6.25 3.69
N LEU A 19 6.54 6.02 2.84
CA LEU A 19 6.61 6.38 1.44
C LEU A 19 5.67 7.56 1.17
N PRO A 20 6.22 8.75 0.90
CA PRO A 20 5.43 9.96 0.66
C PRO A 20 4.32 9.76 -0.38
N ARG A 21 3.39 10.71 -0.41
CA ARG A 21 2.26 10.67 -1.34
C ARG A 21 2.66 11.24 -2.70
N GLN A 22 3.90 11.73 -2.80
CA GLN A 22 4.40 12.32 -4.03
C GLN A 22 4.77 11.24 -5.04
N LEU A 23 5.25 10.12 -4.54
CA LEU A 23 5.64 9.00 -5.38
C LEU A 23 4.67 7.83 -5.22
N TRP A 24 3.47 8.14 -4.72
CA TRP A 24 2.41 7.15 -4.52
C TRP A 24 2.14 6.34 -5.80
N GLY A 25 2.55 6.88 -6.94
CA GLY A 25 2.32 6.20 -8.21
C GLY A 25 3.35 5.11 -8.49
N ASP A 26 4.45 5.12 -7.74
CA ASP A 26 5.51 4.12 -7.93
C ASP A 26 5.17 2.81 -7.22
N PHE A 27 5.08 1.74 -8.00
CA PHE A 27 4.76 0.41 -7.46
C PHE A 27 5.99 -0.23 -6.81
N GLY A 28 7.13 -0.09 -7.48
CA GLY A 28 8.36 -0.68 -6.96
C GLY A 28 8.80 -0.05 -5.66
N ARG A 29 8.46 1.21 -5.45
CA ARG A 29 8.84 1.91 -4.22
C ARG A 29 7.91 1.54 -3.07
N MET A 30 6.62 1.49 -3.33
CA MET A 30 5.64 1.15 -2.30
C MET A 30 5.86 -0.26 -1.76
N GLN A 31 6.07 -1.21 -2.66
CA GLN A 31 6.30 -2.59 -2.25
C GLN A 31 7.61 -2.73 -1.50
N GLN A 32 8.60 -1.92 -1.88
CA GLN A 32 9.90 -1.95 -1.23
C GLN A 32 9.76 -1.59 0.25
N ALA A 33 8.95 -0.58 0.53
CA ALA A 33 8.73 -0.14 1.90
C ALA A 33 7.83 -1.11 2.65
N TYR A 34 6.84 -1.65 1.95
CA TYR A 34 5.90 -2.60 2.55
C TYR A 34 6.66 -3.77 3.18
N LYS A 35 7.64 -4.29 2.45
CA LYS A 35 8.44 -5.41 2.92
C LYS A 35 9.42 -4.97 4.01
N GLN A 36 9.82 -3.70 3.94
CA GLN A 36 10.76 -3.15 4.92
C GLN A 36 10.13 -3.07 6.29
N GLN A 37 8.90 -2.57 6.35
CA GLN A 37 8.18 -2.44 7.61
C GLN A 37 7.61 -3.79 8.06
N SER A 38 7.48 -4.72 7.11
CA SER A 38 6.96 -6.04 7.42
C SER A 38 7.91 -6.79 8.36
N LEU A 39 9.19 -6.46 8.28
CA LEU A 39 10.19 -7.11 9.11
C LEU A 39 10.15 -6.58 10.54
N LEU A 40 9.79 -5.31 10.69
CA LEU A 40 9.70 -4.69 12.01
C LEU A 40 8.31 -4.87 12.61
N LEU A 41 7.33 -5.16 11.77
CA LEU A 41 5.95 -5.36 12.23
C LEU A 41 5.68 -6.84 12.45
N HIS A 42 6.74 -7.64 12.52
CA HIS A 42 6.62 -9.07 12.73
C HIS A 42 6.62 -9.40 14.22
N PRO A 43 5.70 -10.27 14.66
CA PRO A 43 5.60 -10.68 16.07
C PRO A 43 6.95 -10.98 16.72
N ASP A 44 7.91 -11.40 15.90
CA ASP A 44 9.24 -11.73 16.41
C ASP A 44 10.11 -10.48 16.56
N LYS A 45 9.77 -9.43 15.83
CA LYS A 45 10.52 -8.19 15.88
C LYS A 45 9.77 -7.11 16.66
N GLY A 46 8.99 -7.55 17.64
CA GLY A 46 8.22 -6.63 18.45
C GLY A 46 7.10 -5.96 17.67
N GLY A 47 6.50 -6.70 16.75
CA GLY A 47 5.42 -6.17 15.94
C GLY A 47 4.05 -6.55 16.46
N SER A 48 3.07 -5.72 16.20
CA SER A 48 1.70 -5.97 16.65
C SER A 48 0.94 -6.79 15.60
N HIS A 49 -0.12 -7.47 16.04
CA HIS A 49 -0.93 -8.28 15.15
C HIS A 49 -1.83 -7.40 14.29
N ALA A 50 -2.75 -6.69 14.93
CA ALA A 50 -3.67 -5.81 14.22
C ALA A 50 -2.93 -4.87 13.27
N LEU A 51 -1.74 -4.46 13.67
CA LEU A 51 -0.93 -3.56 12.84
C LEU A 51 -0.48 -4.24 11.55
N MET A 52 0.08 -5.44 11.69
CA MET A 52 0.55 -6.19 10.53
C MET A 52 -0.61 -6.59 9.62
N GLN A 53 -1.73 -6.97 10.21
CA GLN A 53 -2.90 -7.37 9.44
C GLN A 53 -3.57 -6.16 8.79
N GLU A 54 -3.53 -5.03 9.48
CA GLU A 54 -4.13 -3.80 8.97
C GLU A 54 -3.46 -3.37 7.67
N LEU A 55 -2.14 -3.49 7.63
CA LEU A 55 -1.38 -3.12 6.45
C LEU A 55 -1.72 -4.00 5.27
N ASN A 56 -1.82 -5.31 5.52
CA ASN A 56 -2.15 -6.27 4.48
C ASN A 56 -3.55 -6.00 3.91
N SER A 57 -4.46 -5.56 4.78
CA SER A 57 -5.82 -5.26 4.38
C SER A 57 -5.87 -3.98 3.54
N LEU A 58 -5.06 -3.00 3.93
CA LEU A 58 -5.01 -1.73 3.21
C LEU A 58 -4.18 -1.87 1.94
N TRP A 59 -3.23 -2.81 1.95
CA TRP A 59 -2.38 -3.05 0.80
C TRP A 59 -3.04 -4.07 -0.14
N GLY A 60 -3.92 -4.89 0.41
CA GLY A 60 -4.62 -5.88 -0.39
C GLY A 60 -5.62 -5.25 -1.33
N THR A 61 -6.64 -4.60 -0.79
CA THR A 61 -7.65 -3.94 -1.62
C THR A 61 -6.91 -3.04 -2.58
N PHE A 62 -6.02 -2.25 -1.98
CA PHE A 62 -5.17 -1.34 -2.72
C PHE A 62 -4.57 -2.06 -3.92
N LYS A 63 -3.93 -3.17 -3.61
CA LYS A 63 -3.28 -4.01 -4.61
C LYS A 63 -4.25 -4.33 -5.74
N THR A 64 -5.50 -4.63 -5.39
CA THR A 64 -6.50 -4.94 -6.41
C THR A 64 -6.47 -3.87 -7.49
N GLU A 65 -6.24 -2.63 -7.05
CA GLU A 65 -6.15 -1.49 -7.96
C GLU A 65 -4.72 -1.39 -8.48
N VAL A 66 -3.76 -1.80 -7.65
CA VAL A 66 -2.35 -1.75 -8.02
C VAL A 66 -2.08 -2.56 -9.28
N TYR A 67 -2.50 -3.82 -9.28
CA TYR A 67 -2.31 -4.70 -10.43
C TYR A 67 -2.89 -4.06 -11.69
N ASN A 68 -3.97 -3.32 -11.51
CA ASN A 68 -4.64 -2.66 -12.63
C ASN A 68 -4.09 -1.24 -12.86
N LEU A 69 -3.41 -0.68 -11.86
CA LEU A 69 -2.87 0.68 -11.97
C LEU A 69 -1.79 0.73 -13.05
N ARG A 70 -1.04 -0.36 -13.19
CA ARG A 70 0.02 -0.44 -14.18
C ARG A 70 -0.53 -0.57 -15.60
N MET A 71 -1.84 -0.58 -15.69
CA MET A 71 -2.52 -0.68 -16.98
C MET A 71 -3.07 0.68 -17.40
N ASN A 72 -3.33 1.53 -16.42
CA ASN A 72 -3.86 2.86 -16.68
C ASN A 72 -2.79 3.77 -17.27
N LEU A 73 -3.10 4.41 -18.38
CA LEU A 73 -2.16 5.31 -19.04
C LEU A 73 -2.68 6.75 -19.04
N GLY A 74 -3.99 6.89 -19.21
CA GLY A 74 -4.59 8.22 -19.24
C GLY A 74 -6.10 8.17 -19.08
N GLY A 75 -6.76 9.23 -19.52
CA GLY A 75 -8.21 9.30 -19.42
C GLY A 75 -8.76 10.64 -19.87
N THR A 76 -8.03 11.70 -19.57
CA THR A 76 -8.44 13.05 -19.95
C THR A 76 -8.30 13.25 -21.46
N GLY A 77 -9.30 13.87 -22.06
CA GLY A 77 -9.27 14.12 -23.49
C GLY A 77 -10.62 13.98 -24.15
N PHE A 78 -11.22 12.81 -24.01
CA PHE A 78 -12.54 12.54 -24.59
C PHE A 78 -13.57 13.53 -24.05
N GLN A 79 -14.81 13.39 -24.51
CA GLN A 79 -15.89 14.27 -24.07
C GLN A 79 -16.28 13.99 -22.62
N MET A 1 -16.48 -8.80 -0.95
CA MET A 1 -16.03 -8.59 0.45
C MET A 1 -14.80 -7.68 0.52
N ASP A 2 -14.35 -7.19 -0.63
CA ASP A 2 -13.18 -6.31 -0.67
C ASP A 2 -13.48 -4.98 0.01
N ARG A 3 -12.53 -4.52 0.81
CA ARG A 3 -12.67 -3.25 1.53
C ARG A 3 -11.85 -2.16 0.86
N VAL A 4 -12.48 -1.40 -0.01
CA VAL A 4 -11.79 -0.31 -0.70
C VAL A 4 -11.46 0.82 0.25
N LEU A 5 -10.20 1.22 0.27
CA LEU A 5 -9.73 2.29 1.14
C LEU A 5 -9.82 3.66 0.46
N SER A 6 -10.22 4.65 1.24
CA SER A 6 -10.36 6.01 0.74
C SER A 6 -9.06 6.79 0.89
N ARG A 7 -9.11 8.09 0.59
CA ARG A 7 -7.95 8.95 0.69
C ARG A 7 -7.36 8.94 2.11
N ALA A 8 -8.23 8.79 3.10
CA ALA A 8 -7.81 8.78 4.50
C ALA A 8 -7.16 7.45 4.87
N ASP A 9 -7.68 6.35 4.33
CA ASP A 9 -7.15 5.02 4.63
C ASP A 9 -5.86 4.77 3.85
N LYS A 10 -5.90 4.98 2.54
CA LYS A 10 -4.71 4.77 1.72
C LYS A 10 -3.55 5.64 2.21
N GLU A 11 -3.90 6.82 2.73
CA GLU A 11 -2.90 7.73 3.26
C GLU A 11 -2.24 7.12 4.49
N ARG A 12 -3.05 6.42 5.27
CA ARG A 12 -2.55 5.76 6.48
C ARG A 12 -1.58 4.66 6.11
N LEU A 13 -1.87 3.97 5.01
CA LEU A 13 -1.02 2.90 4.52
C LEU A 13 0.37 3.44 4.19
N LEU A 14 0.41 4.70 3.77
CA LEU A 14 1.65 5.37 3.43
C LEU A 14 2.49 5.63 4.67
N GLU A 15 1.82 5.98 5.77
CA GLU A 15 2.49 6.25 7.03
C GLU A 15 3.36 5.06 7.45
N LEU A 16 2.77 3.88 7.41
CA LEU A 16 3.49 2.66 7.78
C LEU A 16 4.50 2.28 6.69
N LEU A 17 4.36 2.88 5.52
CA LEU A 17 5.25 2.61 4.40
C LEU A 17 6.46 3.54 4.40
N LYS A 18 6.44 4.57 5.23
CA LYS A 18 7.54 5.52 5.28
C LYS A 18 7.80 6.09 3.88
N LEU A 19 6.79 5.96 3.02
CA LEU A 19 6.86 6.42 1.66
C LEU A 19 5.88 7.58 1.46
N PRO A 20 6.40 8.81 1.23
CA PRO A 20 5.58 10.00 1.06
C PRO A 20 4.38 9.78 0.13
N ARG A 21 3.46 10.74 0.15
CA ARG A 21 2.26 10.69 -0.67
C ARG A 21 2.50 11.35 -2.03
N GLN A 22 3.61 12.06 -2.15
CA GLN A 22 3.95 12.76 -3.39
C GLN A 22 4.31 11.77 -4.48
N LEU A 23 4.95 10.67 -4.09
CA LEU A 23 5.35 9.65 -5.04
C LEU A 23 4.34 8.50 -5.08
N TRP A 24 3.24 8.66 -4.35
CA TRP A 24 2.18 7.64 -4.30
C TRP A 24 1.82 7.14 -5.70
N GLY A 25 2.44 6.06 -6.12
CA GLY A 25 2.17 5.49 -7.43
C GLY A 25 3.25 4.55 -7.91
N ASP A 26 4.49 4.79 -7.48
CA ASP A 26 5.62 3.95 -7.88
C ASP A 26 5.55 2.59 -7.18
N PHE A 27 4.90 1.63 -7.82
CA PHE A 27 4.76 0.28 -7.28
C PHE A 27 6.10 -0.25 -6.73
N GLY A 28 7.17 0.03 -7.45
CA GLY A 28 8.48 -0.44 -7.03
C GLY A 28 8.91 0.12 -5.69
N ARG A 29 8.59 1.39 -5.43
CA ARG A 29 8.96 2.03 -4.18
C ARG A 29 8.02 1.64 -3.04
N MET A 30 6.72 1.73 -3.28
CA MET A 30 5.72 1.39 -2.26
C MET A 30 5.89 -0.05 -1.79
N GLN A 31 6.09 -0.97 -2.73
CA GLN A 31 6.28 -2.38 -2.40
C GLN A 31 7.58 -2.59 -1.64
N GLN A 32 8.59 -1.81 -1.99
CA GLN A 32 9.89 -1.91 -1.32
C GLN A 32 9.74 -1.58 0.16
N ALA A 33 9.00 -0.53 0.45
CA ALA A 33 8.77 -0.11 1.83
C ALA A 33 7.85 -1.10 2.54
N TYR A 34 6.82 -1.56 1.84
CA TYR A 34 5.88 -2.51 2.41
C TYR A 34 6.62 -3.72 2.99
N LYS A 35 7.42 -4.37 2.15
CA LYS A 35 8.19 -5.53 2.57
C LYS A 35 9.20 -5.16 3.65
N GLN A 36 9.68 -3.93 3.60
CA GLN A 36 10.67 -3.46 4.57
C GLN A 36 10.00 -3.17 5.91
N GLN A 37 8.76 -2.71 5.87
CA GLN A 37 8.02 -2.40 7.09
C GLN A 37 7.24 -3.61 7.58
N SER A 38 6.97 -4.57 6.69
CA SER A 38 6.24 -5.76 7.06
C SER A 38 7.08 -6.66 7.97
N LEU A 39 8.40 -6.58 7.81
CA LEU A 39 9.31 -7.38 8.62
C LEU A 39 9.32 -6.92 10.07
N LEU A 40 9.25 -5.61 10.28
CA LEU A 40 9.26 -5.05 11.63
C LEU A 40 7.85 -5.05 12.21
N LEU A 41 6.85 -5.33 11.37
CA LEU A 41 5.45 -5.36 11.83
C LEU A 41 5.03 -6.78 12.20
N HIS A 42 5.90 -7.75 11.91
CA HIS A 42 5.62 -9.14 12.22
C HIS A 42 5.60 -9.36 13.74
N PRO A 43 4.68 -10.20 14.24
CA PRO A 43 4.55 -10.46 15.69
C PRO A 43 5.76 -11.16 16.30
N ASP A 44 6.66 -11.66 15.46
CA ASP A 44 7.85 -12.35 15.96
C ASP A 44 9.00 -11.36 16.17
N LYS A 45 8.93 -10.21 15.51
CA LYS A 45 9.96 -9.20 15.64
C LYS A 45 9.53 -8.08 16.59
N GLY A 46 8.61 -8.41 17.49
CA GLY A 46 8.13 -7.42 18.45
C GLY A 46 6.95 -6.62 17.94
N GLY A 47 6.73 -6.65 16.62
CA GLY A 47 5.63 -5.90 16.04
C GLY A 47 4.28 -6.41 16.51
N SER A 48 3.26 -5.57 16.35
CA SER A 48 1.90 -5.94 16.75
C SER A 48 1.16 -6.60 15.60
N HIS A 49 0.17 -7.43 15.93
CA HIS A 49 -0.61 -8.14 14.93
C HIS A 49 -1.65 -7.20 14.31
N ALA A 50 -2.36 -6.46 15.15
CA ALA A 50 -3.38 -5.52 14.70
C ALA A 50 -2.80 -4.55 13.67
N LEU A 51 -1.50 -4.29 13.76
CA LEU A 51 -0.84 -3.37 12.84
C LEU A 51 -0.56 -4.06 11.50
N MET A 52 0.09 -5.22 11.57
CA MET A 52 0.41 -5.98 10.37
C MET A 52 -0.84 -6.32 9.57
N GLN A 53 -1.97 -6.44 10.27
CA GLN A 53 -3.24 -6.75 9.63
C GLN A 53 -3.74 -5.56 8.83
N GLU A 54 -3.51 -4.36 9.34
CA GLU A 54 -3.93 -3.14 8.67
C GLU A 54 -3.23 -2.97 7.33
N LEU A 55 -1.89 -3.03 7.36
CA LEU A 55 -1.09 -2.88 6.16
C LEU A 55 -1.54 -3.86 5.06
N ASN A 56 -1.64 -5.14 5.43
CA ASN A 56 -2.06 -6.16 4.49
C ASN A 56 -3.46 -5.87 3.94
N SER A 57 -4.30 -5.28 4.78
CA SER A 57 -5.66 -4.94 4.38
C SER A 57 -5.68 -3.70 3.50
N LEU A 58 -4.87 -2.71 3.87
CA LEU A 58 -4.79 -1.47 3.11
C LEU A 58 -3.98 -1.67 1.83
N TRP A 59 -3.07 -2.63 1.86
CA TRP A 59 -2.24 -2.93 0.70
C TRP A 59 -2.92 -3.97 -0.19
N GLY A 60 -3.79 -4.77 0.41
CA GLY A 60 -4.51 -5.79 -0.33
C GLY A 60 -5.51 -5.19 -1.31
N THR A 61 -6.53 -4.52 -0.77
CA THR A 61 -7.54 -3.89 -1.62
C THR A 61 -6.81 -3.02 -2.62
N PHE A 62 -5.92 -2.22 -2.06
CA PHE A 62 -5.06 -1.33 -2.84
C PHE A 62 -4.49 -2.09 -4.03
N LYS A 63 -3.92 -3.24 -3.70
CA LYS A 63 -3.31 -4.12 -4.69
C LYS A 63 -4.30 -4.48 -5.78
N THR A 64 -5.57 -4.67 -5.40
CA THR A 64 -6.60 -5.01 -6.38
C THR A 64 -6.50 -4.07 -7.57
N GLU A 65 -6.20 -2.81 -7.27
CA GLU A 65 -6.03 -1.79 -8.29
C GLU A 65 -4.59 -1.82 -8.81
N VAL A 66 -3.66 -2.21 -7.94
CA VAL A 66 -2.26 -2.28 -8.31
C VAL A 66 -2.03 -3.23 -9.49
N TYR A 67 -2.60 -4.43 -9.39
CA TYR A 67 -2.46 -5.42 -10.44
C TYR A 67 -2.94 -4.87 -11.78
N ASN A 68 -4.00 -4.08 -11.76
CA ASN A 68 -4.55 -3.50 -12.98
C ASN A 68 -3.91 -2.14 -13.30
N LEU A 69 -3.20 -1.57 -12.33
CA LEU A 69 -2.55 -0.27 -12.55
C LEU A 69 -1.48 -0.39 -13.63
N ARG A 70 -0.81 -1.54 -13.67
CA ARG A 70 0.24 -1.78 -14.66
C ARG A 70 -0.33 -2.13 -16.03
N MET A 71 -1.65 -2.14 -16.11
CA MET A 71 -2.34 -2.47 -17.35
C MET A 71 -2.90 -1.21 -18.01
N ASN A 72 -3.18 -0.19 -17.20
CA ASN A 72 -3.71 1.07 -17.72
C ASN A 72 -2.67 1.79 -18.56
N LEU A 73 -2.99 1.99 -19.83
CA LEU A 73 -2.07 2.66 -20.75
C LEU A 73 -2.78 3.79 -21.51
N GLY A 74 -3.71 3.40 -22.38
CA GLY A 74 -4.46 4.38 -23.15
C GLY A 74 -5.19 3.77 -24.31
N GLY A 75 -6.33 3.13 -24.03
CA GLY A 75 -7.11 2.51 -25.08
C GLY A 75 -7.72 1.19 -24.64
N THR A 76 -8.56 0.62 -25.49
CA THR A 76 -9.21 -0.65 -25.18
C THR A 76 -8.80 -1.72 -26.18
N GLY A 77 -8.69 -1.33 -27.45
CA GLY A 77 -8.30 -2.28 -28.48
C GLY A 77 -9.48 -2.72 -29.33
N PHE A 78 -10.36 -3.53 -28.75
CA PHE A 78 -11.53 -4.02 -29.45
C PHE A 78 -12.60 -2.95 -29.55
N GLN A 79 -13.04 -2.66 -30.76
CA GLN A 79 -14.07 -1.64 -30.98
C GLN A 79 -15.40 -2.08 -30.39
N MET A 1 -14.57 -4.67 -6.92
CA MET A 1 -15.08 -3.29 -7.18
C MET A 1 -15.99 -2.80 -6.05
N ASP A 2 -15.79 -3.37 -4.86
CA ASP A 2 -16.58 -2.99 -3.70
C ASP A 2 -15.68 -2.56 -2.54
N ARG A 3 -14.51 -3.16 -2.46
CA ARG A 3 -13.54 -2.85 -1.42
C ARG A 3 -12.57 -1.77 -1.89
N VAL A 4 -12.92 -0.53 -1.61
CA VAL A 4 -12.08 0.60 -2.02
C VAL A 4 -11.84 1.57 -0.85
N LEU A 5 -10.57 1.82 -0.56
CA LEU A 5 -10.19 2.75 0.50
C LEU A 5 -10.14 4.19 0.03
N SER A 6 -10.47 5.10 0.94
CA SER A 6 -10.49 6.53 0.62
C SER A 6 -9.13 7.17 0.89
N ARG A 7 -9.04 8.48 0.69
CA ARG A 7 -7.81 9.22 0.92
C ARG A 7 -7.34 9.03 2.36
N ALA A 8 -8.28 8.90 3.27
CA ALA A 8 -7.98 8.71 4.69
C ALA A 8 -7.37 7.34 4.97
N ASP A 9 -7.80 6.33 4.20
CA ASP A 9 -7.30 4.98 4.40
C ASP A 9 -6.00 4.76 3.62
N LYS A 10 -5.98 5.13 2.34
CA LYS A 10 -4.80 4.96 1.51
C LYS A 10 -3.63 5.76 2.09
N GLU A 11 -3.94 6.91 2.69
CA GLU A 11 -2.90 7.75 3.29
C GLU A 11 -2.35 7.06 4.53
N ARG A 12 -3.19 6.26 5.17
CA ARG A 12 -2.80 5.52 6.37
C ARG A 12 -1.78 4.45 6.00
N LEU A 13 -1.93 3.92 4.79
CA LEU A 13 -1.02 2.89 4.28
C LEU A 13 0.36 3.48 4.07
N LEU A 14 0.39 4.74 3.65
CA LEU A 14 1.65 5.44 3.41
C LEU A 14 2.37 5.70 4.72
N GLU A 15 1.60 6.02 5.77
CA GLU A 15 2.18 6.29 7.08
C GLU A 15 3.02 5.11 7.55
N LEU A 16 2.48 3.91 7.38
CA LEU A 16 3.17 2.69 7.77
C LEU A 16 4.22 2.29 6.73
N LEU A 17 4.10 2.86 5.53
CA LEU A 17 5.03 2.57 4.44
C LEU A 17 6.22 3.51 4.43
N LYS A 18 6.19 4.53 5.27
CA LYS A 18 7.28 5.49 5.30
C LYS A 18 7.54 6.05 3.89
N LEU A 19 6.53 5.92 3.05
CA LEU A 19 6.60 6.37 1.67
C LEU A 19 5.63 7.55 1.47
N PRO A 20 6.18 8.76 1.29
CA PRO A 20 5.37 9.97 1.12
C PRO A 20 4.28 9.82 0.07
N ARG A 21 3.38 10.80 0.02
CA ARG A 21 2.29 10.81 -0.94
C ARG A 21 2.70 11.50 -2.24
N GLN A 22 3.89 12.09 -2.24
CA GLN A 22 4.39 12.80 -3.41
C GLN A 22 4.80 11.81 -4.50
N LEU A 23 5.33 10.68 -4.07
CA LEU A 23 5.76 9.64 -4.99
C LEU A 23 4.73 8.49 -5.06
N TRP A 24 3.56 8.73 -4.47
CA TRP A 24 2.48 7.74 -4.46
C TRP A 24 2.15 7.26 -5.88
N GLY A 25 2.41 5.98 -6.13
CA GLY A 25 2.12 5.42 -7.44
C GLY A 25 3.19 4.44 -7.91
N ASP A 26 4.41 4.60 -7.40
CA ASP A 26 5.52 3.73 -7.79
C ASP A 26 5.42 2.37 -7.11
N PHE A 27 4.77 1.42 -7.79
CA PHE A 27 4.59 0.06 -7.27
C PHE A 27 5.91 -0.52 -6.75
N GLY A 28 7.02 -0.13 -7.37
CA GLY A 28 8.31 -0.62 -6.96
C GLY A 28 8.79 -0.05 -5.64
N ARG A 29 8.50 1.23 -5.42
CA ARG A 29 8.92 1.90 -4.19
C ARG A 29 7.95 1.63 -3.04
N MET A 30 6.65 1.65 -3.35
CA MET A 30 5.63 1.41 -2.33
C MET A 30 5.75 -0.01 -1.77
N GLN A 31 5.88 -0.99 -2.66
CA GLN A 31 6.00 -2.38 -2.23
C GLN A 31 7.31 -2.60 -1.46
N GLN A 32 8.36 -1.90 -1.89
CA GLN A 32 9.66 -2.00 -1.24
C GLN A 32 9.55 -1.60 0.22
N ALA A 33 8.69 -0.62 0.48
CA ALA A 33 8.48 -0.13 1.84
C ALA A 33 7.62 -1.12 2.63
N TYR A 34 6.62 -1.68 1.96
CA TYR A 34 5.71 -2.63 2.59
C TYR A 34 6.49 -3.80 3.18
N LYS A 35 7.44 -4.32 2.42
CA LYS A 35 8.26 -5.45 2.87
C LYS A 35 9.27 -4.99 3.92
N GLN A 36 9.69 -3.73 3.81
CA GLN A 36 10.65 -3.16 4.75
C GLN A 36 10.01 -2.93 6.12
N GLN A 37 8.74 -2.56 6.11
CA GLN A 37 8.00 -2.31 7.34
C GLN A 37 7.35 -3.58 7.87
N SER A 38 7.18 -4.56 6.99
CA SER A 38 6.57 -5.83 7.37
C SER A 38 7.56 -6.69 8.16
N LEU A 39 8.85 -6.53 7.85
CA LEU A 39 9.90 -7.28 8.51
C LEU A 39 10.06 -6.86 9.97
N LEU A 40 9.78 -5.59 10.25
CA LEU A 40 9.90 -5.08 11.62
C LEU A 40 8.58 -5.25 12.39
N LEU A 41 7.49 -5.47 11.65
CA LEU A 41 6.19 -5.65 12.27
C LEU A 41 5.86 -7.13 12.46
N HIS A 42 6.76 -7.99 11.99
CA HIS A 42 6.57 -9.44 12.11
C HIS A 42 6.82 -9.91 13.55
N PRO A 43 6.02 -10.86 14.03
CA PRO A 43 6.16 -11.40 15.38
C PRO A 43 7.61 -11.75 15.74
N ASP A 44 8.40 -12.06 14.73
CA ASP A 44 9.81 -12.41 14.93
C ASP A 44 10.67 -11.17 15.16
N LYS A 45 10.17 -10.02 14.70
CA LYS A 45 10.91 -8.77 14.84
C LYS A 45 10.18 -7.82 15.81
N GLY A 46 9.47 -8.39 16.78
CA GLY A 46 8.75 -7.59 17.74
C GLY A 46 7.72 -6.68 17.08
N GLY A 47 6.61 -7.27 16.65
CA GLY A 47 5.57 -6.49 16.01
C GLY A 47 4.18 -6.90 16.47
N SER A 48 3.21 -6.01 16.30
CA SER A 48 1.84 -6.27 16.70
C SER A 48 1.06 -6.91 15.56
N HIS A 49 0.10 -7.75 15.91
CA HIS A 49 -0.73 -8.43 14.91
C HIS A 49 -1.67 -7.43 14.22
N ALA A 50 -2.36 -6.63 15.02
CA ALA A 50 -3.28 -5.63 14.48
C ALA A 50 -2.57 -4.68 13.52
N LEU A 51 -1.26 -4.53 13.69
CA LEU A 51 -0.47 -3.65 12.84
C LEU A 51 -0.22 -4.28 11.48
N MET A 52 0.24 -5.53 11.48
CA MET A 52 0.51 -6.25 10.24
C MET A 52 -0.77 -6.53 9.47
N GLN A 53 -1.88 -6.64 10.21
CA GLN A 53 -3.17 -6.91 9.58
C GLN A 53 -3.69 -5.68 8.85
N GLU A 54 -3.42 -4.51 9.43
CA GLU A 54 -3.86 -3.24 8.84
C GLU A 54 -3.20 -3.02 7.48
N LEU A 55 -1.87 -3.05 7.46
CA LEU A 55 -1.12 -2.85 6.23
C LEU A 55 -1.56 -3.82 5.13
N ASN A 56 -1.79 -5.07 5.53
CA ASN A 56 -2.23 -6.11 4.59
C ASN A 56 -3.58 -5.76 3.98
N SER A 57 -4.40 -5.06 4.76
CA SER A 57 -5.74 -4.67 4.30
C SER A 57 -5.68 -3.45 3.40
N LEU A 58 -4.85 -2.48 3.77
CA LEU A 58 -4.70 -1.25 3.00
C LEU A 58 -3.88 -1.50 1.74
N TRP A 59 -2.94 -2.44 1.82
CA TRP A 59 -2.09 -2.78 0.69
C TRP A 59 -2.75 -3.87 -0.13
N GLY A 60 -3.66 -4.61 0.49
CA GLY A 60 -4.35 -5.68 -0.20
C GLY A 60 -5.37 -5.15 -1.20
N THR A 61 -6.35 -4.40 -0.71
CA THR A 61 -7.36 -3.82 -1.60
C THR A 61 -6.64 -2.99 -2.63
N PHE A 62 -5.76 -2.15 -2.11
CA PHE A 62 -4.92 -1.28 -2.92
C PHE A 62 -4.35 -2.07 -4.08
N LYS A 63 -3.79 -3.22 -3.73
CA LYS A 63 -3.20 -4.14 -4.70
C LYS A 63 -4.21 -4.58 -5.74
N THR A 64 -5.46 -4.81 -5.31
CA THR A 64 -6.50 -5.22 -6.25
C THR A 64 -6.48 -4.31 -7.46
N GLU A 65 -6.20 -3.03 -7.22
CA GLU A 65 -6.11 -2.04 -8.28
C GLU A 65 -4.70 -2.05 -8.86
N VAL A 66 -3.71 -2.35 -8.00
CA VAL A 66 -2.31 -2.40 -8.43
C VAL A 66 -2.14 -3.33 -9.62
N TYR A 67 -2.83 -4.46 -9.60
CA TYR A 67 -2.75 -5.42 -10.69
C TYR A 67 -3.27 -4.80 -11.98
N ASN A 68 -4.20 -3.87 -11.85
CA ASN A 68 -4.79 -3.19 -12.99
C ASN A 68 -4.02 -1.93 -13.37
N LEU A 69 -3.28 -1.37 -12.40
CA LEU A 69 -2.52 -0.15 -12.66
C LEU A 69 -1.44 -0.39 -13.71
N ARG A 70 -0.82 -1.58 -13.67
CA ARG A 70 0.22 -1.93 -14.61
C ARG A 70 -0.36 -2.34 -15.97
N MET A 71 -1.67 -2.30 -16.06
CA MET A 71 -2.38 -2.67 -17.28
C MET A 71 -3.04 -1.46 -17.91
N ASN A 72 -3.77 -0.70 -17.10
CA ASN A 72 -4.46 0.50 -17.57
C ASN A 72 -3.47 1.50 -18.16
N LEU A 73 -3.49 1.65 -19.49
CA LEU A 73 -2.61 2.57 -20.18
C LEU A 73 -3.42 3.57 -21.01
N GLY A 74 -4.20 3.04 -21.93
CA GLY A 74 -5.01 3.89 -22.78
C GLY A 74 -4.33 4.27 -24.09
N GLY A 75 -2.99 4.25 -24.08
CA GLY A 75 -2.25 4.59 -25.27
C GLY A 75 -2.20 6.09 -25.50
N THR A 76 -3.21 6.63 -26.18
CA THR A 76 -3.27 8.06 -26.46
C THR A 76 -3.52 8.84 -25.17
N GLY A 77 -2.66 9.82 -24.90
CA GLY A 77 -2.80 10.62 -23.70
C GLY A 77 -2.05 11.93 -23.80
N PHE A 78 -0.73 11.86 -23.82
CA PHE A 78 0.10 13.06 -23.90
C PHE A 78 0.29 13.49 -25.36
N GLN A 79 -0.49 14.49 -25.77
CA GLN A 79 -0.42 14.99 -27.14
C GLN A 79 -0.68 16.49 -27.18
N MET A 1 -20.67 -5.52 0.67
CA MET A 1 -19.84 -4.38 1.16
C MET A 1 -18.57 -4.22 0.33
N ASP A 2 -18.55 -3.20 -0.53
CA ASP A 2 -17.41 -2.93 -1.38
C ASP A 2 -16.16 -2.64 -0.55
N ARG A 3 -15.05 -3.27 -0.90
CA ARG A 3 -13.80 -3.07 -0.18
C ARG A 3 -12.92 -2.05 -0.91
N VAL A 4 -13.13 -0.77 -0.60
CA VAL A 4 -12.36 0.30 -1.23
C VAL A 4 -11.98 1.38 -0.22
N LEU A 5 -10.70 1.62 -0.09
CA LEU A 5 -10.19 2.64 0.83
C LEU A 5 -10.16 4.03 0.19
N SER A 6 -10.44 5.03 1.01
CA SER A 6 -10.47 6.42 0.55
C SER A 6 -9.09 7.06 0.68
N ARG A 7 -9.03 8.37 0.47
CA ARG A 7 -7.77 9.10 0.56
C ARG A 7 -7.15 8.93 1.94
N ALA A 8 -7.98 9.03 2.97
CA ALA A 8 -7.51 8.90 4.35
C ALA A 8 -6.91 7.52 4.61
N ASP A 9 -7.63 6.47 4.22
CA ASP A 9 -7.15 5.11 4.42
C ASP A 9 -5.87 4.87 3.62
N LYS A 10 -5.92 5.17 2.32
CA LYS A 10 -4.75 4.99 1.47
C LYS A 10 -3.60 5.84 1.98
N GLU A 11 -3.93 7.01 2.54
CA GLU A 11 -2.93 7.90 3.09
C GLU A 11 -2.34 7.28 4.35
N ARG A 12 -3.17 6.51 5.06
CA ARG A 12 -2.77 5.84 6.28
C ARG A 12 -1.76 4.75 5.96
N LEU A 13 -1.98 4.07 4.83
CA LEU A 13 -1.09 3.01 4.38
C LEU A 13 0.29 3.57 4.07
N LEU A 14 0.31 4.83 3.64
CA LEU A 14 1.57 5.51 3.31
C LEU A 14 2.38 5.79 4.56
N GLU A 15 1.70 6.18 5.63
CA GLU A 15 2.36 6.47 6.90
C GLU A 15 3.19 5.28 7.38
N LEU A 16 2.56 4.11 7.40
CA LEU A 16 3.24 2.90 7.83
C LEU A 16 4.24 2.42 6.78
N LEU A 17 4.16 3.00 5.59
CA LEU A 17 5.06 2.63 4.49
C LEU A 17 6.32 3.48 4.47
N LYS A 18 6.36 4.54 5.28
CA LYS A 18 7.52 5.43 5.30
C LYS A 18 7.81 5.93 3.88
N LEU A 19 6.80 5.83 3.03
CA LEU A 19 6.90 6.22 1.64
C LEU A 19 6.03 7.46 1.40
N PRO A 20 6.66 8.62 1.13
CA PRO A 20 5.94 9.88 0.91
C PRO A 20 4.71 9.71 0.02
N ARG A 21 3.87 10.73 0.01
CA ARG A 21 2.64 10.73 -0.78
C ARG A 21 2.88 11.32 -2.17
N GLN A 22 4.07 11.89 -2.37
CA GLN A 22 4.43 12.50 -3.65
C GLN A 22 4.70 11.45 -4.71
N LEU A 23 5.26 10.32 -4.29
CA LEU A 23 5.56 9.24 -5.21
C LEU A 23 4.47 8.17 -5.20
N TRP A 24 3.35 8.46 -4.56
CA TRP A 24 2.22 7.53 -4.50
C TRP A 24 1.81 7.06 -5.88
N GLY A 25 2.07 5.79 -6.18
CA GLY A 25 1.73 5.23 -7.47
C GLY A 25 2.77 4.28 -8.01
N ASP A 26 4.02 4.46 -7.58
CA ASP A 26 5.11 3.61 -8.02
C ASP A 26 5.10 2.27 -7.28
N PHE A 27 4.43 1.29 -7.86
CA PHE A 27 4.35 -0.05 -7.26
C PHE A 27 5.70 -0.54 -6.79
N GLY A 28 6.75 -0.10 -7.47
CA GLY A 28 8.10 -0.52 -7.11
C GLY A 28 8.57 0.09 -5.80
N ARG A 29 8.20 1.35 -5.57
CA ARG A 29 8.60 2.06 -4.36
C ARG A 29 7.74 1.66 -3.17
N MET A 30 6.41 1.68 -3.38
CA MET A 30 5.48 1.32 -2.31
C MET A 30 5.73 -0.09 -1.80
N GLN A 31 5.81 -1.05 -2.74
CA GLN A 31 6.05 -2.44 -2.37
C GLN A 31 7.38 -2.57 -1.64
N GLN A 32 8.37 -1.80 -2.07
CA GLN A 32 9.69 -1.82 -1.44
C GLN A 32 9.57 -1.44 0.03
N ALA A 33 8.81 -0.40 0.30
CA ALA A 33 8.60 0.06 1.67
C ALA A 33 7.78 -0.97 2.44
N TYR A 34 6.69 -1.42 1.83
CA TYR A 34 5.81 -2.40 2.45
C TYR A 34 6.62 -3.56 3.03
N LYS A 35 7.54 -4.10 2.23
CA LYS A 35 8.39 -5.20 2.66
C LYS A 35 9.42 -4.73 3.68
N GLN A 36 9.80 -3.46 3.57
CA GLN A 36 10.77 -2.87 4.48
C GLN A 36 10.19 -2.70 5.88
N GLN A 37 8.87 -2.45 5.93
CA GLN A 37 8.19 -2.26 7.19
C GLN A 37 7.76 -3.60 7.79
N SER A 38 7.67 -4.62 6.94
CA SER A 38 7.28 -5.95 7.40
C SER A 38 8.30 -6.51 8.38
N LEU A 39 9.56 -6.10 8.22
CA LEU A 39 10.64 -6.57 9.08
C LEU A 39 10.41 -6.17 10.54
N LEU A 40 9.76 -5.03 10.76
CA LEU A 40 9.50 -4.56 12.11
C LEU A 40 8.19 -5.14 12.64
N LEU A 41 7.28 -5.46 11.73
CA LEU A 41 5.99 -6.04 12.10
C LEU A 41 6.03 -7.57 12.02
N HIS A 42 7.20 -8.11 11.67
CA HIS A 42 7.35 -9.56 11.55
C HIS A 42 7.38 -10.21 12.93
N PRO A 43 6.63 -11.31 13.11
CA PRO A 43 6.57 -12.03 14.39
C PRO A 43 7.95 -12.28 15.01
N ASP A 44 8.97 -12.30 14.16
CA ASP A 44 10.33 -12.53 14.61
C ASP A 44 10.87 -11.31 15.37
N LYS A 45 10.33 -10.13 15.04
CA LYS A 45 10.75 -8.90 15.70
C LYS A 45 9.59 -8.28 16.44
N GLY A 46 8.66 -9.11 16.91
CA GLY A 46 7.51 -8.64 17.63
C GLY A 46 6.27 -8.59 16.75
N GLY A 47 6.03 -7.44 16.13
CA GLY A 47 4.88 -7.28 15.25
C GLY A 47 3.57 -7.45 15.99
N SER A 48 2.63 -6.54 15.74
CA SER A 48 1.32 -6.59 16.37
C SER A 48 0.35 -7.40 15.53
N HIS A 49 -0.57 -8.10 16.18
CA HIS A 49 -1.55 -8.91 15.48
C HIS A 49 -2.51 -8.05 14.68
N ALA A 50 -2.66 -6.79 15.10
CA ALA A 50 -3.55 -5.86 14.41
C ALA A 50 -2.83 -5.11 13.29
N LEU A 51 -1.66 -4.57 13.61
CA LEU A 51 -0.86 -3.83 12.64
C LEU A 51 -0.58 -4.67 11.40
N MET A 52 -0.09 -5.88 11.60
CA MET A 52 0.23 -6.77 10.49
C MET A 52 -0.97 -6.98 9.57
N GLN A 53 -2.13 -7.20 10.16
CA GLN A 53 -3.36 -7.40 9.39
C GLN A 53 -3.87 -6.09 8.82
N GLU A 54 -3.63 -5.00 9.54
CA GLU A 54 -4.08 -3.68 9.11
C GLU A 54 -3.38 -3.28 7.81
N LEU A 55 -2.05 -3.38 7.80
CA LEU A 55 -1.28 -3.02 6.63
C LEU A 55 -1.63 -3.91 5.43
N ASN A 56 -1.80 -5.20 5.71
CA ASN A 56 -2.14 -6.17 4.67
C ASN A 56 -3.50 -5.86 4.06
N SER A 57 -4.36 -5.19 4.84
CA SER A 57 -5.70 -4.84 4.38
C SER A 57 -5.67 -3.61 3.46
N LEU A 58 -4.99 -2.56 3.90
CA LEU A 58 -4.89 -1.34 3.12
C LEU A 58 -4.04 -1.55 1.87
N TRP A 59 -3.12 -2.50 1.94
CA TRP A 59 -2.24 -2.81 0.82
C TRP A 59 -2.87 -3.88 -0.07
N GLY A 60 -3.78 -4.66 0.52
CA GLY A 60 -4.45 -5.71 -0.23
C GLY A 60 -5.46 -5.16 -1.21
N THR A 61 -6.50 -4.49 -0.70
CA THR A 61 -7.51 -3.91 -1.56
C THR A 61 -6.80 -3.04 -2.58
N PHE A 62 -5.92 -2.21 -2.03
CA PHE A 62 -5.08 -1.32 -2.82
C PHE A 62 -4.48 -2.10 -3.99
N LYS A 63 -3.90 -3.23 -3.64
CA LYS A 63 -3.27 -4.12 -4.59
C LYS A 63 -4.25 -4.50 -5.70
N THR A 64 -5.50 -4.77 -5.34
CA THR A 64 -6.52 -5.13 -6.32
C THR A 64 -6.44 -4.19 -7.52
N GLU A 65 -6.20 -2.92 -7.23
CA GLU A 65 -6.07 -1.91 -8.26
C GLU A 65 -4.64 -1.86 -8.77
N VAL A 66 -3.70 -2.17 -7.87
CA VAL A 66 -2.29 -2.17 -8.22
C VAL A 66 -2.03 -2.98 -9.48
N TYR A 67 -2.45 -4.24 -9.47
CA TYR A 67 -2.27 -5.11 -10.62
C TYR A 67 -2.80 -4.43 -11.88
N ASN A 68 -3.80 -3.57 -11.71
CA ASN A 68 -4.40 -2.85 -12.83
C ASN A 68 -3.70 -1.52 -13.08
N LEU A 69 -3.02 -0.98 -12.06
CA LEU A 69 -2.32 0.29 -12.21
C LEU A 69 -1.13 0.15 -13.14
N ARG A 70 -0.74 -1.08 -13.45
CA ARG A 70 0.39 -1.34 -14.34
C ARG A 70 -0.04 -1.28 -15.80
N MET A 71 -1.31 -0.99 -16.01
CA MET A 71 -1.87 -0.89 -17.35
C MET A 71 -2.45 0.49 -17.59
N ASN A 72 -3.04 1.06 -16.53
CA ASN A 72 -3.64 2.40 -16.61
C ASN A 72 -2.62 3.42 -17.08
N LEU A 73 -3.10 4.50 -17.69
CA LEU A 73 -2.22 5.55 -18.18
C LEU A 73 -2.49 6.87 -17.46
N GLY A 74 -3.76 7.26 -17.40
CA GLY A 74 -4.12 8.49 -16.73
C GLY A 74 -5.16 8.30 -15.65
N GLY A 75 -4.76 7.66 -14.56
CA GLY A 75 -5.68 7.42 -13.47
C GLY A 75 -5.88 8.65 -12.59
N THR A 76 -5.05 8.78 -11.57
CA THR A 76 -5.14 9.91 -10.65
C THR A 76 -4.67 11.19 -11.33
N GLY A 77 -5.45 12.26 -11.17
CA GLY A 77 -5.09 13.53 -11.77
C GLY A 77 -6.31 14.28 -12.29
N PHE A 78 -7.07 13.64 -13.17
CA PHE A 78 -8.26 14.25 -13.74
C PHE A 78 -9.44 14.15 -12.78
N GLN A 79 -9.88 15.28 -12.25
CA GLN A 79 -10.99 15.32 -11.32
C GLN A 79 -12.33 15.26 -12.06
N MET A 1 -12.56 -10.38 1.55
CA MET A 1 -13.65 -9.38 1.74
C MET A 1 -13.30 -8.05 1.08
N ASP A 2 -14.18 -7.58 0.19
CA ASP A 2 -13.97 -6.33 -0.51
C ASP A 2 -13.89 -5.16 0.47
N ARG A 3 -12.78 -4.44 0.44
CA ARG A 3 -12.58 -3.29 1.32
C ARG A 3 -11.83 -2.19 0.60
N VAL A 4 -12.58 -1.30 -0.05
CA VAL A 4 -11.97 -0.19 -0.77
C VAL A 4 -11.64 0.96 0.17
N LEU A 5 -10.38 1.37 0.15
CA LEU A 5 -9.91 2.46 1.00
C LEU A 5 -10.03 3.80 0.30
N SER A 6 -10.44 4.82 1.07
CA SER A 6 -10.60 6.17 0.52
C SER A 6 -9.28 6.92 0.61
N ARG A 7 -9.30 8.21 0.29
CA ARG A 7 -8.09 9.01 0.32
C ARG A 7 -7.46 9.00 1.70
N ALA A 8 -8.29 8.95 2.74
CA ALA A 8 -7.80 8.93 4.12
C ALA A 8 -7.12 7.61 4.46
N ASP A 9 -7.80 6.50 4.20
CA ASP A 9 -7.26 5.18 4.49
C ASP A 9 -5.98 4.93 3.71
N LYS A 10 -6.01 5.18 2.40
CA LYS A 10 -4.81 4.99 1.57
C LYS A 10 -3.69 5.89 2.06
N GLU A 11 -4.06 7.05 2.59
CA GLU A 11 -3.09 7.99 3.12
C GLU A 11 -2.42 7.37 4.34
N ARG A 12 -3.20 6.61 5.10
CA ARG A 12 -2.71 5.95 6.30
C ARG A 12 -1.76 4.82 5.92
N LEU A 13 -1.97 4.26 4.73
CA LEU A 13 -1.14 3.17 4.22
C LEU A 13 0.27 3.70 3.95
N LEU A 14 0.36 4.95 3.54
CA LEU A 14 1.63 5.58 3.25
C LEU A 14 2.39 5.93 4.53
N GLU A 15 1.65 6.37 5.54
CA GLU A 15 2.24 6.73 6.82
C GLU A 15 3.08 5.58 7.38
N LEU A 16 2.50 4.38 7.34
CA LEU A 16 3.18 3.19 7.85
C LEU A 16 4.19 2.66 6.82
N LEU A 17 4.11 3.17 5.59
CA LEU A 17 5.01 2.74 4.53
C LEU A 17 6.26 3.61 4.47
N LYS A 18 6.28 4.70 5.23
CA LYS A 18 7.43 5.60 5.21
C LYS A 18 7.70 6.07 3.78
N LEU A 19 6.69 5.93 2.94
CA LEU A 19 6.76 6.30 1.54
C LEU A 19 5.84 7.50 1.27
N PRO A 20 6.40 8.68 1.00
CA PRO A 20 5.63 9.90 0.76
C PRO A 20 4.47 9.71 -0.21
N ARG A 21 3.61 10.73 -0.29
CA ARG A 21 2.46 10.71 -1.17
C ARG A 21 2.80 11.30 -2.54
N GLN A 22 3.98 11.92 -2.63
CA GLN A 22 4.43 12.53 -3.87
C GLN A 22 4.76 11.46 -4.92
N LEU A 23 5.30 10.36 -4.45
CA LEU A 23 5.67 9.26 -5.33
C LEU A 23 4.60 8.17 -5.33
N TRP A 24 3.44 8.47 -4.74
CA TRP A 24 2.33 7.53 -4.68
C TRP A 24 1.94 7.03 -6.08
N GLY A 25 2.53 5.92 -6.49
CA GLY A 25 2.23 5.37 -7.81
C GLY A 25 3.26 4.34 -8.25
N ASP A 26 4.49 4.47 -7.77
CA ASP A 26 5.56 3.55 -8.13
C ASP A 26 5.44 2.24 -7.34
N PHE A 27 4.92 1.21 -8.00
CA PHE A 27 4.75 -0.10 -7.37
C PHE A 27 6.05 -0.62 -6.75
N GLY A 28 7.17 -0.28 -7.39
CA GLY A 28 8.47 -0.73 -6.90
C GLY A 28 8.89 -0.05 -5.62
N ARG A 29 8.51 1.21 -5.46
CA ARG A 29 8.88 1.98 -4.26
C ARG A 29 7.93 1.69 -3.09
N MET A 30 6.65 1.52 -3.40
CA MET A 30 5.66 1.24 -2.35
C MET A 30 5.89 -0.13 -1.73
N GLN A 31 6.12 -1.12 -2.58
CA GLN A 31 6.36 -2.48 -2.10
C GLN A 31 7.64 -2.52 -1.28
N GLN A 32 8.67 -1.84 -1.76
CA GLN A 32 9.94 -1.79 -1.06
C GLN A 32 9.75 -1.28 0.37
N ALA A 33 8.79 -0.38 0.53
CA ALA A 33 8.49 0.18 1.84
C ALA A 33 7.63 -0.79 2.64
N TYR A 34 6.62 -1.36 2.00
CA TYR A 34 5.73 -2.31 2.66
C TYR A 34 6.52 -3.46 3.26
N LYS A 35 7.48 -3.98 2.49
CA LYS A 35 8.32 -5.09 2.93
C LYS A 35 9.24 -4.65 4.08
N GLN A 36 9.74 -3.42 3.99
CA GLN A 36 10.63 -2.89 5.01
C GLN A 36 9.95 -2.85 6.37
N GLN A 37 8.67 -2.51 6.38
CA GLN A 37 7.91 -2.45 7.62
C GLN A 37 7.28 -3.80 7.97
N SER A 38 7.11 -4.65 6.97
CA SER A 38 6.54 -5.97 7.18
C SER A 38 7.47 -6.83 8.04
N LEU A 39 8.77 -6.62 7.88
CA LEU A 39 9.76 -7.37 8.65
C LEU A 39 9.72 -6.98 10.12
N LEU A 40 9.59 -5.68 10.38
CA LEU A 40 9.53 -5.19 11.76
C LEU A 40 8.12 -5.33 12.34
N LEU A 41 7.15 -5.69 11.48
CA LEU A 41 5.77 -5.85 11.92
C LEU A 41 5.46 -7.32 12.25
N HIS A 42 6.45 -8.19 12.10
CA HIS A 42 6.29 -9.62 12.37
C HIS A 42 6.54 -9.91 13.86
N PRO A 43 5.56 -10.52 14.55
CA PRO A 43 5.70 -10.85 15.97
C PRO A 43 7.05 -11.43 16.36
N ASP A 44 7.77 -11.98 15.37
CA ASP A 44 9.08 -12.56 15.61
C ASP A 44 10.16 -11.49 15.70
N LYS A 45 9.93 -10.37 15.03
CA LYS A 45 10.88 -9.26 15.04
C LYS A 45 10.38 -8.13 15.93
N GLY A 46 9.63 -8.49 16.97
CA GLY A 46 9.10 -7.50 17.88
C GLY A 46 8.01 -6.65 17.27
N GLY A 47 6.96 -7.32 16.78
CA GLY A 47 5.85 -6.60 16.16
C GLY A 47 4.50 -7.13 16.60
N SER A 48 3.46 -6.34 16.40
CA SER A 48 2.11 -6.75 16.77
C SER A 48 1.42 -7.48 15.62
N HIS A 49 0.38 -8.24 15.95
CA HIS A 49 -0.36 -8.99 14.94
C HIS A 49 -1.39 -8.09 14.26
N ALA A 50 -2.14 -7.35 15.06
CA ALA A 50 -3.16 -6.45 14.55
C ALA A 50 -2.55 -5.40 13.61
N LEU A 51 -1.26 -5.14 13.78
CA LEU A 51 -0.56 -4.16 12.95
C LEU A 51 -0.27 -4.72 11.56
N MET A 52 0.33 -5.91 11.51
CA MET A 52 0.66 -6.54 10.24
C MET A 52 -0.58 -6.78 9.39
N GLN A 53 -1.65 -7.25 10.03
CA GLN A 53 -2.90 -7.52 9.34
C GLN A 53 -3.57 -6.23 8.87
N GLU A 54 -3.36 -5.16 9.62
CA GLU A 54 -3.94 -3.86 9.29
C GLU A 54 -3.43 -3.38 7.94
N LEU A 55 -2.11 -3.30 7.80
CA LEU A 55 -1.48 -2.86 6.56
C LEU A 55 -1.92 -3.72 5.39
N ASN A 56 -2.09 -5.02 5.63
CA ASN A 56 -2.52 -5.94 4.59
C ASN A 56 -3.89 -5.56 4.06
N SER A 57 -4.71 -4.94 4.92
CA SER A 57 -6.05 -4.52 4.52
C SER A 57 -5.99 -3.30 3.60
N LEU A 58 -5.06 -2.39 3.89
CA LEU A 58 -4.91 -1.18 3.09
C LEU A 58 -4.05 -1.46 1.85
N TRP A 59 -3.12 -2.39 1.97
CA TRP A 59 -2.24 -2.74 0.87
C TRP A 59 -2.86 -3.85 0.04
N GLY A 60 -3.83 -4.55 0.62
CA GLY A 60 -4.50 -5.63 -0.08
C GLY A 60 -5.46 -5.11 -1.14
N THR A 61 -6.49 -4.36 -0.70
CA THR A 61 -7.45 -3.80 -1.63
C THR A 61 -6.68 -2.96 -2.64
N PHE A 62 -5.84 -2.10 -2.08
CA PHE A 62 -4.97 -1.25 -2.86
C PHE A 62 -4.34 -2.05 -3.98
N LYS A 63 -3.73 -3.15 -3.59
CA LYS A 63 -3.09 -4.07 -4.50
C LYS A 63 -4.05 -4.51 -5.60
N THR A 64 -5.28 -4.83 -5.21
CA THR A 64 -6.28 -5.25 -6.19
C THR A 64 -6.31 -4.27 -7.35
N GLU A 65 -6.11 -3.00 -7.01
CA GLU A 65 -6.07 -1.94 -8.00
C GLU A 65 -4.65 -1.83 -8.56
N VAL A 66 -3.67 -2.14 -7.72
CA VAL A 66 -2.27 -2.08 -8.12
C VAL A 66 -2.03 -2.89 -9.40
N TYR A 67 -2.60 -4.09 -9.44
CA TYR A 67 -2.44 -4.95 -10.60
C TYR A 67 -3.07 -4.30 -11.84
N ASN A 68 -4.09 -3.49 -11.61
CA ASN A 68 -4.78 -2.80 -12.70
C ASN A 68 -4.14 -1.44 -12.99
N LEU A 69 -3.39 -0.90 -12.02
CA LEU A 69 -2.77 0.40 -12.19
C LEU A 69 -1.80 0.38 -13.36
N ARG A 70 -1.07 -0.71 -13.51
CA ARG A 70 -0.10 -0.85 -14.60
C ARG A 70 -0.78 -1.37 -15.87
N MET A 71 -2.07 -1.57 -15.78
CA MET A 71 -2.85 -2.05 -16.92
C MET A 71 -3.91 -1.04 -17.36
N ASN A 72 -4.11 0.00 -16.56
CA ASN A 72 -5.10 1.03 -16.88
C ASN A 72 -4.44 2.27 -17.47
N LEU A 73 -3.77 3.04 -16.61
CA LEU A 73 -3.10 4.26 -17.05
C LEU A 73 -1.66 3.97 -17.46
N GLY A 74 -1.44 2.81 -18.09
CA GLY A 74 -0.11 2.45 -18.54
C GLY A 74 0.22 2.99 -19.92
N GLY A 75 -0.30 4.18 -20.22
CA GLY A 75 -0.05 4.78 -21.51
C GLY A 75 -1.08 4.39 -22.56
N THR A 76 -1.89 5.36 -22.97
CA THR A 76 -2.92 5.10 -23.98
C THR A 76 -2.29 4.79 -25.33
N GLY A 77 -2.99 4.04 -26.16
CA GLY A 77 -2.47 3.69 -27.47
C GLY A 77 -3.51 3.84 -28.57
N PHE A 78 -4.13 5.01 -28.64
CA PHE A 78 -5.14 5.27 -29.66
C PHE A 78 -4.50 5.80 -30.94
N GLN A 79 -4.55 5.00 -32.00
CA GLN A 79 -3.98 5.40 -33.28
C GLN A 79 -5.04 6.01 -34.19
#